data_4Q33
#
_entry.id   4Q33
#
_cell.length_a   88.121
_cell.length_b   89.247
_cell.length_c   99.185
_cell.angle_alpha   70.82
_cell.angle_beta   72.66
_cell.angle_gamma   79.30
#
_symmetry.space_group_name_H-M   'P 1'
#
loop_
_entity.id
_entity.type
_entity.pdbx_description
1 polymer "Inosine-5'-monophosphate dehydrogenase"
2 non-polymer 'INOSINIC ACID'
3 non-polymer 4-[(1R)-1-[1-(4-chlorophenyl)-1,2,3-triazol-4-yl]ethoxy]-1-oxidanyl-quinoline
4 non-polymer 'ACETIC ACID'
5 non-polymer 'FORMIC ACID'
6 non-polymer 'SULFATE ION'
7 non-polymer GLYCEROL
8 water water
#
_entity_poly.entity_id   1
_entity_poly.type   'polypeptide(L)'
_entity_poly.pdbx_seq_one_letter_code
;SNAMARILKTAYTFDDVLLVPNKSEVLPNEVSLKTQLTKKIQLNIPLMSASMDTVTESKMAIAMAREGGIGIIHKNMTIE
DQAREVDRVKRSGGLLCGASIGVTNDMMERVDAVVKAKVDVIVLDTAHGHSKGVIEGVKRIKAKYPELQVIAGNIATPEA
VRDLAEAGADCVKVGIGPGSICTTRIVAGVGVPQLTAVMDCAEEGKKLGIPVIADGGLKYSGDIVKALAAGACAAMMGSI
FAGCEEAPGAIEIYQGRSYKVYRGMGSLGAMAKGSSDRYFQNGTKKFVPEGVEGRIAYKGHLADTIYQLIGGIKSGMGYL
GAPTLENLYENANFVVQTSAGFRESHPHDINITKEAPNYSVNQ
;
_entity_poly.pdbx_strand_id   A,B,C,D,E,F,G,H
#
# COMPACT_ATOMS: atom_id res chain seq x y z
N MET A 4 15.27 11.23 15.76
CA MET A 4 15.08 10.10 14.86
C MET A 4 15.38 10.46 13.41
N ALA A 5 15.74 9.46 12.62
CA ALA A 5 16.05 9.66 11.21
C ALA A 5 14.96 9.03 10.37
N ARG A 6 14.32 9.84 9.53
CA ARG A 6 13.17 9.40 8.76
C ARG A 6 13.40 9.39 7.26
N ILE A 7 13.08 8.28 6.61
CA ILE A 7 13.11 8.21 5.15
C ILE A 7 11.74 8.53 4.60
N LEU A 8 11.64 9.69 3.97
CA LEU A 8 10.34 10.21 3.56
C LEU A 8 9.74 9.51 2.36
N LYS A 9 10.47 9.54 1.25
CA LYS A 9 9.91 9.19 -0.04
C LYS A 9 10.98 9.03 -1.10
N THR A 10 10.56 8.65 -2.30
CA THR A 10 11.46 8.63 -3.45
C THR A 10 11.31 9.94 -4.21
N ALA A 11 12.44 10.55 -4.57
CA ALA A 11 12.42 11.80 -5.31
C ALA A 11 13.03 11.62 -6.70
N TYR A 12 12.38 12.19 -7.70
CA TYR A 12 12.78 11.99 -9.08
C TYR A 12 13.45 13.22 -9.71
N THR A 13 14.14 13.00 -10.83
CA THR A 13 14.65 14.10 -11.63
C THR A 13 13.96 14.07 -12.99
N PHE A 14 14.53 14.75 -13.98
CA PHE A 14 13.88 14.90 -15.27
C PHE A 14 14.06 13.65 -16.15
N ASP A 15 15.16 12.94 -15.96
CA ASP A 15 15.41 11.69 -16.68
C ASP A 15 14.49 10.58 -16.16
N ASP A 16 13.88 10.81 -15.00
CA ASP A 16 13.05 9.83 -14.32
C ASP A 16 11.63 9.72 -14.88
N VAL A 17 11.17 10.78 -15.52
CA VAL A 17 9.73 10.91 -15.80
C VAL A 17 9.42 11.22 -17.26
N LEU A 18 8.15 11.07 -17.64
CA LEU A 18 7.68 11.41 -18.98
C LEU A 18 6.30 12.04 -18.95
N LEU A 19 6.09 13.04 -19.79
CA LEU A 19 4.79 13.67 -19.95
C LEU A 19 3.90 12.88 -20.90
N VAL A 20 2.61 12.83 -20.61
CA VAL A 20 1.67 12.04 -21.39
C VAL A 20 0.82 12.91 -22.31
N PRO A 21 0.84 12.61 -23.62
CA PRO A 21 0.14 13.39 -24.65
C PRO A 21 -1.36 13.54 -24.42
N ASN A 22 -1.83 14.79 -24.38
CA ASN A 22 -3.25 15.08 -24.29
C ASN A 22 -3.82 15.35 -25.69
N LYS A 23 -5.14 15.49 -25.77
CA LYS A 23 -5.75 15.85 -27.04
C LYS A 23 -5.37 17.29 -27.39
N SER A 24 -4.94 17.51 -28.63
CA SER A 24 -4.43 18.82 -29.01
C SER A 24 -5.23 19.47 -30.14
N GLU A 25 -5.63 20.71 -29.91
CA GLU A 25 -6.19 21.56 -30.95
C GLU A 25 -5.12 22.56 -31.35
N VAL A 26 -3.88 22.25 -30.99
CA VAL A 26 -2.79 23.23 -31.02
C VAL A 26 -1.53 22.71 -31.72
N LEU A 27 -1.02 23.51 -32.66
CA LEU A 27 0.25 23.23 -33.32
C LEU A 27 1.39 23.97 -32.62
N PRO A 28 2.62 23.42 -32.70
CA PRO A 28 3.79 24.01 -32.04
C PRO A 28 4.04 25.48 -32.38
N ASN A 29 3.84 25.84 -33.65
CA ASN A 29 4.09 27.21 -34.10
C ASN A 29 3.00 28.20 -33.67
N GLU A 30 2.12 27.76 -32.77
CA GLU A 30 0.98 28.59 -32.38
C GLU A 30 0.98 28.92 -30.89
N VAL A 31 1.69 28.12 -30.09
CA VAL A 31 1.71 28.32 -28.65
C VAL A 31 2.54 29.54 -28.28
N SER A 32 2.31 30.09 -27.08
CA SER A 32 3.10 31.22 -26.59
C SER A 32 3.82 30.84 -25.31
N LEU A 33 5.03 31.36 -25.12
CA LEU A 33 5.86 30.97 -23.99
C LEU A 33 6.05 32.10 -22.98
N LYS A 34 5.15 33.08 -23.01
CA LYS A 34 5.22 34.21 -22.08
C LYS A 34 5.07 33.73 -20.63
N THR A 35 5.79 34.38 -19.73
CA THR A 35 5.73 34.00 -18.32
C THR A 35 5.89 35.19 -17.39
N GLN A 36 5.49 35.00 -16.13
CA GLN A 36 5.71 35.99 -15.10
C GLN A 36 6.89 35.61 -14.23
N LEU A 37 8.07 36.12 -14.58
CA LEU A 37 9.27 35.92 -13.78
C LEU A 37 9.02 36.45 -12.37
N THR A 38 8.52 37.68 -12.31
CA THR A 38 7.96 38.24 -11.08
C THR A 38 6.62 38.87 -11.41
N LYS A 39 6.05 39.63 -10.48
CA LYS A 39 4.75 40.25 -10.72
C LYS A 39 4.87 41.41 -11.71
N LYS A 40 6.03 42.07 -11.69
CA LYS A 40 6.30 43.19 -12.60
C LYS A 40 7.00 42.73 -13.87
N ILE A 41 8.03 41.90 -13.71
CA ILE A 41 8.83 41.44 -14.85
C ILE A 41 8.15 40.29 -15.59
N GLN A 42 7.94 40.48 -16.90
CA GLN A 42 7.31 39.46 -17.72
C GLN A 42 8.21 39.06 -18.90
N LEU A 43 8.86 37.92 -18.77
CA LEU A 43 9.71 37.39 -19.84
C LEU A 43 8.87 36.93 -21.04
N ASN A 44 9.45 37.01 -22.24
CA ASN A 44 8.78 36.49 -23.42
C ASN A 44 9.03 35.00 -23.58
N ILE A 45 10.30 34.60 -23.52
CA ILE A 45 10.64 33.19 -23.44
C ILE A 45 11.10 32.88 -22.01
N PRO A 46 10.76 31.69 -21.51
CA PRO A 46 11.02 31.34 -20.10
C PRO A 46 12.43 30.79 -19.86
N LEU A 47 13.43 31.42 -20.45
CA LEU A 47 14.81 30.96 -20.28
C LEU A 47 15.67 31.98 -19.54
N MET A 48 16.52 31.49 -18.65
CA MET A 48 17.48 32.35 -17.96
C MET A 48 18.89 31.82 -18.18
N SER A 49 19.89 32.66 -17.96
CA SER A 49 21.27 32.21 -18.02
C SER A 49 21.88 32.27 -16.62
N ALA A 50 22.66 31.26 -16.27
CA ALA A 50 23.22 31.15 -14.93
C ALA A 50 24.18 32.29 -14.63
N SER A 51 24.20 32.72 -13.37
CA SER A 51 25.11 33.78 -12.95
C SER A 51 26.45 33.19 -12.51
N MET A 52 27.18 32.65 -13.49
CA MET A 52 28.51 32.11 -13.25
C MET A 52 29.50 32.85 -14.14
N ASP A 53 30.77 32.90 -13.74
CA ASP A 53 31.74 33.71 -14.48
C ASP A 53 32.13 33.09 -15.83
N THR A 54 31.56 31.92 -16.13
CA THR A 54 31.82 31.25 -17.40
C THR A 54 30.57 31.21 -18.27
N VAL A 55 29.51 31.89 -17.83
CA VAL A 55 28.26 31.89 -18.59
C VAL A 55 27.77 33.30 -18.92
N THR A 56 27.55 34.10 -17.89
CA THR A 56 26.86 35.38 -18.09
C THR A 56 27.62 36.61 -17.62
N GLU A 57 28.21 37.31 -18.58
CA GLU A 57 28.63 38.69 -18.38
C GLU A 57 27.75 39.54 -19.30
N SER A 58 28.06 40.83 -19.44
CA SER A 58 27.18 41.75 -20.17
C SER A 58 26.84 41.27 -21.57
N LYS A 59 27.78 40.58 -22.21
CA LYS A 59 27.59 40.06 -23.56
C LYS A 59 26.42 39.08 -23.63
N MET A 60 26.47 38.05 -22.81
CA MET A 60 25.41 37.05 -22.75
C MET A 60 24.09 37.68 -22.32
N ALA A 61 24.16 38.60 -21.35
CA ALA A 61 22.98 39.27 -20.82
C ALA A 61 22.23 40.05 -21.91
N ILE A 62 22.98 40.76 -22.74
CA ILE A 62 22.40 41.51 -23.84
C ILE A 62 21.77 40.57 -24.87
N ALA A 63 22.46 39.46 -25.13
CA ALA A 63 21.99 38.47 -26.10
C ALA A 63 20.76 37.73 -25.57
N MET A 64 20.77 37.41 -24.28
CA MET A 64 19.64 36.71 -23.67
C MET A 64 18.39 37.56 -23.64
N ALA A 65 18.54 38.82 -23.23
CA ALA A 65 17.41 39.75 -23.17
C ALA A 65 16.84 40.03 -24.55
N ARG A 66 17.71 40.08 -25.55
CA ARG A 66 17.31 40.33 -26.94
C ARG A 66 16.42 39.22 -27.48
N GLU A 67 16.65 38.00 -27.01
CA GLU A 67 15.93 36.83 -27.50
C GLU A 67 14.61 36.64 -26.74
N GLY A 68 14.41 37.45 -25.71
CA GLY A 68 13.19 37.39 -24.93
C GLY A 68 13.41 36.84 -23.53
N GLY A 69 14.61 36.33 -23.28
CA GLY A 69 14.96 35.79 -21.99
C GLY A 69 15.58 36.84 -21.08
N ILE A 70 16.33 36.39 -20.09
CA ILE A 70 17.00 37.30 -19.17
C ILE A 70 18.37 36.74 -18.77
N GLY A 71 19.32 37.63 -18.51
CA GLY A 71 20.65 37.23 -18.07
C GLY A 71 20.97 37.78 -16.70
N ILE A 72 21.51 36.93 -15.84
CA ILE A 72 21.92 37.36 -14.51
C ILE A 72 23.43 37.49 -14.44
N ILE A 73 23.91 38.72 -14.33
CA ILE A 73 25.34 38.99 -14.28
C ILE A 73 25.94 38.50 -12.97
N HIS A 74 26.96 37.66 -13.07
CA HIS A 74 27.55 37.02 -11.90
C HIS A 74 28.24 38.02 -10.98
N LYS A 75 28.46 37.61 -9.74
CA LYS A 75 28.94 38.51 -8.69
C LYS A 75 30.43 38.32 -8.38
N ASN A 76 31.08 37.46 -9.14
CA ASN A 76 32.49 37.16 -8.89
C ASN A 76 33.41 38.34 -9.19
N MET A 77 32.85 39.36 -9.84
CA MET A 77 33.58 40.58 -10.15
C MET A 77 33.39 41.63 -9.06
N THR A 78 34.04 42.77 -9.22
CA THR A 78 33.96 43.85 -8.24
C THR A 78 32.60 44.52 -8.29
N ILE A 79 32.20 45.15 -7.18
CA ILE A 79 31.00 45.96 -7.12
C ILE A 79 31.00 47.00 -8.23
N GLU A 80 32.15 47.65 -8.41
CA GLU A 80 32.35 48.60 -9.49
C GLU A 80 32.19 47.91 -10.84
N ASP A 81 32.95 46.83 -11.03
CA ASP A 81 32.95 46.10 -12.29
C ASP A 81 31.60 45.48 -12.64
N GLN A 82 30.77 45.24 -11.63
CA GLN A 82 29.46 44.64 -11.85
C GLN A 82 28.42 45.69 -12.23
N ALA A 83 28.49 46.84 -11.57
CA ALA A 83 27.59 47.95 -11.87
C ALA A 83 27.80 48.45 -13.29
N ARG A 84 29.05 48.41 -13.73
CA ARG A 84 29.40 48.81 -15.08
C ARG A 84 28.91 47.78 -16.09
N GLU A 85 28.89 46.51 -15.67
CA GLU A 85 28.38 45.44 -16.50
C GLU A 85 26.87 45.56 -16.69
N VAL A 86 26.15 45.70 -15.57
CA VAL A 86 24.71 45.84 -15.60
C VAL A 86 24.29 47.07 -16.42
N ASP A 87 24.98 48.18 -16.20
CA ASP A 87 24.72 49.40 -16.94
C ASP A 87 24.87 49.17 -18.45
N ARG A 88 25.98 48.54 -18.83
CA ARG A 88 26.28 48.27 -20.24
C ARG A 88 25.15 47.49 -20.92
N VAL A 89 24.42 46.72 -20.12
CA VAL A 89 23.27 45.99 -20.63
C VAL A 89 22.04 46.89 -20.66
N LYS A 90 21.86 47.70 -19.61
CA LYS A 90 20.67 48.52 -19.47
C LYS A 90 20.58 49.65 -20.50
N ARG A 91 21.71 50.31 -20.76
CA ARG A 91 21.75 51.38 -21.75
C ARG A 91 21.94 50.84 -23.17
N SER A 92 21.73 49.55 -23.35
CA SER A 92 21.96 48.91 -24.63
C SER A 92 20.65 48.73 -25.39
N GLY A 93 19.58 49.34 -24.90
CA GLY A 93 18.32 49.34 -25.61
C GLY A 93 17.12 48.82 -24.84
N GLY A 94 16.92 49.31 -23.62
CA GLY A 94 15.78 48.93 -22.80
C GLY A 94 15.62 47.44 -22.58
N LEU A 95 16.71 46.77 -22.26
CA LEU A 95 16.71 45.32 -22.07
C LEU A 95 16.63 44.97 -20.59
N LEU A 96 16.03 43.81 -20.29
CA LEU A 96 15.95 43.32 -18.92
C LEU A 96 17.31 42.80 -18.47
N CYS A 97 17.65 43.04 -17.20
CA CYS A 97 18.93 42.62 -16.66
C CYS A 97 18.82 42.29 -15.17
N GLY A 98 19.63 41.33 -14.72
CA GLY A 98 19.67 40.95 -13.32
C GLY A 98 21.09 40.83 -12.81
N ALA A 99 21.27 41.00 -11.51
CA ALA A 99 22.61 40.92 -10.91
C ALA A 99 22.61 39.99 -9.70
N SER A 100 23.72 39.29 -9.52
CA SER A 100 23.86 38.38 -8.38
C SER A 100 24.47 39.07 -7.17
N ILE A 101 23.94 38.75 -6.00
CA ILE A 101 24.48 39.24 -4.73
C ILE A 101 24.72 38.04 -3.82
N GLY A 102 25.50 38.24 -2.76
CA GLY A 102 25.72 37.21 -1.76
C GLY A 102 25.58 37.74 -0.35
N VAL A 103 25.39 36.83 0.60
CA VAL A 103 25.30 37.22 2.00
C VAL A 103 26.68 37.63 2.51
N THR A 104 26.97 38.93 2.43
CA THR A 104 28.30 39.44 2.76
C THR A 104 28.24 40.69 3.63
N ASN A 105 29.36 41.41 3.66
CA ASN A 105 29.45 42.67 4.39
C ASN A 105 29.13 43.85 3.48
N ASP A 106 29.50 43.72 2.22
CA ASP A 106 29.26 44.75 1.22
C ASP A 106 27.98 44.47 0.44
N MET A 107 27.11 43.64 1.02
CA MET A 107 25.87 43.24 0.36
C MET A 107 25.02 44.44 -0.01
N MET A 108 24.95 45.42 0.88
CA MET A 108 24.17 46.62 0.62
C MET A 108 24.88 47.54 -0.36
N GLU A 109 26.21 47.61 -0.27
N GLU A 109 26.21 47.60 -0.27
CA GLU A 109 26.98 48.44 -1.18
CA GLU A 109 27.02 48.41 -1.16
C GLU A 109 26.85 47.95 -2.61
C GLU A 109 26.89 47.94 -2.60
N ARG A 110 26.70 46.63 -2.77
CA ARG A 110 26.56 46.04 -4.09
C ARG A 110 25.15 46.25 -4.63
N VAL A 111 24.14 46.05 -3.78
CA VAL A 111 22.75 46.29 -4.15
C VAL A 111 22.57 47.77 -4.50
N ASP A 112 23.28 48.63 -3.77
CA ASP A 112 23.29 50.05 -4.08
C ASP A 112 23.78 50.30 -5.50
N ALA A 113 24.86 49.63 -5.87
CA ALA A 113 25.53 49.85 -7.15
C ALA A 113 24.66 49.46 -8.34
N VAL A 114 24.04 48.29 -8.25
CA VAL A 114 23.26 47.75 -9.36
C VAL A 114 21.88 48.42 -9.46
N VAL A 115 21.35 48.86 -8.32
CA VAL A 115 20.08 49.57 -8.31
C VAL A 115 20.25 50.93 -8.99
N LYS A 116 21.45 51.52 -8.86
CA LYS A 116 21.75 52.78 -9.51
C LYS A 116 22.09 52.55 -10.97
N ALA A 117 22.42 51.31 -11.33
CA ALA A 117 22.61 50.93 -12.71
C ALA A 117 21.27 50.53 -13.33
N LYS A 118 20.20 50.78 -12.57
CA LYS A 118 18.83 50.49 -13.00
C LYS A 118 18.63 49.02 -13.30
N VAL A 119 19.14 48.14 -12.43
CA VAL A 119 18.96 46.71 -12.61
C VAL A 119 17.49 46.38 -12.42
N ASP A 120 17.01 45.37 -13.14
CA ASP A 120 15.59 45.05 -13.13
C ASP A 120 15.26 44.04 -12.04
N VAL A 121 16.14 43.07 -11.84
CA VAL A 121 15.94 42.08 -10.79
C VAL A 121 17.21 41.87 -9.99
N ILE A 122 17.05 41.42 -8.76
CA ILE A 122 18.18 41.12 -7.89
C ILE A 122 18.14 39.67 -7.47
N VAL A 123 19.22 38.94 -7.74
CA VAL A 123 19.29 37.54 -7.37
C VAL A 123 20.21 37.35 -6.16
N LEU A 124 19.62 37.05 -5.01
CA LEU A 124 20.38 36.73 -3.80
C LEU A 124 20.57 35.22 -3.73
N ASP A 125 21.53 34.71 -4.50
CA ASP A 125 21.76 33.27 -4.61
C ASP A 125 22.95 32.81 -3.78
N THR A 126 22.71 31.84 -2.90
CA THR A 126 23.76 31.25 -2.08
C THR A 126 23.66 29.73 -2.12
N ALA A 127 24.62 29.05 -1.48
CA ALA A 127 24.60 27.59 -1.42
C ALA A 127 23.41 27.09 -0.63
N HIS A 128 23.13 27.73 0.49
CA HIS A 128 21.98 27.36 1.32
C HIS A 128 21.03 28.53 1.50
N GLY A 129 20.01 28.58 0.64
CA GLY A 129 19.08 29.68 0.62
C GLY A 129 18.07 29.68 1.76
N HIS A 130 17.87 28.51 2.37
CA HIS A 130 16.96 28.41 3.49
C HIS A 130 17.71 28.61 4.82
N SER A 131 18.33 29.77 4.95
CA SER A 131 19.10 30.09 6.15
C SER A 131 18.75 31.47 6.69
N LYS A 132 19.25 31.77 7.88
CA LYS A 132 19.01 33.07 8.51
C LYS A 132 19.62 34.21 7.71
N GLY A 133 20.85 34.00 7.24
CA GLY A 133 21.58 35.02 6.51
C GLY A 133 20.88 35.50 5.25
N VAL A 134 20.23 34.58 4.55
CA VAL A 134 19.52 34.92 3.32
C VAL A 134 18.17 35.56 3.62
N ILE A 135 17.50 35.07 4.66
CA ILE A 135 16.19 35.58 5.05
C ILE A 135 16.28 37.02 5.55
N GLU A 136 17.17 37.26 6.51
CA GLU A 136 17.36 38.60 7.04
C GLU A 136 17.95 39.53 5.98
N GLY A 137 18.67 38.95 5.03
CA GLY A 137 19.26 39.72 3.95
C GLY A 137 18.20 40.27 3.01
N VAL A 138 17.20 39.45 2.71
CA VAL A 138 16.10 39.87 1.85
C VAL A 138 15.26 40.95 2.52
N LYS A 139 14.96 40.75 3.81
CA LYS A 139 14.21 41.71 4.59
C LYS A 139 14.93 43.06 4.65
N ARG A 140 16.26 43.02 4.65
CA ARG A 140 17.06 44.24 4.72
C ARG A 140 17.07 44.98 3.39
N ILE A 141 17.20 44.22 2.31
CA ILE A 141 17.15 44.78 0.96
C ILE A 141 15.79 45.43 0.70
N LYS A 142 14.73 44.68 1.00
CA LYS A 142 13.37 45.14 0.79
C LYS A 142 13.02 46.37 1.63
N ALA A 143 13.64 46.46 2.81
CA ALA A 143 13.39 47.59 3.71
C ALA A 143 13.91 48.89 3.11
N LYS A 144 14.99 48.79 2.33
CA LYS A 144 15.59 49.95 1.71
C LYS A 144 15.08 50.12 0.28
N TYR A 145 14.75 49.01 -0.36
CA TYR A 145 14.25 49.02 -1.74
C TYR A 145 13.00 48.17 -1.90
N PRO A 146 11.84 48.73 -1.52
CA PRO A 146 10.55 48.03 -1.62
C PRO A 146 10.18 47.66 -3.05
N GLU A 147 10.29 48.61 -3.97
CA GLU A 147 9.87 48.41 -5.35
C GLU A 147 10.82 47.48 -6.10
N LEU A 148 12.01 47.29 -5.55
CA LEU A 148 13.00 46.41 -6.16
C LEU A 148 12.55 44.96 -6.13
N GLN A 149 12.79 44.24 -7.22
CA GLN A 149 12.39 42.83 -7.32
C GLN A 149 13.51 41.91 -6.88
N VAL A 150 13.21 41.01 -5.95
CA VAL A 150 14.22 40.13 -5.37
C VAL A 150 13.94 38.66 -5.65
N ILE A 151 14.96 37.96 -6.13
CA ILE A 151 14.91 36.51 -6.29
C ILE A 151 15.86 35.88 -5.29
N ALA A 152 15.37 34.91 -4.51
CA ALA A 152 16.17 34.30 -3.46
C ALA A 152 16.39 32.81 -3.70
N GLY A 153 17.62 32.36 -3.46
CA GLY A 153 17.98 30.97 -3.66
C GLY A 153 19.22 30.62 -2.84
N ASN A 154 19.54 29.33 -2.76
CA ASN A 154 18.78 28.27 -3.43
C ASN A 154 18.05 27.39 -2.43
N ILE A 155 16.87 26.93 -2.82
CA ILE A 155 16.04 26.14 -1.93
C ILE A 155 15.68 24.80 -2.57
N ALA A 156 15.09 23.92 -1.78
CA ALA A 156 14.63 22.64 -2.31
C ALA A 156 13.40 22.13 -1.57
N THR A 157 12.89 22.93 -0.63
CA THR A 157 11.78 22.50 0.20
C THR A 157 10.63 23.52 0.20
N PRO A 158 9.40 23.04 0.41
CA PRO A 158 8.24 23.93 0.55
C PRO A 158 8.38 24.84 1.77
N GLU A 159 9.02 24.33 2.82
CA GLU A 159 9.21 25.12 4.03
C GLU A 159 10.04 26.35 3.74
N ALA A 160 11.01 26.21 2.84
CA ALA A 160 11.89 27.31 2.45
C ALA A 160 11.12 28.39 1.70
N VAL A 161 10.17 27.95 0.87
CA VAL A 161 9.37 28.86 0.07
C VAL A 161 8.59 29.81 0.97
N ARG A 162 7.99 29.27 2.02
CA ARG A 162 7.18 30.06 2.94
C ARG A 162 8.00 31.11 3.70
N ASP A 163 9.17 30.72 4.17
CA ASP A 163 10.02 31.64 4.91
C ASP A 163 10.56 32.76 4.04
N LEU A 164 10.94 32.43 2.81
CA LEU A 164 11.44 33.41 1.86
C LEU A 164 10.31 34.33 1.39
N ALA A 165 9.12 33.77 1.26
CA ALA A 165 7.95 34.56 0.88
C ALA A 165 7.54 35.46 2.03
N GLU A 166 7.73 34.98 3.26
CA GLU A 166 7.41 35.76 4.45
C GLU A 166 8.39 36.91 4.60
N ALA A 167 9.62 36.70 4.11
CA ALA A 167 10.66 37.72 4.19
C ALA A 167 10.44 38.80 3.14
N GLY A 168 9.81 38.42 2.04
CA GLY A 168 9.47 39.39 1.00
C GLY A 168 10.07 39.09 -0.36
N ALA A 169 10.46 37.84 -0.59
CA ALA A 169 10.98 37.44 -1.88
C ALA A 169 9.90 37.56 -2.95
N ASP A 170 10.28 37.99 -4.14
CA ASP A 170 9.33 38.12 -5.24
C ASP A 170 9.35 36.86 -6.10
N CYS A 171 10.39 36.06 -5.93
CA CYS A 171 10.53 34.80 -6.63
C CYS A 171 11.59 33.94 -5.93
N VAL A 172 11.45 32.62 -6.02
CA VAL A 172 12.39 31.71 -5.38
C VAL A 172 13.09 30.83 -6.42
N LYS A 173 14.40 30.64 -6.26
CA LYS A 173 15.17 29.79 -7.16
C LYS A 173 15.42 28.43 -6.51
N VAL A 174 15.01 27.37 -7.20
CA VAL A 174 15.03 26.01 -6.64
C VAL A 174 16.09 25.12 -7.28
N GLY A 175 16.89 24.47 -6.44
CA GLY A 175 17.93 23.55 -6.91
C GLY A 175 19.11 23.39 -5.97
N ILE A 176 19.21 22.22 -5.36
CA ILE A 176 20.37 21.90 -4.53
C ILE A 176 21.01 20.61 -5.05
N GLY A 177 22.03 20.77 -5.88
CA GLY A 177 22.70 19.63 -6.49
C GLY A 177 22.37 19.18 -7.91
N PRO A 178 21.45 19.88 -8.62
CA PRO A 178 21.26 19.32 -9.96
C PRO A 178 22.35 19.75 -10.93
N GLY A 179 23.17 20.70 -10.51
CA GLY A 179 24.23 21.26 -11.34
C GLY A 179 25.12 20.21 -11.98
N SER A 180 25.39 20.39 -13.27
CA SER A 180 26.24 19.48 -14.02
C SER A 180 27.68 19.56 -13.54
N ILE A 181 28.00 20.67 -12.88
CA ILE A 181 29.34 20.88 -12.32
C ILE A 181 29.32 20.77 -10.80
N CYS A 182 28.15 20.44 -10.25
CA CYS A 182 27.95 20.41 -8.81
C CYS A 182 28.47 19.13 -8.16
N THR A 183 28.99 19.27 -6.94
CA THR A 183 29.42 18.12 -6.14
C THR A 183 28.90 18.22 -4.71
N THR A 184 27.89 19.06 -4.51
CA THR A 184 27.31 19.28 -3.18
C THR A 184 26.69 18.00 -2.63
N ARG A 185 25.98 17.27 -3.49
CA ARG A 185 25.35 16.02 -3.08
C ARG A 185 26.37 14.94 -2.78
N ILE A 186 27.59 15.12 -3.30
CA ILE A 186 28.64 14.12 -3.14
C ILE A 186 29.50 14.40 -1.91
N VAL A 187 29.76 15.68 -1.63
CA VAL A 187 30.64 16.04 -0.53
C VAL A 187 29.88 16.38 0.74
N ALA A 188 28.61 16.75 0.61
CA ALA A 188 27.81 17.12 1.77
C ALA A 188 26.65 16.14 1.98
N GLY A 189 26.30 15.43 0.92
CA GLY A 189 25.22 14.46 0.98
C GLY A 189 23.85 15.12 1.05
N VAL A 190 23.83 16.43 0.79
CA VAL A 190 22.60 17.20 0.87
C VAL A 190 22.09 17.56 -0.52
N GLY A 191 20.78 17.43 -0.72
CA GLY A 191 20.17 17.79 -1.99
C GLY A 191 18.92 17.00 -2.29
N VAL A 192 17.97 17.64 -2.97
CA VAL A 192 16.75 16.97 -3.40
C VAL A 192 16.70 16.92 -4.92
N PRO A 193 16.52 15.72 -5.48
CA PRO A 193 16.37 15.50 -6.93
C PRO A 193 15.43 16.53 -7.55
N GLN A 194 15.89 17.18 -8.61
CA GLN A 194 15.31 18.47 -9.05
C GLN A 194 13.82 18.44 -9.35
N LEU A 195 13.36 17.46 -10.12
CA LEU A 195 11.96 17.43 -10.55
C LEU A 195 10.99 17.41 -9.36
N THR A 196 11.22 16.49 -8.43
CA THR A 196 10.41 16.41 -7.21
C THR A 196 10.50 17.70 -6.42
N ALA A 197 11.71 18.24 -6.34
CA ALA A 197 11.94 19.50 -5.63
C ALA A 197 11.21 20.66 -6.29
N VAL A 198 11.22 20.68 -7.63
CA VAL A 198 10.55 21.73 -8.39
C VAL A 198 9.05 21.69 -8.17
N MET A 199 8.46 20.49 -8.26
CA MET A 199 7.03 20.32 -8.06
C MET A 199 6.57 20.83 -6.69
N ASP A 200 7.28 20.40 -5.64
CA ASP A 200 6.96 20.77 -4.27
C ASP A 200 6.95 22.28 -4.08
N CYS A 201 8.07 22.91 -4.43
CA CYS A 201 8.21 24.36 -4.28
C CYS A 201 7.25 25.12 -5.19
N ALA A 202 6.93 24.53 -6.34
CA ALA A 202 5.94 25.12 -7.24
C ALA A 202 4.59 25.17 -6.56
N GLU A 203 4.18 24.05 -5.97
CA GLU A 203 2.89 23.94 -5.31
C GLU A 203 2.75 24.95 -4.17
N GLU A 204 3.73 24.97 -3.28
CA GLU A 204 3.73 25.92 -2.17
C GLU A 204 3.91 27.34 -2.68
N GLY A 205 4.50 27.45 -3.87
CA GLY A 205 4.70 28.74 -4.50
C GLY A 205 3.41 29.31 -5.07
N LYS A 206 2.58 28.45 -5.65
CA LYS A 206 1.30 28.87 -6.21
C LYS A 206 0.37 29.39 -5.11
N LYS A 207 0.36 28.69 -3.98
CA LYS A 207 -0.54 29.02 -2.88
C LYS A 207 -0.18 30.36 -2.22
N LEU A 208 1.10 30.69 -2.22
CA LEU A 208 1.55 31.95 -1.64
C LEU A 208 1.57 33.06 -2.68
N GLY A 209 1.30 32.69 -3.93
CA GLY A 209 1.32 33.64 -5.03
C GLY A 209 2.73 34.12 -5.34
N ILE A 210 3.65 33.17 -5.46
CA ILE A 210 5.05 33.48 -5.76
C ILE A 210 5.67 32.42 -6.65
N PRO A 211 6.20 32.83 -7.82
CA PRO A 211 6.72 31.92 -8.83
C PRO A 211 8.03 31.23 -8.42
N VAL A 212 8.34 30.11 -9.07
CA VAL A 212 9.56 29.36 -8.78
C VAL A 212 10.43 29.22 -10.02
N ILE A 213 11.75 29.26 -9.82
CA ILE A 213 12.69 29.09 -10.92
C ILE A 213 13.36 27.72 -10.85
N ALA A 214 13.30 26.98 -11.96
CA ALA A 214 13.96 25.68 -12.04
C ALA A 214 15.42 25.85 -12.44
N ASP A 215 16.32 25.70 -11.47
CA ASP A 215 17.74 25.94 -11.70
C ASP A 215 18.57 24.66 -11.68
N GLY A 216 19.16 24.33 -12.83
CA GLY A 216 20.05 23.19 -12.94
C GLY A 216 19.36 21.89 -13.34
N GLY A 217 20.16 20.90 -13.73
CA GLY A 217 19.66 19.58 -14.05
C GLY A 217 19.15 19.39 -15.46
N LEU A 218 19.14 20.47 -16.23
CA LEU A 218 18.61 20.42 -17.59
C LEU A 218 19.72 20.34 -18.64
N LYS A 219 19.59 19.38 -19.56
CA LYS A 219 20.56 19.25 -20.65
C LYS A 219 19.87 19.08 -21.99
N TYR A 220 18.55 19.03 -21.97
CA TYR A 220 17.76 18.90 -23.20
C TYR A 220 16.58 19.85 -23.22
N SER A 221 15.84 19.86 -24.32
CA SER A 221 14.62 20.66 -24.42
C SER A 221 13.49 20.02 -23.64
N GLY A 222 13.45 18.69 -23.65
CA GLY A 222 12.44 17.94 -22.93
C GLY A 222 12.51 18.15 -21.43
N ASP A 223 13.71 18.43 -20.93
CA ASP A 223 13.91 18.74 -19.51
C ASP A 223 13.19 20.02 -19.14
N ILE A 224 13.16 20.98 -20.07
CA ILE A 224 12.46 22.24 -19.86
C ILE A 224 10.96 22.04 -19.83
N VAL A 225 10.45 21.24 -20.77
CA VAL A 225 9.03 20.95 -20.87
C VAL A 225 8.53 20.30 -19.58
N LYS A 226 9.36 19.43 -19.00
CA LYS A 226 9.04 18.81 -17.73
C LYS A 226 9.14 19.82 -16.60
N ALA A 227 10.13 20.69 -16.68
CA ALA A 227 10.34 21.72 -15.67
C ALA A 227 9.18 22.71 -15.64
N LEU A 228 8.69 23.07 -16.83
CA LEU A 228 7.58 24.01 -16.95
C LEU A 228 6.27 23.37 -16.51
N ALA A 229 6.03 22.15 -16.98
CA ALA A 229 4.80 21.42 -16.63
C ALA A 229 4.74 21.15 -15.14
N ALA A 230 5.90 21.13 -14.48
CA ALA A 230 5.97 20.91 -13.04
C ALA A 230 5.79 22.22 -12.27
N GLY A 231 5.39 23.27 -12.96
CA GLY A 231 4.99 24.50 -12.30
C GLY A 231 6.03 25.60 -12.18
N ALA A 232 7.13 25.48 -12.93
CA ALA A 232 8.16 26.51 -12.90
C ALA A 232 7.88 27.59 -13.93
N CYS A 233 8.17 28.83 -13.57
CA CYS A 233 7.97 29.95 -14.49
C CYS A 233 9.10 30.02 -15.50
N ALA A 234 10.34 29.89 -15.01
CA ALA A 234 11.50 29.92 -15.89
C ALA A 234 12.54 28.89 -15.46
N ALA A 235 13.31 28.43 -16.44
CA ALA A 235 14.40 27.51 -16.18
C ALA A 235 15.73 28.22 -16.35
N MET A 236 16.66 27.99 -15.43
CA MET A 236 17.97 28.62 -15.51
C MET A 236 19.02 27.62 -15.98
N MET A 237 19.81 28.01 -16.97
CA MET A 237 20.82 27.11 -17.48
C MET A 237 22.20 27.76 -17.62
N GLY A 238 23.22 26.96 -17.35
CA GLY A 238 24.61 27.37 -17.50
C GLY A 238 25.34 26.49 -18.49
N SER A 239 25.22 25.19 -18.31
CA SER A 239 25.93 24.23 -19.15
C SER A 239 25.52 24.34 -20.61
N ILE A 240 24.24 24.61 -20.83
CA ILE A 240 23.72 24.71 -22.19
C ILE A 240 24.23 25.96 -22.91
N PHE A 241 24.38 27.05 -22.18
CA PHE A 241 24.77 28.32 -22.79
C PHE A 241 26.26 28.60 -22.69
N ALA A 242 26.97 27.76 -21.95
CA ALA A 242 28.40 27.96 -21.74
C ALA A 242 29.21 27.74 -23.01
N GLY A 243 28.67 26.94 -23.93
CA GLY A 243 29.37 26.62 -25.15
C GLY A 243 29.21 27.70 -26.20
N CYS A 244 28.30 28.62 -25.94
CA CYS A 244 27.99 29.67 -26.88
C CYS A 244 29.10 30.71 -26.93
N GLU A 245 29.15 31.44 -28.03
CA GLU A 245 30.21 32.42 -28.28
C GLU A 245 30.07 33.66 -27.40
N GLU A 246 28.87 33.87 -26.87
CA GLU A 246 28.61 35.02 -26.02
C GLU A 246 29.04 34.75 -24.58
N ALA A 247 29.59 33.57 -24.34
CA ALA A 247 30.05 33.19 -23.01
C ALA A 247 31.44 33.75 -22.76
N PRO A 248 31.73 34.14 -21.51
CA PRO A 248 33.00 34.77 -21.13
C PRO A 248 34.21 33.88 -21.38
N GLY A 249 34.02 32.57 -21.46
CA GLY A 249 35.12 31.65 -21.67
C GLY A 249 35.78 31.81 -23.03
N ALA A 250 37.09 31.62 -23.08
CA ALA A 250 37.84 31.70 -24.32
C ALA A 250 37.78 30.36 -25.06
N ILE A 251 37.91 30.39 -26.38
CA ILE A 251 37.81 29.18 -27.19
C ILE A 251 39.12 28.40 -27.25
N GLU A 252 39.26 27.40 -26.39
CA GLU A 252 40.41 26.51 -26.45
C GLU A 252 40.20 25.44 -27.52
N ILE A 253 41.29 24.84 -27.99
CA ILE A 253 41.22 23.80 -29.01
C ILE A 253 41.94 22.54 -28.58
N TYR A 254 41.24 21.40 -28.65
CA TYR A 254 41.82 20.10 -28.37
C TYR A 254 41.54 19.12 -29.50
N GLN A 255 42.61 18.66 -30.15
CA GLN A 255 42.52 17.69 -31.26
C GLN A 255 41.65 18.18 -32.41
N GLY A 256 41.75 19.47 -32.74
CA GLY A 256 40.99 20.03 -33.83
C GLY A 256 39.58 20.44 -33.43
N ARG A 257 39.13 19.93 -32.30
CA ARG A 257 37.81 20.26 -31.78
C ARG A 257 37.92 21.45 -30.82
N SER A 258 36.94 22.34 -30.86
CA SER A 258 36.99 23.56 -30.07
C SER A 258 36.15 23.44 -28.79
N TYR A 259 36.69 23.97 -27.70
CA TYR A 259 36.02 23.90 -26.40
C TYR A 259 36.01 25.24 -25.67
N LYS A 260 35.05 25.40 -24.78
CA LYS A 260 35.04 26.53 -23.85
C LYS A 260 35.11 26.00 -22.43
N VAL A 261 35.86 26.67 -21.57
CA VAL A 261 36.00 26.24 -20.18
C VAL A 261 34.70 26.53 -19.42
N TYR A 262 34.33 25.59 -18.55
CA TYR A 262 33.13 25.75 -17.73
C TYR A 262 33.38 25.23 -16.32
N ARG A 263 33.16 26.09 -15.34
CA ARG A 263 33.44 25.75 -13.96
C ARG A 263 32.32 26.22 -13.03
N GLY A 264 32.14 25.50 -11.93
CA GLY A 264 31.17 25.89 -10.93
C GLY A 264 31.70 27.02 -10.07
N MET A 265 30.80 27.83 -9.52
CA MET A 265 31.18 28.98 -8.72
C MET A 265 31.75 28.57 -7.36
N GLY A 266 31.60 27.29 -7.03
CA GLY A 266 32.18 26.75 -5.80
C GLY A 266 33.37 25.86 -6.09
N SER A 267 33.76 25.79 -7.36
CA SER A 267 34.96 25.06 -7.75
C SER A 267 36.19 25.80 -7.24
N LEU A 268 37.32 25.12 -7.19
CA LEU A 268 38.53 25.68 -6.62
C LEU A 268 38.99 26.94 -7.36
N GLY A 269 38.85 26.94 -8.68
CA GLY A 269 39.28 28.06 -9.48
C GLY A 269 38.41 29.30 -9.31
N ALA A 270 37.10 29.08 -9.21
CA ALA A 270 36.16 30.19 -9.10
C ALA A 270 36.22 30.85 -7.73
N MET A 271 36.63 30.09 -6.72
CA MET A 271 36.74 30.60 -5.37
C MET A 271 38.06 31.34 -5.17
N ALA A 272 39.03 31.06 -6.01
CA ALA A 272 40.33 31.72 -5.93
C ALA A 272 40.28 33.12 -6.54
N LYS A 273 39.53 34.01 -5.90
CA LYS A 273 39.38 35.38 -6.37
C LYS A 273 38.77 36.27 -5.29
N PHE A 287 40.31 25.51 1.70
CA PHE A 287 39.20 25.58 0.76
C PHE A 287 38.59 24.20 0.50
N VAL A 288 37.29 24.09 0.72
CA VAL A 288 36.55 22.85 0.46
C VAL A 288 35.53 23.09 -0.65
N PRO A 289 35.90 22.75 -1.90
CA PRO A 289 35.10 23.04 -3.08
C PRO A 289 33.86 22.17 -3.20
N GLU A 290 32.76 22.75 -3.69
CA GLU A 290 31.54 22.00 -3.94
C GLU A 290 31.19 22.04 -5.43
N GLY A 291 32.22 22.22 -6.25
CA GLY A 291 32.06 22.23 -7.69
C GLY A 291 33.30 21.73 -8.41
N VAL A 292 33.17 21.46 -9.71
CA VAL A 292 34.31 21.01 -10.50
C VAL A 292 34.60 21.98 -11.65
N GLU A 293 35.78 21.84 -12.23
CA GLU A 293 36.23 22.72 -13.29
C GLU A 293 36.62 21.94 -14.53
N GLY A 294 36.04 22.30 -15.67
CA GLY A 294 36.29 21.57 -16.90
C GLY A 294 36.02 22.35 -18.18
N ARG A 295 35.77 21.61 -19.27
CA ARG A 295 35.52 22.23 -20.57
C ARG A 295 34.39 21.52 -21.31
N ILE A 296 33.60 22.28 -22.06
CA ILE A 296 32.55 21.71 -22.89
C ILE A 296 32.70 22.16 -24.35
N ALA A 297 32.02 21.47 -25.25
CA ALA A 297 32.14 21.73 -26.68
C ALA A 297 31.60 23.10 -27.07
N TYR A 298 32.27 23.74 -28.03
CA TYR A 298 31.83 25.03 -28.55
C TYR A 298 30.64 24.85 -29.48
N LYS A 299 29.55 25.58 -29.20
CA LYS A 299 28.31 25.42 -29.96
C LYS A 299 28.18 26.42 -31.10
N GLY A 300 28.62 27.65 -30.86
CA GLY A 300 28.46 28.72 -31.83
C GLY A 300 27.73 29.90 -31.21
N HIS A 301 26.84 30.52 -31.97
CA HIS A 301 26.08 31.66 -31.46
C HIS A 301 24.91 31.21 -30.57
N LEU A 302 24.47 32.09 -29.69
CA LEU A 302 23.42 31.79 -28.74
C LEU A 302 22.05 31.64 -29.41
N ALA A 303 21.77 32.54 -30.35
CA ALA A 303 20.47 32.59 -31.01
C ALA A 303 20.15 31.31 -31.79
N ASP A 304 21.19 30.61 -32.22
CA ASP A 304 21.01 29.33 -32.90
C ASP A 304 20.70 28.23 -31.89
N THR A 305 21.34 28.31 -30.72
CA THR A 305 21.09 27.36 -29.64
C THR A 305 19.69 27.54 -29.09
N ILE A 306 19.31 28.79 -28.84
CA ILE A 306 17.99 29.11 -28.30
C ILE A 306 16.88 28.70 -29.26
N TYR A 307 17.09 28.92 -30.55
CA TYR A 307 16.11 28.55 -31.56
C TYR A 307 15.76 27.06 -31.52
N GLN A 308 16.72 26.25 -31.10
CA GLN A 308 16.50 24.82 -30.97
C GLN A 308 15.75 24.50 -29.69
N LEU A 309 16.04 25.24 -28.63
CA LEU A 309 15.36 25.07 -27.35
C LEU A 309 13.88 25.42 -27.45
N ILE A 310 13.58 26.58 -28.04
CA ILE A 310 12.21 27.04 -28.18
C ILE A 310 11.41 26.10 -29.08
N GLY A 311 12.04 25.61 -30.15
CA GLY A 311 11.40 24.70 -31.06
C GLY A 311 11.03 23.38 -30.39
N GLY A 312 11.83 22.98 -29.42
CA GLY A 312 11.56 21.78 -28.65
C GLY A 312 10.47 22.00 -27.63
N ILE A 313 10.52 23.15 -26.97
CA ILE A 313 9.49 23.54 -25.99
C ILE A 313 8.13 23.64 -26.67
N LYS A 314 8.08 24.36 -27.78
CA LYS A 314 6.84 24.55 -28.53
C LYS A 314 6.32 23.22 -29.09
N SER A 315 7.24 22.33 -29.44
CA SER A 315 6.86 21.01 -29.94
C SER A 315 6.21 20.19 -28.83
N GLY A 316 6.83 20.21 -27.66
CA GLY A 316 6.32 19.49 -26.50
C GLY A 316 4.98 20.03 -26.04
N MET A 317 4.83 21.35 -26.07
CA MET A 317 3.58 21.98 -25.66
C MET A 317 2.45 21.63 -26.62
N GLY A 318 2.80 21.36 -27.87
CA GLY A 318 1.84 20.92 -28.86
C GLY A 318 1.31 19.54 -28.55
N TYR A 319 2.12 18.75 -27.83
CA TYR A 319 1.72 17.40 -27.46
C TYR A 319 0.73 17.40 -26.31
N LEU A 320 0.89 18.34 -25.38
CA LEU A 320 0.02 18.42 -24.22
C LEU A 320 -1.18 19.33 -24.48
N GLY A 321 -1.34 19.76 -25.72
CA GLY A 321 -2.45 20.61 -26.12
C GLY A 321 -2.54 21.90 -25.34
N ALA A 322 -1.38 22.51 -25.10
CA ALA A 322 -1.32 23.73 -24.29
C ALA A 322 -0.90 24.94 -25.13
N PRO A 323 -1.81 25.93 -25.26
CA PRO A 323 -1.50 27.19 -25.95
C PRO A 323 -0.62 28.10 -25.09
N THR A 324 -0.78 28.02 -23.77
CA THR A 324 0.01 28.82 -22.85
C THR A 324 0.68 27.96 -21.79
N LEU A 325 1.65 28.53 -21.07
CA LEU A 325 2.38 27.80 -20.05
C LEU A 325 1.48 27.47 -18.84
N GLU A 326 0.53 28.34 -18.56
CA GLU A 326 -0.40 28.12 -17.46
C GLU A 326 -1.28 26.92 -17.77
N ASN A 327 -1.61 26.75 -19.05
CA ASN A 327 -2.42 25.63 -19.49
C ASN A 327 -1.63 24.33 -19.46
N LEU A 328 -0.30 24.46 -19.54
CA LEU A 328 0.59 23.30 -19.50
C LEU A 328 0.64 22.71 -18.10
N TYR A 329 0.87 23.57 -17.11
CA TYR A 329 0.95 23.15 -15.72
C TYR A 329 -0.35 22.53 -15.24
N GLU A 330 -1.47 23.12 -15.64
CA GLU A 330 -2.78 22.64 -15.20
C GLU A 330 -3.13 21.27 -15.77
N ASN A 331 -2.74 21.05 -17.03
CA ASN A 331 -3.12 19.84 -17.75
C ASN A 331 -1.96 18.90 -18.03
N ALA A 332 -1.03 18.82 -17.08
CA ALA A 332 0.13 17.96 -17.26
C ALA A 332 0.03 16.72 -16.41
N ASN A 333 0.30 15.58 -17.04
CA ASN A 333 0.33 14.30 -16.36
C ASN A 333 1.67 13.60 -16.56
N PHE A 334 2.31 13.22 -15.46
CA PHE A 334 3.63 12.59 -15.51
C PHE A 334 3.57 11.08 -15.35
N VAL A 335 4.46 10.39 -16.04
CA VAL A 335 4.58 8.95 -15.91
C VAL A 335 6.02 8.60 -15.57
N VAL A 336 6.21 7.75 -14.57
CA VAL A 336 7.55 7.38 -14.13
C VAL A 336 8.12 6.31 -15.04
N GLN A 337 9.33 6.55 -15.54
N GLN A 337 9.35 6.55 -15.49
CA GLN A 337 9.99 5.57 -16.40
CA GLN A 337 10.07 5.65 -16.40
C GLN A 337 11.12 4.89 -15.64
C GLN A 337 11.17 4.91 -15.67
N THR A 338 11.35 3.63 -15.98
CA THR A 338 12.46 2.88 -15.40
C THR A 338 13.71 3.18 -16.19
N SER A 339 14.85 2.65 -15.74
CA SER A 339 16.09 2.80 -16.48
C SER A 339 15.95 2.13 -17.85
N ALA A 340 15.26 1.00 -17.88
CA ALA A 340 15.01 0.28 -19.13
C ALA A 340 14.26 1.14 -20.14
N GLY A 341 13.34 1.95 -19.64
CA GLY A 341 12.59 2.86 -20.49
C GLY A 341 13.46 4.04 -20.93
N PHE A 342 14.35 4.46 -20.03
CA PHE A 342 15.26 5.56 -20.30
C PHE A 342 16.14 5.26 -21.51
N ARG A 343 16.57 4.01 -21.64
N ARG A 343 16.58 4.00 -21.63
CA ARG A 343 17.39 3.61 -22.78
CA ARG A 343 17.38 3.57 -22.76
C ARG A 343 16.56 3.51 -24.05
C ARG A 343 16.55 3.55 -24.03
N GLU A 344 15.28 3.20 -23.90
CA GLU A 344 14.36 3.15 -25.03
C GLU A 344 14.04 4.56 -25.53
N SER A 345 14.04 5.52 -24.61
CA SER A 345 13.73 6.91 -24.93
C SER A 345 14.75 7.53 -25.87
N HIS A 346 16.02 7.41 -25.50
CA HIS A 346 17.11 7.86 -26.37
C HIS A 346 17.19 6.97 -27.61
N PRO A 347 17.69 7.51 -28.73
CA PRO A 347 17.94 6.70 -29.93
C PRO A 347 18.85 5.51 -29.62
N HIS A 348 18.41 4.31 -29.96
CA HIS A 348 19.13 3.10 -29.57
C HIS A 348 19.40 2.17 -30.74
N ASP A 349 20.49 1.41 -30.60
CA ASP A 349 20.88 0.41 -31.59
C ASP A 349 21.06 0.98 -33.00
N ILE A 350 21.74 2.12 -33.08
CA ILE A 350 22.07 2.72 -34.36
C ILE A 350 23.29 3.61 -34.25
N ASN A 351 24.23 3.45 -35.18
CA ASN A 351 25.40 4.30 -35.24
C ASN A 351 25.07 5.61 -35.94
N ILE A 352 24.80 6.64 -35.15
CA ILE A 352 24.40 7.95 -35.68
C ILE A 352 25.51 8.59 -36.50
N THR A 353 25.23 8.85 -37.78
CA THR A 353 26.26 9.31 -38.72
C THR A 353 26.13 10.79 -39.06
N LYS A 354 25.04 11.41 -38.65
CA LYS A 354 24.84 12.84 -38.89
C LYS A 354 24.41 13.56 -37.62
N GLU A 355 25.07 14.67 -37.32
N GLU A 355 25.06 14.68 -37.33
CA GLU A 355 24.78 15.42 -36.10
CA GLU A 355 24.78 15.46 -36.13
C GLU A 355 23.46 16.17 -36.17
C GLU A 355 23.43 16.16 -36.19
N ALA A 356 22.64 15.97 -35.14
CA ALA A 356 21.38 16.69 -35.02
C ALA A 356 21.62 17.96 -34.20
N PRO A 357 20.97 19.07 -34.60
CA PRO A 357 21.21 20.35 -33.93
C PRO A 357 20.70 20.38 -32.48
N ASN A 358 19.86 19.41 -32.10
CA ASN A 358 19.26 19.41 -30.78
C ASN A 358 19.43 18.09 -30.02
N TYR A 359 20.46 17.32 -30.37
CA TYR A 359 20.74 16.07 -29.66
C TYR A 359 22.19 15.63 -29.77
N SER A 360 22.80 15.36 -28.62
CA SER A 360 24.16 14.84 -28.56
C SER A 360 24.46 14.28 -27.18
N ALA B 5 0.08 19.34 -12.87
CA ALA B 5 1.20 18.43 -12.66
C ALA B 5 0.86 17.34 -11.65
N ARG B 6 0.87 16.10 -12.10
CA ARG B 6 0.62 14.95 -11.24
C ARG B 6 1.24 13.68 -11.80
N ILE B 7 2.05 13.02 -10.97
CA ILE B 7 2.67 11.76 -11.37
C ILE B 7 1.70 10.61 -11.19
N LEU B 8 1.27 10.01 -12.30
CA LEU B 8 0.20 9.01 -12.27
C LEU B 8 0.69 7.60 -11.93
N LYS B 9 1.79 7.19 -12.56
CA LYS B 9 2.22 5.79 -12.45
C LYS B 9 3.64 5.56 -12.96
N THR B 10 4.13 4.35 -12.72
CA THR B 10 5.38 3.88 -13.32
C THR B 10 5.05 3.07 -14.56
N ALA B 11 5.52 3.51 -15.72
CA ALA B 11 5.24 2.79 -16.96
C ALA B 11 6.43 1.94 -17.38
N TYR B 12 6.14 0.82 -18.02
CA TYR B 12 7.17 -0.15 -18.37
C TYR B 12 7.31 -0.33 -19.88
N THR B 13 8.51 -0.70 -20.32
CA THR B 13 8.72 -1.10 -21.70
C THR B 13 8.91 -2.62 -21.76
N PHE B 14 9.39 -3.11 -22.89
CA PHE B 14 9.53 -4.53 -23.12
C PHE B 14 10.58 -5.18 -22.24
N ASP B 15 11.73 -4.53 -22.09
CA ASP B 15 12.83 -5.08 -21.31
C ASP B 15 12.68 -4.78 -19.82
N ASP B 16 11.49 -4.35 -19.43
CA ASP B 16 11.12 -4.23 -18.02
C ASP B 16 10.39 -5.49 -17.58
N VAL B 17 9.93 -6.26 -18.56
CA VAL B 17 8.91 -7.26 -18.31
C VAL B 17 9.24 -8.65 -18.88
N LEU B 18 8.55 -9.67 -18.35
CA LEU B 18 8.73 -11.04 -18.82
C LEU B 18 7.42 -11.81 -18.77
N LEU B 19 7.20 -12.65 -19.78
CA LEU B 19 6.01 -13.49 -19.84
C LEU B 19 6.23 -14.79 -19.08
N VAL B 20 5.35 -15.05 -18.12
CA VAL B 20 5.44 -16.27 -17.31
C VAL B 20 4.87 -17.47 -18.07
N PRO B 21 5.64 -18.56 -18.11
CA PRO B 21 5.24 -19.78 -18.84
C PRO B 21 3.90 -20.35 -18.37
N ASN B 22 3.15 -20.95 -19.29
CA ASN B 22 1.89 -21.60 -18.96
C ASN B 22 1.94 -23.08 -19.28
N LYS B 23 0.98 -23.83 -18.74
CA LYS B 23 0.79 -25.23 -19.09
C LYS B 23 0.57 -25.34 -20.60
N SER B 24 1.37 -26.15 -21.27
CA SER B 24 1.32 -26.22 -22.72
C SER B 24 0.81 -27.56 -23.24
N GLU B 25 0.02 -27.49 -24.31
CA GLU B 25 -0.50 -28.66 -24.98
C GLU B 25 -0.09 -28.56 -26.45
N VAL B 26 0.38 -27.37 -26.82
CA VAL B 26 0.77 -27.06 -28.17
C VAL B 26 2.29 -26.87 -28.25
N LEU B 27 2.86 -27.18 -29.42
CA LEU B 27 4.27 -26.95 -29.66
C LEU B 27 4.41 -25.81 -30.67
N PRO B 28 5.60 -25.19 -30.75
CA PRO B 28 5.80 -24.05 -31.66
C PRO B 28 5.46 -24.33 -33.13
N ASN B 29 5.22 -25.59 -33.49
CA ASN B 29 4.93 -25.93 -34.88
C ASN B 29 3.43 -25.98 -35.18
N GLU B 30 2.59 -26.00 -34.15
CA GLU B 30 1.15 -26.14 -34.36
C GLU B 30 0.40 -24.82 -34.19
N VAL B 31 1.02 -23.83 -33.56
CA VAL B 31 0.34 -22.57 -33.28
C VAL B 31 0.15 -21.77 -34.59
N SER B 32 -0.88 -20.93 -34.60
CA SER B 32 -1.16 -20.09 -35.76
C SER B 32 -0.78 -18.64 -35.47
N LEU B 33 -0.46 -17.89 -36.50
CA LEU B 33 -0.06 -16.50 -36.34
C LEU B 33 -0.97 -15.54 -37.11
N LYS B 34 -2.06 -16.08 -37.65
CA LYS B 34 -3.03 -15.27 -38.39
C LYS B 34 -3.64 -14.22 -37.47
N THR B 35 -3.77 -12.99 -37.97
CA THR B 35 -4.32 -11.90 -37.18
C THR B 35 -5.12 -10.93 -38.03
N GLN B 36 -6.11 -10.29 -37.42
CA GLN B 36 -6.97 -9.35 -38.13
C GLN B 36 -6.44 -7.93 -38.01
N LEU B 37 -5.80 -7.46 -39.09
CA LEU B 37 -5.29 -6.09 -39.15
C LEU B 37 -6.44 -5.12 -38.92
N THR B 38 -7.52 -5.32 -39.67
CA THR B 38 -8.78 -4.65 -39.42
C THR B 38 -9.87 -5.72 -39.49
N LYS B 39 -11.13 -5.31 -39.67
CA LYS B 39 -12.19 -6.29 -39.85
C LYS B 39 -12.04 -6.97 -41.21
N LYS B 40 -11.90 -6.17 -42.26
CA LYS B 40 -11.78 -6.69 -43.62
C LYS B 40 -10.43 -7.35 -43.85
N ILE B 41 -9.36 -6.67 -43.41
CA ILE B 41 -8.01 -7.13 -43.67
C ILE B 41 -7.47 -8.07 -42.59
N GLN B 42 -6.97 -9.23 -43.00
CA GLN B 42 -6.26 -10.12 -42.10
C GLN B 42 -4.87 -10.41 -42.64
N LEU B 43 -3.94 -10.71 -41.74
CA LEU B 43 -2.57 -11.05 -42.14
C LEU B 43 -2.21 -12.45 -41.69
N ASN B 44 -1.43 -13.16 -42.49
CA ASN B 44 -0.98 -14.50 -42.12
C ASN B 44 0.13 -14.45 -41.08
N ILE B 45 0.86 -13.33 -41.04
CA ILE B 45 1.82 -13.05 -39.98
C ILE B 45 1.58 -11.63 -39.44
N PRO B 46 1.73 -11.43 -38.12
CA PRO B 46 1.42 -10.14 -37.50
C PRO B 46 2.52 -9.10 -37.62
N LEU B 47 3.25 -9.08 -38.73
CA LEU B 47 4.35 -8.15 -38.88
C LEU B 47 4.11 -7.12 -39.98
N MET B 48 4.42 -5.87 -39.69
CA MET B 48 4.40 -4.81 -40.69
C MET B 48 5.77 -4.13 -40.72
N SER B 49 6.04 -3.43 -41.82
CA SER B 49 7.28 -2.66 -41.95
C SER B 49 6.95 -1.15 -42.00
N ALA B 50 7.84 -0.35 -41.44
CA ALA B 50 7.56 1.05 -41.14
C ALA B 50 7.44 1.95 -42.38
N SER B 51 6.41 2.79 -42.37
CA SER B 51 6.19 3.77 -43.44
C SER B 51 7.25 4.86 -43.44
N MET B 52 8.47 4.48 -43.80
CA MET B 52 9.60 5.41 -43.82
C MET B 52 10.36 5.32 -45.14
N ASP B 53 11.10 6.37 -45.49
CA ASP B 53 11.76 6.44 -46.80
C ASP B 53 13.07 5.65 -46.84
N THR B 54 13.43 5.02 -45.73
CA THR B 54 14.63 4.18 -45.70
C THR B 54 14.28 2.74 -45.37
N VAL B 55 12.97 2.47 -45.24
CA VAL B 55 12.51 1.14 -44.90
C VAL B 55 11.61 0.55 -45.97
N THR B 56 10.59 1.30 -46.39
CA THR B 56 9.57 0.72 -47.27
C THR B 56 9.27 1.50 -48.51
N GLU B 57 9.44 0.83 -49.64
CA GLU B 57 8.96 1.30 -50.92
C GLU B 57 8.37 0.10 -51.61
N SER B 58 8.33 0.12 -52.94
CA SER B 58 7.72 -0.94 -53.72
C SER B 58 8.27 -2.33 -53.40
N LYS B 59 9.58 -2.45 -53.51
CA LYS B 59 10.23 -3.75 -53.42
C LYS B 59 10.07 -4.38 -52.05
N MET B 60 9.97 -3.52 -51.03
CA MET B 60 9.82 -3.99 -49.66
C MET B 60 8.39 -4.43 -49.36
N ALA B 61 7.42 -3.69 -49.89
CA ALA B 61 6.02 -4.00 -49.65
C ALA B 61 5.65 -5.34 -50.28
N ILE B 62 6.22 -5.60 -51.44
CA ILE B 62 6.00 -6.83 -52.16
C ILE B 62 6.56 -8.01 -51.38
N ALA B 63 7.75 -7.82 -50.83
CA ALA B 63 8.38 -8.88 -50.05
C ALA B 63 7.61 -9.17 -48.77
N MET B 64 7.24 -8.12 -48.05
CA MET B 64 6.50 -8.26 -46.80
C MET B 64 5.17 -8.98 -47.01
N ALA B 65 4.47 -8.59 -48.06
CA ALA B 65 3.19 -9.21 -48.38
C ALA B 65 3.37 -10.66 -48.83
N ARG B 66 4.49 -10.92 -49.50
CA ARG B 66 4.81 -12.26 -49.99
C ARG B 66 5.14 -13.20 -48.83
N GLU B 67 5.38 -12.61 -47.66
CA GLU B 67 5.68 -13.38 -46.46
C GLU B 67 4.45 -13.49 -45.56
N GLY B 68 3.33 -12.97 -46.03
CA GLY B 68 2.09 -13.03 -45.29
C GLY B 68 1.79 -11.77 -44.51
N GLY B 69 2.76 -10.86 -44.47
CA GLY B 69 2.59 -9.60 -43.78
C GLY B 69 2.10 -8.51 -44.71
N ILE B 70 2.45 -7.27 -44.41
CA ILE B 70 2.08 -6.14 -45.26
C ILE B 70 3.05 -4.97 -45.03
N GLY B 71 3.34 -4.23 -46.09
CA GLY B 71 4.22 -3.08 -46.00
C GLY B 71 3.49 -1.80 -46.27
N ILE B 72 3.98 -0.70 -45.71
CA ILE B 72 3.36 0.61 -45.93
C ILE B 72 4.28 1.53 -46.72
N ILE B 73 3.95 1.73 -47.99
CA ILE B 73 4.72 2.62 -48.86
C ILE B 73 4.69 4.04 -48.29
N HIS B 74 5.88 4.61 -48.08
CA HIS B 74 6.01 5.88 -47.39
C HIS B 74 5.47 7.05 -48.20
N LYS B 75 5.49 8.24 -47.60
CA LYS B 75 4.83 9.41 -48.18
C LYS B 75 5.81 10.54 -48.53
N ASN B 76 7.09 10.21 -48.65
CA ASN B 76 8.10 11.21 -49.01
C ASN B 76 8.41 11.22 -50.50
N MET B 77 7.48 10.71 -51.30
CA MET B 77 7.58 10.78 -52.74
C MET B 77 6.40 11.56 -53.28
N THR B 78 6.48 12.02 -54.53
CA THR B 78 5.40 12.80 -55.12
C THR B 78 4.16 11.92 -55.27
N ILE B 79 3.00 12.56 -55.31
CA ILE B 79 1.71 11.85 -55.36
C ILE B 79 1.66 10.88 -56.54
N GLU B 80 2.16 11.32 -57.68
CA GLU B 80 2.23 10.49 -58.87
C GLU B 80 3.07 9.24 -58.63
N ASP B 81 4.20 9.42 -57.94
CA ASP B 81 5.10 8.32 -57.67
C ASP B 81 4.58 7.40 -56.57
N GLN B 82 3.73 7.92 -55.69
N GLN B 82 3.74 7.94 -55.71
CA GLN B 82 3.22 7.08 -54.60
CA GLN B 82 3.16 7.19 -54.59
C GLN B 82 2.18 6.08 -55.11
C GLN B 82 2.21 6.12 -55.10
N ALA B 83 1.26 6.54 -55.95
CA ALA B 83 0.27 5.63 -56.52
C ALA B 83 0.93 4.64 -57.47
N ARG B 84 2.06 5.06 -58.05
CA ARG B 84 2.81 4.22 -58.96
C ARG B 84 3.45 3.04 -58.24
N GLU B 85 4.01 3.29 -57.05
CA GLU B 85 4.59 2.22 -56.25
C GLU B 85 3.51 1.27 -55.77
N VAL B 86 2.35 1.83 -55.42
CA VAL B 86 1.20 1.03 -55.02
C VAL B 86 0.74 0.17 -56.19
N ASP B 87 0.83 0.74 -57.39
CA ASP B 87 0.47 0.03 -58.62
C ASP B 87 1.37 -1.18 -58.83
N ARG B 88 2.68 -0.98 -58.66
CA ARG B 88 3.65 -2.06 -58.84
C ARG B 88 3.39 -3.23 -57.89
N VAL B 89 3.01 -2.91 -56.65
CA VAL B 89 2.76 -3.92 -55.63
C VAL B 89 1.52 -4.75 -55.94
N LYS B 90 0.40 -4.07 -56.17
CA LYS B 90 -0.88 -4.73 -56.40
C LYS B 90 -0.89 -5.53 -57.70
N ARG B 91 -0.11 -5.09 -58.68
CA ARG B 91 -0.06 -5.78 -59.97
C ARG B 91 0.56 -7.17 -59.84
N SER B 92 1.73 -7.24 -59.20
CA SER B 92 2.45 -8.50 -59.10
C SER B 92 1.88 -9.41 -58.01
N GLY B 93 0.89 -10.21 -58.38
CA GLY B 93 0.38 -11.25 -57.50
C GLY B 93 -0.86 -10.87 -56.71
N GLY B 94 -1.31 -9.63 -56.84
CA GLY B 94 -2.47 -9.16 -56.12
C GLY B 94 -2.26 -9.18 -54.61
N LEU B 95 -1.08 -8.76 -54.18
CA LEU B 95 -0.71 -8.81 -52.78
C LEU B 95 -1.36 -7.67 -52.00
N LEU B 96 -1.23 -7.71 -50.67
CA LEU B 96 -1.70 -6.62 -49.82
C LEU B 96 -0.75 -5.43 -49.94
N CYS B 97 -1.32 -4.22 -49.94
CA CYS B 97 -0.52 -3.01 -50.06
C CYS B 97 -1.05 -1.89 -49.17
N GLY B 98 -0.14 -1.17 -48.52
CA GLY B 98 -0.51 -0.05 -47.69
C GLY B 98 0.14 1.25 -48.15
N ALA B 99 -0.59 2.35 -48.00
CA ALA B 99 -0.07 3.66 -48.40
C ALA B 99 -0.10 4.63 -47.22
N SER B 100 0.97 5.38 -47.06
CA SER B 100 1.07 6.36 -45.99
C SER B 100 0.58 7.73 -46.45
N ILE B 101 -0.29 8.35 -45.65
CA ILE B 101 -0.85 9.66 -45.97
C ILE B 101 -0.57 10.64 -44.83
N GLY B 102 -0.33 11.90 -45.19
CA GLY B 102 -0.11 12.92 -44.17
C GLY B 102 -1.22 13.94 -44.15
N VAL B 103 -1.41 14.59 -43.01
CA VAL B 103 -2.38 15.68 -42.91
C VAL B 103 -1.81 16.93 -43.55
N THR B 104 -2.03 17.04 -44.86
CA THR B 104 -1.51 18.16 -45.65
C THR B 104 -2.63 18.86 -46.40
N ASN B 105 -2.28 19.88 -47.18
CA ASN B 105 -3.25 20.57 -48.01
C ASN B 105 -3.71 19.71 -49.18
N ASP B 106 -2.81 18.89 -49.68
CA ASP B 106 -3.13 17.98 -50.77
C ASP B 106 -3.41 16.57 -50.25
N MET B 107 -4.04 16.50 -49.08
CA MET B 107 -4.32 15.23 -48.43
C MET B 107 -5.21 14.34 -49.29
N MET B 108 -6.40 14.86 -49.61
CA MET B 108 -7.36 14.10 -50.42
C MET B 108 -6.83 13.80 -51.81
N GLU B 109 -5.80 14.53 -52.24
CA GLU B 109 -5.22 14.32 -53.56
C GLU B 109 -4.47 13.00 -53.65
N ARG B 110 -3.70 12.69 -52.62
N ARG B 110 -3.71 12.66 -52.62
CA ARG B 110 -3.00 11.42 -52.52
CA ARG B 110 -3.00 11.38 -52.63
C ARG B 110 -3.99 10.29 -52.27
C ARG B 110 -3.94 10.25 -52.21
N VAL B 111 -4.92 10.56 -51.37
CA VAL B 111 -5.93 9.56 -50.98
C VAL B 111 -6.76 9.15 -52.19
N ASP B 112 -7.08 10.12 -53.03
CA ASP B 112 -7.82 9.86 -54.26
C ASP B 112 -6.95 9.06 -55.25
N ALA B 113 -5.64 9.28 -55.16
CA ALA B 113 -4.70 8.67 -56.10
C ALA B 113 -4.47 7.19 -55.83
N VAL B 114 -4.08 6.86 -54.59
CA VAL B 114 -3.78 5.48 -54.26
C VAL B 114 -5.04 4.62 -54.16
N VAL B 115 -6.18 5.24 -53.92
CA VAL B 115 -7.45 4.54 -53.96
C VAL B 115 -7.70 4.05 -55.38
N LYS B 116 -7.33 4.88 -56.35
CA LYS B 116 -7.44 4.53 -57.76
C LYS B 116 -6.50 3.38 -58.10
N ALA B 117 -5.36 3.34 -57.43
CA ALA B 117 -4.38 2.28 -57.62
C ALA B 117 -4.77 1.03 -56.82
N LYS B 118 -6.00 1.02 -56.32
CA LYS B 118 -6.57 -0.12 -55.60
C LYS B 118 -5.76 -0.50 -54.37
N VAL B 119 -5.44 0.48 -53.55
CA VAL B 119 -4.74 0.25 -52.29
C VAL B 119 -5.69 -0.47 -51.33
N ASP B 120 -5.13 -1.25 -50.40
CA ASP B 120 -5.93 -1.98 -49.44
C ASP B 120 -6.21 -1.14 -48.20
N VAL B 121 -5.18 -0.47 -47.69
CA VAL B 121 -5.31 0.31 -46.47
C VAL B 121 -4.56 1.64 -46.51
N ILE B 122 -5.30 2.73 -46.32
CA ILE B 122 -4.67 4.01 -46.06
C ILE B 122 -4.35 4.06 -44.58
N VAL B 123 -3.11 4.39 -44.26
CA VAL B 123 -2.73 4.66 -42.88
C VAL B 123 -2.11 6.05 -42.82
N LEU B 124 -2.83 6.97 -42.18
CA LEU B 124 -2.31 8.32 -42.02
C LEU B 124 -1.63 8.41 -40.66
N ASP B 125 -0.35 8.79 -40.69
CA ASP B 125 0.46 8.80 -39.49
C ASP B 125 1.05 10.18 -39.24
N THR B 126 1.04 10.58 -37.97
CA THR B 126 1.59 11.87 -37.57
C THR B 126 2.36 11.70 -36.26
N ALA B 127 2.98 12.78 -35.81
CA ALA B 127 3.70 12.76 -34.54
C ALA B 127 2.73 12.78 -33.36
N HIS B 128 1.52 13.30 -33.61
CA HIS B 128 0.55 13.48 -32.54
C HIS B 128 -0.85 13.08 -33.02
N GLY B 129 -1.16 11.78 -32.91
CA GLY B 129 -2.41 11.25 -33.43
C GLY B 129 -3.66 11.76 -32.71
N HIS B 130 -3.51 12.12 -31.45
CA HIS B 130 -4.62 12.67 -30.68
C HIS B 130 -4.73 14.16 -30.92
N SER B 131 -5.13 14.53 -32.14
CA SER B 131 -5.16 15.93 -32.54
C SER B 131 -6.40 16.30 -33.34
N LYS B 132 -6.65 17.61 -33.44
CA LYS B 132 -7.79 18.14 -34.17
C LYS B 132 -7.68 17.84 -35.67
N GLY B 133 -6.45 17.84 -36.18
CA GLY B 133 -6.21 17.63 -37.60
C GLY B 133 -6.47 16.22 -38.07
N VAL B 134 -5.87 15.25 -37.40
CA VAL B 134 -5.98 13.85 -37.78
C VAL B 134 -7.41 13.33 -37.64
N ILE B 135 -8.07 13.72 -36.55
CA ILE B 135 -9.45 13.31 -36.31
C ILE B 135 -10.36 13.70 -37.46
N GLU B 136 -10.38 15.00 -37.78
CA GLU B 136 -11.19 15.49 -38.88
C GLU B 136 -10.66 14.99 -40.23
N GLY B 137 -9.37 14.70 -40.26
CA GLY B 137 -8.75 14.12 -41.45
C GLY B 137 -9.27 12.72 -41.69
N VAL B 138 -9.48 11.97 -40.61
CA VAL B 138 -10.05 10.63 -40.70
C VAL B 138 -11.49 10.71 -41.17
N LYS B 139 -12.27 11.58 -40.54
CA LYS B 139 -13.67 11.79 -40.90
C LYS B 139 -13.80 12.19 -42.37
N ARG B 140 -12.90 13.05 -42.83
CA ARG B 140 -12.92 13.54 -44.21
C ARG B 140 -12.69 12.39 -45.19
N ILE B 141 -11.66 11.60 -44.92
CA ILE B 141 -11.35 10.42 -45.73
C ILE B 141 -12.46 9.39 -45.64
N LYS B 142 -12.90 9.11 -44.41
CA LYS B 142 -13.91 8.09 -44.17
C LYS B 142 -15.27 8.47 -44.75
N ALA B 143 -15.46 9.77 -44.99
CA ALA B 143 -16.70 10.25 -45.59
C ALA B 143 -16.74 9.94 -47.08
N LYS B 144 -15.63 10.22 -47.76
CA LYS B 144 -15.52 10.01 -49.18
C LYS B 144 -15.50 8.52 -49.51
N TYR B 145 -14.69 7.77 -48.78
CA TYR B 145 -14.57 6.33 -48.99
C TYR B 145 -14.85 5.58 -47.69
N PRO B 146 -16.14 5.31 -47.42
CA PRO B 146 -16.59 4.65 -46.19
C PRO B 146 -16.05 3.23 -46.02
N GLU B 147 -15.80 2.54 -47.13
CA GLU B 147 -15.36 1.16 -47.09
C GLU B 147 -13.83 1.06 -47.06
N LEU B 148 -13.17 2.20 -47.16
CA LEU B 148 -11.71 2.27 -47.14
C LEU B 148 -11.15 2.08 -45.73
N GLN B 149 -10.15 1.21 -45.60
CA GLN B 149 -9.57 0.91 -44.30
C GLN B 149 -8.56 1.96 -43.87
N VAL B 150 -8.93 2.76 -42.87
CA VAL B 150 -8.06 3.82 -42.34
C VAL B 150 -7.37 3.37 -41.06
N ILE B 151 -6.06 3.61 -40.99
CA ILE B 151 -5.30 3.35 -39.78
C ILE B 151 -4.63 4.64 -39.29
N ALA B 152 -5.05 5.12 -38.12
CA ALA B 152 -4.59 6.41 -37.63
C ALA B 152 -3.54 6.28 -36.53
N GLY B 153 -2.53 7.15 -36.62
CA GLY B 153 -1.45 7.17 -35.65
C GLY B 153 -0.79 8.54 -35.63
N ASN B 154 0.00 8.81 -34.59
CA ASN B 154 0.28 7.86 -33.54
C ASN B 154 -0.21 8.34 -32.20
N ILE B 155 -0.66 7.42 -31.35
CA ILE B 155 -1.19 7.78 -30.06
C ILE B 155 -0.49 6.99 -28.96
N ALA B 156 -0.79 7.32 -27.70
CA ALA B 156 -0.21 6.57 -26.59
C ALA B 156 -1.18 6.41 -25.44
N THR B 157 -2.39 6.95 -25.58
CA THR B 157 -3.36 6.92 -24.48
C THR B 157 -4.67 6.27 -24.89
N PRO B 158 -5.36 5.66 -23.92
CA PRO B 158 -6.67 5.06 -24.17
C PRO B 158 -7.72 6.11 -24.53
N GLU B 159 -7.58 7.33 -24.01
CA GLU B 159 -8.51 8.40 -24.35
C GLU B 159 -8.41 8.75 -25.83
N ALA B 160 -7.20 8.62 -26.38
CA ALA B 160 -6.96 8.90 -27.78
C ALA B 160 -7.62 7.84 -28.67
N VAL B 161 -7.55 6.59 -28.22
CA VAL B 161 -8.18 5.49 -28.93
C VAL B 161 -9.69 5.72 -29.08
N ARG B 162 -10.30 6.24 -28.01
CA ARG B 162 -11.73 6.54 -28.02
C ARG B 162 -12.12 7.54 -29.12
N ASP B 163 -11.35 8.61 -29.24
CA ASP B 163 -11.67 9.67 -30.20
C ASP B 163 -11.38 9.28 -31.65
N LEU B 164 -10.43 8.36 -31.84
CA LEU B 164 -10.11 7.88 -33.17
C LEU B 164 -11.14 6.84 -33.60
N ALA B 165 -11.57 6.01 -32.65
CA ALA B 165 -12.65 5.07 -32.90
C ALA B 165 -13.95 5.81 -33.18
N GLU B 166 -14.13 6.94 -32.49
CA GLU B 166 -15.30 7.78 -32.68
C GLU B 166 -15.24 8.48 -34.05
N ALA B 167 -14.03 8.82 -34.48
CA ALA B 167 -13.84 9.51 -35.75
C ALA B 167 -14.12 8.60 -36.94
N GLY B 168 -13.81 7.30 -36.78
CA GLY B 168 -14.09 6.33 -37.82
C GLY B 168 -12.91 5.47 -38.23
N ALA B 169 -11.85 5.50 -37.43
CA ALA B 169 -10.67 4.70 -37.73
C ALA B 169 -10.95 3.21 -37.54
N ASP B 170 -10.47 2.40 -38.48
CA ASP B 170 -10.68 0.96 -38.41
C ASP B 170 -9.51 0.29 -37.70
N CYS B 171 -8.49 1.08 -37.39
CA CYS B 171 -7.31 0.58 -36.67
C CYS B 171 -6.52 1.76 -36.11
N VAL B 172 -5.66 1.47 -35.13
CA VAL B 172 -4.91 2.50 -34.42
C VAL B 172 -3.43 2.12 -34.29
N LYS B 173 -2.53 3.09 -34.45
CA LYS B 173 -1.10 2.84 -34.26
C LYS B 173 -0.62 3.44 -32.94
N VAL B 174 -0.02 2.60 -32.09
CA VAL B 174 0.37 2.99 -30.74
C VAL B 174 1.90 3.15 -30.60
N GLY B 175 2.32 4.24 -29.95
CA GLY B 175 3.73 4.46 -29.70
C GLY B 175 4.23 5.87 -29.99
N ILE B 176 4.54 6.62 -28.94
CA ILE B 176 5.13 7.94 -29.07
C ILE B 176 6.46 7.99 -28.31
N GLY B 177 7.54 8.04 -29.07
CA GLY B 177 8.89 8.01 -28.50
C GLY B 177 9.66 6.68 -28.42
N PRO B 178 9.08 5.56 -28.87
CA PRO B 178 9.92 4.38 -28.59
C PRO B 178 10.82 4.00 -29.75
N GLY B 179 10.74 4.73 -30.86
CA GLY B 179 11.50 4.41 -32.05
C GLY B 179 13.01 4.43 -31.83
N SER B 180 13.72 3.59 -32.56
CA SER B 180 15.17 3.51 -32.44
C SER B 180 15.85 4.77 -32.95
N ILE B 181 15.18 5.46 -33.88
CA ILE B 181 15.71 6.69 -34.44
C ILE B 181 14.98 7.90 -33.87
N CYS B 182 14.25 7.69 -32.79
CA CYS B 182 13.39 8.74 -32.25
C CYS B 182 14.05 9.55 -31.14
N THR B 183 13.69 10.83 -31.05
CA THR B 183 14.19 11.72 -30.02
C THR B 183 13.08 12.59 -29.43
N THR B 184 11.83 12.19 -29.66
CA THR B 184 10.68 12.96 -29.20
C THR B 184 10.67 13.12 -27.68
N ARG B 185 10.96 12.03 -26.97
CA ARG B 185 10.98 12.06 -25.51
C ARG B 185 12.11 12.91 -24.96
N ILE B 186 13.09 13.19 -25.80
CA ILE B 186 14.26 13.96 -25.39
C ILE B 186 14.11 15.44 -25.72
N VAL B 187 13.60 15.75 -26.90
CA VAL B 187 13.47 17.13 -27.35
C VAL B 187 12.11 17.74 -27.01
N ALA B 188 11.18 16.91 -26.52
CA ALA B 188 9.84 17.40 -26.18
C ALA B 188 9.38 16.90 -24.81
N GLY B 189 10.13 15.95 -24.25
CA GLY B 189 9.81 15.40 -22.95
C GLY B 189 8.45 14.71 -22.90
N VAL B 190 8.04 14.18 -24.04
CA VAL B 190 6.70 13.61 -24.19
C VAL B 190 6.77 12.16 -24.68
N GLY B 191 5.97 11.29 -24.07
CA GLY B 191 5.90 9.91 -24.50
C GLY B 191 5.54 8.95 -23.38
N VAL B 192 5.11 7.76 -23.75
CA VAL B 192 4.83 6.71 -22.80
C VAL B 192 5.65 5.48 -23.16
N PRO B 193 6.36 4.90 -22.17
CA PRO B 193 7.07 3.63 -22.34
C PRO B 193 6.20 2.61 -23.05
N GLN B 194 6.68 2.14 -24.20
CA GLN B 194 5.85 1.46 -25.21
C GLN B 194 4.94 0.36 -24.69
N LEU B 195 5.46 -0.55 -23.87
CA LEU B 195 4.67 -1.69 -23.41
C LEU B 195 3.42 -1.25 -22.67
N THR B 196 3.59 -0.39 -21.67
CA THR B 196 2.47 0.13 -20.91
C THR B 196 1.48 0.84 -21.83
N ALA B 197 2.01 1.63 -22.75
CA ALA B 197 1.19 2.36 -23.72
C ALA B 197 0.41 1.42 -24.62
N VAL B 198 1.02 0.29 -24.97
CA VAL B 198 0.38 -0.69 -25.84
C VAL B 198 -0.81 -1.35 -25.16
N MET B 199 -0.58 -1.95 -23.99
CA MET B 199 -1.64 -2.69 -23.30
C MET B 199 -2.70 -1.75 -22.73
N ASP B 200 -2.36 -0.48 -22.61
CA ASP B 200 -3.33 0.54 -22.20
C ASP B 200 -4.31 0.80 -23.34
N CYS B 201 -3.78 0.90 -24.54
CA CYS B 201 -4.58 1.22 -25.72
C CYS B 201 -5.17 -0.02 -26.36
N ALA B 202 -4.53 -1.16 -26.15
CA ALA B 202 -5.04 -2.43 -26.65
C ALA B 202 -6.32 -2.84 -25.92
N GLU B 203 -6.29 -2.71 -24.59
CA GLU B 203 -7.45 -3.05 -23.77
C GLU B 203 -8.62 -2.12 -24.07
N GLU B 204 -8.31 -0.84 -24.28
CA GLU B 204 -9.33 0.14 -24.64
C GLU B 204 -9.82 -0.12 -26.05
N GLY B 205 -8.98 -0.78 -26.86
CA GLY B 205 -9.33 -1.15 -28.21
C GLY B 205 -10.23 -2.36 -28.27
N LYS B 206 -10.07 -3.28 -27.31
CA LYS B 206 -10.89 -4.48 -27.25
C LYS B 206 -12.32 -4.13 -26.87
N LYS B 207 -12.47 -3.12 -26.02
CA LYS B 207 -13.77 -2.70 -25.52
C LYS B 207 -14.61 -2.06 -26.62
N LEU B 208 -13.95 -1.39 -27.55
CA LEU B 208 -14.64 -0.70 -28.64
C LEU B 208 -14.62 -1.55 -29.90
N GLY B 209 -13.73 -2.54 -29.92
CA GLY B 209 -13.66 -3.49 -31.02
C GLY B 209 -12.76 -3.06 -32.16
N ILE B 210 -11.74 -2.27 -31.85
CA ILE B 210 -10.78 -1.87 -32.87
C ILE B 210 -9.37 -2.34 -32.54
N PRO B 211 -8.67 -2.88 -33.55
CA PRO B 211 -7.29 -3.37 -33.44
C PRO B 211 -6.29 -2.23 -33.26
N VAL B 212 -5.26 -2.46 -32.44
CA VAL B 212 -4.22 -1.47 -32.23
C VAL B 212 -2.86 -2.03 -32.66
N ILE B 213 -1.96 -1.14 -33.07
CA ILE B 213 -0.65 -1.57 -33.56
C ILE B 213 0.49 -0.95 -32.75
N ALA B 214 1.48 -1.78 -32.42
CA ALA B 214 2.67 -1.30 -31.72
C ALA B 214 3.73 -0.86 -32.73
N ASP B 215 4.20 0.37 -32.58
CA ASP B 215 5.14 0.92 -33.55
C ASP B 215 6.42 1.41 -32.89
N GLY B 216 7.52 0.70 -33.12
CA GLY B 216 8.82 1.09 -32.59
C GLY B 216 9.17 0.39 -31.29
N GLY B 217 10.46 0.35 -30.97
CA GLY B 217 10.93 -0.19 -29.71
C GLY B 217 11.23 -1.68 -29.71
N LEU B 218 11.04 -2.33 -30.85
CA LEU B 218 11.25 -3.77 -30.95
C LEU B 218 12.63 -4.10 -31.52
N LYS B 219 13.41 -4.88 -30.77
CA LYS B 219 14.75 -5.25 -31.20
C LYS B 219 14.84 -6.73 -31.53
N TYR B 220 14.27 -7.56 -30.66
CA TYR B 220 14.31 -9.01 -30.83
C TYR B 220 12.92 -9.59 -31.04
N SER B 221 12.86 -10.87 -31.34
CA SER B 221 11.59 -11.55 -31.57
C SER B 221 10.76 -11.64 -30.28
N GLY B 222 11.44 -11.65 -29.15
CA GLY B 222 10.77 -11.76 -27.86
C GLY B 222 10.00 -10.52 -27.46
N ASP B 223 10.36 -9.39 -28.06
CA ASP B 223 9.69 -8.12 -27.78
C ASP B 223 8.34 -8.07 -28.47
N ILE B 224 8.29 -8.60 -29.70
CA ILE B 224 7.05 -8.69 -30.45
C ILE B 224 6.06 -9.58 -29.72
N VAL B 225 6.56 -10.67 -29.14
CA VAL B 225 5.75 -11.60 -28.37
C VAL B 225 5.07 -10.90 -27.19
N LYS B 226 5.83 -10.06 -26.50
CA LYS B 226 5.30 -9.30 -25.37
C LYS B 226 4.25 -8.30 -25.83
N ALA B 227 4.47 -7.70 -26.99
CA ALA B 227 3.54 -6.74 -27.56
C ALA B 227 2.23 -7.40 -27.92
N LEU B 228 2.30 -8.58 -28.53
CA LEU B 228 1.11 -9.33 -28.93
C LEU B 228 0.31 -9.78 -27.72
N ALA B 229 1.01 -10.30 -26.72
CA ALA B 229 0.38 -10.76 -25.48
C ALA B 229 -0.24 -9.59 -24.73
N ALA B 230 0.21 -8.37 -25.05
CA ALA B 230 -0.34 -7.17 -24.45
C ALA B 230 -1.62 -6.74 -25.16
N GLY B 231 -1.93 -7.41 -26.27
CA GLY B 231 -3.17 -7.17 -26.96
C GLY B 231 -3.04 -6.60 -28.37
N ALA B 232 -1.81 -6.33 -28.78
CA ALA B 232 -1.56 -5.76 -30.10
C ALA B 232 -1.94 -6.73 -31.20
N CYS B 233 -2.60 -6.22 -32.24
CA CYS B 233 -2.99 -7.04 -33.38
C CYS B 233 -1.78 -7.34 -34.26
N ALA B 234 -0.87 -6.37 -34.34
CA ALA B 234 0.33 -6.50 -35.15
C ALA B 234 1.45 -5.64 -34.61
N ALA B 235 2.65 -5.79 -35.19
CA ALA B 235 3.80 -5.02 -34.79
C ALA B 235 4.51 -4.44 -36.01
N MET B 236 4.81 -3.14 -35.95
CA MET B 236 5.48 -2.46 -37.05
C MET B 236 6.94 -2.20 -36.69
N MET B 237 7.83 -2.45 -37.64
CA MET B 237 9.27 -2.39 -37.37
C MET B 237 10.05 -1.61 -38.42
N GLY B 238 11.14 -0.98 -38.00
CA GLY B 238 11.99 -0.22 -38.90
C GLY B 238 13.41 -0.71 -38.95
N SER B 239 14.05 -0.78 -37.78
CA SER B 239 15.46 -1.16 -37.70
C SER B 239 15.70 -2.62 -38.09
N ILE B 240 14.76 -3.49 -37.76
CA ILE B 240 14.91 -4.92 -38.03
C ILE B 240 14.81 -5.19 -39.53
N PHE B 241 14.20 -4.27 -40.27
CA PHE B 241 13.99 -4.46 -41.70
C PHE B 241 14.89 -3.57 -42.56
N ALA B 242 15.39 -2.49 -41.97
CA ALA B 242 16.16 -1.49 -42.72
C ALA B 242 17.45 -2.03 -43.31
N GLY B 243 17.97 -3.10 -42.73
CA GLY B 243 19.22 -3.69 -43.18
C GLY B 243 19.02 -4.79 -44.19
N CYS B 244 17.83 -4.88 -44.75
CA CYS B 244 17.50 -5.92 -45.73
C CYS B 244 17.60 -5.38 -47.15
N GLU B 245 17.94 -6.27 -48.10
CA GLU B 245 18.14 -5.88 -49.49
C GLU B 245 16.88 -5.28 -50.12
N GLU B 246 15.72 -5.74 -49.67
CA GLU B 246 14.45 -5.26 -50.21
C GLU B 246 14.15 -3.83 -49.76
N ALA B 247 14.91 -3.35 -48.77
CA ALA B 247 14.76 -1.98 -48.28
C ALA B 247 15.51 -1.01 -49.19
N PRO B 248 15.00 0.23 -49.31
CA PRO B 248 15.61 1.26 -50.16
C PRO B 248 17.00 1.66 -49.68
N GLY B 249 17.67 2.52 -50.45
CA GLY B 249 19.01 2.95 -50.13
C GLY B 249 20.04 1.90 -50.49
N ALA B 250 21.12 2.33 -51.14
CA ALA B 250 22.17 1.41 -51.56
C ALA B 250 22.97 0.91 -50.37
N ILE B 251 23.86 -0.04 -50.62
CA ILE B 251 24.72 -0.59 -49.58
C ILE B 251 25.99 0.24 -49.45
N GLU B 252 26.29 0.67 -48.21
CA GLU B 252 27.52 1.38 -47.93
C GLU B 252 28.45 0.54 -47.07
N ILE B 253 29.73 0.54 -47.40
CA ILE B 253 30.71 -0.26 -46.66
C ILE B 253 31.65 0.62 -45.84
N TYR B 254 31.66 0.40 -44.53
CA TYR B 254 32.52 1.14 -43.63
C TYR B 254 33.27 0.19 -42.71
N GLN B 255 34.60 0.30 -42.72
CA GLN B 255 35.48 -0.58 -41.93
C GLN B 255 35.25 -2.05 -42.25
N GLY B 256 35.06 -2.35 -43.53
CA GLY B 256 34.89 -3.72 -43.98
C GLY B 256 33.46 -4.21 -43.99
N ARG B 257 32.70 -3.85 -42.97
CA ARG B 257 31.32 -4.31 -42.83
C ARG B 257 30.37 -3.55 -43.77
N SER B 258 29.22 -4.15 -44.04
CA SER B 258 28.23 -3.55 -44.94
C SER B 258 27.12 -2.88 -44.15
N TYR B 259 26.63 -1.76 -44.65
CA TYR B 259 25.56 -1.01 -43.98
C TYR B 259 24.50 -0.50 -44.94
N LYS B 260 23.35 -0.13 -44.39
CA LYS B 260 22.33 0.61 -45.12
C LYS B 260 21.95 1.84 -44.32
N VAL B 261 21.62 2.92 -45.02
CA VAL B 261 21.25 4.16 -44.34
C VAL B 261 19.88 4.00 -43.67
N TYR B 262 19.78 4.48 -42.43
CA TYR B 262 18.53 4.46 -41.70
C TYR B 262 18.36 5.77 -40.93
N ARG B 263 17.20 6.38 -41.07
CA ARG B 263 16.94 7.67 -40.44
C ARG B 263 15.44 7.89 -40.19
N GLY B 264 15.14 8.68 -39.18
CA GLY B 264 13.76 8.99 -38.86
C GLY B 264 13.16 9.94 -39.89
N MET B 265 11.83 9.97 -39.95
CA MET B 265 11.11 10.84 -40.88
C MET B 265 11.07 12.28 -40.36
N GLY B 266 11.59 12.50 -39.17
CA GLY B 266 11.61 13.82 -38.57
C GLY B 266 13.03 14.30 -38.35
N SER B 267 14.00 13.58 -38.90
CA SER B 267 15.39 14.03 -38.87
C SER B 267 15.60 15.06 -39.96
N LEU B 268 16.71 15.79 -39.89
CA LEU B 268 17.02 16.85 -40.84
C LEU B 268 16.99 16.37 -42.29
N GLY B 269 17.60 15.21 -42.54
CA GLY B 269 17.73 14.69 -43.89
C GLY B 269 16.43 14.28 -44.55
N ALA B 270 15.50 13.73 -43.76
CA ALA B 270 14.24 13.24 -44.30
C ALA B 270 13.31 14.37 -44.69
N MET B 271 13.36 15.47 -43.94
CA MET B 271 12.46 16.59 -44.16
C MET B 271 13.01 17.58 -45.19
N ALA B 272 13.57 17.05 -46.26
CA ALA B 272 14.13 17.86 -47.33
C ALA B 272 13.21 17.87 -48.55
N PHE B 287 9.62 23.62 -37.51
CA PHE B 287 9.70 22.48 -36.60
C PHE B 287 11.13 21.95 -36.51
N VAL B 288 11.64 21.83 -35.28
CA VAL B 288 12.96 21.28 -35.07
C VAL B 288 12.93 19.77 -35.19
N PRO B 289 14.06 19.13 -35.51
CA PRO B 289 14.07 17.67 -35.73
C PRO B 289 13.69 16.87 -34.48
N GLU B 290 12.98 15.78 -34.70
CA GLU B 290 12.60 14.87 -33.62
C GLU B 290 13.13 13.47 -33.91
N GLY B 291 14.16 13.41 -34.75
CA GLY B 291 14.78 12.14 -35.12
C GLY B 291 16.25 12.30 -35.45
N VAL B 292 16.95 11.18 -35.58
CA VAL B 292 18.36 11.20 -35.92
C VAL B 292 18.61 10.44 -37.23
N GLU B 293 19.85 10.50 -37.70
CA GLU B 293 20.24 9.74 -38.89
C GLU B 293 21.53 8.98 -38.65
N GLY B 294 21.54 7.72 -39.07
CA GLY B 294 22.73 6.88 -38.97
C GLY B 294 22.70 5.76 -39.97
N ARG B 295 23.40 4.66 -39.66
CA ARG B 295 23.44 3.50 -40.54
C ARG B 295 23.19 2.23 -39.72
N ILE B 296 22.68 1.20 -40.40
CA ILE B 296 22.38 -0.06 -39.74
C ILE B 296 23.12 -1.20 -40.42
N ALA B 297 23.36 -2.28 -39.69
CA ALA B 297 24.09 -3.42 -40.23
C ALA B 297 23.27 -4.17 -41.29
N TYR B 298 23.86 -4.33 -42.46
CA TYR B 298 23.20 -5.04 -43.57
C TYR B 298 22.94 -6.49 -43.18
N LYS B 299 21.68 -6.89 -43.20
CA LYS B 299 21.27 -8.21 -42.73
C LYS B 299 21.19 -9.26 -43.83
N GLY B 300 20.98 -8.82 -45.06
CA GLY B 300 20.80 -9.74 -46.17
C GLY B 300 19.36 -9.72 -46.66
N HIS B 301 18.86 -10.86 -47.10
CA HIS B 301 17.49 -10.94 -47.61
C HIS B 301 16.47 -10.97 -46.48
N LEU B 302 15.29 -10.41 -46.74
CA LEU B 302 14.23 -10.29 -45.75
C LEU B 302 13.73 -11.64 -45.25
N ALA B 303 13.61 -12.59 -46.16
CA ALA B 303 13.06 -13.91 -45.84
C ALA B 303 13.84 -14.63 -44.75
N ASP B 304 15.12 -14.28 -44.61
CA ASP B 304 15.97 -14.89 -43.59
C ASP B 304 15.74 -14.26 -42.21
N THR B 305 15.40 -12.97 -42.19
CA THR B 305 15.11 -12.29 -40.94
C THR B 305 13.73 -12.64 -40.42
N ILE B 306 12.75 -12.68 -41.33
CA ILE B 306 11.38 -13.01 -40.97
C ILE B 306 11.27 -14.44 -40.46
N TYR B 307 12.06 -15.34 -41.04
CA TYR B 307 12.08 -16.74 -40.60
C TYR B 307 12.49 -16.84 -39.13
N GLN B 308 13.39 -15.96 -38.72
CA GLN B 308 13.84 -15.94 -37.33
C GLN B 308 12.80 -15.30 -36.43
N LEU B 309 12.19 -14.22 -36.90
CA LEU B 309 11.16 -13.53 -36.13
C LEU B 309 9.95 -14.42 -35.92
N ILE B 310 9.49 -15.07 -36.98
CA ILE B 310 8.37 -16.00 -36.89
C ILE B 310 8.72 -17.18 -36.00
N GLY B 311 9.92 -17.72 -36.18
CA GLY B 311 10.38 -18.85 -35.40
C GLY B 311 10.47 -18.56 -33.92
N GLY B 312 10.76 -17.31 -33.58
CA GLY B 312 10.86 -16.89 -32.20
C GLY B 312 9.49 -16.68 -31.55
N ILE B 313 8.54 -16.17 -32.33
CA ILE B 313 7.19 -15.94 -31.84
C ILE B 313 6.49 -17.25 -31.54
N LYS B 314 6.60 -18.19 -32.48
CA LYS B 314 6.04 -19.54 -32.31
C LYS B 314 6.60 -20.22 -31.07
N SER B 315 7.88 -19.96 -30.79
CA SER B 315 8.54 -20.52 -29.62
C SER B 315 7.92 -20.01 -28.33
N GLY B 316 7.76 -18.69 -28.24
CA GLY B 316 7.20 -18.05 -27.06
C GLY B 316 5.77 -18.44 -26.79
N MET B 317 4.97 -18.53 -27.84
CA MET B 317 3.58 -18.91 -27.72
C MET B 317 3.45 -20.36 -27.26
N GLY B 318 4.41 -21.19 -27.66
CA GLY B 318 4.45 -22.57 -27.23
C GLY B 318 4.69 -22.66 -25.73
N TYR B 319 5.55 -21.78 -25.23
CA TYR B 319 5.80 -21.68 -23.80
C TYR B 319 4.52 -21.32 -23.04
N LEU B 320 3.73 -20.42 -23.62
CA LEU B 320 2.52 -19.93 -22.97
C LEU B 320 1.28 -20.71 -23.40
N GLY B 321 1.51 -21.83 -24.09
CA GLY B 321 0.44 -22.73 -24.49
C GLY B 321 -0.67 -22.10 -25.29
N ALA B 322 -0.31 -21.18 -26.18
CA ALA B 322 -1.30 -20.48 -27.00
C ALA B 322 -1.28 -20.98 -28.44
N PRO B 323 -2.41 -21.56 -28.88
CA PRO B 323 -2.55 -22.05 -30.27
C PRO B 323 -2.95 -20.94 -31.24
N THR B 324 -3.44 -19.82 -30.72
CA THR B 324 -3.78 -18.66 -31.54
C THR B 324 -3.36 -17.37 -30.85
N LEU B 325 -3.40 -16.26 -31.59
CA LEU B 325 -3.02 -14.96 -31.04
C LEU B 325 -4.09 -14.40 -30.11
N GLU B 326 -5.32 -14.83 -30.32
CA GLU B 326 -6.41 -14.45 -29.42
C GLU B 326 -6.24 -15.16 -28.08
N ASN B 327 -5.88 -16.44 -28.15
CA ASN B 327 -5.68 -17.26 -26.97
C ASN B 327 -4.49 -16.79 -26.14
N LEU B 328 -3.55 -16.12 -26.80
CA LEU B 328 -2.35 -15.63 -26.14
C LEU B 328 -2.66 -14.44 -25.24
N TYR B 329 -3.42 -13.48 -25.75
CA TYR B 329 -3.76 -12.27 -25.01
C TYR B 329 -4.52 -12.57 -23.72
N GLU B 330 -5.39 -13.57 -23.77
CA GLU B 330 -6.24 -13.91 -22.63
C GLU B 330 -5.45 -14.56 -21.50
N ASN B 331 -4.55 -15.48 -21.86
CA ASN B 331 -3.86 -16.29 -20.86
C ASN B 331 -2.39 -15.90 -20.66
N ALA B 332 -2.09 -14.62 -20.81
CA ALA B 332 -0.73 -14.14 -20.64
C ALA B 332 -0.58 -13.32 -19.36
N ASN B 333 0.44 -13.67 -18.57
CA ASN B 333 0.74 -12.92 -17.36
C ASN B 333 2.15 -12.35 -17.40
N PHE B 334 2.29 -11.09 -17.00
CA PHE B 334 3.57 -10.41 -17.02
C PHE B 334 4.18 -10.32 -15.62
N VAL B 335 5.50 -10.35 -15.56
CA VAL B 335 6.21 -10.12 -14.30
C VAL B 335 7.31 -9.07 -14.53
N VAL B 336 7.58 -8.25 -13.53
CA VAL B 336 8.54 -7.17 -13.68
C VAL B 336 9.92 -7.55 -13.18
N GLN B 337 10.93 -7.38 -14.04
CA GLN B 337 12.31 -7.64 -13.67
C GLN B 337 13.04 -6.33 -13.40
N THR B 338 14.14 -6.42 -12.66
CA THR B 338 14.96 -5.25 -12.38
C THR B 338 16.18 -5.23 -13.28
N SER B 339 17.10 -4.31 -13.02
CA SER B 339 18.34 -4.23 -13.78
C SER B 339 19.16 -5.50 -13.59
N ALA B 340 19.02 -6.13 -12.43
CA ALA B 340 19.69 -7.38 -12.14
C ALA B 340 19.11 -8.52 -12.96
N GLY B 341 17.78 -8.55 -13.03
CA GLY B 341 17.09 -9.59 -13.79
C GLY B 341 17.30 -9.45 -15.28
N PHE B 342 17.51 -8.22 -15.74
CA PHE B 342 17.72 -7.96 -17.16
C PHE B 342 19.09 -8.44 -17.62
N ARG B 343 20.07 -8.40 -16.71
CA ARG B 343 21.40 -8.90 -17.01
C ARG B 343 21.42 -10.42 -17.03
N GLU B 344 20.48 -11.02 -16.31
CA GLU B 344 20.36 -12.47 -16.25
C GLU B 344 19.62 -13.00 -17.47
N SER B 345 18.76 -12.17 -18.02
CA SER B 345 17.94 -12.55 -19.17
C SER B 345 18.77 -12.62 -20.47
N HIS B 346 19.87 -11.88 -20.50
CA HIS B 346 20.79 -11.94 -21.63
C HIS B 346 21.93 -12.89 -21.34
N PRO B 347 22.59 -13.41 -22.39
CA PRO B 347 23.82 -14.18 -22.21
C PRO B 347 24.85 -13.41 -21.39
N HIS B 348 25.41 -14.05 -20.38
CA HIS B 348 26.32 -13.38 -19.46
C HIS B 348 27.45 -14.30 -19.03
N ASP B 349 28.54 -13.70 -18.56
CA ASP B 349 29.69 -14.43 -18.03
C ASP B 349 30.28 -15.43 -19.02
N ILE B 350 30.08 -15.18 -20.32
CA ILE B 350 30.71 -16.01 -21.35
C ILE B 350 31.15 -15.14 -22.53
N ASN B 351 32.20 -15.58 -23.22
CA ASN B 351 32.69 -14.87 -24.40
C ASN B 351 32.15 -15.50 -25.67
N ILE B 352 31.17 -14.84 -26.29
CA ILE B 352 30.51 -15.37 -27.47
C ILE B 352 31.44 -15.33 -28.69
N THR B 353 31.58 -16.47 -29.35
CA THR B 353 32.54 -16.60 -30.44
C THR B 353 31.91 -17.01 -31.77
N LYS B 354 30.64 -17.40 -31.74
CA LYS B 354 29.94 -17.78 -32.95
C LYS B 354 28.64 -17.00 -33.12
N GLU B 355 28.41 -16.51 -34.34
CA GLU B 355 27.27 -15.65 -34.63
C GLU B 355 25.93 -16.37 -34.56
N ALA B 356 25.03 -15.82 -33.75
CA ALA B 356 23.66 -16.32 -33.66
C ALA B 356 22.78 -15.60 -34.69
N PRO B 357 21.77 -16.31 -35.22
CA PRO B 357 20.91 -15.73 -36.25
C PRO B 357 19.75 -14.92 -35.67
N ASN B 358 19.62 -14.90 -34.35
CA ASN B 358 18.56 -14.16 -33.71
C ASN B 358 19.05 -13.36 -32.50
N TYR B 359 20.37 -13.28 -32.34
CA TYR B 359 20.95 -12.52 -31.23
C TYR B 359 22.22 -11.80 -31.67
N SER B 360 22.58 -10.76 -30.91
CA SER B 360 23.77 -9.97 -31.18
C SER B 360 25.04 -10.82 -31.21
N ARG C 6 10.12 -14.91 2.25
CA ARG C 6 10.59 -14.26 3.48
C ARG C 6 11.43 -13.03 3.19
N ILE C 7 10.99 -12.20 2.24
CA ILE C 7 11.70 -10.97 1.90
C ILE C 7 11.11 -9.79 2.67
N LEU C 8 11.92 -9.22 3.55
CA LEU C 8 11.43 -8.22 4.49
C LEU C 8 11.15 -6.88 3.81
N LYS C 9 12.19 -6.32 3.23
CA LYS C 9 12.16 -4.94 2.76
C LYS C 9 13.29 -4.68 1.79
N THR C 10 13.28 -3.47 1.22
CA THR C 10 14.39 -3.00 0.41
C THR C 10 15.32 -2.17 1.27
N ALA C 11 16.59 -2.56 1.33
CA ALA C 11 17.57 -1.85 2.14
C ALA C 11 18.48 -1.00 1.26
N TYR C 12 18.81 0.19 1.74
CA TYR C 12 19.56 1.15 0.95
C TYR C 12 20.97 1.37 1.46
N THR C 13 21.85 1.80 0.57
CA THR C 13 23.18 2.24 0.95
C THR C 13 23.19 3.76 0.93
N PHE C 14 24.38 4.36 1.05
CA PHE C 14 24.49 5.81 1.10
C PHE C 14 24.18 6.45 -0.25
N ASP C 15 24.46 5.73 -1.33
CA ASP C 15 24.25 6.26 -2.67
C ASP C 15 22.78 6.32 -3.06
N ASP C 16 21.96 5.49 -2.41
CA ASP C 16 20.53 5.46 -2.69
C ASP C 16 19.81 6.66 -2.08
N VAL C 17 20.47 7.35 -1.17
CA VAL C 17 19.80 8.32 -0.34
C VAL C 17 20.39 9.73 -0.41
N LEU C 18 19.59 10.72 -0.03
CA LEU C 18 20.02 12.11 0.01
C LEU C 18 19.38 12.84 1.18
N LEU C 19 20.14 13.73 1.81
CA LEU C 19 19.65 14.50 2.94
C LEU C 19 18.94 15.78 2.47
N VAL C 20 17.74 16.00 2.98
CA VAL C 20 16.95 17.17 2.64
C VAL C 20 17.36 18.34 3.52
N PRO C 21 17.63 19.52 2.91
CA PRO C 21 18.06 20.71 3.64
C PRO C 21 17.08 21.15 4.72
N ASN C 22 17.59 21.82 5.75
CA ASN C 22 16.78 22.33 6.83
C ASN C 22 16.98 23.83 7.02
N LYS C 23 16.06 24.46 7.75
CA LYS C 23 16.23 25.86 8.14
C LYS C 23 17.49 25.95 9.00
N SER C 24 18.39 26.86 8.65
CA SER C 24 19.70 26.91 9.29
C SER C 24 20.10 28.30 9.77
N GLU C 25 20.39 28.42 11.05
CA GLU C 25 20.89 29.67 11.62
C GLU C 25 22.37 29.51 12.01
N VAL C 26 23.03 28.55 11.38
CA VAL C 26 24.41 28.25 11.70
C VAL C 26 25.24 28.05 10.42
N LEU C 27 26.48 28.53 10.45
CA LEU C 27 27.38 28.43 9.31
C LEU C 27 28.30 27.21 9.45
N PRO C 28 28.80 26.68 8.31
CA PRO C 28 29.64 25.48 8.28
C PRO C 28 30.82 25.48 9.28
N ASN C 29 31.38 26.65 9.55
CA ASN C 29 32.51 26.73 10.46
C ASN C 29 32.10 27.02 11.91
N GLU C 30 30.80 27.08 12.15
CA GLU C 30 30.29 27.33 13.49
C GLU C 30 29.83 26.04 14.17
N VAL C 31 29.82 24.94 13.41
CA VAL C 31 29.34 23.67 13.94
C VAL C 31 30.44 22.91 14.67
N SER C 32 30.05 22.06 15.62
CA SER C 32 31.00 21.31 16.42
C SER C 32 30.96 19.82 16.10
N LEU C 33 32.13 19.22 15.89
CA LEU C 33 32.21 17.81 15.51
C LEU C 33 32.49 16.89 16.69
N LYS C 34 32.39 17.43 17.91
CA LYS C 34 32.59 16.62 19.11
C LYS C 34 31.60 15.47 19.16
N THR C 35 32.08 14.28 19.50
CA THR C 35 31.21 13.10 19.52
C THR C 35 31.51 12.18 20.69
N GLN C 36 30.68 11.16 20.85
CA GLN C 36 30.79 10.24 21.98
C GLN C 36 31.05 8.82 21.49
N LEU C 37 32.32 8.44 21.41
CA LEU C 37 32.72 7.11 20.95
C LEU C 37 32.16 6.04 21.87
N THR C 38 32.42 6.18 23.17
CA THR C 38 31.71 5.42 24.18
C THR C 38 31.22 6.40 25.25
N LYS C 39 30.84 5.87 26.40
CA LYS C 39 30.37 6.72 27.50
C LYS C 39 31.48 7.63 28.01
N LYS C 40 32.71 7.15 27.97
CA LYS C 40 33.83 7.86 28.59
C LYS C 40 34.87 8.37 27.58
N ILE C 41 34.82 7.87 26.35
CA ILE C 41 35.76 8.30 25.33
C ILE C 41 35.11 9.31 24.38
N GLN C 42 35.75 10.47 24.24
CA GLN C 42 35.26 11.54 23.37
C GLN C 42 36.22 11.79 22.22
N LEU C 43 35.67 12.06 21.04
CA LEU C 43 36.48 12.42 19.88
C LEU C 43 36.13 13.83 19.41
N ASN C 44 37.15 14.59 19.01
CA ASN C 44 36.93 15.93 18.46
C ASN C 44 36.36 15.84 17.03
N ILE C 45 36.80 14.84 16.28
CA ILE C 45 36.19 14.55 14.99
C ILE C 45 35.75 13.08 14.96
N PRO C 46 34.55 12.82 14.44
CA PRO C 46 33.95 11.48 14.48
C PRO C 46 34.50 10.53 13.41
N LEU C 47 35.82 10.42 13.32
CA LEU C 47 36.45 9.58 12.30
C LEU C 47 37.46 8.62 12.90
N MET C 48 37.42 7.36 12.47
CA MET C 48 38.39 6.36 12.90
C MET C 48 39.02 5.66 11.70
N SER C 49 40.28 5.25 11.85
CA SER C 49 40.96 4.49 10.80
C SER C 49 40.81 2.99 11.05
N ALA C 50 40.57 2.24 9.98
CA ALA C 50 40.32 0.80 10.07
C ALA C 50 41.51 0.04 10.66
N SER C 51 41.22 -1.03 11.40
CA SER C 51 42.26 -1.86 11.97
C SER C 51 42.71 -2.93 10.98
N MET C 52 43.41 -2.48 9.95
CA MET C 52 43.90 -3.39 8.91
C MET C 52 45.41 -3.23 8.78
N ASP C 53 46.09 -4.24 8.24
CA ASP C 53 47.54 -4.23 8.18
C ASP C 53 48.08 -3.24 7.14
N THR C 54 47.21 -2.77 6.27
CA THR C 54 47.60 -1.82 5.23
C THR C 54 47.10 -0.42 5.53
N VAL C 55 46.48 -0.23 6.70
CA VAL C 55 45.89 1.07 7.01
C VAL C 55 46.45 1.70 8.28
N THR C 56 46.38 0.97 9.39
CA THR C 56 46.71 1.57 10.67
C THR C 56 47.76 0.86 11.49
N GLU C 57 48.86 1.57 11.72
CA GLU C 57 49.85 1.15 12.70
C GLU C 57 50.19 2.40 13.49
N SER C 58 51.28 2.37 14.24
CA SER C 58 51.61 3.46 15.15
C SER C 58 51.57 4.83 14.47
N LYS C 59 52.24 4.94 13.33
CA LYS C 59 52.35 6.22 12.62
C LYS C 59 50.99 6.77 12.20
N MET C 60 50.09 5.88 11.80
CA MET C 60 48.73 6.27 11.42
C MET C 60 47.91 6.66 12.65
N ALA C 61 48.02 5.87 13.71
CA ALA C 61 47.26 6.10 14.93
C ALA C 61 47.68 7.41 15.61
N ILE C 62 48.99 7.68 15.59
CA ILE C 62 49.51 8.93 16.12
C ILE C 62 48.95 10.12 15.33
N ALA C 63 48.82 9.92 14.02
CA ALA C 63 48.32 10.97 13.14
C ALA C 63 46.82 11.20 13.30
N MET C 64 46.07 10.12 13.43
CA MET C 64 44.62 10.21 13.62
C MET C 64 44.26 10.89 14.94
N ALA C 65 45.02 10.56 15.98
CA ALA C 65 44.74 11.09 17.31
C ALA C 65 44.95 12.60 17.39
N ARG C 66 46.01 13.08 16.75
CA ARG C 66 46.31 14.51 16.75
C ARG C 66 45.25 15.30 15.98
N GLU C 67 44.75 14.70 14.90
CA GLU C 67 43.79 15.37 14.04
C GLU C 67 42.41 15.47 14.70
N GLY C 68 42.22 14.70 15.77
CA GLY C 68 40.98 14.77 16.53
C GLY C 68 40.28 13.44 16.67
N GLY C 69 40.60 12.50 15.78
CA GLY C 69 39.98 11.20 15.79
C GLY C 69 40.78 10.18 16.58
N ILE C 70 40.72 8.93 16.13
CA ILE C 70 41.45 7.84 16.77
C ILE C 70 41.80 6.75 15.76
N GLY C 71 42.91 6.06 16.00
CA GLY C 71 43.32 4.98 15.12
C GLY C 71 43.32 3.65 15.85
N ILE C 72 42.97 2.59 15.13
CA ILE C 72 42.94 1.26 15.72
C ILE C 72 44.06 0.39 15.14
N ILE C 73 45.05 0.09 15.96
CA ILE C 73 46.15 -0.76 15.55
C ILE C 73 45.68 -2.18 15.28
N HIS C 74 46.07 -2.73 14.14
CA HIS C 74 45.66 -4.07 13.76
C HIS C 74 46.31 -5.15 14.62
N LYS C 75 45.69 -6.32 14.63
CA LYS C 75 46.16 -7.43 15.44
C LYS C 75 46.91 -8.48 14.62
N ASN C 76 47.23 -8.13 13.38
CA ASN C 76 47.94 -9.06 12.49
C ASN C 76 49.43 -9.10 12.79
N MET C 77 49.78 -9.28 14.05
CA MET C 77 51.17 -9.27 14.46
C MET C 77 51.36 -9.91 15.84
N THR C 78 52.58 -9.84 16.36
CA THR C 78 52.89 -10.41 17.66
C THR C 78 52.25 -9.59 18.78
N ILE C 79 51.79 -10.29 19.82
CA ILE C 79 51.24 -9.66 21.02
C ILE C 79 52.20 -8.62 21.60
N GLU C 80 53.49 -8.95 21.59
CA GLU C 80 54.51 -8.01 22.05
C GLU C 80 54.54 -6.79 21.14
N ASP C 81 54.44 -7.04 19.84
CA ASP C 81 54.50 -5.98 18.85
C ASP C 81 53.35 -4.99 19.02
N GLN C 82 52.14 -5.51 19.15
CA GLN C 82 50.97 -4.67 19.26
C GLN C 82 51.04 -3.78 20.50
N ALA C 83 51.52 -4.33 21.60
CA ALA C 83 51.70 -3.55 22.82
C ALA C 83 52.83 -2.53 22.63
N ARG C 84 53.79 -2.88 21.77
CA ARG C 84 54.89 -1.98 21.46
C ARG C 84 54.41 -0.81 20.62
N GLU C 85 53.51 -1.10 19.68
CA GLU C 85 52.90 -0.07 18.84
C GLU C 85 52.04 0.86 19.69
N VAL C 86 51.18 0.27 20.51
CA VAL C 86 50.29 1.03 21.39
C VAL C 86 51.08 1.94 22.33
N ASP C 87 52.19 1.43 22.85
CA ASP C 87 53.05 2.21 23.73
C ASP C 87 53.62 3.42 22.99
N ARG C 88 54.03 3.22 21.75
CA ARG C 88 54.55 4.31 20.92
C ARG C 88 53.51 5.42 20.75
N VAL C 89 52.26 5.03 20.57
CA VAL C 89 51.19 5.99 20.39
C VAL C 89 50.87 6.72 21.70
N LYS C 90 50.84 5.96 22.79
CA LYS C 90 50.47 6.51 24.09
C LYS C 90 51.50 7.48 24.66
N ARG C 91 52.77 7.15 24.53
CA ARG C 91 53.83 7.98 25.10
C ARG C 91 54.07 9.23 24.26
N SER C 92 53.35 9.37 23.16
CA SER C 92 53.51 10.50 22.27
C SER C 92 52.71 11.73 22.74
N GLY C 93 52.22 11.69 23.97
CA GLY C 93 51.58 12.85 24.56
C GLY C 93 50.08 12.72 24.82
N GLY C 94 49.69 11.64 25.49
CA GLY C 94 48.31 11.42 25.87
C GLY C 94 47.36 11.33 24.69
N LEU C 95 47.67 10.47 23.74
CA LEU C 95 46.83 10.28 22.56
C LEU C 95 45.96 9.04 22.70
N LEU C 96 44.69 9.17 22.35
CA LEU C 96 43.76 8.04 22.35
C LEU C 96 44.26 6.97 21.38
N CYS C 97 44.32 5.73 21.84
CA CYS C 97 44.78 4.63 20.99
C CYS C 97 43.89 3.41 21.14
N GLY C 98 43.61 2.75 20.03
CA GLY C 98 42.80 1.55 20.03
C GLY C 98 43.56 0.35 19.52
N ALA C 99 43.27 -0.81 20.09
CA ALA C 99 43.90 -2.05 19.66
C ALA C 99 42.84 -3.10 19.36
N SER C 100 42.85 -3.60 18.13
CA SER C 100 41.91 -4.63 17.73
C SER C 100 42.34 -5.99 18.28
N ILE C 101 41.38 -6.76 18.75
CA ILE C 101 41.67 -8.08 19.30
C ILE C 101 40.91 -9.15 18.54
N GLY C 102 41.58 -10.25 18.20
CA GLY C 102 40.92 -11.37 17.57
C GLY C 102 40.19 -12.21 18.61
N VAL C 103 39.26 -13.03 18.15
CA VAL C 103 38.54 -13.93 19.03
C VAL C 103 39.25 -15.29 19.06
N THR C 104 40.43 -15.32 19.66
CA THR C 104 41.28 -16.49 19.60
C THR C 104 41.53 -17.15 20.94
N ASN C 105 42.29 -18.24 20.91
CA ASN C 105 42.69 -18.97 22.10
C ASN C 105 43.42 -18.09 23.11
N ASP C 106 44.27 -17.21 22.60
CA ASP C 106 45.08 -16.34 23.44
C ASP C 106 44.50 -14.93 23.45
N MET C 107 43.17 -14.84 23.40
CA MET C 107 42.47 -13.57 23.34
C MET C 107 42.85 -12.67 24.52
N MET C 108 42.77 -13.22 25.73
CA MET C 108 43.07 -12.46 26.94
C MET C 108 44.54 -12.03 27.00
N GLU C 109 45.45 -12.98 26.81
CA GLU C 109 46.88 -12.69 26.84
C GLU C 109 47.26 -11.51 25.94
N ARG C 110 46.59 -11.41 24.80
CA ARG C 110 46.81 -10.28 23.90
C ARG C 110 46.26 -9.01 24.49
N VAL C 111 45.07 -9.10 25.08
CA VAL C 111 44.45 -7.97 25.76
C VAL C 111 45.36 -7.47 26.90
N ASP C 112 45.66 -8.33 27.89
CA ASP C 112 46.50 -7.95 29.04
C ASP C 112 47.70 -7.08 28.67
N ALA C 113 48.30 -7.34 27.52
CA ALA C 113 49.47 -6.62 27.07
C ALA C 113 49.15 -5.16 26.75
N VAL C 114 48.04 -4.91 26.07
CA VAL C 114 47.72 -3.55 25.64
C VAL C 114 47.07 -2.70 26.74
N VAL C 115 46.42 -3.33 27.73
CA VAL C 115 45.91 -2.56 28.86
C VAL C 115 47.09 -2.11 29.73
N LYS C 116 48.19 -2.86 29.64
CA LYS C 116 49.42 -2.49 30.34
C LYS C 116 50.14 -1.37 29.61
N ALA C 117 49.98 -1.34 28.29
CA ALA C 117 50.57 -0.29 27.47
C ALA C 117 49.67 0.95 27.43
N LYS C 118 48.66 0.94 28.31
CA LYS C 118 47.74 2.06 28.51
C LYS C 118 46.81 2.34 27.32
N VAL C 119 46.34 1.29 26.66
CA VAL C 119 45.38 1.47 25.57
C VAL C 119 44.08 2.03 26.13
N ASP C 120 43.36 2.82 25.32
CA ASP C 120 42.15 3.48 25.79
C ASP C 120 40.89 2.70 25.40
N VAL C 121 40.92 2.09 24.21
CA VAL C 121 39.77 1.32 23.77
C VAL C 121 40.22 -0.01 23.13
N ILE C 122 39.34 -1.00 23.21
CA ILE C 122 39.57 -2.32 22.63
C ILE C 122 38.41 -2.65 21.71
N VAL C 123 38.71 -3.12 20.51
CA VAL C 123 37.65 -3.54 19.59
C VAL C 123 37.78 -5.02 19.25
N LEU C 124 36.69 -5.75 19.44
CA LEU C 124 36.62 -7.18 19.14
C LEU C 124 35.99 -7.39 17.78
N ASP C 125 36.80 -7.33 16.72
CA ASP C 125 36.28 -7.44 15.37
C ASP C 125 36.47 -8.83 14.78
N THR C 126 35.35 -9.50 14.54
CA THR C 126 35.34 -10.76 13.80
C THR C 126 34.42 -10.58 12.61
N ALA C 127 34.46 -11.53 11.68
CA ALA C 127 33.61 -11.45 10.49
C ALA C 127 32.13 -11.47 10.85
N HIS C 128 31.81 -12.12 11.96
CA HIS C 128 30.44 -12.23 12.43
C HIS C 128 30.35 -11.96 13.93
N GLY C 129 30.13 -10.70 14.30
CA GLY C 129 30.13 -10.29 15.68
C GLY C 129 28.94 -10.74 16.49
N HIS C 130 27.95 -11.33 15.81
CA HIS C 130 26.75 -11.81 16.48
C HIS C 130 26.82 -13.32 16.69
N SER C 131 27.89 -13.78 17.32
CA SER C 131 28.08 -15.20 17.57
C SER C 131 28.50 -15.49 19.00
N LYS C 132 28.63 -16.77 19.32
CA LYS C 132 28.94 -17.21 20.68
C LYS C 132 30.31 -16.74 21.15
N GLY C 133 31.28 -16.79 20.25
CA GLY C 133 32.66 -16.41 20.58
C GLY C 133 32.80 -14.96 20.99
N VAL C 134 32.18 -14.06 20.22
CA VAL C 134 32.27 -12.64 20.51
C VAL C 134 31.56 -12.31 21.82
N ILE C 135 30.33 -12.81 21.97
CA ILE C 135 29.51 -12.53 23.14
C ILE C 135 30.18 -12.98 24.43
N GLU C 136 30.60 -14.25 24.48
CA GLU C 136 31.28 -14.75 25.66
C GLU C 136 32.71 -14.21 25.76
N GLY C 137 33.23 -13.71 24.64
CA GLY C 137 34.52 -13.07 24.62
C GLY C 137 34.48 -11.73 25.31
N VAL C 138 33.51 -10.90 24.95
CA VAL C 138 33.34 -9.59 25.57
C VAL C 138 33.12 -9.73 27.07
N LYS C 139 32.35 -10.74 27.46
CA LYS C 139 32.07 -11.01 28.87
C LYS C 139 33.33 -11.44 29.62
N ARG C 140 34.20 -12.18 28.94
CA ARG C 140 35.46 -12.60 29.53
C ARG C 140 36.37 -11.40 29.76
N ILE C 141 36.28 -10.43 28.84
CA ILE C 141 37.10 -9.22 28.92
C ILE C 141 36.55 -8.25 29.97
N LYS C 142 35.24 -8.06 29.98
CA LYS C 142 34.62 -7.12 30.92
C LYS C 142 34.65 -7.67 32.34
N ALA C 143 34.81 -8.98 32.48
CA ALA C 143 34.93 -9.60 33.79
C ALA C 143 36.24 -9.20 34.47
N LYS C 144 37.33 -9.26 33.71
CA LYS C 144 38.63 -8.88 34.23
C LYS C 144 38.83 -7.36 34.19
N TYR C 145 38.24 -6.73 33.19
CA TYR C 145 38.36 -5.29 33.04
C TYR C 145 36.99 -4.63 32.90
N PRO C 146 36.33 -4.35 34.04
CA PRO C 146 35.01 -3.71 34.05
C PRO C 146 35.04 -2.27 33.55
N GLU C 147 36.20 -1.63 33.62
CA GLU C 147 36.33 -0.22 33.26
C GLU C 147 36.87 -0.04 31.85
N LEU C 148 37.30 -1.13 31.21
CA LEU C 148 37.87 -1.06 29.87
C LEU C 148 36.79 -0.90 28.81
N GLN C 149 36.91 0.14 28.00
CA GLN C 149 35.96 0.39 26.92
C GLN C 149 36.13 -0.63 25.80
N VAL C 150 35.07 -1.38 25.53
CA VAL C 150 35.13 -2.44 24.53
C VAL C 150 34.19 -2.15 23.36
N ILE C 151 34.70 -2.36 22.14
CA ILE C 151 33.89 -2.23 20.94
C ILE C 151 33.74 -3.61 20.27
N ALA C 152 32.51 -4.01 20.02
CA ALA C 152 32.27 -5.33 19.42
C ALA C 152 31.67 -5.21 18.03
N GLY C 153 31.99 -6.16 17.16
CA GLY C 153 31.49 -6.16 15.80
C GLY C 153 32.06 -7.29 14.97
N ASN C 154 31.65 -7.38 13.72
CA ASN C 154 30.68 -6.45 13.14
C ASN C 154 29.27 -7.01 13.12
N ILE C 155 28.28 -6.14 13.24
CA ILE C 155 26.88 -6.55 13.23
C ILE C 155 26.10 -5.76 12.21
N ALA C 156 24.89 -6.21 11.92
CA ALA C 156 24.04 -5.53 10.93
C ALA C 156 22.56 -5.55 11.32
N THR C 157 22.27 -6.10 12.49
CA THR C 157 20.89 -6.19 12.95
C THR C 157 20.73 -5.60 14.34
N PRO C 158 19.59 -4.92 14.58
CA PRO C 158 19.32 -4.34 15.91
C PRO C 158 19.23 -5.43 16.97
N GLU C 159 18.95 -6.66 16.54
CA GLU C 159 18.90 -7.78 17.46
C GLU C 159 20.29 -8.06 18.03
N ALA C 160 21.30 -7.80 17.20
CA ALA C 160 22.69 -8.05 17.59
C ALA C 160 23.21 -6.94 18.51
N VAL C 161 22.59 -5.77 18.42
CA VAL C 161 22.94 -4.67 19.30
C VAL C 161 22.52 -5.01 20.72
N ARG C 162 21.35 -5.62 20.87
CA ARG C 162 20.85 -6.06 22.17
C ARG C 162 21.76 -7.13 22.76
N ASP C 163 22.11 -8.12 21.95
CA ASP C 163 22.92 -9.25 22.39
C ASP C 163 24.31 -8.82 22.86
N LEU C 164 24.85 -7.79 22.22
CA LEU C 164 26.19 -7.32 22.58
C LEU C 164 26.14 -6.26 23.68
N ALA C 165 25.04 -5.53 23.76
CA ALA C 165 24.87 -4.54 24.81
C ALA C 165 24.71 -5.21 26.16
N GLU C 166 24.03 -6.36 26.16
CA GLU C 166 23.85 -7.12 27.39
C GLU C 166 25.14 -7.82 27.77
N ALA C 167 25.98 -8.08 26.77
CA ALA C 167 27.26 -8.73 26.99
C ALA C 167 28.22 -7.82 27.74
N GLY C 168 28.06 -6.51 27.56
CA GLY C 168 28.87 -5.54 28.25
C GLY C 168 29.66 -4.62 27.33
N ALA C 169 29.39 -4.71 26.02
CA ALA C 169 30.06 -3.87 25.04
C ALA C 169 29.63 -2.42 25.22
N ASP C 170 30.61 -1.52 25.22
CA ASP C 170 30.34 -0.10 25.40
C ASP C 170 30.04 0.58 24.07
N CYS C 171 30.22 -0.15 22.99
CA CYS C 171 29.96 0.35 21.64
C CYS C 171 29.95 -0.81 20.64
N VAL C 172 29.22 -0.65 19.54
CA VAL C 172 29.18 -1.69 18.51
C VAL C 172 29.56 -1.15 17.14
N LYS C 173 30.29 -1.97 16.39
CA LYS C 173 30.72 -1.57 15.05
C LYS C 173 29.83 -2.22 14.01
N VAL C 174 29.28 -1.40 13.12
CA VAL C 174 28.30 -1.89 12.16
C VAL C 174 28.86 -2.02 10.76
N GLY C 175 28.57 -3.13 10.10
CA GLY C 175 28.89 -3.29 8.70
C GLY C 175 29.30 -4.68 8.30
N ILE C 176 28.42 -5.36 7.57
CA ILE C 176 28.75 -6.65 7.00
C ILE C 176 28.81 -6.55 5.48
N GLY C 177 30.01 -6.60 4.94
CA GLY C 177 30.23 -6.51 3.51
C GLY C 177 30.04 -5.20 2.77
N PRO C 178 30.31 -4.04 3.41
CA PRO C 178 30.21 -2.83 2.61
C PRO C 178 31.59 -2.31 2.17
N GLY C 179 32.66 -3.00 2.59
CA GLY C 179 34.01 -2.54 2.34
C GLY C 179 34.41 -2.53 0.87
N SER C 180 35.31 -1.62 0.52
CA SER C 180 35.78 -1.47 -0.85
C SER C 180 36.53 -2.71 -1.35
N ILE C 181 37.06 -3.49 -0.42
CA ILE C 181 37.82 -4.69 -0.77
C ILE C 181 37.09 -5.97 -0.38
N CYS C 182 35.89 -5.82 0.18
CA CYS C 182 35.12 -6.96 0.65
C CYS C 182 34.47 -7.77 -0.46
N THR C 183 34.26 -9.06 -0.20
CA THR C 183 33.56 -9.95 -1.13
C THR C 183 32.56 -10.85 -0.41
N THR C 184 32.28 -10.53 0.86
CA THR C 184 31.40 -11.35 1.68
C THR C 184 30.01 -11.47 1.07
N ARG C 185 29.46 -10.36 0.60
CA ARG C 185 28.16 -10.34 -0.05
C ARG C 185 28.16 -11.25 -1.28
N ILE C 186 29.34 -11.44 -1.85
CA ILE C 186 29.48 -12.18 -3.10
C ILE C 186 29.78 -13.65 -2.87
N VAL C 187 30.67 -13.94 -1.93
CA VAL C 187 31.09 -15.32 -1.68
C VAL C 187 30.26 -16.02 -0.60
N ALA C 188 29.59 -15.24 0.23
CA ALA C 188 28.75 -15.82 1.29
C ALA C 188 27.27 -15.54 1.04
N GLY C 189 26.99 -14.42 0.38
CA GLY C 189 25.63 -14.04 0.10
C GLY C 189 24.97 -13.33 1.26
N VAL C 190 25.76 -13.10 2.31
CA VAL C 190 25.26 -12.46 3.52
C VAL C 190 25.67 -10.99 3.56
N GLY C 191 24.86 -10.16 4.20
CA GLY C 191 25.16 -8.75 4.34
C GLY C 191 23.94 -7.87 4.25
N VAL C 192 24.02 -6.69 4.85
CA VAL C 192 22.93 -5.71 4.80
C VAL C 192 23.48 -4.35 4.35
N PRO C 193 22.83 -3.74 3.34
CA PRO C 193 23.18 -2.41 2.84
C PRO C 193 23.40 -1.42 3.97
N GLN C 194 24.50 -0.68 3.89
CA GLN C 194 25.09 -0.01 5.06
C GLN C 194 24.26 1.12 5.66
N LEU C 195 23.56 1.89 4.85
CA LEU C 195 22.73 2.96 5.41
C LEU C 195 21.59 2.38 6.23
N THR C 196 20.91 1.38 5.68
CA THR C 196 19.82 0.70 6.39
C THR C 196 20.34 0.04 7.66
N ALA C 197 21.50 -0.59 7.55
CA ALA C 197 22.11 -1.28 8.68
C ALA C 197 22.44 -0.31 9.81
N VAL C 198 23.03 0.83 9.48
CA VAL C 198 23.42 1.82 10.47
C VAL C 198 22.18 2.48 11.09
N MET C 199 21.17 2.76 10.27
CA MET C 199 19.94 3.36 10.76
C MET C 199 19.23 2.47 11.78
N ASP C 200 19.12 1.19 11.47
CA ASP C 200 18.44 0.25 12.35
C ASP C 200 19.19 0.03 13.67
N CYS C 201 20.50 -0.18 13.57
CA CYS C 201 21.31 -0.46 14.74
C CYS C 201 21.47 0.76 15.65
N ALA C 202 21.45 1.95 15.05
CA ALA C 202 21.57 3.19 15.82
C ALA C 202 20.33 3.42 16.68
N GLU C 203 19.16 3.19 16.09
CA GLU C 203 17.90 3.38 16.80
C GLU C 203 17.81 2.46 18.01
N GLU C 204 18.16 1.20 17.81
CA GLU C 204 18.16 0.23 18.90
C GLU C 204 19.28 0.53 19.87
N GLY C 205 20.32 1.18 19.37
CA GLY C 205 21.44 1.60 20.20
C GLY C 205 21.04 2.75 21.10
N LYS C 206 20.22 3.65 20.56
CA LYS C 206 19.70 4.78 21.33
C LYS C 206 18.81 4.29 22.47
N LYS C 207 18.00 3.27 22.19
CA LYS C 207 17.08 2.71 23.17
C LYS C 207 17.84 2.02 24.31
N LEU C 208 19.05 1.55 24.02
CA LEU C 208 19.87 0.88 25.01
C LEU C 208 20.93 1.82 25.58
N GLY C 209 21.22 2.90 24.86
CA GLY C 209 22.21 3.86 25.29
C GLY C 209 23.61 3.44 24.90
N ILE C 210 23.76 2.94 23.68
CA ILE C 210 25.05 2.47 23.19
C ILE C 210 25.32 2.98 21.78
N PRO C 211 26.49 3.61 21.58
CA PRO C 211 26.90 4.17 20.30
C PRO C 211 27.16 3.12 19.22
N VAL C 212 26.95 3.48 17.96
CA VAL C 212 27.22 2.58 16.84
C VAL C 212 28.28 3.19 15.92
N ILE C 213 29.04 2.33 15.25
CA ILE C 213 30.10 2.79 14.35
C ILE C 213 29.84 2.34 12.92
N ALA C 214 29.78 3.30 12.01
CA ALA C 214 29.64 3.01 10.58
C ALA C 214 30.99 2.62 10.01
N ASP C 215 31.10 1.41 9.49
CA ASP C 215 32.38 0.88 9.04
C ASP C 215 32.30 0.30 7.63
N GLY C 216 32.95 0.96 6.68
CA GLY C 216 33.05 0.47 5.32
C GLY C 216 32.07 1.10 4.34
N GLY C 217 32.54 1.33 3.12
CA GLY C 217 31.69 1.83 2.04
C GLY C 217 31.50 3.33 2.04
N LEU C 218 32.50 4.05 2.54
CA LEU C 218 32.44 5.51 2.60
C LEU C 218 33.45 6.13 1.64
N LYS C 219 33.00 6.39 0.41
CA LYS C 219 33.88 6.94 -0.62
C LYS C 219 34.06 8.45 -0.48
N TYR C 220 33.01 9.13 -0.06
CA TYR C 220 33.03 10.59 -0.02
C TYR C 220 32.64 11.16 1.33
N SER C 221 32.93 12.44 1.53
CA SER C 221 32.63 13.11 2.79
C SER C 221 31.11 13.24 2.97
N GLY C 222 30.39 13.22 1.86
CA GLY C 222 28.94 13.26 1.89
C GLY C 222 28.36 11.99 2.47
N ASP C 223 29.07 10.88 2.26
CA ASP C 223 28.64 9.60 2.79
C ASP C 223 28.76 9.60 4.32
N ILE C 224 29.77 10.30 4.83
CA ILE C 224 29.99 10.42 6.25
C ILE C 224 28.86 11.21 6.91
N VAL C 225 28.46 12.31 6.26
CA VAL C 225 27.37 13.15 6.75
C VAL C 225 26.09 12.33 6.91
N LYS C 226 25.85 11.43 5.97
CA LYS C 226 24.66 10.57 5.99
C LYS C 226 24.68 9.61 7.17
N ALA C 227 25.82 8.94 7.37
CA ALA C 227 25.97 7.99 8.46
C ALA C 227 25.79 8.66 9.81
N LEU C 228 26.32 9.87 9.95
CA LEU C 228 26.19 10.64 11.18
C LEU C 228 24.75 11.08 11.38
N ALA C 229 24.07 11.39 10.27
CA ALA C 229 22.67 11.77 10.30
C ALA C 229 21.80 10.55 10.58
N ALA C 230 22.35 9.38 10.32
CA ALA C 230 21.64 8.12 10.51
C ALA C 230 21.73 7.64 11.95
N GLY C 231 22.63 8.25 12.72
CA GLY C 231 22.75 7.95 14.14
C GLY C 231 24.12 7.44 14.57
N ALA C 232 24.99 7.18 13.61
CA ALA C 232 26.32 6.67 13.92
C ALA C 232 27.15 7.70 14.70
N CYS C 233 27.79 7.24 15.76
CA CYS C 233 28.61 8.12 16.60
C CYS C 233 29.89 8.51 15.88
N ALA C 234 30.40 7.59 15.05
CA ALA C 234 31.63 7.82 14.31
C ALA C 234 31.68 6.95 13.06
N ALA C 235 32.50 7.36 12.09
CA ALA C 235 32.67 6.61 10.86
C ALA C 235 34.05 5.98 10.80
N MET C 236 34.13 4.81 10.19
CA MET C 236 35.41 4.14 9.99
C MET C 236 35.62 3.77 8.54
N MET C 237 36.79 4.10 8.01
CA MET C 237 37.11 3.79 6.63
C MET C 237 38.56 3.38 6.49
N GLY C 238 38.83 2.50 5.53
CA GLY C 238 40.19 2.08 5.25
C GLY C 238 40.64 2.59 3.91
N SER C 239 39.72 2.58 2.94
CA SER C 239 40.03 2.94 1.57
C SER C 239 40.55 4.37 1.46
N ILE C 240 39.94 5.27 2.21
CA ILE C 240 40.32 6.67 2.20
C ILE C 240 41.72 6.90 2.74
N PHE C 241 42.05 6.27 3.86
CA PHE C 241 43.33 6.51 4.50
C PHE C 241 44.44 5.59 3.98
N ALA C 242 44.08 4.67 3.10
CA ALA C 242 45.01 3.64 2.66
C ALA C 242 46.19 4.20 1.86
N GLY C 243 45.91 5.22 1.06
CA GLY C 243 46.92 5.85 0.22
C GLY C 243 47.85 6.81 0.93
N CYS C 244 47.43 7.27 2.10
CA CYS C 244 48.18 8.28 2.86
C CYS C 244 49.57 7.77 3.21
N GLU C 245 50.51 8.71 3.43
CA GLU C 245 51.89 8.34 3.66
C GLU C 245 52.10 7.79 5.07
N GLU C 246 51.21 8.17 5.99
CA GLU C 246 51.30 7.68 7.37
C GLU C 246 50.85 6.23 7.46
N ALA C 247 50.22 5.74 6.40
CA ALA C 247 49.76 4.35 6.34
C ALA C 247 50.91 3.42 5.99
N PRO C 248 50.88 2.20 6.54
CA PRO C 248 51.92 1.19 6.31
C PRO C 248 52.14 0.87 4.83
N GLY C 249 53.37 0.50 4.48
CA GLY C 249 53.70 0.12 3.12
C GLY C 249 54.47 1.18 2.36
N ALA C 250 55.51 0.75 1.66
CA ALA C 250 56.29 1.64 0.82
C ALA C 250 55.50 1.99 -0.44
N ILE C 251 55.92 3.04 -1.13
CA ILE C 251 55.24 3.47 -2.35
C ILE C 251 55.65 2.61 -3.54
N GLU C 252 54.65 1.98 -4.17
CA GLU C 252 54.90 1.22 -5.39
C GLU C 252 54.73 2.14 -6.59
N ILE C 253 55.72 2.15 -7.48
CA ILE C 253 55.61 2.89 -8.72
C ILE C 253 55.13 1.97 -9.84
N TYR C 254 53.90 2.22 -10.30
CA TYR C 254 53.28 1.40 -11.32
C TYR C 254 52.69 2.26 -12.42
N GLN C 255 53.13 2.01 -13.65
CA GLN C 255 52.72 2.78 -14.82
C GLN C 255 53.02 4.26 -14.66
N GLY C 256 54.14 4.57 -14.00
CA GLY C 256 54.57 5.94 -13.83
C GLY C 256 53.94 6.67 -12.66
N ARG C 257 52.87 6.10 -12.11
CA ARG C 257 52.17 6.73 -11.00
C ARG C 257 52.47 6.04 -9.67
N SER C 258 52.01 6.65 -8.58
CA SER C 258 52.37 6.20 -7.24
C SER C 258 51.20 5.55 -6.51
N TYR C 259 51.44 4.40 -5.91
CA TYR C 259 50.41 3.70 -5.14
C TYR C 259 50.94 3.13 -3.83
N LYS C 260 50.03 2.86 -2.91
CA LYS C 260 50.32 2.02 -1.76
C LYS C 260 49.47 0.77 -1.89
N VAL C 261 49.90 -0.32 -1.26
CA VAL C 261 49.14 -1.56 -1.31
C VAL C 261 48.00 -1.52 -0.28
N TYR C 262 46.82 -1.98 -0.69
CA TYR C 262 45.66 -2.02 0.19
C TYR C 262 44.88 -3.31 -0.03
N ARG C 263 44.54 -3.99 1.06
CA ARG C 263 43.93 -5.31 0.96
C ARG C 263 43.01 -5.62 2.13
N GLY C 264 42.06 -6.51 1.91
CA GLY C 264 41.18 -6.95 2.98
C GLY C 264 41.91 -7.86 3.96
N MET C 265 41.47 -7.86 5.21
CA MET C 265 42.06 -8.70 6.23
C MET C 265 41.65 -10.15 6.07
N GLY C 266 40.69 -10.39 5.18
CA GLY C 266 40.24 -11.73 4.86
C GLY C 266 40.68 -12.15 3.47
N SER C 267 41.60 -11.39 2.90
CA SER C 267 42.18 -11.72 1.60
C SER C 267 43.23 -12.82 1.76
N LEU C 268 43.65 -13.40 0.65
CA LEU C 268 44.69 -14.42 0.68
C LEU C 268 46.01 -13.85 1.20
N GLY C 269 46.27 -12.59 0.87
CA GLY C 269 47.50 -11.94 1.28
C GLY C 269 47.60 -11.72 2.78
N ALA C 270 46.52 -11.22 3.37
CA ALA C 270 46.50 -10.85 4.78
C ALA C 270 46.46 -12.06 5.71
N MET C 271 45.66 -13.06 5.35
CA MET C 271 45.45 -14.23 6.20
C MET C 271 46.67 -15.15 6.26
N ALA C 272 47.79 -14.71 5.67
CA ALA C 272 49.02 -15.48 5.72
C ALA C 272 50.05 -14.78 6.60
N LYS C 286 40.85 -23.62 8.42
CA LYS C 286 40.92 -23.26 7.01
C LYS C 286 39.69 -22.47 6.57
N PHE C 287 39.92 -21.27 6.04
CA PHE C 287 38.83 -20.41 5.60
C PHE C 287 39.03 -19.97 4.15
N VAL C 288 37.93 -19.85 3.42
CA VAL C 288 37.97 -19.34 2.06
C VAL C 288 38.03 -17.82 2.12
N PRO C 289 38.73 -17.20 1.17
CA PRO C 289 38.95 -15.75 1.13
C PRO C 289 37.65 -14.95 1.06
N GLU C 290 37.58 -13.89 1.86
CA GLU C 290 36.44 -12.97 1.84
C GLU C 290 36.90 -11.54 1.58
N GLY C 291 38.03 -11.40 0.91
CA GLY C 291 38.55 -10.09 0.57
C GLY C 291 39.51 -10.13 -0.60
N VAL C 292 39.67 -8.99 -1.26
CA VAL C 292 40.59 -8.88 -2.39
C VAL C 292 41.82 -8.05 -2.04
N GLU C 293 42.82 -8.08 -2.91
CA GLU C 293 44.07 -7.37 -2.69
C GLU C 293 44.34 -6.42 -3.85
N GLY C 294 44.69 -5.17 -3.54
CA GLY C 294 44.87 -4.18 -4.59
C GLY C 294 45.73 -2.98 -4.26
N ARG C 295 45.78 -2.04 -5.20
CA ARG C 295 46.55 -0.82 -5.03
C ARG C 295 45.64 0.40 -5.03
N ILE C 296 46.01 1.40 -4.23
CA ILE C 296 45.26 2.65 -4.18
C ILE C 296 46.22 3.83 -4.34
N ALA C 297 45.77 4.86 -5.05
CA ALA C 297 46.61 6.02 -5.35
C ALA C 297 47.14 6.70 -4.08
N TYR C 298 48.39 7.16 -4.15
CA TYR C 298 49.06 7.82 -3.05
C TYR C 298 48.46 9.21 -2.77
N LYS C 299 47.84 9.34 -1.60
CA LYS C 299 47.10 10.56 -1.25
C LYS C 299 47.96 11.58 -0.50
N GLY C 300 49.26 11.34 -0.45
CA GLY C 300 50.15 12.23 0.27
C GLY C 300 50.01 12.08 1.77
N HIS C 301 49.94 13.21 2.48
CA HIS C 301 49.80 13.20 3.92
C HIS C 301 48.35 13.04 4.36
N LEU C 302 48.16 12.63 5.60
CA LEU C 302 46.83 12.38 6.16
C LEU C 302 46.05 13.67 6.38
N ALA C 303 46.77 14.70 6.84
CA ALA C 303 46.15 15.97 7.23
C ALA C 303 45.38 16.62 6.09
N ASP C 304 45.86 16.41 4.86
CA ASP C 304 45.20 16.97 3.68
C ASP C 304 43.83 16.34 3.49
N THR C 305 43.78 15.01 3.55
CA THR C 305 42.56 14.26 3.30
C THR C 305 41.46 14.55 4.33
N ILE C 306 41.84 14.56 5.61
CA ILE C 306 40.90 14.78 6.68
C ILE C 306 40.36 16.21 6.67
N TYR C 307 41.19 17.16 6.21
CA TYR C 307 40.76 18.54 6.08
C TYR C 307 39.58 18.65 5.13
N GLN C 308 39.61 17.87 4.05
CA GLN C 308 38.51 17.84 3.10
C GLN C 308 37.29 17.17 3.72
N LEU C 309 37.51 16.04 4.39
CA LEU C 309 36.45 15.30 5.04
C LEU C 309 35.72 16.15 6.08
N ILE C 310 36.50 16.79 6.96
CA ILE C 310 35.95 17.68 7.98
C ILE C 310 35.14 18.81 7.32
N GLY C 311 35.65 19.32 6.21
CA GLY C 311 34.98 20.38 5.48
C GLY C 311 33.67 19.92 4.89
N GLY C 312 33.66 18.69 4.38
CA GLY C 312 32.45 18.11 3.81
C GLY C 312 31.40 17.88 4.87
N ILE C 313 31.83 17.35 6.02
CA ILE C 313 30.94 17.11 7.14
C ILE C 313 30.39 18.42 7.69
N LYS C 314 31.28 19.39 7.87
CA LYS C 314 30.90 20.71 8.40
C LYS C 314 29.95 21.45 7.46
N SER C 315 30.07 21.17 6.17
CA SER C 315 29.22 21.81 5.17
C SER C 315 27.80 21.23 5.22
N GLY C 316 27.71 19.90 5.26
CA GLY C 316 26.43 19.23 5.30
C GLY C 316 25.65 19.54 6.56
N MET C 317 26.36 19.68 7.68
CA MET C 317 25.74 20.04 8.94
C MET C 317 25.22 21.48 8.90
N GLY C 318 25.90 22.33 8.14
CA GLY C 318 25.47 23.69 7.93
C GLY C 318 24.19 23.73 7.13
N TYR C 319 24.07 22.79 6.19
CA TYR C 319 22.86 22.67 5.39
C TYR C 319 21.67 22.25 6.25
N LEU C 320 21.92 21.34 7.18
CA LEU C 320 20.84 20.75 7.98
C LEU C 320 20.60 21.52 9.27
N GLY C 321 21.24 22.68 9.38
CA GLY C 321 21.09 23.53 10.55
C GLY C 321 21.50 22.84 11.83
N ALA C 322 22.59 22.08 11.76
CA ALA C 322 23.05 21.30 12.91
C ALA C 322 24.29 21.88 13.54
N PRO C 323 24.14 22.49 14.73
CA PRO C 323 25.29 22.98 15.50
C PRO C 323 26.10 21.83 16.10
N THR C 324 25.41 20.76 16.46
CA THR C 324 26.06 19.57 17.01
C THR C 324 25.60 18.31 16.26
N LEU C 325 26.27 17.19 16.53
CA LEU C 325 25.92 15.93 15.90
C LEU C 325 24.61 15.36 16.43
N GLU C 326 24.26 15.74 17.67
CA GLU C 326 23.00 15.31 18.27
C GLU C 326 21.82 15.90 17.54
N ASN C 327 21.83 17.22 17.37
CA ASN C 327 20.79 17.94 16.66
C ASN C 327 20.66 17.44 15.22
N LEU C 328 21.78 17.00 14.67
CA LEU C 328 21.82 16.43 13.32
C LEU C 328 20.92 15.21 13.20
N TYR C 329 21.08 14.27 14.12
CA TYR C 329 20.30 13.04 14.11
C TYR C 329 18.81 13.31 14.31
N GLU C 330 18.50 14.23 15.22
CA GLU C 330 17.11 14.55 15.54
C GLU C 330 16.37 15.18 14.38
N ASN C 331 17.08 15.94 13.55
CA ASN C 331 16.45 16.75 12.50
C ASN C 331 16.58 16.19 11.08
N ALA C 332 17.25 15.06 10.94
CA ALA C 332 17.56 14.52 9.62
C ALA C 332 16.36 13.95 8.89
N ASN C 333 16.09 14.47 7.70
CA ASN C 333 15.12 13.88 6.79
C ASN C 333 15.84 13.24 5.61
N PHE C 334 15.49 12.00 5.30
CA PHE C 334 16.13 11.30 4.18
C PHE C 334 15.21 11.20 2.97
N VAL C 335 15.82 11.12 1.79
CA VAL C 335 15.08 10.96 0.54
C VAL C 335 15.76 9.92 -0.34
N VAL C 336 14.97 9.02 -0.91
CA VAL C 336 15.50 8.00 -1.81
C VAL C 336 15.59 8.52 -3.23
N GLN C 337 16.77 8.42 -3.83
CA GLN C 337 16.95 8.82 -5.22
C GLN C 337 17.08 7.60 -6.11
N THR C 338 16.48 7.67 -7.30
CA THR C 338 16.64 6.61 -8.28
C THR C 338 18.03 6.68 -8.90
N SER C 339 18.35 5.73 -9.77
CA SER C 339 19.63 5.71 -10.45
C SER C 339 19.79 6.95 -11.34
N ALA C 340 18.66 7.52 -11.75
CA ALA C 340 18.67 8.73 -12.56
C ALA C 340 19.12 9.93 -11.74
N GLY C 341 18.68 10.00 -10.50
CA GLY C 341 19.08 11.06 -9.60
C GLY C 341 20.55 10.94 -9.22
N PHE C 342 21.03 9.70 -9.21
CA PHE C 342 22.44 9.43 -8.91
C PHE C 342 23.34 10.00 -9.99
N ARG C 343 22.85 10.03 -11.23
CA ARG C 343 23.60 10.55 -12.35
C ARG C 343 23.71 12.07 -12.30
N GLU C 344 22.63 12.73 -11.87
CA GLU C 344 22.62 14.19 -11.81
C GLU C 344 23.23 14.67 -10.50
N SER C 345 23.42 13.74 -9.57
CA SER C 345 24.08 14.06 -8.30
C SER C 345 25.58 14.24 -8.51
N HIS C 346 26.18 13.32 -9.25
CA HIS C 346 27.57 13.44 -9.65
C HIS C 346 27.68 14.43 -10.80
N PRO C 347 28.86 15.04 -10.97
CA PRO C 347 29.12 15.88 -12.15
C PRO C 347 28.83 15.15 -13.46
N HIS C 348 28.11 15.81 -14.36
CA HIS C 348 27.71 15.20 -15.62
C HIS C 348 27.80 16.19 -16.77
N ASP C 349 27.81 15.67 -17.99
N ASP C 349 27.81 15.67 -17.99
CA ASP C 349 27.81 16.48 -19.20
CA ASP C 349 27.81 16.48 -19.20
C ASP C 349 28.98 17.45 -19.26
N ILE C 350 30.14 17.02 -18.78
CA ILE C 350 31.33 17.86 -18.80
C ILE C 350 32.62 17.03 -18.74
N ASN C 351 33.59 17.42 -19.56
CA ASN C 351 34.92 16.81 -19.51
C ASN C 351 35.78 17.53 -18.47
N ILE C 352 35.84 16.96 -17.27
CA ILE C 352 36.56 17.58 -16.16
C ILE C 352 38.06 17.62 -16.42
N THR C 353 38.64 18.82 -16.30
CA THR C 353 40.07 19.01 -16.55
C THR C 353 40.84 19.19 -15.24
N LYS C 354 40.49 20.24 -14.49
CA LYS C 354 41.09 20.49 -13.20
C LYS C 354 40.65 19.42 -12.19
N GLU C 355 41.58 18.97 -11.37
CA GLU C 355 41.29 17.94 -10.38
C GLU C 355 40.71 18.55 -9.10
N ALA C 356 39.64 17.95 -8.59
CA ALA C 356 39.05 18.36 -7.34
C ALA C 356 39.72 17.64 -6.17
N PRO C 357 40.08 18.39 -5.12
CA PRO C 357 40.72 17.79 -3.94
C PRO C 357 39.79 16.91 -3.13
N ASN C 358 38.50 16.93 -3.44
CA ASN C 358 37.54 16.11 -2.72
C ASN C 358 36.64 15.26 -3.63
N TYR C 359 36.74 15.48 -4.93
CA TYR C 359 36.00 14.65 -5.87
C TYR C 359 36.91 14.08 -6.95
N SER C 360 36.75 12.78 -7.21
CA SER C 360 37.56 12.11 -8.20
C SER C 360 36.76 10.99 -8.88
N VAL C 361 37.24 10.54 -10.03
CA VAL C 361 36.56 9.49 -10.77
C VAL C 361 37.37 8.21 -10.77
N ALA D 5 -4.20 -9.62 -19.94
CA ALA D 5 -2.79 -9.27 -19.81
C ALA D 5 -2.57 -8.30 -18.65
N ARG D 6 -2.02 -8.82 -17.56
CA ARG D 6 -1.79 -8.02 -16.36
C ARG D 6 -0.43 -8.33 -15.76
N ILE D 7 0.21 -7.31 -15.18
CA ILE D 7 1.49 -7.49 -14.52
C ILE D 7 1.30 -8.10 -13.13
N LEU D 8 2.00 -9.20 -12.89
CA LEU D 8 1.87 -9.93 -11.63
C LEU D 8 2.56 -9.20 -10.48
N LYS D 9 3.89 -9.19 -10.51
CA LYS D 9 4.67 -8.56 -9.46
C LYS D 9 6.11 -8.31 -9.88
N THR D 10 6.97 -8.03 -8.93
CA THR D 10 8.40 -7.92 -9.20
C THR D 10 9.10 -9.23 -8.87
N ALA D 11 9.70 -9.84 -9.90
CA ALA D 11 10.44 -11.07 -9.72
C ALA D 11 11.92 -10.75 -9.60
N TYR D 12 12.55 -11.23 -8.54
CA TYR D 12 13.95 -10.90 -8.31
C TYR D 12 14.88 -12.04 -8.71
N THR D 13 16.15 -11.73 -8.88
CA THR D 13 17.19 -12.74 -9.05
C THR D 13 18.16 -12.62 -7.89
N PHE D 14 19.28 -13.33 -7.96
CA PHE D 14 20.21 -13.40 -6.85
C PHE D 14 20.97 -12.09 -6.63
N ASP D 15 21.13 -11.31 -7.70
CA ASP D 15 21.81 -10.02 -7.60
C ASP D 15 20.90 -8.96 -6.97
N ASP D 16 19.63 -9.30 -6.83
CA ASP D 16 18.65 -8.37 -6.29
C ASP D 16 18.57 -8.41 -4.78
N VAL D 17 19.03 -9.50 -4.17
CA VAL D 17 18.81 -9.70 -2.74
C VAL D 17 20.08 -9.98 -1.94
N LEU D 18 19.90 -10.00 -0.62
CA LEU D 18 20.97 -10.30 0.32
C LEU D 18 20.42 -11.06 1.52
N LEU D 19 21.17 -12.03 2.02
CA LEU D 19 20.78 -12.75 3.22
C LEU D 19 21.20 -11.97 4.46
N VAL D 20 20.35 -11.98 5.47
CA VAL D 20 20.59 -11.23 6.70
C VAL D 20 21.14 -12.13 7.79
N PRO D 21 22.30 -11.76 8.36
CA PRO D 21 22.98 -12.59 9.37
C PRO D 21 22.20 -12.74 10.67
N ASN D 22 22.05 -13.97 11.13
CA ASN D 22 21.41 -14.27 12.40
C ASN D 22 22.47 -14.56 13.47
N LYS D 23 22.02 -14.78 14.70
CA LYS D 23 22.93 -15.21 15.74
C LYS D 23 23.44 -16.61 15.43
N SER D 24 24.69 -16.90 15.79
CA SER D 24 25.31 -18.16 15.38
C SER D 24 26.16 -18.80 16.48
N GLU D 25 25.87 -20.07 16.77
CA GLU D 25 26.71 -20.84 17.67
C GLU D 25 27.54 -21.86 16.88
N VAL D 26 27.61 -21.66 15.57
CA VAL D 26 28.26 -22.63 14.69
C VAL D 26 29.28 -21.97 13.75
N LEU D 27 30.49 -22.52 13.73
CA LEU D 27 31.53 -22.10 12.80
C LEU D 27 31.36 -22.86 11.49
N PRO D 28 31.78 -22.26 10.36
CA PRO D 28 31.64 -22.84 9.02
C PRO D 28 32.10 -24.29 8.90
N ASN D 29 33.14 -24.67 9.65
CA ASN D 29 33.64 -26.04 9.61
C ASN D 29 32.70 -27.04 10.26
N GLU D 30 31.83 -26.53 11.13
CA GLU D 30 30.97 -27.40 11.94
C GLU D 30 29.59 -27.60 11.34
N VAL D 31 29.45 -27.35 10.04
CA VAL D 31 28.15 -27.50 9.39
C VAL D 31 28.14 -28.72 8.46
N SER D 32 26.93 -29.23 8.20
CA SER D 32 26.76 -30.37 7.30
C SER D 32 25.99 -29.94 6.06
N LEU D 33 26.49 -30.32 4.89
CA LEU D 33 25.87 -29.93 3.63
C LEU D 33 25.15 -31.08 2.95
N LYS D 34 24.63 -32.02 3.73
CA LYS D 34 23.90 -33.15 3.18
C LYS D 34 22.48 -32.75 2.80
N THR D 35 21.92 -33.43 1.80
CA THR D 35 20.56 -33.09 1.34
C THR D 35 19.79 -34.33 0.86
N GLN D 36 18.60 -34.07 0.33
CA GLN D 36 17.81 -35.10 -0.33
C GLN D 36 17.54 -34.68 -1.76
N LEU D 37 18.26 -35.29 -2.70
CA LEU D 37 18.06 -35.02 -4.12
C LEU D 37 16.64 -35.47 -4.48
N THR D 38 16.30 -36.68 -4.08
CA THR D 38 14.92 -37.14 -4.02
C THR D 38 14.71 -37.67 -2.62
N LYS D 39 13.62 -38.41 -2.39
CA LYS D 39 13.43 -39.01 -1.08
C LYS D 39 14.40 -40.17 -0.88
N LYS D 40 14.81 -40.78 -1.99
CA LYS D 40 15.65 -41.97 -1.94
C LYS D 40 17.14 -41.61 -2.02
N ILE D 41 17.49 -40.69 -2.92
CA ILE D 41 18.87 -40.30 -3.13
C ILE D 41 19.28 -39.14 -2.23
N GLN D 42 20.46 -39.25 -1.63
CA GLN D 42 21.02 -38.16 -0.82
C GLN D 42 22.37 -37.72 -1.35
N LEU D 43 22.65 -36.43 -1.25
CA LEU D 43 23.94 -35.88 -1.65
C LEU D 43 24.70 -35.39 -0.42
N ASN D 44 26.02 -35.36 -0.51
CA ASN D 44 26.84 -34.84 0.57
C ASN D 44 27.13 -33.36 0.36
N ILE D 45 27.05 -32.92 -0.88
CA ILE D 45 27.09 -31.49 -1.21
C ILE D 45 26.00 -31.17 -2.23
N PRO D 46 25.32 -30.03 -2.06
CA PRO D 46 24.18 -29.65 -2.90
C PRO D 46 24.59 -29.16 -4.29
N LEU D 47 25.66 -29.73 -4.85
CA LEU D 47 26.16 -29.30 -6.14
C LEU D 47 25.86 -30.32 -7.23
N MET D 48 25.65 -29.84 -8.45
CA MET D 48 25.25 -30.69 -9.55
C MET D 48 25.73 -30.10 -10.88
N SER D 49 26.52 -30.87 -11.62
CA SER D 49 27.03 -30.38 -12.90
C SER D 49 25.94 -30.49 -13.97
N ALA D 50 25.85 -29.47 -14.82
CA ALA D 50 24.75 -29.35 -15.78
C ALA D 50 24.77 -30.45 -16.84
N SER D 51 23.59 -30.74 -17.38
CA SER D 51 23.43 -31.79 -18.37
C SER D 51 23.62 -31.28 -19.79
N MET D 52 24.78 -30.69 -20.05
CA MET D 52 25.09 -30.20 -21.39
C MET D 52 26.31 -30.90 -21.94
N ASP D 53 26.45 -30.87 -23.27
CA ASP D 53 27.49 -31.65 -23.94
C ASP D 53 28.92 -31.18 -23.64
N THR D 54 29.06 -29.93 -23.22
CA THR D 54 30.39 -29.35 -23.01
C THR D 54 30.78 -29.20 -21.54
N VAL D 55 30.03 -29.85 -20.65
CA VAL D 55 30.31 -29.75 -19.22
C VAL D 55 30.38 -31.11 -18.53
N THR D 56 29.41 -31.98 -18.77
CA THR D 56 29.35 -33.24 -18.03
C THR D 56 29.36 -34.51 -18.89
N GLU D 57 30.39 -35.32 -18.68
CA GLU D 57 30.43 -36.70 -19.20
C GLU D 57 31.02 -37.59 -18.11
N SER D 58 31.44 -38.80 -18.47
CA SER D 58 31.90 -39.79 -17.49
C SER D 58 33.06 -39.27 -16.62
N LYS D 59 33.97 -38.53 -17.25
CA LYS D 59 35.10 -37.95 -16.52
C LYS D 59 34.63 -36.96 -15.47
N MET D 60 33.60 -36.19 -15.81
CA MET D 60 33.06 -35.18 -14.91
C MET D 60 32.12 -35.80 -13.89
N ALA D 61 31.36 -36.80 -14.32
CA ALA D 61 30.40 -37.48 -13.44
C ALA D 61 31.11 -38.16 -12.28
N ILE D 62 32.19 -38.87 -12.60
CA ILE D 62 33.02 -39.50 -11.58
C ILE D 62 33.62 -38.45 -10.67
N ALA D 63 34.11 -37.36 -11.26
CA ALA D 63 34.73 -36.27 -10.52
C ALA D 63 33.73 -35.59 -9.59
N MET D 64 32.52 -35.38 -10.07
CA MET D 64 31.47 -34.75 -9.26
C MET D 64 31.01 -35.67 -8.13
N ALA D 65 30.82 -36.94 -8.45
CA ALA D 65 30.37 -37.91 -7.46
C ALA D 65 31.43 -38.14 -6.39
N ARG D 66 32.70 -38.08 -6.80
CA ARG D 66 33.81 -38.27 -5.89
C ARG D 66 33.91 -37.13 -4.90
N GLU D 67 33.42 -35.96 -5.29
CA GLU D 67 33.49 -34.78 -4.44
C GLU D 67 32.29 -34.68 -3.51
N GLY D 68 31.16 -35.25 -3.94
CA GLY D 68 29.98 -35.29 -3.09
C GLY D 68 28.65 -35.27 -3.80
N GLY D 69 28.58 -34.55 -4.92
CA GLY D 69 27.33 -34.37 -5.64
C GLY D 69 27.13 -35.37 -6.78
N ILE D 70 26.45 -34.92 -7.83
CA ILE D 70 26.21 -35.75 -9.01
C ILE D 70 26.58 -35.01 -10.29
N GLY D 71 27.00 -35.75 -11.30
CA GLY D 71 27.10 -35.23 -12.65
C GLY D 71 26.07 -35.93 -13.53
N ILE D 72 25.42 -35.18 -14.42
CA ILE D 72 24.44 -35.79 -15.30
C ILE D 72 24.94 -35.84 -16.74
N ILE D 73 25.17 -37.05 -17.24
CA ILE D 73 25.62 -37.25 -18.61
C ILE D 73 24.57 -36.74 -19.59
N HIS D 74 25.00 -35.87 -20.51
CA HIS D 74 24.08 -35.25 -21.46
C HIS D 74 23.48 -36.26 -22.43
N LYS D 75 22.42 -35.85 -23.12
CA LYS D 75 21.69 -36.73 -24.01
C LYS D 75 22.06 -36.49 -25.48
N ASN D 76 23.08 -35.66 -25.70
CA ASN D 76 23.50 -35.35 -27.06
C ASN D 76 24.48 -36.38 -27.61
N MET D 77 24.04 -37.64 -27.62
CA MET D 77 24.82 -38.74 -28.17
C MET D 77 23.89 -39.92 -28.43
N THR D 78 24.44 -41.02 -28.93
CA THR D 78 23.64 -42.20 -29.18
C THR D 78 23.27 -42.88 -27.88
N ILE D 79 22.24 -43.72 -27.92
CA ILE D 79 21.77 -44.46 -26.76
C ILE D 79 22.86 -45.41 -26.26
N GLU D 80 23.58 -46.00 -27.21
CA GLU D 80 24.66 -46.93 -26.90
C GLU D 80 25.80 -46.25 -26.14
N ASP D 81 26.22 -45.08 -26.64
CA ASP D 81 27.31 -44.34 -26.02
C ASP D 81 26.96 -43.85 -24.63
N GLN D 82 25.73 -43.39 -24.46
CA GLN D 82 25.28 -42.86 -23.16
C GLN D 82 25.20 -43.96 -22.11
N ALA D 83 24.74 -45.13 -22.52
CA ALA D 83 24.66 -46.27 -21.62
C ALA D 83 26.06 -46.71 -21.21
N ARG D 84 27.03 -46.46 -22.07
CA ARG D 84 28.42 -46.83 -21.79
C ARG D 84 29.07 -45.81 -20.86
N GLU D 85 28.62 -44.56 -20.94
CA GLU D 85 29.13 -43.52 -20.05
C GLU D 85 28.65 -43.77 -18.63
N VAL D 86 27.36 -44.11 -18.50
CA VAL D 86 26.79 -44.51 -17.22
C VAL D 86 27.55 -45.72 -16.68
N ASP D 87 27.94 -46.60 -17.59
CA ASP D 87 28.71 -47.78 -17.23
C ASP D 87 30.08 -47.40 -16.66
N ARG D 88 30.70 -46.37 -17.25
CA ARG D 88 32.02 -45.95 -16.83
C ARG D 88 32.01 -45.32 -15.44
N VAL D 89 30.88 -44.73 -15.06
CA VAL D 89 30.76 -44.07 -13.77
C VAL D 89 30.44 -45.07 -12.66
N LYS D 90 29.49 -45.96 -12.93
CA LYS D 90 29.00 -46.89 -11.92
C LYS D 90 30.04 -47.93 -11.51
N ARG D 91 30.72 -48.51 -12.49
CA ARG D 91 31.73 -49.52 -12.21
C ARG D 91 32.96 -48.89 -11.56
N SER D 92 33.03 -47.56 -11.63
CA SER D 92 34.17 -46.83 -11.09
C SER D 92 34.05 -46.57 -9.59
N GLY D 93 33.63 -47.58 -8.84
CA GLY D 93 33.59 -47.49 -7.40
C GLY D 93 32.21 -47.21 -6.81
N GLY D 94 31.16 -47.59 -7.54
CA GLY D 94 29.80 -47.41 -7.07
C GLY D 94 29.45 -45.96 -6.77
N LEU D 95 29.58 -45.11 -7.78
CA LEU D 95 29.30 -43.68 -7.61
C LEU D 95 27.90 -43.33 -8.08
N LEU D 96 27.37 -42.22 -7.58
CA LEU D 96 26.09 -41.70 -8.05
C LEU D 96 26.22 -41.26 -9.49
N CYS D 97 25.24 -41.62 -10.32
CA CYS D 97 25.29 -41.24 -11.73
C CYS D 97 23.93 -40.76 -12.23
N GLY D 98 23.96 -39.82 -13.17
CA GLY D 98 22.75 -39.30 -13.76
C GLY D 98 22.81 -39.29 -15.27
N ALA D 99 21.78 -39.87 -15.89
CA ALA D 99 21.65 -39.81 -17.34
C ALA D 99 20.71 -38.65 -17.67
N SER D 100 20.54 -38.37 -18.96
CA SER D 100 19.62 -37.33 -19.38
C SER D 100 18.69 -37.84 -20.48
N ILE D 101 17.39 -37.64 -20.29
CA ILE D 101 16.40 -38.08 -21.26
C ILE D 101 15.55 -36.89 -21.71
N GLY D 102 15.18 -36.88 -22.99
CA GLY D 102 14.29 -35.86 -23.49
C GLY D 102 12.97 -36.47 -23.94
N VAL D 103 12.00 -35.62 -24.26
CA VAL D 103 10.76 -36.10 -24.85
C VAL D 103 11.01 -36.36 -26.33
N THR D 104 11.24 -37.63 -26.67
CA THR D 104 11.57 -38.01 -28.03
C THR D 104 10.91 -39.33 -28.43
N ASN D 105 11.09 -39.71 -29.70
CA ASN D 105 10.48 -40.93 -30.23
C ASN D 105 11.21 -42.17 -29.73
N ASP D 106 12.49 -42.01 -29.43
CA ASP D 106 13.33 -43.11 -28.94
C ASP D 106 13.55 -43.00 -27.44
N MET D 107 12.79 -42.12 -26.79
CA MET D 107 12.91 -41.82 -25.37
C MET D 107 12.90 -43.07 -24.49
N MET D 108 11.93 -43.94 -24.71
CA MET D 108 11.76 -45.12 -23.87
C MET D 108 12.93 -46.08 -23.94
N GLU D 109 13.29 -46.51 -25.16
CA GLU D 109 14.39 -47.46 -25.32
C GLU D 109 15.71 -46.89 -24.82
N ARG D 110 15.81 -45.56 -24.82
CA ARG D 110 16.97 -44.88 -24.24
C ARG D 110 16.97 -45.04 -22.74
N VAL D 111 15.80 -44.84 -22.13
CA VAL D 111 15.62 -45.04 -20.70
C VAL D 111 15.88 -46.50 -20.33
N ASP D 112 15.47 -47.41 -21.21
CA ASP D 112 15.71 -48.84 -21.01
C ASP D 112 17.20 -49.15 -20.86
N ALA D 113 18.02 -48.49 -21.68
CA ALA D 113 19.45 -48.79 -21.74
C ALA D 113 20.21 -48.21 -20.55
N VAL D 114 19.84 -47.02 -20.11
CA VAL D 114 20.52 -46.40 -18.98
C VAL D 114 20.12 -47.06 -17.67
N VAL D 115 18.88 -47.53 -17.59
CA VAL D 115 18.41 -48.27 -16.42
C VAL D 115 19.18 -49.58 -16.29
N LYS D 116 19.48 -50.19 -17.44
CA LYS D 116 20.26 -51.41 -17.51
C LYS D 116 21.67 -51.20 -16.93
N ALA D 117 22.22 -50.01 -17.13
CA ALA D 117 23.57 -49.70 -16.67
C ALA D 117 23.59 -49.14 -15.26
N LYS D 118 22.48 -49.33 -14.54
CA LYS D 118 22.36 -48.92 -13.14
C LYS D 118 22.59 -47.42 -12.96
N VAL D 119 21.86 -46.61 -13.71
CA VAL D 119 21.89 -45.18 -13.48
C VAL D 119 20.98 -44.88 -12.29
N ASP D 120 21.43 -44.01 -11.39
CA ASP D 120 20.72 -43.77 -10.15
C ASP D 120 19.58 -42.76 -10.31
N VAL D 121 19.66 -41.92 -11.33
CA VAL D 121 18.63 -40.90 -11.53
C VAL D 121 18.49 -40.47 -12.99
N ILE D 122 17.23 -40.42 -13.44
CA ILE D 122 16.88 -39.91 -14.75
C ILE D 122 16.45 -38.45 -14.65
N VAL D 123 16.90 -37.60 -15.56
CA VAL D 123 16.37 -36.25 -15.65
C VAL D 123 15.66 -36.04 -17.00
N LEU D 124 14.37 -35.74 -16.94
CA LEU D 124 13.60 -35.46 -18.14
C LEU D 124 13.57 -33.95 -18.37
N ASP D 125 14.64 -33.43 -18.96
CA ASP D 125 14.78 -32.00 -19.14
C ASP D 125 14.48 -31.55 -20.57
N THR D 126 13.45 -30.73 -20.71
CA THR D 126 13.16 -30.07 -21.97
C THR D 126 13.20 -28.56 -21.74
N ALA D 127 12.98 -27.80 -22.81
CA ALA D 127 12.93 -26.35 -22.68
C ALA D 127 11.70 -25.93 -21.87
N HIS D 128 10.66 -26.75 -21.93
CA HIS D 128 9.41 -26.45 -21.26
C HIS D 128 8.84 -27.69 -20.59
N GLY D 129 9.08 -27.83 -19.28
CA GLY D 129 8.64 -28.99 -18.55
C GLY D 129 7.15 -28.99 -18.23
N HIS D 130 6.56 -27.79 -18.18
CA HIS D 130 5.14 -27.66 -17.89
C HIS D 130 4.33 -27.84 -19.17
N SER D 131 4.37 -29.04 -19.73
CA SER D 131 3.71 -29.33 -21.00
C SER D 131 3.17 -30.75 -21.07
N LYS D 132 2.34 -31.00 -22.09
CA LYS D 132 1.73 -32.31 -22.29
C LYS D 132 2.76 -33.42 -22.45
N GLY D 133 3.84 -33.13 -23.18
CA GLY D 133 4.86 -34.11 -23.48
C GLY D 133 5.60 -34.61 -22.24
N VAL D 134 6.03 -33.69 -21.39
CA VAL D 134 6.80 -34.04 -20.20
C VAL D 134 5.91 -34.73 -19.17
N ILE D 135 4.69 -34.24 -19.02
CA ILE D 135 3.73 -34.82 -18.07
C ILE D 135 3.38 -36.26 -18.46
N GLU D 136 3.14 -36.49 -19.75
CA GLU D 136 2.87 -37.83 -20.25
C GLU D 136 4.12 -38.70 -20.18
N GLY D 137 5.28 -38.07 -20.39
CA GLY D 137 6.55 -38.77 -20.37
C GLY D 137 6.90 -39.35 -19.01
N VAL D 138 6.78 -38.52 -17.97
CA VAL D 138 7.05 -38.94 -16.61
C VAL D 138 6.09 -40.05 -16.19
N LYS D 139 4.86 -39.96 -16.68
CA LYS D 139 3.86 -41.00 -16.46
C LYS D 139 4.32 -42.35 -16.98
N ARG D 140 4.94 -42.35 -18.15
CA ARG D 140 5.38 -43.58 -18.79
C ARG D 140 6.59 -44.19 -18.08
N ILE D 141 7.54 -43.36 -17.69
CA ILE D 141 8.77 -43.83 -17.06
C ILE D 141 8.48 -44.52 -15.73
N LYS D 142 7.62 -43.91 -14.93
CA LYS D 142 7.22 -44.49 -13.65
C LYS D 142 6.37 -45.73 -13.83
N ALA D 143 5.66 -45.81 -14.95
CA ALA D 143 4.82 -46.97 -15.23
C ALA D 143 5.69 -48.21 -15.48
N LYS D 144 6.79 -48.01 -16.20
CA LYS D 144 7.69 -49.10 -16.54
C LYS D 144 8.70 -49.37 -15.41
N TYR D 145 9.17 -48.31 -14.78
CA TYR D 145 10.12 -48.42 -13.68
C TYR D 145 9.65 -47.61 -12.46
N PRO D 146 8.74 -48.20 -11.66
CA PRO D 146 8.11 -47.53 -10.52
C PRO D 146 9.10 -46.98 -9.49
N GLU D 147 10.22 -47.66 -9.28
CA GLU D 147 11.17 -47.24 -8.25
C GLU D 147 12.31 -46.39 -8.79
N LEU D 148 12.37 -46.22 -10.10
CA LEU D 148 13.38 -45.36 -10.72
C LEU D 148 13.18 -43.92 -10.29
N GLN D 149 14.27 -43.23 -9.97
CA GLN D 149 14.19 -41.84 -9.54
C GLN D 149 14.27 -40.90 -10.74
N VAL D 150 13.22 -40.10 -10.93
CA VAL D 150 13.12 -39.23 -12.10
C VAL D 150 12.98 -37.76 -11.72
N ILE D 151 13.84 -36.93 -12.30
CA ILE D 151 13.73 -35.48 -12.17
C ILE D 151 13.15 -34.91 -13.46
N ALA D 152 12.30 -33.89 -13.34
CA ALA D 152 11.69 -33.28 -14.51
C ALA D 152 11.92 -31.78 -14.55
N GLY D 153 12.10 -31.22 -15.74
CA GLY D 153 12.30 -29.79 -15.89
C GLY D 153 12.23 -29.37 -17.35
N ASN D 154 12.29 -28.06 -17.59
CA ASN D 154 12.40 -27.07 -16.52
C ASN D 154 11.11 -26.29 -16.34
N ILE D 155 10.90 -25.75 -15.13
CA ILE D 155 9.70 -25.01 -14.80
C ILE D 155 10.02 -23.73 -14.04
N ALA D 156 9.00 -22.92 -13.78
CA ALA D 156 9.20 -21.63 -13.11
C ALA D 156 8.04 -21.30 -12.16
N THR D 157 6.92 -21.98 -12.34
CA THR D 157 5.70 -21.68 -11.59
C THR D 157 5.34 -22.79 -10.62
N PRO D 158 4.70 -22.42 -9.49
CA PRO D 158 4.14 -23.39 -8.54
C PRO D 158 3.24 -24.42 -9.21
N GLU D 159 2.31 -23.95 -10.05
CA GLU D 159 1.37 -24.82 -10.75
C GLU D 159 2.07 -25.96 -11.48
N ALA D 160 3.25 -25.67 -12.00
CA ALA D 160 4.03 -26.68 -12.73
C ALA D 160 4.61 -27.73 -11.79
N VAL D 161 4.95 -27.31 -10.57
CA VAL D 161 5.46 -28.25 -9.58
C VAL D 161 4.37 -29.25 -9.23
N ARG D 162 3.15 -28.75 -9.06
CA ARG D 162 2.00 -29.60 -8.74
C ARG D 162 1.73 -30.59 -9.85
N ASP D 163 1.79 -30.10 -11.08
CA ASP D 163 1.47 -30.92 -12.25
C ASP D 163 2.52 -32.01 -12.49
N LEU D 164 3.77 -31.70 -12.17
CA LEU D 164 4.85 -32.69 -12.28
C LEU D 164 4.81 -33.68 -11.13
N ALA D 165 4.51 -33.16 -9.94
CA ALA D 165 4.41 -33.98 -8.73
C ALA D 165 3.27 -34.97 -8.87
N GLU D 166 2.22 -34.54 -9.55
CA GLU D 166 1.03 -35.36 -9.75
C GLU D 166 1.36 -36.53 -10.67
N ALA D 167 2.29 -36.30 -11.59
CA ALA D 167 2.67 -37.30 -12.58
C ALA D 167 3.73 -38.27 -12.05
N GLY D 168 4.13 -38.08 -10.80
CA GLY D 168 5.05 -38.98 -10.15
C GLY D 168 6.51 -38.57 -10.16
N ALA D 169 6.78 -37.32 -10.55
CA ALA D 169 8.15 -36.84 -10.55
C ALA D 169 8.68 -36.75 -9.12
N ASP D 170 9.88 -37.28 -8.92
CA ASP D 170 10.49 -37.30 -7.58
C ASP D 170 11.19 -35.99 -7.27
N CYS D 171 11.39 -35.18 -8.30
CA CYS D 171 12.09 -33.90 -8.16
C CYS D 171 11.88 -33.05 -9.41
N VAL D 172 11.91 -31.73 -9.24
CA VAL D 172 11.74 -30.84 -10.39
C VAL D 172 12.88 -29.83 -10.53
N LYS D 173 13.28 -29.59 -11.77
CA LYS D 173 14.27 -28.57 -12.08
C LYS D 173 13.60 -27.22 -12.36
N VAL D 174 14.04 -26.19 -11.65
CA VAL D 174 13.46 -24.86 -11.78
C VAL D 174 14.40 -23.90 -12.49
N GLY D 175 13.91 -23.24 -13.53
CA GLY D 175 14.70 -22.27 -14.27
C GLY D 175 14.32 -22.12 -15.73
N ILE D 176 13.66 -21.01 -16.07
CA ILE D 176 13.33 -20.69 -17.45
C ILE D 176 14.06 -19.42 -17.86
N GLY D 177 15.18 -19.59 -18.54
CA GLY D 177 15.98 -18.46 -18.99
C GLY D 177 17.09 -17.87 -18.12
N PRO D 178 17.51 -18.54 -17.02
CA PRO D 178 18.54 -17.82 -16.29
C PRO D 178 19.96 -18.23 -16.67
N GLY D 179 20.08 -19.24 -17.54
CA GLY D 179 21.38 -19.76 -17.94
C GLY D 179 22.30 -18.71 -18.54
N SER D 180 23.61 -18.90 -18.36
CA SER D 180 24.60 -17.94 -18.84
C SER D 180 24.66 -17.89 -20.36
N ILE D 181 24.31 -19.01 -21.00
CA ILE D 181 24.32 -19.08 -22.46
C ILE D 181 22.91 -18.91 -23.03
N CYS D 182 21.94 -18.63 -22.16
CA CYS D 182 20.54 -18.63 -22.56
C CYS D 182 20.11 -17.39 -23.34
N THR D 183 19.26 -17.61 -24.34
CA THR D 183 18.66 -16.50 -25.08
C THR D 183 17.14 -16.66 -25.16
N THR D 184 16.59 -17.55 -24.35
CA THR D 184 15.14 -17.84 -24.36
C THR D 184 14.29 -16.59 -24.09
N ARG D 185 14.62 -15.88 -23.02
CA ARG D 185 13.86 -14.68 -22.65
C ARG D 185 13.97 -13.57 -23.69
N ILE D 186 15.00 -13.65 -24.52
CA ILE D 186 15.24 -12.63 -25.55
C ILE D 186 14.50 -12.96 -26.84
N VAL D 187 14.44 -14.24 -27.17
CA VAL D 187 13.81 -14.67 -28.42
C VAL D 187 12.33 -15.00 -28.24
N ALA D 188 11.93 -15.35 -27.02
CA ALA D 188 10.57 -15.79 -26.76
C ALA D 188 9.83 -14.85 -25.80
N GLY D 189 10.60 -14.07 -25.05
CA GLY D 189 10.03 -13.17 -24.06
C GLY D 189 9.55 -13.91 -22.83
N VAL D 190 9.84 -15.19 -22.78
CA VAL D 190 9.34 -16.06 -21.72
C VAL D 190 10.42 -16.32 -20.67
N GLY D 191 10.06 -16.14 -19.40
CA GLY D 191 10.99 -16.39 -18.32
C GLY D 191 10.56 -15.80 -16.98
N VAL D 192 11.10 -16.37 -15.91
CA VAL D 192 10.89 -15.85 -14.56
C VAL D 192 12.22 -15.77 -13.84
N PRO D 193 12.62 -14.56 -13.40
CA PRO D 193 13.85 -14.32 -12.63
C PRO D 193 14.07 -15.36 -11.54
N GLN D 194 15.25 -15.97 -11.55
CA GLN D 194 15.49 -17.25 -10.90
C GLN D 194 15.20 -17.30 -9.39
N LEU D 195 15.48 -16.21 -8.67
CA LEU D 195 15.31 -16.24 -7.22
C LEU D 195 13.86 -16.52 -6.80
N THR D 196 12.95 -15.63 -7.18
CA THR D 196 11.54 -15.80 -6.86
C THR D 196 10.98 -17.02 -7.60
N ALA D 197 11.60 -17.35 -8.74
CA ALA D 197 11.24 -18.54 -9.48
C ALA D 197 11.50 -19.78 -8.63
N VAL D 198 12.68 -19.84 -8.04
CA VAL D 198 13.05 -20.94 -7.16
C VAL D 198 12.23 -20.90 -5.87
N MET D 199 12.08 -19.69 -5.31
CA MET D 199 11.42 -19.51 -4.02
C MET D 199 9.95 -19.94 -4.03
N ASP D 200 9.23 -19.56 -5.07
CA ASP D 200 7.81 -19.91 -5.18
C ASP D 200 7.60 -21.40 -5.43
N CYS D 201 8.51 -22.00 -6.21
CA CYS D 201 8.43 -23.42 -6.52
C CYS D 201 8.84 -24.27 -5.31
N ALA D 202 9.83 -23.78 -4.56
CA ALA D 202 10.30 -24.48 -3.37
C ALA D 202 9.23 -24.52 -2.29
N GLU D 203 8.54 -23.40 -2.10
CA GLU D 203 7.50 -23.29 -1.10
C GLU D 203 6.37 -24.29 -1.35
N GLU D 204 6.03 -24.50 -2.61
N GLU D 204 6.07 -24.52 -2.62
CA GLU D 204 4.96 -25.44 -2.93
CA GLU D 204 4.98 -25.41 -3.01
C GLU D 204 5.46 -26.87 -2.94
C GLU D 204 5.45 -26.85 -3.15
N GLY D 205 6.75 -27.04 -3.22
CA GLY D 205 7.34 -28.38 -3.26
C GLY D 205 7.43 -28.95 -1.86
N LYS D 206 7.56 -28.06 -0.88
CA LYS D 206 7.64 -28.45 0.52
C LYS D 206 6.26 -28.68 1.12
N LYS D 207 5.22 -28.31 0.36
CA LYS D 207 3.85 -28.58 0.76
C LYS D 207 3.44 -29.97 0.26
N LEU D 208 4.06 -30.40 -0.83
CA LEU D 208 3.74 -31.68 -1.44
C LEU D 208 4.75 -32.76 -1.03
N GLY D 209 6.00 -32.34 -0.86
CA GLY D 209 7.07 -33.27 -0.51
C GLY D 209 7.97 -33.55 -1.71
N ILE D 210 8.12 -32.55 -2.57
CA ILE D 210 8.95 -32.68 -3.75
C ILE D 210 10.06 -31.62 -3.76
N PRO D 211 11.32 -32.06 -3.84
CA PRO D 211 12.46 -31.14 -3.86
C PRO D 211 12.56 -30.37 -5.17
N VAL D 212 13.20 -29.20 -5.14
CA VAL D 212 13.39 -28.38 -6.33
C VAL D 212 14.87 -28.12 -6.56
N ILE D 213 15.28 -28.11 -7.83
CA ILE D 213 16.67 -27.88 -8.18
C ILE D 213 16.86 -26.49 -8.77
N ALA D 214 17.53 -25.61 -8.01
CA ALA D 214 17.87 -24.29 -8.52
C ALA D 214 18.87 -24.41 -9.67
N ASP D 215 18.37 -24.16 -10.88
CA ASP D 215 19.17 -24.34 -12.10
C ASP D 215 19.54 -23.01 -12.74
N GLY D 216 20.81 -22.84 -13.14
CA GLY D 216 21.22 -21.68 -13.94
C GLY D 216 21.25 -20.33 -13.25
N GLY D 217 22.09 -19.44 -13.76
CA GLY D 217 22.19 -18.09 -13.24
C GLY D 217 23.02 -18.00 -11.98
N LEU D 218 23.81 -19.03 -11.70
CA LEU D 218 24.64 -19.05 -10.51
C LEU D 218 26.11 -18.75 -10.81
N LYS D 219 26.53 -17.51 -10.56
CA LYS D 219 27.89 -17.09 -10.86
C LYS D 219 28.83 -17.36 -9.70
N TYR D 220 28.36 -17.05 -8.50
CA TYR D 220 29.22 -17.11 -7.31
C TYR D 220 28.71 -18.09 -6.26
N SER D 221 29.53 -18.32 -5.24
CA SER D 221 29.17 -19.23 -4.16
C SER D 221 28.07 -18.66 -3.29
N GLY D 222 28.00 -17.33 -3.25
CA GLY D 222 26.96 -16.65 -2.48
C GLY D 222 25.59 -16.81 -3.11
N ASP D 223 25.57 -16.90 -4.44
CA ASP D 223 24.32 -17.09 -5.17
C ASP D 223 23.74 -18.47 -4.89
N ILE D 224 24.61 -19.43 -4.59
CA ILE D 224 24.19 -20.77 -4.26
C ILE D 224 23.57 -20.80 -2.85
N VAL D 225 24.12 -19.98 -1.96
CA VAL D 225 23.61 -19.87 -0.60
C VAL D 225 22.20 -19.28 -0.61
N LYS D 226 22.02 -18.22 -1.39
CA LYS D 226 20.72 -17.57 -1.54
C LYS D 226 19.69 -18.54 -2.09
N ALA D 227 20.13 -19.42 -2.99
CA ALA D 227 19.25 -20.42 -3.60
C ALA D 227 18.81 -21.45 -2.57
N LEU D 228 19.75 -21.90 -1.73
CA LEU D 228 19.45 -22.87 -0.70
C LEU D 228 18.57 -22.27 0.38
N ALA D 229 18.79 -20.99 0.70
CA ALA D 229 18.03 -20.30 1.73
C ALA D 229 16.59 -20.08 1.28
N ALA D 230 16.34 -20.20 -0.02
CA ALA D 230 15.01 -19.98 -0.58
C ALA D 230 14.19 -21.27 -0.57
N GLY D 231 14.88 -22.41 -0.50
CA GLY D 231 14.19 -23.68 -0.41
C GLY D 231 14.69 -24.76 -1.36
N ALA D 232 15.55 -24.38 -2.29
CA ALA D 232 16.11 -25.33 -3.25
C ALA D 232 16.96 -26.37 -2.54
N CYS D 233 16.83 -27.63 -2.94
N CYS D 233 16.81 -27.63 -2.94
CA CYS D 233 17.59 -28.71 -2.32
CA CYS D 233 17.57 -28.71 -2.35
C CYS D 233 19.00 -28.81 -2.90
C CYS D 233 19.01 -28.71 -2.88
N ALA D 234 19.15 -28.48 -4.17
CA ALA D 234 20.46 -28.50 -4.82
C ALA D 234 20.56 -27.48 -5.94
N ALA D 235 21.79 -27.06 -6.23
CA ALA D 235 22.03 -26.11 -7.31
C ALA D 235 22.71 -26.83 -8.49
N MET D 236 22.38 -26.39 -9.69
CA MET D 236 23.01 -26.95 -10.89
C MET D 236 23.76 -25.88 -11.67
N MET D 237 25.01 -26.18 -11.99
CA MET D 237 25.86 -25.21 -12.67
C MET D 237 26.54 -25.81 -13.90
N GLY D 238 26.60 -25.05 -14.97
CA GLY D 238 27.33 -25.44 -16.16
C GLY D 238 28.49 -24.51 -16.39
N SER D 239 28.24 -23.22 -16.22
CA SER D 239 29.27 -22.19 -16.43
C SER D 239 30.44 -22.32 -15.48
N ILE D 240 30.13 -22.69 -14.23
CA ILE D 240 31.15 -22.85 -13.21
C ILE D 240 32.05 -24.07 -13.49
N PHE D 241 31.49 -25.07 -14.15
CA PHE D 241 32.18 -26.34 -14.34
C PHE D 241 32.72 -26.56 -15.76
N ALA D 242 32.19 -25.84 -16.74
CA ALA D 242 32.59 -26.00 -18.13
C ALA D 242 34.06 -25.65 -18.36
N GLY D 243 34.64 -24.90 -17.43
CA GLY D 243 36.00 -24.45 -17.56
C GLY D 243 37.03 -25.39 -16.97
N CYS D 244 36.57 -26.40 -16.23
CA CYS D 244 37.47 -27.36 -15.61
C CYS D 244 37.99 -28.39 -16.61
N GLU D 245 39.05 -29.09 -16.24
CA GLU D 245 39.70 -30.03 -17.17
C GLU D 245 38.95 -31.36 -17.24
N GLU D 246 38.14 -31.65 -16.23
CA GLU D 246 37.34 -32.87 -16.24
C GLU D 246 36.18 -32.75 -17.23
N ALA D 247 35.84 -31.50 -17.57
CA ALA D 247 34.81 -31.23 -18.57
C ALA D 247 35.27 -31.65 -19.95
N PRO D 248 34.34 -31.97 -20.86
CA PRO D 248 34.70 -32.37 -22.22
C PRO D 248 35.34 -31.23 -23.02
N GLY D 249 36.03 -31.58 -24.10
CA GLY D 249 36.65 -30.59 -24.96
C GLY D 249 38.11 -30.36 -24.66
N ALA D 250 38.89 -30.03 -25.69
CA ALA D 250 40.31 -29.76 -25.52
C ALA D 250 40.53 -28.30 -25.13
N ILE D 251 41.64 -28.04 -24.45
CA ILE D 251 41.97 -26.68 -24.03
C ILE D 251 42.37 -25.83 -25.22
N GLU D 252 42.00 -24.55 -25.19
CA GLU D 252 42.31 -23.65 -26.28
C GLU D 252 43.15 -22.46 -25.83
N ILE D 253 44.16 -22.11 -26.62
CA ILE D 253 44.95 -20.90 -26.37
C ILE D 253 44.61 -19.81 -27.40
N TYR D 254 44.15 -18.67 -26.90
CA TYR D 254 43.77 -17.55 -27.76
C TYR D 254 44.72 -16.38 -27.60
N GLN D 255 44.99 -16.00 -26.36
CA GLN D 255 45.83 -14.86 -26.04
C GLN D 255 47.06 -15.35 -25.25
N GLY D 256 47.28 -16.66 -25.28
CA GLY D 256 48.25 -17.28 -24.41
C GLY D 256 47.55 -17.65 -23.12
N ARG D 257 46.23 -17.48 -23.14
CA ARG D 257 45.38 -17.84 -22.02
C ARG D 257 44.57 -19.09 -22.39
N SER D 258 44.30 -19.93 -21.39
CA SER D 258 43.61 -21.19 -21.64
C SER D 258 42.10 -21.02 -21.56
N TYR D 259 41.40 -21.53 -22.58
CA TYR D 259 39.94 -21.46 -22.62
C TYR D 259 39.33 -22.80 -22.98
N LYS D 260 38.06 -22.98 -22.63
CA LYS D 260 37.31 -24.17 -23.02
C LYS D 260 35.98 -23.78 -23.64
N VAL D 261 35.54 -24.56 -24.63
CA VAL D 261 34.30 -24.26 -25.34
C VAL D 261 33.07 -24.52 -24.48
N TYR D 262 32.23 -23.49 -24.34
CA TYR D 262 30.97 -23.62 -23.62
C TYR D 262 29.82 -23.19 -24.51
N ARG D 263 28.92 -24.12 -24.82
CA ARG D 263 27.78 -23.81 -25.67
C ARG D 263 26.48 -24.31 -25.07
N GLY D 264 25.39 -23.61 -25.38
CA GLY D 264 24.07 -24.01 -24.93
C GLY D 264 23.52 -25.13 -25.78
N MET D 265 22.69 -25.98 -25.16
CA MET D 265 22.12 -27.13 -25.85
C MET D 265 21.11 -26.74 -26.93
N GLY D 266 20.78 -25.45 -26.98
CA GLY D 266 19.87 -24.97 -28.01
C GLY D 266 20.54 -23.94 -28.91
N SER D 267 21.85 -24.07 -29.06
CA SER D 267 22.62 -23.22 -29.97
C SER D 267 22.83 -23.95 -31.29
N LEU D 268 23.26 -23.21 -32.31
CA LEU D 268 23.47 -23.78 -33.65
C LEU D 268 24.37 -25.01 -33.63
N GLY D 269 25.46 -24.95 -32.88
CA GLY D 269 26.41 -26.03 -32.81
C GLY D 269 25.85 -27.29 -32.15
N ALA D 270 25.21 -27.11 -31.01
CA ALA D 270 24.69 -28.25 -30.24
C ALA D 270 23.53 -28.95 -30.94
N MET D 271 22.70 -28.19 -31.65
CA MET D 271 21.52 -28.76 -32.31
C MET D 271 21.91 -29.71 -33.44
N ALA D 272 23.02 -29.40 -34.11
CA ALA D 272 23.51 -30.26 -35.19
C ALA D 272 24.65 -31.15 -34.72
N PHE D 287 16.74 -23.51 -38.67
CA PHE D 287 16.51 -23.84 -37.26
C PHE D 287 16.70 -22.62 -36.36
N VAL D 288 15.80 -22.46 -35.39
CA VAL D 288 15.83 -21.31 -34.48
C VAL D 288 16.39 -21.66 -33.12
N PRO D 289 17.46 -20.97 -32.72
CA PRO D 289 18.21 -21.29 -31.51
C PRO D 289 17.67 -20.56 -30.31
N GLU D 290 17.97 -21.08 -29.12
CA GLU D 290 17.59 -20.42 -27.88
C GLU D 290 18.78 -20.29 -26.96
N GLY D 291 19.96 -20.53 -27.50
CA GLY D 291 21.20 -20.38 -26.75
C GLY D 291 22.36 -19.95 -27.61
N VAL D 292 23.44 -19.51 -26.97
CA VAL D 292 24.64 -19.09 -27.69
C VAL D 292 25.84 -19.99 -27.41
N GLU D 293 26.84 -19.92 -28.28
CA GLU D 293 28.07 -20.70 -28.13
C GLU D 293 29.27 -19.78 -27.92
N GLY D 294 30.18 -20.19 -27.04
CA GLY D 294 31.37 -19.40 -26.78
C GLY D 294 32.45 -20.14 -26.00
N ARG D 295 33.45 -19.38 -25.55
CA ARG D 295 34.54 -19.95 -24.77
C ARG D 295 34.53 -19.40 -23.35
N ILE D 296 34.85 -20.28 -22.40
CA ILE D 296 34.94 -19.89 -20.98
C ILE D 296 36.39 -20.04 -20.52
N ALA D 297 36.75 -19.31 -19.47
CA ALA D 297 38.10 -19.40 -18.91
C ALA D 297 38.37 -20.79 -18.32
N TYR D 298 39.63 -21.20 -18.34
CA TYR D 298 40.03 -22.52 -17.85
C TYR D 298 40.24 -22.53 -16.34
N LYS D 299 39.35 -23.21 -15.63
CA LYS D 299 39.42 -23.29 -14.17
C LYS D 299 40.55 -24.19 -13.70
N GLY D 300 40.73 -25.32 -14.37
CA GLY D 300 41.74 -26.28 -13.98
C GLY D 300 41.12 -27.59 -13.50
N HIS D 301 41.48 -28.00 -12.30
CA HIS D 301 40.91 -29.20 -11.70
C HIS D 301 39.62 -28.89 -10.95
N LEU D 302 38.60 -29.72 -11.16
CA LEU D 302 37.29 -29.52 -10.56
C LEU D 302 37.35 -29.50 -9.03
N ALA D 303 38.16 -30.37 -8.46
CA ALA D 303 38.27 -30.50 -7.01
C ALA D 303 38.65 -29.19 -6.32
N ASP D 304 39.52 -28.42 -6.96
CA ASP D 304 39.92 -27.13 -6.41
C ASP D 304 38.86 -26.07 -6.62
N THR D 305 38.01 -26.28 -7.61
CA THR D 305 36.89 -25.37 -7.86
C THR D 305 35.77 -25.63 -6.86
N ILE D 306 35.44 -26.90 -6.68
CA ILE D 306 34.41 -27.29 -5.71
C ILE D 306 34.81 -26.86 -4.30
N TYR D 307 36.11 -26.96 -4.01
CA TYR D 307 36.64 -26.58 -2.70
C TYR D 307 36.32 -25.13 -2.35
N GLN D 308 36.28 -24.27 -3.37
CA GLN D 308 35.95 -22.87 -3.17
C GLN D 308 34.46 -22.68 -2.94
N LEU D 309 33.64 -23.44 -3.66
CA LEU D 309 32.19 -23.34 -3.55
C LEU D 309 31.70 -23.87 -2.20
N ILE D 310 32.34 -24.92 -1.71
CA ILE D 310 32.00 -25.46 -0.40
C ILE D 310 32.37 -24.47 0.69
N GLY D 311 33.50 -23.79 0.50
CA GLY D 311 33.97 -22.79 1.44
C GLY D 311 33.01 -21.62 1.55
N GLY D 312 32.34 -21.30 0.46
CA GLY D 312 31.39 -20.20 0.44
C GLY D 312 30.06 -20.56 1.10
N ILE D 313 29.56 -21.75 0.78
CA ILE D 313 28.30 -22.22 1.34
C ILE D 313 28.39 -22.37 2.85
N LYS D 314 29.43 -23.05 3.32
CA LYS D 314 29.62 -23.29 4.75
C LYS D 314 29.84 -21.98 5.51
N SER D 315 30.47 -21.00 4.86
CA SER D 315 30.74 -19.72 5.50
C SER D 315 29.48 -18.87 5.55
N GLY D 316 28.66 -18.97 4.51
CA GLY D 316 27.40 -18.24 4.46
C GLY D 316 26.43 -18.77 5.49
N MET D 317 26.47 -20.08 5.71
CA MET D 317 25.63 -20.72 6.71
C MET D 317 26.14 -20.41 8.11
N GLY D 318 27.44 -20.15 8.23
CA GLY D 318 28.02 -19.74 9.49
C GLY D 318 27.47 -18.41 9.94
N TYR D 319 27.25 -17.51 8.98
CA TYR D 319 26.64 -16.21 9.25
C TYR D 319 25.20 -16.36 9.69
N LEU D 320 24.48 -17.29 9.06
CA LEU D 320 23.06 -17.48 9.32
C LEU D 320 22.81 -18.45 10.47
N GLY D 321 23.89 -18.89 11.11
CA GLY D 321 23.81 -19.79 12.25
C GLY D 321 23.15 -21.12 11.92
N ALA D 322 23.35 -21.59 10.71
CA ALA D 322 22.71 -22.82 10.25
C ALA D 322 23.68 -24.00 10.26
N PRO D 323 23.43 -24.99 11.12
CA PRO D 323 24.19 -26.23 11.14
C PRO D 323 23.76 -27.18 10.03
N THR D 324 22.55 -27.00 9.51
CA THR D 324 22.04 -27.82 8.42
C THR D 324 21.30 -26.97 7.39
N LEU D 325 20.98 -27.58 6.25
CA LEU D 325 20.31 -26.86 5.17
C LEU D 325 18.84 -26.57 5.47
N GLU D 326 18.24 -27.39 6.34
CA GLU D 326 16.86 -27.19 6.73
C GLU D 326 16.75 -26.08 7.78
N ASN D 327 17.75 -25.97 8.63
CA ASN D 327 17.82 -24.87 9.56
C ASN D 327 18.05 -23.56 8.81
N LEU D 328 18.72 -23.68 7.66
CA LEU D 328 18.97 -22.54 6.80
C LEU D 328 17.67 -21.98 6.24
N TYR D 329 16.89 -22.84 5.60
CA TYR D 329 15.62 -22.45 5.01
C TYR D 329 14.62 -21.93 6.05
N GLU D 330 14.59 -22.60 7.20
CA GLU D 330 13.65 -22.26 8.26
C GLU D 330 13.83 -20.84 8.79
N ASN D 331 15.07 -20.36 8.78
CA ASN D 331 15.40 -19.10 9.45
C ASN D 331 16.08 -18.07 8.54
N ALA D 332 15.76 -18.10 7.25
CA ALA D 332 16.43 -17.22 6.30
C ALA D 332 15.59 -16.01 5.91
N ASN D 333 16.02 -14.83 6.36
CA ASN D 333 15.37 -13.59 5.94
C ASN D 333 16.15 -12.95 4.80
N PHE D 334 15.46 -12.60 3.72
CA PHE D 334 16.10 -11.91 2.60
C PHE D 334 15.90 -10.41 2.68
N VAL D 335 16.72 -9.69 1.93
CA VAL D 335 16.62 -8.24 1.85
C VAL D 335 17.00 -7.78 0.44
N VAL D 336 16.15 -6.97 -0.16
CA VAL D 336 16.37 -6.48 -1.52
C VAL D 336 17.28 -5.25 -1.53
N GLN D 337 18.31 -5.29 -2.36
CA GLN D 337 19.20 -4.14 -2.54
C GLN D 337 18.96 -3.51 -3.91
N THR D 338 19.27 -2.23 -4.03
CA THR D 338 19.17 -1.55 -5.32
C THR D 338 20.47 -1.75 -6.10
N SER D 339 20.59 -1.06 -7.23
CA SER D 339 21.80 -1.13 -8.03
C SER D 339 22.95 -0.41 -7.35
N ALA D 340 22.61 0.52 -6.46
CA ALA D 340 23.62 1.19 -5.65
C ALA D 340 24.18 0.23 -4.61
N GLY D 341 23.32 -0.66 -4.13
CA GLY D 341 23.72 -1.67 -3.18
C GLY D 341 24.52 -2.79 -3.82
N PHE D 342 24.14 -3.14 -5.05
CA PHE D 342 24.87 -4.14 -5.83
C PHE D 342 26.31 -3.70 -6.06
N ARG D 343 26.47 -2.42 -6.37
CA ARG D 343 27.78 -1.83 -6.58
C ARG D 343 28.60 -1.88 -5.30
N GLU D 344 27.92 -1.73 -4.16
CA GLU D 344 28.60 -1.75 -2.86
C GLU D 344 29.01 -3.17 -2.48
N SER D 345 28.21 -4.15 -2.89
CA SER D 345 28.47 -5.55 -2.57
C SER D 345 29.78 -6.02 -3.19
N HIS D 346 29.93 -5.85 -4.50
CA HIS D 346 31.17 -6.12 -5.19
C HIS D 346 32.25 -5.14 -4.71
N PRO D 347 33.52 -5.55 -4.76
CA PRO D 347 34.61 -4.61 -4.47
C PRO D 347 34.56 -3.38 -5.36
N HIS D 348 34.93 -2.23 -4.81
CA HIS D 348 34.85 -0.98 -5.56
C HIS D 348 35.98 -0.03 -5.19
N ASP D 349 36.25 0.90 -6.10
CA ASP D 349 37.24 1.96 -5.89
C ASP D 349 38.64 1.40 -5.61
N ILE D 350 38.91 0.19 -6.09
CA ILE D 350 40.20 -0.44 -5.88
C ILE D 350 40.71 -1.08 -7.16
N ASN D 351 42.03 -1.04 -7.37
CA ASN D 351 42.64 -1.71 -8.51
C ASN D 351 43.20 -3.07 -8.08
N ILE D 352 42.43 -4.12 -8.33
CA ILE D 352 42.76 -5.46 -7.86
C ILE D 352 44.05 -5.99 -8.48
N THR D 353 45.08 -6.11 -7.64
CA THR D 353 46.40 -6.53 -8.10
C THR D 353 46.50 -8.06 -8.24
N LYS D 354 46.11 -8.76 -7.18
CA LYS D 354 46.26 -10.22 -7.15
C LYS D 354 44.92 -10.95 -7.24
N GLU D 355 44.93 -12.10 -7.89
CA GLU D 355 43.71 -12.85 -8.16
C GLU D 355 43.23 -13.66 -6.96
N ALA D 356 41.96 -13.51 -6.62
CA ALA D 356 41.36 -14.33 -5.57
C ALA D 356 40.75 -15.57 -6.20
N PRO D 357 40.80 -16.69 -5.46
CA PRO D 357 40.34 -17.98 -5.98
C PRO D 357 38.85 -18.03 -6.20
N ASN D 358 38.08 -17.30 -5.39
CA ASN D 358 36.63 -17.36 -5.47
C ASN D 358 35.98 -16.09 -6.00
N TYR D 359 36.80 -15.14 -6.43
CA TYR D 359 36.27 -13.93 -7.05
C TYR D 359 37.06 -13.55 -8.29
N SER D 360 36.35 -13.28 -9.38
CA SER D 360 36.99 -12.87 -10.63
C SER D 360 36.11 -11.92 -11.42
N ALA E 5 -14.91 13.09 -10.24
CA ALA E 5 -15.50 12.44 -9.07
C ALA E 5 -14.57 11.35 -8.53
N ARG E 6 -13.96 11.62 -7.38
CA ARG E 6 -12.98 10.71 -6.83
C ARG E 6 -13.01 10.66 -5.31
N ILE E 7 -12.75 9.48 -4.75
CA ILE E 7 -12.61 9.31 -3.31
C ILE E 7 -11.20 9.67 -2.85
N LEU E 8 -11.09 10.72 -2.06
CA LEU E 8 -9.80 11.24 -1.63
C LEU E 8 -9.13 10.34 -0.59
N LYS E 9 -9.81 10.13 0.53
CA LYS E 9 -9.25 9.37 1.64
C LYS E 9 -10.33 8.95 2.62
N THR E 10 -9.92 8.49 3.79
CA THR E 10 -10.84 8.23 4.89
C THR E 10 -10.68 9.31 5.96
N ALA E 11 -11.76 10.05 6.21
CA ALA E 11 -11.72 11.06 7.26
C ALA E 11 -12.22 10.46 8.56
N TYR E 12 -11.65 10.93 9.68
CA TYR E 12 -12.02 10.40 10.98
C TYR E 12 -12.66 11.49 11.85
N THR E 13 -13.43 11.05 12.85
CA THR E 13 -13.99 11.96 13.82
C THR E 13 -13.37 11.68 15.19
N PHE E 14 -13.87 12.33 16.24
CA PHE E 14 -13.30 12.19 17.56
C PHE E 14 -13.47 10.79 18.15
N ASP E 15 -14.61 10.15 17.84
CA ASP E 15 -14.90 8.82 18.37
C ASP E 15 -14.13 7.73 17.62
N ASP E 16 -13.40 8.12 16.58
CA ASP E 16 -12.61 7.17 15.81
C ASP E 16 -11.20 7.02 16.36
N VAL E 17 -10.80 7.96 17.23
CA VAL E 17 -9.40 8.11 17.55
C VAL E 17 -9.11 8.22 19.05
N LEU E 18 -7.89 7.84 19.43
CA LEU E 18 -7.45 7.95 20.81
C LEU E 18 -6.04 8.53 20.88
N LEU E 19 -5.66 9.04 22.05
CA LEU E 19 -4.35 9.65 22.24
C LEU E 19 -3.41 8.75 23.04
N VAL E 20 -2.35 8.29 22.38
CA VAL E 20 -1.35 7.44 23.01
C VAL E 20 -0.61 8.21 24.09
N PRO E 21 -0.58 7.68 25.32
CA PRO E 21 0.06 8.34 26.46
C PRO E 21 1.54 8.64 26.23
N ASN E 22 1.98 9.80 26.71
CA ASN E 22 3.39 10.17 26.63
C ASN E 22 4.06 10.15 28.00
N LYS E 23 5.39 10.13 28.00
CA LYS E 23 6.15 10.25 29.24
C LYS E 23 5.85 11.60 29.88
N SER E 24 5.60 11.60 31.19
CA SER E 24 5.17 12.83 31.86
C SER E 24 5.94 13.11 33.15
N GLU E 25 6.28 14.38 33.33
CA GLU E 25 6.88 14.85 34.57
C GLU E 25 5.97 15.91 35.19
N VAL E 26 4.68 15.82 34.88
CA VAL E 26 3.72 16.83 35.30
C VAL E 26 2.34 16.25 35.55
N LEU E 27 1.79 16.53 36.72
CA LEU E 27 0.44 16.11 37.07
C LEU E 27 -0.60 17.09 36.51
N PRO E 28 -1.87 16.66 36.38
CA PRO E 28 -2.95 17.52 35.89
C PRO E 28 -3.03 18.87 36.61
N ASN E 29 -2.71 18.89 37.89
CA ASN E 29 -2.73 20.13 38.67
C ASN E 29 -1.77 21.18 38.14
N GLU E 30 -0.69 20.72 37.52
CA GLU E 30 0.41 21.60 37.14
C GLU E 30 0.45 21.90 35.64
N VAL E 31 -0.71 21.89 35.00
N VAL E 31 -0.73 21.94 35.03
CA VAL E 31 -0.76 22.22 33.58
CA VAL E 31 -0.89 22.15 33.59
C VAL E 31 -1.48 23.54 33.40
C VAL E 31 -1.64 23.46 33.29
N SER E 32 -1.19 24.20 32.29
CA SER E 32 -1.82 25.47 31.94
C SER E 32 -2.65 25.34 30.66
N LEU E 33 -3.74 26.11 30.59
CA LEU E 33 -4.67 26.01 29.46
C LEU E 33 -4.76 27.31 28.67
N LYS E 34 -3.78 28.19 28.84
CA LYS E 34 -3.79 29.47 28.16
C LYS E 34 -3.68 29.32 26.65
N THR E 35 -4.34 30.21 25.92
CA THR E 35 -4.30 30.17 24.46
C THR E 35 -4.31 31.57 23.85
N GLN E 36 -4.21 31.61 22.53
CA GLN E 36 -4.37 32.83 21.77
C GLN E 36 -5.53 32.65 20.80
N LEU E 37 -6.67 33.25 21.12
CA LEU E 37 -7.81 33.24 20.21
C LEU E 37 -7.37 33.83 18.88
N THR E 38 -6.76 35.01 18.96
CA THR E 38 -6.00 35.57 17.86
C THR E 38 -4.70 36.09 18.46
N LYS E 39 -3.95 36.87 17.69
CA LYS E 39 -2.73 37.44 18.21
C LYS E 39 -3.02 38.44 19.32
N LYS E 40 -4.03 39.27 19.10
CA LYS E 40 -4.41 40.30 20.07
C LYS E 40 -5.12 39.73 21.29
N ILE E 41 -5.95 38.72 21.06
CA ILE E 41 -6.81 38.21 22.12
C ILE E 41 -6.33 36.87 22.66
N GLN E 42 -6.28 36.77 23.99
CA GLN E 42 -5.85 35.55 24.66
C GLN E 42 -6.89 35.10 25.68
N LEU E 43 -7.10 33.78 25.76
CA LEU E 43 -8.06 33.21 26.69
C LEU E 43 -7.38 32.33 27.75
N ASN E 44 -7.85 32.43 28.99
CA ASN E 44 -7.34 31.60 30.07
C ASN E 44 -7.62 30.12 29.82
N ILE E 45 -8.85 29.81 29.41
CA ILE E 45 -9.22 28.44 29.06
C ILE E 45 -9.76 28.39 27.63
N PRO E 46 -9.40 27.33 26.88
CA PRO E 46 -9.70 27.22 25.44
C PRO E 46 -11.12 26.78 25.13
N LEU E 47 -12.11 27.40 25.77
CA LEU E 47 -13.51 27.08 25.53
C LEU E 47 -14.28 28.34 25.18
N MET E 48 -15.14 28.25 24.16
CA MET E 48 -16.00 29.37 23.79
C MET E 48 -17.42 28.90 23.48
N SER E 49 -18.40 29.74 23.82
CA SER E 49 -19.79 29.39 23.63
C SER E 49 -20.25 29.67 22.20
N ALA E 50 -20.94 28.69 21.61
CA ALA E 50 -21.48 28.84 20.26
C ALA E 50 -22.52 29.95 20.20
N SER E 51 -22.54 30.69 19.10
CA SER E 51 -23.48 31.79 18.93
C SER E 51 -24.81 31.29 18.42
N MET E 52 -25.61 30.74 19.32
CA MET E 52 -26.96 30.28 19.00
C MET E 52 -27.94 30.91 19.99
N ASP E 53 -29.16 31.17 19.54
CA ASP E 53 -30.14 31.88 20.37
C ASP E 53 -30.52 31.10 21.62
N THR E 54 -30.39 29.79 21.57
CA THR E 54 -30.67 28.94 22.73
C THR E 54 -29.42 28.67 23.55
N VAL E 55 -28.36 29.44 23.28
CA VAL E 55 -27.09 29.20 23.97
C VAL E 55 -26.51 30.46 24.62
N THR E 56 -26.20 31.47 23.82
CA THR E 56 -25.41 32.60 24.32
C THR E 56 -26.05 33.97 24.14
N GLU E 57 -26.41 34.60 25.26
CA GLU E 57 -26.77 36.01 25.27
C GLU E 57 -25.96 36.72 26.36
N SER E 58 -26.51 37.77 26.94
CA SER E 58 -25.78 38.57 27.93
C SER E 58 -25.27 37.74 29.11
N LYS E 59 -26.14 36.92 29.66
CA LYS E 59 -25.80 36.14 30.86
C LYS E 59 -24.71 35.10 30.59
N MET E 60 -24.87 34.35 29.51
CA MET E 60 -23.90 33.32 29.15
C MET E 60 -22.54 33.91 28.80
N ALA E 61 -22.55 34.99 28.02
CA ALA E 61 -21.33 35.64 27.57
C ALA E 61 -20.53 36.19 28.73
N ILE E 62 -21.25 36.71 29.73
CA ILE E 62 -20.62 37.18 30.95
C ILE E 62 -20.03 36.03 31.74
N ALA E 63 -20.86 35.01 31.95
CA ALA E 63 -20.47 33.84 32.74
C ALA E 63 -19.26 33.13 32.13
N MET E 64 -19.28 32.96 30.82
CA MET E 64 -18.18 32.28 30.11
C MET E 64 -16.89 33.05 30.25
N ALA E 65 -17.01 34.38 30.20
CA ALA E 65 -15.86 35.26 30.34
C ALA E 65 -15.27 35.18 31.75
N ARG E 66 -16.14 35.09 32.74
CA ARG E 66 -15.71 34.99 34.13
C ARG E 66 -14.96 33.68 34.37
N GLU E 67 -15.45 32.61 33.74
CA GLU E 67 -14.84 31.30 33.89
C GLU E 67 -13.48 31.20 33.18
N GLY E 68 -13.25 32.11 32.25
CA GLY E 68 -11.96 32.18 31.57
C GLY E 68 -12.03 31.98 30.07
N GLY E 69 -13.24 31.89 29.55
CA GLY E 69 -13.45 31.77 28.12
C GLY E 69 -14.03 33.03 27.51
N ILE E 70 -14.75 32.85 26.41
CA ILE E 70 -15.44 33.94 25.72
C ILE E 70 -16.77 33.46 25.16
N GLY E 71 -17.73 34.37 25.07
CA GLY E 71 -19.04 34.05 24.53
C GLY E 71 -19.45 34.94 23.36
N ILE E 72 -19.96 34.32 22.31
CA ILE E 72 -20.35 35.05 21.11
C ILE E 72 -21.85 35.32 21.09
N ILE E 73 -22.23 36.59 21.23
CA ILE E 73 -23.63 36.99 21.18
C ILE E 73 -24.21 36.70 19.79
N HIS E 74 -25.27 35.91 19.74
CA HIS E 74 -25.86 35.50 18.47
C HIS E 74 -26.45 36.68 17.69
N LYS E 75 -26.77 36.44 16.43
CA LYS E 75 -27.18 37.53 15.53
C LYS E 75 -28.67 37.50 15.18
N ASN E 76 -29.44 36.68 15.87
CA ASN E 76 -30.88 36.66 15.66
C ASN E 76 -31.59 37.76 16.44
N MET E 77 -30.84 38.83 16.70
CA MET E 77 -31.39 40.05 17.28
C MET E 77 -31.39 41.13 16.22
N THR E 78 -32.04 42.26 16.53
CA THR E 78 -31.93 43.43 15.67
C THR E 78 -30.57 44.08 15.91
N ILE E 79 -30.23 45.06 15.08
CA ILE E 79 -28.95 45.76 15.22
C ILE E 79 -28.82 46.38 16.61
N GLU E 80 -29.88 47.05 17.04
CA GLU E 80 -29.91 47.70 18.34
C GLU E 80 -29.82 46.71 19.49
N ASP E 81 -30.54 45.59 19.38
CA ASP E 81 -30.57 44.59 20.44
C ASP E 81 -29.20 43.98 20.69
N GLN E 82 -28.55 43.52 19.63
CA GLN E 82 -27.22 42.91 19.74
C GLN E 82 -26.20 43.94 20.18
N ALA E 83 -26.44 45.20 19.84
CA ALA E 83 -25.58 46.30 20.25
C ALA E 83 -25.59 46.45 21.76
N ARG E 84 -26.79 46.45 22.34
CA ARG E 84 -26.94 46.54 23.79
C ARG E 84 -26.32 45.32 24.46
N GLU E 85 -26.74 44.14 24.01
CA GLU E 85 -26.29 42.87 24.60
C GLU E 85 -24.78 42.77 24.71
N VAL E 86 -24.07 43.24 23.70
CA VAL E 86 -22.62 43.29 23.73
C VAL E 86 -22.14 44.27 24.79
N ASP E 87 -22.81 45.41 24.87
CA ASP E 87 -22.45 46.46 25.83
C ASP E 87 -22.67 46.04 27.28
N ARG E 88 -23.71 45.26 27.53
CA ARG E 88 -24.05 44.83 28.88
C ARG E 88 -22.97 43.91 29.46
N VAL E 89 -22.45 43.02 28.63
CA VAL E 89 -21.31 42.20 28.99
C VAL E 89 -20.08 43.05 29.24
N LYS E 90 -19.87 44.04 28.38
CA LYS E 90 -18.67 44.87 28.43
C LYS E 90 -18.61 45.80 29.64
N ARG E 91 -19.74 46.45 29.95
CA ARG E 91 -19.77 47.44 31.02
C ARG E 91 -19.42 46.85 32.38
N SER E 92 -19.95 45.66 32.66
CA SER E 92 -19.76 45.03 33.96
C SER E 92 -18.56 44.09 33.99
N GLY E 93 -17.36 44.65 33.92
CA GLY E 93 -16.17 43.83 34.04
C GLY E 93 -14.93 44.26 33.28
N GLY E 94 -15.06 44.40 31.96
CA GLY E 94 -13.89 44.49 31.11
C GLY E 94 -13.64 43.11 30.55
N LEU E 95 -14.62 42.25 30.75
CA LEU E 95 -14.63 40.90 30.20
C LEU E 95 -14.58 40.95 28.68
N LEU E 96 -14.12 39.87 28.06
CA LEU E 96 -14.09 39.75 26.62
C LEU E 96 -15.49 39.46 26.10
N CYS E 97 -15.70 39.70 24.82
CA CYS E 97 -17.00 39.44 24.21
C CYS E 97 -16.88 39.30 22.70
N GLY E 98 -17.80 38.55 22.10
CA GLY E 98 -17.82 38.33 20.67
C GLY E 98 -19.18 38.65 20.08
N ALA E 99 -19.18 39.07 18.83
CA ALA E 99 -20.43 39.37 18.15
C ALA E 99 -20.60 38.50 16.91
N SER E 100 -21.76 37.89 16.77
CA SER E 100 -22.07 37.10 15.59
C SER E 100 -22.53 38.02 14.47
N ILE E 101 -21.79 37.99 13.36
CA ILE E 101 -22.14 38.80 12.20
C ILE E 101 -22.31 37.91 10.98
N GLY E 102 -23.32 38.18 10.17
CA GLY E 102 -23.58 37.39 8.98
C GLY E 102 -23.53 38.21 7.70
N VAL E 103 -23.22 37.54 6.60
CA VAL E 103 -23.20 38.19 5.30
C VAL E 103 -24.62 38.59 4.91
N THR E 104 -24.92 39.89 5.03
CA THR E 104 -26.23 40.43 4.71
C THR E 104 -26.11 41.82 4.10
N ASN E 105 -27.24 42.42 3.75
CA ASN E 105 -27.24 43.77 3.19
C ASN E 105 -26.93 44.81 4.26
N ASP E 106 -27.40 44.56 5.48
CA ASP E 106 -27.17 45.48 6.60
C ASP E 106 -25.92 45.11 7.39
N MET E 107 -25.04 44.34 6.74
CA MET E 107 -23.84 43.79 7.38
C MET E 107 -22.99 44.83 8.10
N MET E 108 -22.53 45.84 7.36
CA MET E 108 -21.68 46.88 7.93
C MET E 108 -22.41 47.73 8.94
N GLU E 109 -23.72 47.89 8.76
CA GLU E 109 -24.55 48.64 9.70
C GLU E 109 -24.57 47.94 11.06
N ARG E 110 -24.35 46.63 11.04
CA ARG E 110 -24.35 45.83 12.26
C ARG E 110 -22.96 45.76 12.87
N VAL E 111 -21.95 45.76 12.01
CA VAL E 111 -20.56 45.69 12.45
C VAL E 111 -20.16 46.94 13.24
N ASP E 112 -20.56 48.11 12.75
CA ASP E 112 -20.23 49.35 13.43
C ASP E 112 -21.08 49.55 14.69
N ALA E 113 -22.11 48.71 14.84
CA ALA E 113 -22.96 48.79 16.02
C ALA E 113 -22.30 48.11 17.21
N VAL E 114 -21.77 46.91 16.99
CA VAL E 114 -21.11 46.16 18.05
C VAL E 114 -19.73 46.72 18.35
N VAL E 115 -19.10 47.32 17.34
CA VAL E 115 -17.80 47.96 17.52
C VAL E 115 -17.97 49.20 18.41
N LYS E 116 -19.06 49.93 18.19
CA LYS E 116 -19.41 51.05 19.06
C LYS E 116 -19.64 50.56 20.49
N ALA E 117 -20.13 49.33 20.62
CA ALA E 117 -20.38 48.72 21.92
C ALA E 117 -19.10 48.09 22.48
N LYS E 118 -17.98 48.39 21.82
CA LYS E 118 -16.67 47.94 22.24
C LYS E 118 -16.55 46.42 22.25
N VAL E 119 -17.02 45.77 21.19
CA VAL E 119 -16.87 44.34 21.06
C VAL E 119 -15.41 44.04 20.78
N ASP E 120 -15.00 42.81 21.10
CA ASP E 120 -13.58 42.46 21.01
C ASP E 120 -13.28 41.65 19.77
N VAL E 121 -14.23 40.84 19.33
CA VAL E 121 -14.00 39.96 18.18
C VAL E 121 -15.27 39.74 17.35
N ILE E 122 -15.14 39.88 16.03
CA ILE E 122 -16.24 39.61 15.11
C ILE E 122 -16.20 38.19 14.58
N VAL E 123 -17.33 37.48 14.67
CA VAL E 123 -17.44 36.14 14.09
C VAL E 123 -18.30 36.17 12.83
N LEU E 124 -17.64 36.14 11.68
CA LEU E 124 -18.31 36.20 10.39
C LEU E 124 -18.68 34.79 9.93
N ASP E 125 -19.54 34.13 10.70
CA ASP E 125 -19.84 32.72 10.46
C ASP E 125 -21.13 32.51 9.66
N THR E 126 -21.06 31.58 8.73
CA THR E 126 -22.21 31.20 7.91
C THR E 126 -22.15 29.72 7.60
N ALA E 127 -23.03 29.26 6.71
CA ALA E 127 -23.06 27.86 6.31
C ALA E 127 -21.82 27.51 5.48
N HIS E 128 -21.55 28.32 4.45
CA HIS E 128 -20.39 28.10 3.60
C HIS E 128 -19.38 29.22 3.79
N GLY E 129 -18.37 28.96 4.62
CA GLY E 129 -17.35 29.96 4.93
C GLY E 129 -16.40 30.22 3.77
N HIS E 130 -16.19 29.21 2.95
CA HIS E 130 -15.30 29.33 1.81
C HIS E 130 -16.05 29.80 0.56
N SER E 131 -16.76 30.91 0.69
CA SER E 131 -17.53 31.45 -0.42
C SER E 131 -17.10 32.87 -0.75
N LYS E 132 -17.61 33.38 -1.86
CA LYS E 132 -17.30 34.73 -2.32
C LYS E 132 -17.77 35.77 -1.31
N GLY E 133 -18.97 35.55 -0.76
CA GLY E 133 -19.56 36.48 0.18
C GLY E 133 -18.75 36.71 1.44
N VAL E 134 -18.24 35.64 2.03
CA VAL E 134 -17.45 35.73 3.25
C VAL E 134 -16.12 36.42 3.00
N ILE E 135 -15.48 36.06 1.89
CA ILE E 135 -14.19 36.62 1.52
C ILE E 135 -14.29 38.12 1.26
N GLU E 136 -15.29 38.52 0.49
CA GLU E 136 -15.49 39.95 0.19
C GLU E 136 -16.10 40.67 1.39
N GLY E 137 -16.47 39.92 2.42
CA GLY E 137 -17.03 40.50 3.62
C GLY E 137 -15.97 40.83 4.65
N VAL E 138 -15.03 39.91 4.86
CA VAL E 138 -13.92 40.13 5.77
C VAL E 138 -13.08 41.32 5.31
N LYS E 139 -12.83 41.39 4.00
CA LYS E 139 -12.07 42.50 3.43
C LYS E 139 -12.82 43.82 3.60
N ARG E 140 -14.13 43.79 3.36
CA ARG E 140 -14.95 44.99 3.50
C ARG E 140 -15.01 45.43 4.95
N ILE E 141 -14.81 44.49 5.86
CA ILE E 141 -14.74 44.79 7.29
C ILE E 141 -13.35 45.26 7.68
N LYS E 142 -12.33 44.52 7.25
CA LYS E 142 -10.93 44.86 7.57
C LYS E 142 -10.47 46.14 6.88
N ALA E 143 -11.28 46.67 5.98
CA ALA E 143 -10.96 47.92 5.30
C ALA E 143 -11.35 49.10 6.18
N LYS E 144 -12.55 49.05 6.74
CA LYS E 144 -13.05 50.11 7.61
C LYS E 144 -12.43 49.99 8.99
N TYR E 145 -12.26 48.75 9.45
CA TYR E 145 -11.65 48.49 10.75
C TYR E 145 -10.49 47.50 10.61
N PRO E 146 -9.28 48.01 10.34
CA PRO E 146 -8.09 47.19 10.11
C PRO E 146 -7.60 46.45 11.36
N GLU E 147 -7.92 46.98 12.55
CA GLU E 147 -7.41 46.40 13.79
C GLU E 147 -8.46 45.55 14.51
N LEU E 148 -9.70 45.59 14.03
CA LEU E 148 -10.78 44.80 14.60
C LEU E 148 -10.52 43.32 14.38
N GLN E 149 -10.45 42.56 15.48
CA GLN E 149 -10.21 41.12 15.38
C GLN E 149 -11.42 40.40 14.80
N VAL E 150 -11.19 39.64 13.74
CA VAL E 150 -12.28 38.99 13.00
C VAL E 150 -12.08 37.49 12.82
N ILE E 151 -13.07 36.71 13.26
CA ILE E 151 -13.09 35.28 13.02
C ILE E 151 -14.05 34.96 11.88
N ALA E 152 -13.60 34.13 10.94
CA ALA E 152 -14.45 33.74 9.81
C ALA E 152 -14.68 32.24 9.77
N GLY E 153 -15.88 31.84 9.35
CA GLY E 153 -16.22 30.43 9.21
C GLY E 153 -17.51 30.26 8.44
N ASN E 154 -17.90 29.00 8.20
CA ASN E 154 -17.11 27.86 8.62
C ASN E 154 -16.51 27.10 7.43
N ILE E 155 -15.33 26.54 7.65
CA ILE E 155 -14.59 25.86 6.59
C ILE E 155 -14.25 24.43 6.98
N ALA E 156 -13.75 23.65 6.03
CA ALA E 156 -13.37 22.27 6.30
C ALA E 156 -12.12 21.86 5.51
N THR E 157 -11.65 22.77 4.66
CA THR E 157 -10.49 22.49 3.81
C THR E 157 -9.35 23.46 4.06
N PRO E 158 -8.10 22.98 3.94
CA PRO E 158 -6.91 23.84 4.02
C PRO E 158 -6.91 24.90 2.94
N GLU E 159 -7.53 24.59 1.80
CA GLU E 159 -7.67 25.54 0.70
C GLU E 159 -8.51 26.74 1.13
N ALA E 160 -9.43 26.49 2.06
CA ALA E 160 -10.33 27.52 2.56
C ALA E 160 -9.63 28.41 3.59
N VAL E 161 -8.79 27.80 4.42
CA VAL E 161 -8.03 28.52 5.42
C VAL E 161 -7.18 29.61 4.76
N ARG E 162 -6.48 29.24 3.69
CA ARG E 162 -5.61 30.17 2.98
C ARG E 162 -6.40 31.32 2.38
N ASP E 163 -7.53 31.02 1.76
CA ASP E 163 -8.35 32.03 1.11
C ASP E 163 -8.95 33.01 2.12
N LEU E 164 -9.25 32.52 3.32
CA LEU E 164 -9.78 33.37 4.38
C LEU E 164 -8.65 34.21 5.00
N ALA E 165 -7.50 33.57 5.22
CA ALA E 165 -6.34 34.26 5.78
C ALA E 165 -5.86 35.35 4.84
N GLU E 166 -5.89 35.07 3.54
CA GLU E 166 -5.51 36.05 2.54
C GLU E 166 -6.46 37.24 2.54
N ALA E 167 -7.73 36.97 2.83
CA ALA E 167 -8.75 38.00 2.84
C ALA E 167 -8.66 38.89 4.08
N GLY E 168 -7.79 38.52 5.01
CA GLY E 168 -7.54 39.37 6.19
C GLY E 168 -8.12 38.83 7.48
N ALA E 169 -8.43 37.54 7.52
CA ALA E 169 -8.95 36.93 8.73
C ALA E 169 -7.85 36.83 9.80
N ASP E 170 -8.26 36.85 11.06
CA ASP E 170 -7.33 36.72 12.17
C ASP E 170 -7.41 35.33 12.78
N CYS E 171 -8.51 34.64 12.48
CA CYS E 171 -8.73 33.28 12.96
C CYS E 171 -9.87 32.64 12.16
N VAL E 172 -9.78 31.34 11.93
CA VAL E 172 -10.80 30.64 11.17
C VAL E 172 -11.56 29.62 12.01
N LYS E 173 -12.87 29.54 11.79
CA LYS E 173 -13.70 28.57 12.50
C LYS E 173 -13.97 27.38 11.59
N VAL E 174 -13.65 26.18 12.07
CA VAL E 174 -13.71 24.97 11.25
C VAL E 174 -14.83 24.02 11.67
N GLY E 175 -15.66 23.62 10.71
CA GLY E 175 -16.72 22.66 10.97
C GLY E 175 -17.89 22.71 9.99
N ILE E 176 -18.05 21.65 9.21
CA ILE E 176 -19.22 21.52 8.33
C ILE E 176 -19.97 20.24 8.67
N GLY E 177 -21.15 20.40 9.27
CA GLY E 177 -21.99 19.28 9.66
C GLY E 177 -21.68 18.46 10.90
N PRO E 178 -20.88 18.99 11.85
CA PRO E 178 -20.62 18.09 12.97
C PRO E 178 -21.53 18.37 14.16
N GLY E 179 -22.40 19.37 14.03
CA GLY E 179 -23.24 19.81 15.13
C GLY E 179 -24.25 18.76 15.59
N SER E 180 -24.61 18.85 16.86
CA SER E 180 -25.60 17.96 17.45
C SER E 180 -26.99 18.22 16.86
N ILE E 181 -27.19 19.43 16.36
CA ILE E 181 -28.48 19.84 15.81
C ILE E 181 -28.45 19.92 14.29
N CYS E 182 -27.36 19.44 13.69
CA CYS E 182 -27.13 19.65 12.27
C CYS E 182 -27.64 18.52 11.37
N THR E 183 -28.11 18.89 10.18
CA THR E 183 -28.51 17.92 9.16
C THR E 183 -27.89 18.25 7.80
N THR E 184 -26.89 19.14 7.81
CA THR E 184 -26.25 19.58 6.57
C THR E 184 -25.65 18.40 5.79
N ARG E 185 -24.98 17.50 6.52
CA ARG E 185 -24.40 16.32 5.89
C ARG E 185 -25.49 15.40 5.35
N ILE E 186 -26.71 15.55 5.86
CA ILE E 186 -27.82 14.69 5.48
C ILE E 186 -28.63 15.27 4.33
N VAL E 187 -28.90 16.57 4.39
CA VAL E 187 -29.75 17.21 3.38
C VAL E 187 -28.97 17.70 2.17
N ALA E 188 -27.68 17.98 2.36
CA ALA E 188 -26.85 18.49 1.28
C ALA E 188 -25.76 17.49 0.90
N GLY E 189 -25.51 16.52 1.77
CA GLY E 189 -24.51 15.50 1.52
C GLY E 189 -23.10 16.04 1.58
N VAL E 190 -22.93 17.17 2.28
CA VAL E 190 -21.65 17.85 2.34
C VAL E 190 -21.10 17.90 3.77
N GLY E 191 -19.80 17.63 3.90
CA GLY E 191 -19.16 17.74 5.20
C GLY E 191 -17.88 16.93 5.33
N VAL E 192 -17.07 17.28 6.31
CA VAL E 192 -15.87 16.52 6.64
C VAL E 192 -15.87 16.24 8.14
N PRO E 193 -15.74 14.95 8.51
CA PRO E 193 -15.63 14.53 9.91
C PRO E 193 -14.65 15.40 10.69
N GLN E 194 -15.09 15.90 11.83
CA GLN E 194 -14.45 17.04 12.48
C GLN E 194 -12.97 16.90 12.79
N LEU E 195 -12.52 15.71 13.20
CA LEU E 195 -11.13 15.53 13.58
C LEU E 195 -10.19 15.80 12.40
N THR E 196 -10.42 15.09 11.29
CA THR E 196 -9.60 15.25 10.10
C THR E 196 -9.68 16.68 9.58
N ALA E 197 -10.88 17.26 9.64
CA ALA E 197 -11.10 18.64 9.20
C ALA E 197 -10.25 19.60 10.02
N VAL E 198 -10.32 19.48 11.34
CA VAL E 198 -9.53 20.32 12.23
C VAL E 198 -8.04 20.08 12.03
N MET E 199 -7.64 18.82 11.86
CA MET E 199 -6.24 18.47 11.67
C MET E 199 -5.62 19.14 10.45
N ASP E 200 -6.19 18.89 9.28
CA ASP E 200 -5.66 19.43 8.03
C ASP E 200 -5.69 20.96 8.00
N CYS E 201 -6.78 21.53 8.50
CA CYS E 201 -6.92 22.99 8.51
C CYS E 201 -5.95 23.66 9.47
N ALA E 202 -5.78 23.08 10.66
CA ALA E 202 -4.88 23.63 11.66
C ALA E 202 -3.45 23.64 11.15
N GLU E 203 -3.03 22.56 10.48
CA GLU E 203 -1.70 22.49 9.92
C GLU E 203 -1.51 23.57 8.86
N GLU E 204 -2.57 23.85 8.12
CA GLU E 204 -2.54 24.92 7.13
C GLU E 204 -2.62 26.27 7.81
N GLY E 205 -3.03 26.27 9.07
CA GLY E 205 -3.09 27.48 9.87
C GLY E 205 -1.76 27.77 10.55
N LYS E 206 -1.06 26.71 10.95
CA LYS E 206 0.26 26.84 11.56
C LYS E 206 1.25 27.46 10.59
N LYS E 207 1.06 27.18 9.30
CA LYS E 207 1.97 27.66 8.26
C LYS E 207 1.73 29.13 7.92
N LEU E 208 0.47 29.54 7.95
CA LEU E 208 0.11 30.91 7.61
C LEU E 208 0.35 31.85 8.78
N GLY E 209 0.00 31.40 9.99
CA GLY E 209 0.16 32.20 11.19
C GLY E 209 -1.17 32.53 11.84
N ILE E 210 -2.23 31.86 11.40
CA ILE E 210 -3.55 32.05 11.99
C ILE E 210 -4.02 30.78 12.70
N PRO E 211 -4.70 30.95 13.85
CA PRO E 211 -5.23 29.83 14.61
C PRO E 211 -6.58 29.36 14.11
N VAL E 212 -6.94 28.11 14.40
CA VAL E 212 -8.24 27.56 14.01
C VAL E 212 -9.07 27.23 15.24
N ILE E 213 -10.39 27.10 15.06
CA ILE E 213 -11.29 26.82 16.16
C ILE E 213 -12.09 25.53 15.93
N ALA E 214 -12.06 24.63 16.91
CA ALA E 214 -12.87 23.41 16.86
C ALA E 214 -14.34 23.76 17.10
N ASP E 215 -15.20 23.39 16.17
CA ASP E 215 -16.60 23.82 16.21
C ASP E 215 -17.60 22.68 15.99
N GLY E 216 -18.30 22.29 17.05
CA GLY E 216 -19.36 21.30 16.96
C GLY E 216 -18.89 19.85 17.00
N GLY E 217 -19.70 19.00 17.63
CA GLY E 217 -19.39 17.58 17.71
C GLY E 217 -18.75 17.15 19.01
N LEU E 218 -18.45 18.11 19.87
CA LEU E 218 -17.79 17.83 21.14
C LEU E 218 -18.79 17.44 22.21
N LYS E 219 -18.65 16.23 22.74
CA LYS E 219 -19.61 15.69 23.70
C LYS E 219 -19.00 15.51 25.08
N TYR E 220 -17.69 15.24 25.11
CA TYR E 220 -17.00 15.02 26.37
C TYR E 220 -15.72 15.84 26.45
N SER E 221 -15.14 15.90 27.65
CA SER E 221 -13.91 16.67 27.86
C SER E 221 -12.75 16.06 27.08
N GLY E 222 -12.80 14.74 26.89
CA GLY E 222 -11.77 14.03 26.16
C GLY E 222 -11.75 14.38 24.68
N ASP E 223 -12.91 14.77 24.15
CA ASP E 223 -13.02 15.15 22.76
C ASP E 223 -12.35 16.50 22.50
N ILE E 224 -12.37 17.35 23.52
CA ILE E 224 -11.72 18.65 23.44
C ILE E 224 -10.20 18.47 23.44
N VAL E 225 -9.73 17.49 24.21
CA VAL E 225 -8.31 17.16 24.28
C VAL E 225 -7.77 16.79 22.90
N LYS E 226 -8.54 15.98 22.18
CA LYS E 226 -8.19 15.55 20.83
C LYS E 226 -8.13 16.73 19.86
N ALA E 227 -9.08 17.65 20.02
CA ALA E 227 -9.15 18.84 19.18
C ALA E 227 -7.96 19.75 19.41
N LEU E 228 -7.56 19.89 20.67
CA LEU E 228 -6.40 20.71 21.01
C LEU E 228 -5.12 20.03 20.53
N ALA E 229 -5.11 18.70 20.60
CA ALA E 229 -3.99 17.92 20.10
C ALA E 229 -3.91 17.98 18.58
N ALA E 230 -5.06 18.17 17.94
CA ALA E 230 -5.14 18.27 16.49
C ALA E 230 -4.52 19.58 16.00
N GLY E 231 -4.60 20.62 16.82
CA GLY E 231 -3.98 21.89 16.50
C GLY E 231 -4.83 23.10 16.81
N ALA E 232 -6.11 22.87 17.12
CA ALA E 232 -7.03 23.96 17.41
C ALA E 232 -6.65 24.70 18.68
N CYS E 233 -6.88 26.02 18.68
CA CYS E 233 -6.58 26.82 19.86
C CYS E 233 -7.74 26.76 20.84
N ALA E 234 -8.97 26.81 20.31
CA ALA E 234 -10.15 26.76 21.16
C ALA E 234 -11.19 25.81 20.60
N ALA E 235 -12.09 25.38 21.47
CA ALA E 235 -13.22 24.55 21.07
C ALA E 235 -14.52 25.28 21.35
N MET E 236 -15.49 25.10 20.47
CA MET E 236 -16.77 25.78 20.62
C MET E 236 -17.89 24.78 20.82
N MET E 237 -18.62 24.94 21.93
CA MET E 237 -19.70 24.03 22.29
C MET E 237 -21.03 24.75 22.46
N GLY E 238 -22.05 24.22 21.82
CA GLY E 238 -23.40 24.72 22.01
C GLY E 238 -24.23 23.73 22.81
N SER E 239 -24.16 22.46 22.41
CA SER E 239 -24.94 21.43 23.06
C SER E 239 -24.61 21.31 24.54
N ILE E 240 -23.32 21.34 24.84
CA ILE E 240 -22.85 21.21 26.21
C ILE E 240 -23.31 22.35 27.11
N PHE E 241 -23.33 23.56 26.56
CA PHE E 241 -23.62 24.74 27.36
C PHE E 241 -25.08 25.11 27.40
N ALA E 242 -25.85 24.62 26.43
CA ALA E 242 -27.26 25.00 26.29
C ALA E 242 -28.14 24.54 27.44
N GLY E 243 -27.66 23.57 28.21
CA GLY E 243 -28.39 23.04 29.34
C GLY E 243 -28.19 23.83 30.62
N CYS E 244 -27.16 24.66 30.64
CA CYS E 244 -26.79 25.43 31.83
C CYS E 244 -27.80 26.52 32.12
N GLU E 245 -27.77 27.00 33.37
CA GLU E 245 -28.68 28.04 33.85
C GLU E 245 -28.58 29.35 33.07
N GLU E 246 -27.37 29.71 32.69
CA GLU E 246 -27.10 31.00 32.07
C GLU E 246 -27.59 31.06 30.63
N ALA E 247 -28.15 29.95 30.16
CA ALA E 247 -28.61 29.86 28.78
C ALA E 247 -30.03 30.42 28.64
N PRO E 248 -30.35 30.99 27.47
CA PRO E 248 -31.68 31.55 27.21
C PRO E 248 -32.79 30.51 27.27
N GLY E 249 -34.02 30.97 27.41
CA GLY E 249 -35.16 30.10 27.58
C GLY E 249 -35.39 29.81 29.05
N ALA E 250 -36.62 29.48 29.42
CA ALA E 250 -36.94 29.13 30.80
C ALA E 250 -36.92 27.62 30.98
N ILE E 251 -36.55 27.16 32.17
CA ILE E 251 -36.48 25.74 32.43
C ILE E 251 -37.87 25.14 32.33
N GLU E 252 -38.01 24.12 31.49
CA GLU E 252 -39.30 23.52 31.22
C GLU E 252 -39.39 22.12 31.78
N ILE E 253 -40.41 21.86 32.59
CA ILE E 253 -40.58 20.56 33.24
C ILE E 253 -41.44 19.62 32.41
N TYR E 254 -40.90 18.46 32.08
CA TYR E 254 -41.59 17.51 31.22
C TYR E 254 -41.42 16.09 31.74
N GLN E 255 -42.51 15.53 32.27
CA GLN E 255 -42.51 14.18 32.83
C GLN E 255 -41.53 14.06 33.99
N GLY E 256 -41.58 15.02 34.91
CA GLY E 256 -40.76 14.97 36.11
C GLY E 256 -39.29 15.23 35.86
N ARG E 257 -38.96 15.63 34.63
CA ARG E 257 -37.58 15.92 34.26
C ARG E 257 -37.45 17.34 33.75
N SER E 258 -36.29 17.94 33.97
CA SER E 258 -36.06 19.32 33.56
C SER E 258 -35.25 19.41 32.27
N TYR E 259 -35.80 20.14 31.30
CA TYR E 259 -35.17 20.32 30.00
C TYR E 259 -35.10 21.80 29.64
N LYS E 260 -34.22 22.13 28.71
CA LYS E 260 -34.14 23.48 28.17
C LYS E 260 -34.06 23.40 26.65
N VAL E 261 -34.81 24.27 25.97
CA VAL E 261 -34.94 24.20 24.52
C VAL E 261 -33.59 24.43 23.82
N TYR E 262 -33.37 23.70 22.73
CA TYR E 262 -32.13 23.82 21.96
C TYR E 262 -32.38 23.52 20.48
N ARG E 263 -32.18 24.53 19.63
CA ARG E 263 -32.45 24.41 18.21
C ARG E 263 -31.28 24.85 17.36
N GLY E 264 -31.16 24.27 16.17
CA GLY E 264 -30.16 24.71 15.21
C GLY E 264 -30.56 26.08 14.67
N MET E 265 -29.57 26.87 14.27
CA MET E 265 -29.83 28.21 13.77
C MET E 265 -30.54 28.19 12.42
N GLY E 266 -30.43 27.09 11.70
CA GLY E 266 -31.09 26.92 10.43
C GLY E 266 -32.29 26.01 10.55
N SER E 267 -32.74 25.78 11.78
CA SER E 267 -33.97 25.03 12.03
C SER E 267 -35.17 25.90 11.68
N LEU E 268 -36.29 25.25 11.36
CA LEU E 268 -37.49 25.94 10.91
C LEU E 268 -37.94 27.03 11.87
N GLY E 269 -37.88 26.75 13.17
CA GLY E 269 -38.29 27.71 14.17
C GLY E 269 -37.33 28.87 14.29
N ALA E 270 -36.03 28.58 14.18
CA ALA E 270 -35.00 29.59 14.35
C ALA E 270 -34.89 30.52 13.14
N MET E 271 -35.25 30.01 11.97
CA MET E 271 -35.17 30.79 10.73
C MET E 271 -36.07 32.03 10.78
N ALA E 272 -37.22 31.88 11.44
CA ALA E 272 -38.16 33.00 11.58
C ALA E 272 -38.03 33.64 12.95
N PHE E 287 -35.60 28.44 1.03
CA PHE E 287 -34.43 27.88 1.69
C PHE E 287 -34.81 26.77 2.68
N VAL E 288 -34.46 25.54 2.34
CA VAL E 288 -34.74 24.39 3.18
C VAL E 288 -33.91 24.43 4.46
N PRO E 289 -34.42 23.82 5.55
CA PRO E 289 -33.71 23.78 6.82
C PRO E 289 -32.54 22.80 6.84
N GLU E 290 -31.46 23.18 7.51
CA GLU E 290 -30.31 22.30 7.69
C GLU E 290 -30.06 22.06 9.17
N GLY E 291 -31.10 22.25 9.98
CA GLY E 291 -31.00 22.06 11.41
C GLY E 291 -32.27 21.52 12.02
N VAL E 292 -32.21 21.12 13.29
CA VAL E 292 -33.37 20.59 13.98
C VAL E 292 -33.64 21.34 15.28
N GLU E 293 -34.87 21.21 15.77
CA GLU E 293 -35.28 21.83 17.03
C GLU E 293 -35.53 20.73 18.06
N GLY E 294 -35.07 20.93 19.29
CA GLY E 294 -35.24 19.92 20.32
C GLY E 294 -34.89 20.37 21.73
N ARG E 295 -34.88 19.42 22.66
CA ARG E 295 -34.60 19.72 24.06
C ARG E 295 -33.45 18.86 24.60
N ILE E 296 -32.74 19.40 25.59
CA ILE E 296 -31.70 18.67 26.29
C ILE E 296 -31.90 18.76 27.79
N ALA E 297 -31.25 17.89 28.54
CA ALA E 297 -31.38 17.86 30.00
C ALA E 297 -30.85 19.15 30.62
N TYR E 298 -31.42 19.53 31.75
CA TYR E 298 -30.96 20.70 32.48
C TYR E 298 -29.72 20.34 33.29
N LYS E 299 -28.76 21.28 33.34
CA LYS E 299 -27.46 20.98 33.93
C LYS E 299 -27.02 21.99 34.99
N GLY E 300 -27.98 22.67 35.61
CA GLY E 300 -27.67 23.64 36.64
C GLY E 300 -26.90 24.84 36.10
N HIS E 301 -25.89 25.27 36.85
CA HIS E 301 -25.11 26.45 36.48
C HIS E 301 -23.86 26.09 35.67
N LEU E 302 -23.33 27.09 34.96
CA LEU E 302 -22.21 26.90 34.05
C LEU E 302 -20.91 26.53 34.76
N ALA E 303 -20.67 27.15 35.92
CA ALA E 303 -19.43 26.98 36.66
C ALA E 303 -19.12 25.51 36.97
N ASP E 304 -20.17 24.71 37.10
CA ASP E 304 -20.01 23.29 37.39
C ASP E 304 -19.77 22.49 36.11
N THR E 305 -20.30 23.00 35.00
CA THR E 305 -20.16 22.34 33.71
C THR E 305 -18.80 22.64 33.09
N ILE E 306 -18.18 23.73 33.54
CA ILE E 306 -16.84 24.10 33.09
C ILE E 306 -15.77 23.42 33.95
N TYR E 307 -16.01 23.40 35.25
CA TYR E 307 -15.08 22.79 36.20
C TYR E 307 -14.74 21.35 35.86
N GLN E 308 -15.72 20.63 35.30
CA GLN E 308 -15.52 19.25 34.90
C GLN E 308 -14.73 19.16 33.60
N LEU E 309 -15.04 20.04 32.66
CA LEU E 309 -14.34 20.10 31.38
C LEU E 309 -12.86 20.37 31.58
N ILE E 310 -12.55 21.45 32.29
CA ILE E 310 -11.19 21.83 32.60
C ILE E 310 -10.43 20.70 33.27
N GLY E 311 -11.05 20.06 34.25
CA GLY E 311 -10.46 18.93 34.94
C GLY E 311 -10.13 17.79 33.99
N GLY E 312 -11.04 17.51 33.06
CA GLY E 312 -10.82 16.48 32.07
C GLY E 312 -9.68 16.83 31.12
N ILE E 313 -9.67 18.09 30.66
CA ILE E 313 -8.62 18.57 29.78
C ILE E 313 -7.28 18.58 30.49
N LYS E 314 -7.26 19.09 31.72
CA LYS E 314 -6.05 19.12 32.53
C LYS E 314 -5.52 17.73 32.80
N SER E 315 -6.43 16.76 32.89
CA SER E 315 -6.05 15.37 33.14
C SER E 315 -5.48 14.72 31.88
N GLY E 316 -6.08 15.02 30.74
CA GLY E 316 -5.66 14.46 29.47
C GLY E 316 -4.28 14.91 29.05
N MET E 317 -3.88 16.10 29.47
CA MET E 317 -2.57 16.64 29.13
C MET E 317 -1.49 16.04 30.03
N GLY E 318 -1.88 15.69 31.25
CA GLY E 318 -0.97 15.03 32.17
C GLY E 318 -0.58 13.67 31.63
N TYR E 319 -1.53 13.01 30.99
CA TYR E 319 -1.28 11.73 30.32
C TYR E 319 -0.30 11.92 29.16
N LEU E 320 -0.44 13.04 28.46
CA LEU E 320 0.40 13.32 27.30
C LEU E 320 1.63 14.13 27.70
N GLY E 321 1.79 14.35 29.00
CA GLY E 321 2.95 15.04 29.53
C GLY E 321 3.14 16.45 29.01
N ALA E 322 2.03 17.16 28.81
CA ALA E 322 2.08 18.50 28.24
C ALA E 322 1.76 19.58 29.28
N PRO E 323 2.77 20.34 29.69
CA PRO E 323 2.59 21.48 30.59
C PRO E 323 1.87 22.65 29.92
N THR E 324 2.10 22.86 28.64
CA THR E 324 1.43 23.94 27.90
C THR E 324 0.58 23.39 26.76
N LEU E 325 -0.32 24.22 26.24
CA LEU E 325 -1.25 23.81 25.18
C LEU E 325 -0.54 23.70 23.84
N GLU E 326 0.68 24.22 23.77
CA GLU E 326 1.49 24.16 22.56
C GLU E 326 2.34 22.88 22.55
N ASN E 327 2.76 22.44 23.73
CA ASN E 327 3.56 21.23 23.86
C ASN E 327 2.71 20.00 23.53
N LEU E 328 1.41 20.10 23.77
CA LEU E 328 0.47 19.04 23.46
C LEU E 328 0.48 18.71 21.97
N TYR E 329 0.24 19.73 21.16
CA TYR E 329 0.20 19.57 19.71
C TYR E 329 1.52 19.06 19.15
N GLU E 330 2.63 19.52 19.71
CA GLU E 330 3.96 19.14 19.23
C GLU E 330 4.28 17.67 19.48
N ASN E 331 3.59 17.06 20.44
CA ASN E 331 3.94 15.71 20.87
C ASN E 331 2.73 14.77 21.04
N ALA E 332 1.64 15.07 20.36
CA ALA E 332 0.45 14.22 20.43
C ALA E 332 0.42 13.21 19.29
N ASN E 333 0.23 11.94 19.64
CA ASN E 333 0.06 10.90 18.64
C ASN E 333 -1.29 10.23 18.75
N PHE E 334 -2.01 10.16 17.64
CA PHE E 334 -3.32 9.53 17.61
C PHE E 334 -3.23 8.08 17.15
N VAL E 335 -4.10 7.25 17.70
CA VAL E 335 -4.27 5.89 17.24
C VAL E 335 -5.75 5.71 16.89
N VAL E 336 -6.03 4.94 15.84
CA VAL E 336 -7.41 4.76 15.42
C VAL E 336 -7.99 3.47 16.01
N GLN E 337 -9.22 3.56 16.49
CA GLN E 337 -9.91 2.42 17.05
C GLN E 337 -11.11 2.05 16.18
N THR E 338 -11.38 0.76 16.06
CA THR E 338 -12.57 0.31 15.34
C THR E 338 -13.80 0.53 16.23
N SER E 339 -14.95 0.08 15.75
CA SER E 339 -16.18 0.19 16.52
C SER E 339 -16.12 -0.69 17.78
N ALA E 340 -15.21 -1.67 17.76
CA ALA E 340 -15.02 -2.55 18.91
C ALA E 340 -14.25 -1.83 20.02
N GLY E 341 -13.18 -1.13 19.64
CA GLY E 341 -12.39 -0.38 20.59
C GLY E 341 -13.19 0.75 21.21
N PHE E 342 -14.12 1.30 20.43
CA PHE E 342 -14.99 2.36 20.89
C PHE E 342 -15.89 1.89 22.02
N ARG E 343 -16.34 0.64 21.93
N ARG E 343 -16.33 0.64 21.94
CA ARG E 343 -17.18 0.04 22.96
CA ARG E 343 -17.20 0.06 22.96
C ARG E 343 -16.43 -0.10 24.26
C ARG E 343 -16.43 -0.14 24.27
N GLU E 344 -15.14 -0.43 24.17
CA GLU E 344 -14.30 -0.61 25.35
C GLU E 344 -14.00 0.72 26.02
N SER E 345 -13.81 1.76 25.21
CA SER E 345 -13.47 3.08 25.71
C SER E 345 -14.49 3.58 26.73
N HIS E 346 -15.78 3.42 26.40
CA HIS E 346 -16.86 3.75 27.31
C HIS E 346 -16.99 2.66 28.38
N PRO E 347 -17.61 3.01 29.52
CA PRO E 347 -17.95 1.99 30.52
C PRO E 347 -18.81 0.90 29.91
N HIS E 348 -18.45 -0.36 30.16
CA HIS E 348 -19.16 -1.49 29.58
C HIS E 348 -19.36 -2.59 30.61
N ASP E 349 -20.36 -3.45 30.37
CA ASP E 349 -20.66 -4.58 31.24
C ASP E 349 -20.88 -4.16 32.69
N ILE E 350 -21.53 -3.02 32.88
CA ILE E 350 -21.81 -2.53 34.22
C ILE E 350 -23.13 -1.76 34.25
N ASN E 351 -23.91 -1.98 35.29
N ASN E 351 -23.91 -1.98 35.29
CA ASN E 351 -25.16 -1.25 35.50
CA ASN E 351 -25.17 -1.25 35.48
C ASN E 351 -24.92 -0.02 36.37
C ASN E 351 -24.94 -0.03 36.37
N ILE E 352 -24.61 1.09 35.72
CA ILE E 352 -24.29 2.34 36.42
C ILE E 352 -25.43 2.82 37.32
N THR E 353 -25.10 3.08 38.58
CA THR E 353 -26.10 3.43 39.58
C THR E 353 -25.97 4.88 40.03
N LYS E 354 -24.74 5.35 40.17
CA LYS E 354 -24.50 6.72 40.59
C LYS E 354 -24.21 7.61 39.39
N GLU E 355 -24.73 8.84 39.43
CA GLU E 355 -24.46 9.81 38.38
C GLU E 355 -23.00 10.24 38.41
N ALA E 356 -22.39 10.35 37.24
CA ALA E 356 -21.03 10.84 37.13
C ALA E 356 -21.05 12.30 36.67
N PRO E 357 -20.36 13.18 37.40
CA PRO E 357 -20.33 14.62 37.12
C PRO E 357 -19.79 14.93 35.72
N ASN E 358 -18.97 14.05 35.16
CA ASN E 358 -18.38 14.28 33.85
C ASN E 358 -18.74 13.22 32.81
N TYR E 359 -19.59 12.27 33.18
CA TYR E 359 -20.02 11.24 32.25
C TYR E 359 -21.52 10.98 32.35
N SER E 360 -22.21 11.12 31.22
CA SER E 360 -23.68 11.06 31.20
C SER E 360 -24.20 9.63 31.14
N VAL E 361 -25.54 9.51 31.15
CA VAL E 361 -26.27 8.24 31.19
C VAL E 361 -25.58 7.15 32.01
N ALA F 5 0.44 15.66 16.00
CA ALA F 5 -0.78 15.54 15.21
C ALA F 5 -0.62 14.51 14.10
N ARG F 6 -0.14 13.32 14.47
CA ARG F 6 0.09 12.26 13.50
C ARG F 6 -0.67 10.98 13.89
N ILE F 7 -1.27 10.33 12.91
CA ILE F 7 -1.98 9.08 13.14
C ILE F 7 -1.05 7.88 12.96
N LEU F 8 -0.76 7.19 14.06
CA LEU F 8 0.22 6.11 14.06
C LEU F 8 -0.25 4.85 13.34
N LYS F 9 -1.38 4.32 13.78
CA LYS F 9 -1.77 2.96 13.44
C LYS F 9 -3.23 2.69 13.83
N THR F 10 -3.85 1.69 13.22
CA THR F 10 -5.12 1.18 13.71
C THR F 10 -4.86 0.20 14.85
N ALA F 11 -5.32 0.52 16.04
CA ALA F 11 -5.11 -0.33 17.20
C ALA F 11 -6.35 -1.18 17.49
N TYR F 12 -6.14 -2.44 17.85
CA TYR F 12 -7.26 -3.38 18.02
C TYR F 12 -7.49 -3.82 19.45
N THR F 13 -8.66 -4.39 19.70
CA THR F 13 -8.95 -5.02 20.99
C THR F 13 -9.20 -6.51 20.77
N PHE F 14 -9.70 -7.17 21.81
CA PHE F 14 -9.92 -8.61 21.74
C PHE F 14 -11.10 -8.95 20.83
N ASP F 15 -12.13 -8.11 20.85
CA ASP F 15 -13.30 -8.33 20.01
C ASP F 15 -13.02 -8.05 18.55
N ASP F 16 -11.92 -7.35 18.26
CA ASP F 16 -11.51 -7.08 16.90
C ASP F 16 -10.83 -8.29 16.27
N VAL F 17 -10.39 -9.21 17.11
CA VAL F 17 -9.44 -10.23 16.68
C VAL F 17 -9.87 -11.66 17.00
N LEU F 18 -9.28 -12.62 16.28
CA LEU F 18 -9.51 -14.04 16.51
C LEU F 18 -8.24 -14.84 16.28
N LEU F 19 -8.06 -15.91 17.03
CA LEU F 19 -6.89 -16.76 16.90
C LEU F 19 -7.14 -17.91 15.92
N VAL F 20 -6.12 -18.21 15.13
CA VAL F 20 -6.22 -19.28 14.14
C VAL F 20 -5.80 -20.62 14.75
N PRO F 21 -6.63 -21.65 14.56
CA PRO F 21 -6.31 -22.99 15.08
C PRO F 21 -5.01 -23.55 14.49
N ASN F 22 -4.24 -24.27 15.28
CA ASN F 22 -3.03 -24.90 14.81
C ASN F 22 -3.13 -26.42 14.80
N LYS F 23 -2.11 -27.08 14.27
CA LYS F 23 -2.02 -28.53 14.35
C LYS F 23 -1.75 -28.91 15.80
N SER F 24 -2.68 -29.63 16.41
CA SER F 24 -2.59 -29.93 17.83
C SER F 24 -2.37 -31.41 18.13
N GLU F 25 -1.48 -31.67 19.07
CA GLU F 25 -1.28 -33.02 19.58
C GLU F 25 -1.47 -33.05 21.09
N VAL F 26 -2.19 -32.05 21.59
CA VAL F 26 -2.43 -31.94 23.03
C VAL F 26 -3.90 -31.58 23.31
N LEU F 27 -4.48 -32.25 24.31
CA LEU F 27 -5.86 -32.03 24.70
C LEU F 27 -5.94 -30.97 25.81
N PRO F 28 -7.11 -30.31 25.95
CA PRO F 28 -7.31 -29.25 26.94
C PRO F 28 -6.93 -29.65 28.37
N ASN F 29 -7.22 -30.89 28.75
CA ASN F 29 -6.93 -31.35 30.10
C ASN F 29 -5.45 -31.68 30.30
N GLU F 30 -4.70 -31.72 29.20
CA GLU F 30 -3.29 -32.08 29.25
C GLU F 30 -2.37 -30.86 29.41
N VAL F 31 -2.88 -29.69 29.05
CA VAL F 31 -2.06 -28.48 29.02
C VAL F 31 -1.75 -27.95 30.41
N SER F 32 -0.80 -27.02 30.48
CA SER F 32 -0.36 -26.43 31.74
C SER F 32 -0.47 -24.92 31.73
N LEU F 33 -0.84 -24.33 32.86
CA LEU F 33 -1.06 -22.89 32.97
C LEU F 33 -0.06 -22.22 33.90
N LYS F 34 1.06 -22.90 34.16
CA LYS F 34 2.08 -22.36 35.03
C LYS F 34 2.77 -21.17 34.37
N THR F 35 3.03 -20.12 35.14
CA THR F 35 3.62 -18.90 34.59
C THR F 35 4.46 -18.14 35.59
N GLN F 36 5.27 -17.22 35.09
CA GLN F 36 6.07 -16.34 35.94
C GLN F 36 5.49 -14.93 35.97
N LEU F 37 4.97 -14.51 37.12
CA LEU F 37 4.56 -13.12 37.30
C LEU F 37 5.83 -12.27 37.24
N THR F 38 6.82 -12.68 38.02
CA THR F 38 8.17 -12.13 37.92
C THR F 38 9.15 -13.30 37.85
N LYS F 39 10.44 -13.01 37.87
CA LYS F 39 11.46 -14.06 37.82
C LYS F 39 11.44 -14.93 39.07
N LYS F 40 10.93 -14.36 40.17
CA LYS F 40 10.97 -15.05 41.46
C LYS F 40 9.61 -15.60 41.89
N ILE F 41 8.54 -15.12 41.27
CA ILE F 41 7.19 -15.54 41.64
C ILE F 41 6.50 -16.34 40.54
N GLN F 42 6.12 -17.57 40.87
CA GLN F 42 5.39 -18.41 39.93
C GLN F 42 3.90 -18.45 40.27
N LEU F 43 3.06 -18.61 39.25
CA LEU F 43 1.62 -18.76 39.47
C LEU F 43 1.13 -20.03 38.77
N ASN F 44 0.38 -20.84 39.51
CA ASN F 44 -0.18 -22.07 38.94
C ASN F 44 -1.17 -21.77 37.83
N ILE F 45 -1.95 -20.71 38.00
CA ILE F 45 -2.83 -20.22 36.95
C ILE F 45 -2.59 -18.72 36.73
N PRO F 46 -2.65 -18.27 35.47
CA PRO F 46 -2.28 -16.89 35.11
C PRO F 46 -3.38 -15.86 35.39
N LEU F 47 -4.02 -15.95 36.56
CA LEU F 47 -5.08 -15.02 36.92
C LEU F 47 -4.70 -14.24 38.17
N MET F 48 -5.18 -13.01 38.27
CA MET F 48 -4.98 -12.22 39.49
C MET F 48 -6.10 -11.20 39.70
N SER F 49 -6.53 -11.10 40.96
CA SER F 49 -7.62 -10.21 41.33
C SER F 49 -7.19 -8.75 41.38
N ALA F 50 -7.97 -7.88 40.75
CA ALA F 50 -7.68 -6.45 40.71
C ALA F 50 -7.70 -5.84 42.10
N SER F 51 -6.84 -4.86 42.33
CA SER F 51 -6.74 -4.21 43.63
C SER F 51 -7.71 -3.04 43.75
N MET F 52 -8.98 -3.37 43.93
CA MET F 52 -10.03 -2.37 44.07
C MET F 52 -10.82 -2.65 45.36
N ASP F 53 -11.36 -1.61 45.98
CA ASP F 53 -12.02 -1.76 47.28
C ASP F 53 -13.38 -2.46 47.18
N THR F 54 -13.68 -3.00 46.01
CA THR F 54 -14.91 -3.77 45.81
C THR F 54 -14.57 -5.13 45.19
N VAL F 55 -13.30 -5.48 45.22
CA VAL F 55 -12.86 -6.74 44.60
C VAL F 55 -11.96 -7.56 45.51
N THR F 56 -10.89 -6.96 46.00
CA THR F 56 -9.85 -7.73 46.69
C THR F 56 -9.46 -7.21 48.06
N GLU F 57 -9.76 -8.03 49.08
CA GLU F 57 -9.21 -7.85 50.40
C GLU F 57 -8.72 -9.21 50.89
N SER F 58 -8.61 -9.39 52.20
CA SER F 58 -8.04 -10.63 52.75
C SER F 58 -8.78 -11.87 52.26
N LYS F 59 -10.11 -11.80 52.25
CA LYS F 59 -10.95 -12.95 51.88
C LYS F 59 -10.77 -13.35 50.41
N MET F 60 -10.64 -12.35 49.54
CA MET F 60 -10.46 -12.61 48.11
C MET F 60 -9.05 -13.09 47.80
N ALA F 61 -8.06 -12.47 48.44
CA ALA F 61 -6.66 -12.79 48.22
C ALA F 61 -6.34 -14.24 48.60
N ILE F 62 -6.87 -14.67 49.74
CA ILE F 62 -6.71 -16.05 50.18
C ILE F 62 -7.28 -17.02 49.15
N ALA F 63 -8.51 -16.75 48.71
CA ALA F 63 -9.22 -17.60 47.77
C ALA F 63 -8.52 -17.65 46.42
N MET F 64 -8.01 -16.51 45.97
CA MET F 64 -7.28 -16.44 44.70
C MET F 64 -5.99 -17.24 44.77
N ALA F 65 -5.35 -17.22 45.93
CA ALA F 65 -4.08 -17.92 46.12
C ALA F 65 -4.28 -19.43 46.14
N ARG F 66 -5.38 -19.87 46.75
CA ARG F 66 -5.67 -21.30 46.88
C ARG F 66 -6.04 -21.93 45.54
N GLU F 67 -6.43 -21.10 44.57
CA GLU F 67 -6.81 -21.59 43.26
C GLU F 67 -5.62 -21.58 42.30
N GLY F 68 -4.49 -21.08 42.79
CA GLY F 68 -3.27 -21.06 42.00
C GLY F 68 -2.93 -19.69 41.46
N GLY F 69 -3.82 -18.73 41.67
CA GLY F 69 -3.59 -17.36 41.23
C GLY F 69 -3.00 -16.52 42.34
N ILE F 70 -3.40 -15.26 42.39
CA ILE F 70 -2.95 -14.34 43.43
C ILE F 70 -3.87 -13.12 43.51
N GLY F 71 -4.05 -12.60 44.72
CA GLY F 71 -4.85 -11.41 44.91
C GLY F 71 -4.02 -10.24 45.37
N ILE F 72 -4.38 -9.04 44.93
CA ILE F 72 -3.66 -7.84 45.33
C ILE F 72 -4.50 -6.99 46.28
N ILE F 73 -4.07 -6.92 47.54
CA ILE F 73 -4.78 -6.14 48.55
C ILE F 73 -4.78 -4.65 48.18
N HIS F 74 -5.96 -4.08 48.03
CA HIS F 74 -6.08 -2.71 47.56
C HIS F 74 -5.57 -1.71 48.60
N LYS F 75 -5.23 -0.51 48.13
CA LYS F 75 -4.57 0.48 48.96
C LYS F 75 -5.53 1.51 49.55
N ASN F 76 -6.82 1.37 49.27
CA ASN F 76 -7.82 2.31 49.75
C ASN F 76 -8.14 2.08 51.23
N MET F 77 -7.09 2.02 52.05
CA MET F 77 -7.21 1.80 53.48
C MET F 77 -5.95 2.31 54.18
N THR F 78 -5.98 2.36 55.51
CA THR F 78 -4.83 2.84 56.27
C THR F 78 -3.66 1.86 56.17
N ILE F 79 -2.47 2.34 56.51
CA ILE F 79 -1.25 1.54 56.43
C ILE F 79 -1.34 0.29 57.30
N GLU F 80 -1.79 0.47 58.55
CA GLU F 80 -1.96 -0.65 59.47
C GLU F 80 -3.02 -1.61 58.94
N ASP F 81 -4.13 -1.08 58.45
CA ASP F 81 -5.20 -1.90 57.91
C ASP F 81 -4.74 -2.81 56.77
N GLN F 82 -3.88 -2.28 55.91
CA GLN F 82 -3.39 -3.06 54.78
C GLN F 82 -2.30 -4.05 55.22
N ALA F 83 -1.47 -3.61 56.16
CA ALA F 83 -0.46 -4.50 56.72
C ALA F 83 -1.14 -5.62 57.48
N ARG F 84 -2.28 -5.30 58.09
CA ARG F 84 -3.11 -6.27 58.81
C ARG F 84 -3.76 -7.24 57.83
N GLU F 85 -4.31 -6.72 56.74
CA GLU F 85 -4.95 -7.55 55.73
C GLU F 85 -3.99 -8.55 55.10
N VAL F 86 -2.80 -8.07 54.74
CA VAL F 86 -1.80 -8.91 54.09
C VAL F 86 -1.40 -10.07 55.01
N ASP F 87 -1.25 -9.75 56.29
CA ASP F 87 -0.86 -10.74 57.28
C ASP F 87 -1.85 -11.90 57.35
N ARG F 88 -3.15 -11.57 57.31
CA ARG F 88 -4.18 -12.59 57.39
C ARG F 88 -4.04 -13.65 56.29
N VAL F 89 -3.83 -13.20 55.06
CA VAL F 89 -3.63 -14.13 53.96
C VAL F 89 -2.26 -14.81 54.07
N LYS F 90 -1.28 -14.05 54.55
CA LYS F 90 0.07 -14.56 54.66
C LYS F 90 0.22 -15.57 55.79
N ARG F 91 -0.42 -15.26 56.91
CA ARG F 91 -0.31 -16.09 58.10
C ARG F 91 -0.93 -17.46 57.85
N SER F 92 -2.00 -17.47 57.05
CA SER F 92 -2.77 -18.68 56.82
C SER F 92 -2.10 -19.59 55.80
N GLY F 93 -0.99 -20.21 56.21
CA GLY F 93 -0.33 -21.22 55.41
C GLY F 93 0.54 -20.74 54.26
N GLY F 94 1.09 -19.55 54.37
CA GLY F 94 2.05 -19.04 53.40
C GLY F 94 1.57 -18.97 51.97
N LEU F 95 0.38 -18.42 51.77
CA LEU F 95 -0.14 -18.18 50.44
C LEU F 95 0.46 -16.91 49.85
N LEU F 96 0.58 -16.89 48.53
CA LEU F 96 1.06 -15.71 47.81
C LEU F 96 0.11 -14.53 47.95
N CYS F 97 0.66 -13.36 48.23
CA CYS F 97 -0.15 -12.17 48.42
C CYS F 97 0.48 -10.96 47.75
N GLY F 98 -0.33 -9.95 47.49
CA GLY F 98 0.13 -8.74 46.84
C GLY F 98 -0.49 -7.51 47.46
N ALA F 99 0.31 -6.45 47.59
CA ALA F 99 -0.17 -5.20 48.15
C ALA F 99 -0.02 -4.08 47.14
N SER F 100 -0.85 -3.05 47.26
CA SER F 100 -0.79 -1.92 46.35
C SER F 100 -0.27 -0.66 47.03
N ILE F 101 0.65 0.01 46.36
CA ILE F 101 1.19 1.28 46.84
C ILE F 101 0.98 2.35 45.78
N GLY F 102 0.86 3.59 46.22
CA GLY F 102 0.74 4.72 45.31
C GLY F 102 1.94 5.63 45.40
N VAL F 103 2.02 6.62 44.51
CA VAL F 103 3.07 7.61 44.56
C VAL F 103 2.64 8.76 45.48
N THR F 104 2.49 8.44 46.76
CA THR F 104 2.04 9.41 47.74
C THR F 104 3.15 9.76 48.72
N ASN F 105 2.86 10.70 49.62
CA ASN F 105 3.85 11.18 50.59
C ASN F 105 4.38 10.09 51.51
N ASP F 106 3.51 9.19 51.93
CA ASP F 106 3.87 8.13 52.86
C ASP F 106 4.05 6.80 52.13
N MET F 107 4.66 6.85 50.96
CA MET F 107 4.86 5.66 50.14
C MET F 107 5.69 4.61 50.87
N MET F 108 6.95 4.95 51.16
CA MET F 108 7.87 4.02 51.80
C MET F 108 7.40 3.60 53.19
N GLU F 109 6.70 4.50 53.89
CA GLU F 109 6.12 4.17 55.19
C GLU F 109 5.14 3.01 55.06
N ARG F 110 4.26 3.08 54.06
CA ARG F 110 3.32 1.99 53.74
C ARG F 110 4.03 0.79 53.17
N VAL F 111 5.01 1.05 52.30
CA VAL F 111 5.84 -0.02 51.77
C VAL F 111 6.53 -0.79 52.91
N ASP F 112 7.04 -0.06 53.92
CA ASP F 112 7.72 -0.68 55.06
C ASP F 112 6.84 -1.71 55.79
N ALA F 113 5.60 -1.30 56.05
CA ALA F 113 4.65 -2.12 56.79
C ALA F 113 4.29 -3.42 56.06
N VAL F 114 4.22 -3.38 54.72
CA VAL F 114 3.75 -4.59 54.02
C VAL F 114 4.83 -5.64 53.81
N VAL F 115 6.08 -5.22 53.59
CA VAL F 115 7.16 -6.18 53.52
C VAL F 115 7.33 -6.84 54.90
N LYS F 116 7.16 -6.04 55.96
CA LYS F 116 7.24 -6.55 57.32
C LYS F 116 6.11 -7.54 57.57
N ALA F 117 4.99 -7.36 56.86
CA ALA F 117 3.88 -8.30 56.94
C ALA F 117 4.07 -9.46 55.97
N LYS F 118 5.26 -9.55 55.38
CA LYS F 118 5.66 -10.71 54.60
C LYS F 118 4.99 -10.81 53.23
N VAL F 119 4.59 -9.69 52.64
CA VAL F 119 4.03 -9.71 51.29
C VAL F 119 5.11 -10.04 50.27
N ASP F 120 4.75 -10.82 49.25
CA ASP F 120 5.70 -11.24 48.24
C ASP F 120 5.99 -10.17 47.20
N VAL F 121 4.92 -9.56 46.69
CA VAL F 121 5.04 -8.55 45.65
C VAL F 121 4.24 -7.30 45.98
N ILE F 122 4.79 -6.14 45.64
CA ILE F 122 4.03 -4.91 45.72
C ILE F 122 3.81 -4.38 44.32
N VAL F 123 2.66 -3.75 44.10
CA VAL F 123 2.39 -3.14 42.81
C VAL F 123 2.27 -1.64 43.00
N LEU F 124 2.89 -0.89 42.10
CA LEU F 124 2.82 0.57 42.13
C LEU F 124 1.92 1.06 41.01
N ASP F 125 0.62 0.93 41.21
CA ASP F 125 -0.36 1.24 40.16
C ASP F 125 -0.95 2.64 40.32
N THR F 126 -0.75 3.45 39.30
CA THR F 126 -1.40 4.74 39.18
C THR F 126 -2.17 4.79 37.87
N ALA F 127 -2.87 5.90 37.62
CA ALA F 127 -3.59 6.08 36.37
C ALA F 127 -2.61 6.21 35.20
N HIS F 128 -1.39 6.64 35.49
CA HIS F 128 -0.39 6.90 34.46
C HIS F 128 0.99 6.46 34.93
N GLY F 129 1.34 5.21 34.67
CA GLY F 129 2.58 4.63 35.17
C GLY F 129 3.83 5.13 34.47
N HIS F 130 3.66 5.75 33.31
CA HIS F 130 4.78 6.33 32.58
C HIS F 130 5.10 7.73 33.10
N SER F 131 5.22 7.84 34.42
CA SER F 131 5.42 9.13 35.06
C SER F 131 6.82 9.29 35.62
N LYS F 132 7.18 10.52 35.95
CA LYS F 132 8.42 10.80 36.66
C LYS F 132 8.32 10.24 38.07
N GLY F 133 7.12 10.32 38.64
CA GLY F 133 6.89 9.88 40.00
C GLY F 133 7.05 8.38 40.18
N VAL F 134 6.49 7.61 39.26
CA VAL F 134 6.56 6.16 39.33
C VAL F 134 7.99 5.66 39.18
N ILE F 135 8.65 6.10 38.10
CA ILE F 135 10.03 5.74 37.83
C ILE F 135 10.92 6.00 39.04
N GLU F 136 10.76 7.18 39.63
CA GLU F 136 11.54 7.54 40.81
C GLU F 136 11.08 6.74 42.02
N GLY F 137 9.79 6.43 42.07
CA GLY F 137 9.23 5.64 43.14
C GLY F 137 9.81 4.25 43.17
N VAL F 138 9.89 3.62 41.99
CA VAL F 138 10.44 2.28 41.86
C VAL F 138 11.90 2.24 42.29
N LYS F 139 12.69 3.18 41.76
CA LYS F 139 14.10 3.28 42.12
C LYS F 139 14.29 3.40 43.64
N ARG F 140 13.44 4.22 44.26
CA ARG F 140 13.49 4.43 45.69
C ARG F 140 13.12 3.16 46.45
N ILE F 141 12.01 2.55 46.06
CA ILE F 141 11.55 1.31 46.67
C ILE F 141 12.56 0.19 46.46
N LYS F 142 13.17 0.15 45.28
CA LYS F 142 14.16 -0.87 44.96
C LYS F 142 15.48 -0.62 45.67
N ALA F 143 15.76 0.64 46.01
CA ALA F 143 17.00 0.98 46.69
C ALA F 143 17.04 0.41 48.09
N LYS F 144 15.94 0.57 48.82
CA LYS F 144 15.83 0.05 50.17
C LYS F 144 15.64 -1.46 50.17
N TYR F 145 14.86 -1.95 49.20
CA TYR F 145 14.62 -3.37 49.08
C TYR F 145 14.95 -3.88 47.67
N PRO F 146 16.23 -4.22 47.44
CA PRO F 146 16.68 -4.75 46.15
C PRO F 146 16.05 -6.09 45.81
N GLU F 147 15.50 -6.77 46.81
CA GLU F 147 14.97 -8.12 46.63
C GLU F 147 13.44 -8.15 46.52
N LEU F 148 12.80 -7.03 46.86
CA LEU F 148 11.33 -6.95 46.81
C LEU F 148 10.83 -6.88 45.38
N GLN F 149 10.02 -7.86 44.99
CA GLN F 149 9.44 -7.89 43.65
C GLN F 149 8.44 -6.76 43.46
N VAL F 150 8.63 -5.98 42.41
CA VAL F 150 7.80 -4.79 42.18
C VAL F 150 7.10 -4.82 40.83
N ILE F 151 5.80 -4.53 40.85
CA ILE F 151 5.03 -4.38 39.62
C ILE F 151 4.66 -2.90 39.45
N ALA F 152 4.90 -2.36 38.27
CA ALA F 152 4.65 -0.94 38.02
C ALA F 152 3.69 -0.71 36.85
N GLY F 153 2.74 0.19 37.04
CA GLY F 153 1.77 0.50 36.01
C GLY F 153 0.98 1.76 36.32
N ASN F 154 0.05 2.12 35.43
CA ASN F 154 -0.17 1.37 34.20
C ASN F 154 0.46 2.03 32.99
N ILE F 155 0.71 1.23 31.96
CA ILE F 155 1.37 1.71 30.75
C ILE F 155 0.69 1.16 29.50
N ALA F 156 0.99 1.76 28.35
CA ALA F 156 0.40 1.35 27.09
C ALA F 156 1.41 1.38 25.94
N THR F 157 2.57 1.97 26.21
CA THR F 157 3.58 2.14 25.17
C THR F 157 4.80 1.25 25.39
N PRO F 158 5.45 0.82 24.30
CA PRO F 158 6.70 0.07 24.38
C PRO F 158 7.82 0.89 25.03
N GLU F 159 7.75 2.21 24.88
CA GLU F 159 8.72 3.10 25.51
C GLU F 159 8.64 2.99 27.03
N ALA F 160 7.43 2.89 27.54
CA ALA F 160 7.20 2.84 28.98
C ALA F 160 7.73 1.54 29.59
N VAL F 161 7.59 0.44 28.86
CA VAL F 161 8.13 -0.84 29.30
C VAL F 161 9.62 -0.74 29.52
N ARG F 162 10.29 -0.04 28.61
CA ARG F 162 11.73 0.11 28.63
C ARG F 162 12.19 1.02 29.76
N ASP F 163 11.29 1.86 30.25
CA ASP F 163 11.64 2.84 31.28
C ASP F 163 11.43 2.32 32.70
N LEU F 164 10.39 1.52 32.91
CA LEU F 164 10.18 0.92 34.22
C LEU F 164 11.16 -0.23 34.45
N ALA F 165 11.52 -0.91 33.37
CA ALA F 165 12.48 -2.01 33.44
C ALA F 165 13.88 -1.49 33.73
N GLU F 166 14.11 -0.22 33.42
CA GLU F 166 15.41 0.40 33.68
C GLU F 166 15.45 0.98 35.09
N ALA F 167 14.29 1.28 35.63
CA ALA F 167 14.18 1.88 36.96
C ALA F 167 14.21 0.81 38.05
N GLY F 168 14.03 -0.45 37.67
CA GLY F 168 14.17 -1.55 38.60
C GLY F 168 13.00 -2.53 38.68
N ALA F 169 11.90 -2.19 38.03
CA ALA F 169 10.69 -3.02 38.08
C ALA F 169 10.93 -4.43 37.55
N ASP F 170 10.33 -5.41 38.22
CA ASP F 170 10.44 -6.80 37.82
C ASP F 170 9.32 -7.20 36.86
N CYS F 171 8.30 -6.34 36.79
CA CYS F 171 7.14 -6.59 35.94
C CYS F 171 6.35 -5.31 35.74
N VAL F 172 5.63 -5.22 34.63
CA VAL F 172 4.82 -4.04 34.35
C VAL F 172 3.36 -4.41 34.09
N LYS F 173 2.45 -3.51 34.47
CA LYS F 173 1.03 -3.73 34.26
C LYS F 173 0.53 -2.87 33.09
N VAL F 174 -0.14 -3.51 32.13
CA VAL F 174 -0.52 -2.88 30.88
C VAL F 174 -2.02 -2.58 30.79
N GLY F 175 -2.36 -1.36 30.36
CA GLY F 175 -3.74 -1.00 30.13
C GLY F 175 -4.13 0.39 30.58
N ILE F 176 -4.39 1.27 29.61
CA ILE F 176 -4.92 2.60 29.91
C ILE F 176 -6.32 2.72 29.33
N GLY F 177 -7.31 2.74 30.22
CA GLY F 177 -8.71 2.84 29.83
C GLY F 177 -9.45 1.61 29.30
N PRO F 178 -8.92 0.39 29.52
CA PRO F 178 -9.75 -0.66 28.92
C PRO F 178 -10.80 -1.21 29.88
N GLY F 179 -10.73 -0.81 31.15
CA GLY F 179 -11.60 -1.34 32.18
C GLY F 179 -13.09 -1.17 31.95
N SER F 180 -13.87 -2.05 32.56
CA SER F 180 -15.32 -2.04 32.43
C SER F 180 -15.95 -0.80 33.07
N ILE F 181 -15.32 -0.30 34.13
CA ILE F 181 -15.85 0.85 34.85
C ILE F 181 -15.02 2.11 34.61
N CYS F 182 -14.32 2.17 33.48
CA CYS F 182 -13.41 3.26 33.20
C CYS F 182 -13.99 4.32 32.26
N THR F 183 -13.63 5.58 32.51
CA THR F 183 -14.06 6.68 31.66
C THR F 183 -12.87 7.54 31.22
N THR F 184 -11.65 7.04 31.43
CA THR F 184 -10.44 7.78 31.11
C THR F 184 -10.36 8.14 29.63
N ARG F 185 -10.65 7.17 28.76
CA ARG F 185 -10.62 7.40 27.32
C ARG F 185 -11.69 8.40 26.89
N ILE F 186 -12.69 8.59 27.74
CA ILE F 186 -13.82 9.45 27.41
C ILE F 186 -13.65 10.86 27.96
N VAL F 187 -13.17 10.96 29.19
CA VAL F 187 -13.02 12.26 29.84
C VAL F 187 -11.64 12.87 29.62
N ALA F 188 -10.72 12.10 29.05
CA ALA F 188 -9.38 12.58 28.81
C ALA F 188 -8.92 12.33 27.37
N GLY F 189 -9.62 11.43 26.69
CA GLY F 189 -9.31 11.11 25.30
C GLY F 189 -8.00 10.37 25.13
N VAL F 190 -7.47 9.85 26.23
CA VAL F 190 -6.19 9.16 26.21
C VAL F 190 -6.35 7.66 26.45
N GLY F 191 -5.71 6.86 25.60
CA GLY F 191 -5.74 5.42 25.75
C GLY F 191 -5.29 4.67 24.51
N VAL F 192 -4.99 3.38 24.69
CA VAL F 192 -4.65 2.50 23.58
C VAL F 192 -5.41 1.19 23.75
N PRO F 193 -6.15 0.78 22.69
CA PRO F 193 -6.87 -0.51 22.67
C PRO F 193 -6.00 -1.66 23.17
N GLN F 194 -6.54 -2.41 24.12
CA GLN F 194 -5.73 -3.30 24.97
C GLN F 194 -4.91 -4.35 24.23
N LEU F 195 -5.47 -4.96 23.19
CA LEU F 195 -4.76 -6.01 22.47
C LEU F 195 -3.49 -5.48 21.82
N THR F 196 -3.64 -4.42 21.03
CA THR F 196 -2.49 -3.74 20.43
C THR F 196 -1.54 -3.26 21.51
N ALA F 197 -2.11 -2.71 22.58
CA ALA F 197 -1.34 -2.22 23.71
C ALA F 197 -0.52 -3.33 24.35
N VAL F 198 -1.14 -4.48 24.57
CA VAL F 198 -0.46 -5.61 25.21
C VAL F 198 0.63 -6.18 24.29
N MET F 199 0.26 -6.45 23.04
CA MET F 199 1.19 -7.03 22.06
C MET F 199 2.51 -6.27 21.94
N ASP F 200 2.40 -4.96 21.71
CA ASP F 200 3.58 -4.12 21.56
C ASP F 200 4.42 -4.07 22.83
N CYS F 201 3.74 -4.01 23.97
CA CYS F 201 4.42 -3.97 25.27
C CYS F 201 5.01 -5.33 25.62
N ALA F 202 4.32 -6.39 25.23
CA ALA F 202 4.82 -7.75 25.47
C ALA F 202 6.09 -7.99 24.66
N GLU F 203 6.05 -7.65 23.38
CA GLU F 203 7.20 -7.82 22.49
C GLU F 203 8.42 -7.08 23.00
N GLU F 204 8.20 -5.88 23.53
CA GLU F 204 9.28 -5.05 24.03
C GLU F 204 9.78 -5.58 25.37
N GLY F 205 8.85 -6.03 26.20
CA GLY F 205 9.18 -6.58 27.51
C GLY F 205 9.96 -7.87 27.40
N LYS F 206 9.67 -8.65 26.36
CA LYS F 206 10.36 -9.91 26.14
C LYS F 206 11.80 -9.70 25.70
N LYS F 207 12.08 -8.54 25.11
CA LYS F 207 13.44 -8.20 24.72
C LYS F 207 14.27 -7.81 25.93
N LEU F 208 13.58 -7.41 27.00
CA LEU F 208 14.24 -6.94 28.21
C LEU F 208 14.16 -7.97 29.33
N GLY F 209 13.53 -9.10 29.04
CA GLY F 209 13.38 -10.16 30.02
C GLY F 209 12.46 -9.78 31.15
N ILE F 210 11.45 -8.97 30.85
CA ILE F 210 10.49 -8.53 31.85
C ILE F 210 9.06 -8.81 31.38
N PRO F 211 8.29 -9.54 32.20
CA PRO F 211 6.93 -9.95 31.86
C PRO F 211 5.92 -8.82 32.01
N VAL F 212 4.79 -8.91 31.31
CA VAL F 212 3.77 -7.88 31.37
C VAL F 212 2.42 -8.44 31.80
N ILE F 213 1.60 -7.59 32.42
CA ILE F 213 0.28 -7.99 32.88
C ILE F 213 -0.82 -7.29 32.08
N ALA F 214 -1.68 -8.08 31.45
CA ALA F 214 -2.83 -7.54 30.73
C ALA F 214 -3.93 -7.21 31.73
N ASP F 215 -4.14 -5.92 31.97
CA ASP F 215 -5.08 -5.47 32.99
C ASP F 215 -6.27 -4.70 32.42
N GLY F 216 -7.46 -5.24 32.60
CA GLY F 216 -8.70 -4.55 32.25
C GLY F 216 -9.29 -4.95 30.92
N GLY F 217 -10.62 -4.88 30.85
CA GLY F 217 -11.35 -5.13 29.62
C GLY F 217 -11.45 -6.58 29.20
N LEU F 218 -11.36 -7.49 30.17
CA LEU F 218 -11.51 -8.91 29.89
C LEU F 218 -12.92 -9.36 30.22
N LYS F 219 -13.66 -9.81 29.21
CA LYS F 219 -15.05 -10.16 29.42
C LYS F 219 -15.27 -11.67 29.47
N TYR F 220 -14.57 -12.41 28.63
CA TYR F 220 -14.75 -13.85 28.56
C TYR F 220 -13.43 -14.59 28.67
N SER F 221 -13.51 -15.91 28.78
CA SER F 221 -12.31 -16.72 28.89
C SER F 221 -11.49 -16.69 27.59
N GLY F 222 -12.17 -16.55 26.47
CA GLY F 222 -11.50 -16.45 25.18
C GLY F 222 -10.65 -15.20 25.07
N ASP F 223 -11.07 -14.13 25.75
CA ASP F 223 -10.32 -12.89 25.75
C ASP F 223 -9.01 -13.06 26.52
N ILE F 224 -9.03 -13.94 27.52
CA ILE F 224 -7.85 -14.22 28.31
C ILE F 224 -6.83 -14.98 27.48
N VAL F 225 -7.31 -15.84 26.59
CA VAL F 225 -6.43 -16.60 25.70
C VAL F 225 -5.69 -15.66 24.75
N LYS F 226 -6.45 -14.74 24.14
CA LYS F 226 -5.88 -13.75 23.23
C LYS F 226 -4.77 -12.95 23.88
N ALA F 227 -5.03 -12.48 25.10
CA ALA F 227 -4.06 -11.70 25.85
C ALA F 227 -2.82 -12.53 26.19
N LEU F 228 -3.03 -13.81 26.49
CA LEU F 228 -1.93 -14.72 26.77
C LEU F 228 -1.09 -14.97 25.53
N ALA F 229 -1.78 -15.26 24.41
CA ALA F 229 -1.11 -15.51 23.15
C ALA F 229 -0.41 -14.24 22.65
N ALA F 230 -0.91 -13.09 23.06
CA ALA F 230 -0.32 -11.81 22.69
C ALA F 230 1.06 -11.65 23.29
N GLY F 231 1.27 -12.24 24.46
CA GLY F 231 2.56 -12.19 25.12
C GLY F 231 2.50 -11.92 26.60
N ALA F 232 1.32 -11.54 27.09
CA ALA F 232 1.14 -11.26 28.51
C ALA F 232 1.28 -12.53 29.34
N CYS F 233 1.92 -12.40 30.50
CA CYS F 233 2.15 -13.54 31.37
C CYS F 233 0.97 -13.79 32.30
N ALA F 234 0.13 -12.77 32.48
CA ALA F 234 -1.00 -12.88 33.39
C ALA F 234 -2.12 -11.90 33.01
N ALA F 235 -3.34 -12.25 33.39
CA ALA F 235 -4.48 -11.36 33.18
C ALA F 235 -5.02 -10.88 34.53
N MET F 236 -5.41 -9.62 34.59
CA MET F 236 -5.99 -9.05 35.80
C MET F 236 -7.46 -8.72 35.59
N MET F 237 -8.32 -9.21 36.47
CA MET F 237 -9.76 -8.98 36.34
C MET F 237 -10.35 -8.28 37.55
N GLY F 238 -11.32 -7.41 37.29
CA GLY F 238 -12.07 -6.75 38.34
C GLY F 238 -13.54 -7.08 38.22
N SER F 239 -14.08 -6.91 37.00
CA SER F 239 -15.49 -7.14 36.74
C SER F 239 -15.89 -8.61 36.94
N ILE F 240 -14.98 -9.52 36.59
CA ILE F 240 -15.26 -10.94 36.66
C ILE F 240 -15.32 -11.44 38.10
N PHE F 241 -14.51 -10.86 38.98
CA PHE F 241 -14.45 -11.31 40.37
C PHE F 241 -15.19 -10.36 41.33
N ALA F 242 -16.03 -9.50 40.77
CA ALA F 242 -16.71 -8.48 41.58
C ALA F 242 -17.96 -9.02 42.26
N GLY F 243 -18.68 -9.88 41.57
CA GLY F 243 -19.92 -10.44 42.10
C GLY F 243 -19.71 -11.68 42.94
N CYS F 244 -18.46 -12.14 43.00
CA CYS F 244 -18.12 -13.33 43.78
C CYS F 244 -18.28 -13.06 45.27
N GLU F 245 -18.55 -14.12 46.02
CA GLU F 245 -18.90 -14.00 47.43
C GLU F 245 -17.71 -13.59 48.31
N GLU F 246 -16.50 -13.85 47.83
CA GLU F 246 -15.30 -13.50 48.59
C GLU F 246 -14.94 -12.03 48.40
N ALA F 247 -15.59 -11.39 47.43
CA ALA F 247 -15.38 -9.96 47.20
C ALA F 247 -16.05 -9.14 48.29
N PRO F 248 -15.48 -7.97 48.62
CA PRO F 248 -16.03 -7.10 49.67
C PRO F 248 -17.41 -6.55 49.29
N GLY F 249 -18.23 -6.29 50.29
CA GLY F 249 -19.55 -5.74 50.06
C GLY F 249 -20.67 -6.73 50.31
N ALA F 250 -21.82 -6.22 50.77
CA ALA F 250 -22.98 -7.06 51.00
C ALA F 250 -23.76 -7.26 49.71
N ILE F 251 -24.67 -8.23 49.71
CA ILE F 251 -25.54 -8.44 48.56
C ILE F 251 -26.74 -7.51 48.61
N GLU F 252 -26.86 -6.65 47.62
CA GLU F 252 -28.04 -5.81 47.51
C GLU F 252 -29.09 -6.52 46.68
N ILE F 253 -30.36 -6.24 46.97
CA ILE F 253 -31.45 -6.77 46.15
C ILE F 253 -32.10 -5.63 45.39
N TYR F 254 -31.98 -5.69 44.07
CA TYR F 254 -32.54 -4.68 43.18
C TYR F 254 -33.36 -5.35 42.09
N GLN F 255 -34.63 -4.97 41.99
CA GLN F 255 -35.57 -5.57 41.05
C GLN F 255 -35.67 -7.07 41.25
N GLY F 256 -35.63 -7.50 42.50
CA GLY F 256 -35.77 -8.92 42.84
C GLY F 256 -34.59 -9.77 42.38
N ARG F 257 -33.42 -9.14 42.31
CA ARG F 257 -32.21 -9.85 41.87
C ARG F 257 -31.02 -9.50 42.75
N SER F 258 -30.06 -10.42 42.85
CA SER F 258 -28.92 -10.26 43.73
C SER F 258 -27.75 -9.58 43.04
N TYR F 259 -27.32 -8.44 43.59
CA TYR F 259 -26.18 -7.72 43.04
C TYR F 259 -25.18 -7.33 44.11
N LYS F 260 -23.92 -7.20 43.70
CA LYS F 260 -22.89 -6.58 44.52
C LYS F 260 -22.46 -5.28 43.85
N VAL F 261 -22.01 -4.31 44.64
CA VAL F 261 -21.56 -3.05 44.05
C VAL F 261 -20.15 -3.19 43.48
N TYR F 262 -19.97 -2.69 42.26
CA TYR F 262 -18.66 -2.68 41.63
C TYR F 262 -18.36 -1.29 41.11
N ARG F 263 -17.29 -0.68 41.62
CA ARG F 263 -16.97 0.70 41.26
C ARG F 263 -15.48 0.86 40.95
N GLY F 264 -15.16 1.91 40.20
CA GLY F 264 -13.78 2.22 39.87
C GLY F 264 -13.10 2.91 41.04
N MET F 265 -11.78 2.79 41.10
CA MET F 265 -10.99 3.42 42.15
C MET F 265 -10.86 4.93 41.92
N GLY F 266 -11.25 5.37 40.73
CA GLY F 266 -11.22 6.78 40.38
C GLY F 266 -12.61 7.37 40.24
N SER F 267 -13.60 6.65 40.77
CA SER F 267 -14.97 7.14 40.81
C SER F 267 -15.21 7.90 42.11
N LEU F 268 -16.20 8.79 42.10
CA LEU F 268 -16.49 9.65 43.26
C LEU F 268 -16.59 8.90 44.57
N GLY F 269 -17.27 7.75 44.56
CA GLY F 269 -17.45 6.95 45.76
C GLY F 269 -16.14 6.46 46.36
N ALA F 270 -15.23 6.01 45.50
CA ALA F 270 -13.94 5.51 45.95
C ALA F 270 -13.02 6.65 46.37
N MET F 271 -13.10 7.78 45.68
CA MET F 271 -12.28 8.95 46.01
C MET F 271 -12.60 9.49 47.41
N ALA F 272 -13.86 9.35 47.82
CA ALA F 272 -14.34 9.91 49.08
C ALA F 272 -13.61 9.33 50.29
N LYS F 273 -13.53 8.01 50.36
CA LYS F 273 -12.83 7.35 51.46
C LYS F 273 -11.38 7.07 51.08
N LYS F 286 -13.23 19.76 44.78
CA LYS F 286 -13.99 18.56 44.43
C LYS F 286 -13.18 17.68 43.48
N PHE F 287 -13.83 16.63 42.96
CA PHE F 287 -13.13 15.65 42.13
C PHE F 287 -13.67 15.55 40.71
N VAL F 288 -12.76 15.37 39.76
CA VAL F 288 -13.13 15.01 38.40
C VAL F 288 -12.86 13.53 38.21
N PRO F 289 -13.93 12.72 38.25
CA PRO F 289 -13.84 11.25 38.24
C PRO F 289 -13.36 10.67 36.91
N GLU F 290 -12.60 9.58 36.97
CA GLU F 290 -12.22 8.84 35.78
C GLU F 290 -12.76 7.41 35.83
N GLY F 291 -13.84 7.23 36.57
CA GLY F 291 -14.48 5.93 36.70
C GLY F 291 -15.94 6.04 37.11
N VAL F 292 -16.68 4.95 36.95
CA VAL F 292 -18.09 4.94 37.30
C VAL F 292 -18.40 3.95 38.44
N GLU F 293 -19.62 4.02 38.95
CA GLU F 293 -20.02 3.26 40.12
C GLU F 293 -21.33 2.53 39.85
N GLY F 294 -21.26 1.19 39.81
CA GLY F 294 -22.43 0.41 39.45
C GLY F 294 -22.64 -0.87 40.25
N ARG F 295 -23.46 -1.76 39.71
CA ARG F 295 -23.76 -3.03 40.37
C ARG F 295 -23.50 -4.21 39.43
N ILE F 296 -23.01 -5.30 39.99
CA ILE F 296 -22.71 -6.49 39.21
C ILE F 296 -23.44 -7.70 39.80
N ALA F 297 -23.77 -8.66 38.94
CA ALA F 297 -24.55 -9.83 39.37
C ALA F 297 -23.75 -10.75 40.28
N TYR F 298 -24.38 -11.20 41.35
CA TYR F 298 -23.76 -12.12 42.31
C TYR F 298 -23.38 -13.44 41.64
N LYS F 299 -22.08 -13.69 41.53
CA LYS F 299 -21.58 -14.87 40.82
C LYS F 299 -21.41 -16.09 41.71
N GLY F 300 -21.67 -15.94 43.00
CA GLY F 300 -21.48 -17.03 43.94
C GLY F 300 -20.02 -17.16 44.36
N HIS F 301 -19.58 -18.37 44.62
CA HIS F 301 -18.21 -18.61 45.06
C HIS F 301 -17.19 -18.46 43.93
N LEU F 302 -16.03 -17.92 44.25
CA LEU F 302 -14.98 -17.63 43.28
C LEU F 302 -14.53 -18.86 42.51
N ALA F 303 -14.47 -19.99 43.20
CA ALA F 303 -13.93 -21.23 42.61
C ALA F 303 -14.70 -21.68 41.38
N ASP F 304 -15.99 -21.37 41.34
CA ASP F 304 -16.85 -21.75 40.22
C ASP F 304 -16.56 -20.88 39.00
N THR F 305 -16.33 -19.59 39.23
CA THR F 305 -15.98 -18.67 38.16
C THR F 305 -14.63 -19.03 37.56
N ILE F 306 -13.64 -19.23 38.43
CA ILE F 306 -12.30 -19.59 37.99
C ILE F 306 -12.30 -20.95 37.29
N TYR F 307 -13.16 -21.85 37.75
CA TYR F 307 -13.29 -23.15 37.09
C TYR F 307 -13.66 -22.99 35.62
N GLN F 308 -14.50 -22.00 35.33
CA GLN F 308 -14.92 -21.73 33.97
C GLN F 308 -13.83 -21.07 33.14
N LEU F 309 -13.21 -20.04 33.71
CA LEU F 309 -12.12 -19.32 33.05
C LEU F 309 -10.98 -20.27 32.68
N ILE F 310 -10.49 -21.00 33.67
CA ILE F 310 -9.42 -21.96 33.49
C ILE F 310 -9.78 -23.02 32.44
N GLY F 311 -11.01 -23.49 32.50
CA GLY F 311 -11.49 -24.49 31.55
C GLY F 311 -11.55 -23.95 30.14
N GLY F 312 -11.79 -22.65 30.01
CA GLY F 312 -11.87 -22.01 28.72
C GLY F 312 -10.49 -21.78 28.11
N ILE F 313 -9.56 -21.32 28.95
N ILE F 313 -9.53 -21.38 28.94
CA ILE F 313 -8.18 -21.10 28.55
CA ILE F 313 -8.18 -21.10 28.44
C ILE F 313 -7.54 -22.41 28.11
C ILE F 313 -7.38 -22.38 28.25
N LYS F 314 -7.82 -23.46 28.86
CA LYS F 314 -7.26 -24.78 28.59
C LYS F 314 -7.75 -25.30 27.25
N SER F 315 -9.00 -24.97 26.93
CA SER F 315 -9.59 -25.35 25.66
C SER F 315 -9.00 -24.54 24.50
N GLY F 316 -8.77 -23.25 24.75
CA GLY F 316 -8.23 -22.36 23.74
C GLY F 316 -6.81 -22.75 23.34
N MET F 317 -5.99 -23.09 24.32
CA MET F 317 -4.63 -23.53 24.06
C MET F 317 -4.63 -24.87 23.33
N GLY F 318 -5.64 -25.69 23.61
CA GLY F 318 -5.80 -26.97 22.94
C GLY F 318 -6.02 -26.78 21.46
N TYR F 319 -6.82 -25.78 21.10
CA TYR F 319 -7.05 -25.44 19.70
C TYR F 319 -5.74 -25.02 19.02
N LEU F 320 -4.89 -24.33 19.75
CA LEU F 320 -3.63 -23.85 19.20
C LEU F 320 -2.47 -24.82 19.44
N GLY F 321 -2.79 -26.01 19.95
CA GLY F 321 -1.80 -27.05 20.15
C GLY F 321 -0.71 -26.68 21.13
N ALA F 322 -1.04 -25.84 22.10
CA ALA F 322 -0.05 -25.38 23.08
C ALA F 322 -0.14 -26.17 24.38
N PRO F 323 0.93 -26.92 24.69
CA PRO F 323 1.01 -27.66 25.96
C PRO F 323 1.35 -26.74 27.12
N THR F 324 1.80 -25.52 26.80
CA THR F 324 2.20 -24.55 27.82
C THR F 324 2.09 -23.11 27.28
N LEU F 325 2.21 -22.14 28.19
CA LEU F 325 1.99 -20.74 27.84
C LEU F 325 3.04 -20.17 26.88
N GLU F 326 4.30 -20.58 27.06
CA GLU F 326 5.37 -20.06 26.21
C GLU F 326 5.23 -20.54 24.77
N ASN F 327 4.79 -21.78 24.60
CA ASN F 327 4.58 -22.34 23.27
C ASN F 327 3.37 -21.70 22.59
N LEU F 328 2.40 -21.30 23.41
CA LEU F 328 1.22 -20.60 22.90
C LEU F 328 1.61 -19.30 22.21
N TYR F 329 2.52 -18.56 22.83
CA TYR F 329 2.96 -17.27 22.29
C TYR F 329 3.73 -17.44 20.98
N GLU F 330 4.64 -18.41 20.95
CA GLU F 330 5.51 -18.61 19.78
C GLU F 330 4.73 -19.03 18.54
N ASN F 331 3.64 -19.77 18.75
CA ASN F 331 2.88 -20.32 17.62
C ASN F 331 1.45 -19.80 17.56
N ALA F 332 1.27 -18.51 17.80
CA ALA F 332 -0.06 -17.89 17.75
C ALA F 332 -0.17 -16.92 16.58
N ASN F 333 -1.27 -17.01 15.85
CA ASN F 333 -1.54 -16.08 14.75
C ASN F 333 -2.93 -15.49 14.86
N PHE F 334 -2.99 -14.16 14.93
CA PHE F 334 -4.26 -13.46 15.07
C PHE F 334 -4.91 -13.17 13.72
N VAL F 335 -6.22 -12.93 13.74
CA VAL F 335 -6.95 -12.56 12.54
C VAL F 335 -7.95 -11.46 12.85
N VAL F 336 -7.92 -10.39 12.05
CA VAL F 336 -8.84 -9.28 12.23
C VAL F 336 -10.21 -9.58 11.64
N GLN F 337 -11.25 -9.35 12.42
CA GLN F 337 -12.60 -9.55 11.95
C GLN F 337 -13.37 -8.24 12.00
N THR F 338 -14.37 -8.13 11.14
CA THR F 338 -15.17 -6.91 11.05
C THR F 338 -16.33 -6.93 12.04
N SER F 339 -17.23 -5.98 11.88
CA SER F 339 -18.44 -5.94 12.67
C SER F 339 -19.34 -7.13 12.36
N ALA F 340 -19.35 -7.53 11.09
CA ALA F 340 -20.14 -8.68 10.68
C ALA F 340 -19.57 -9.96 11.26
N GLY F 341 -18.24 -10.04 11.32
CA GLY F 341 -17.57 -11.19 11.87
C GLY F 341 -17.81 -11.35 13.36
N PHE F 342 -17.91 -10.22 14.06
CA PHE F 342 -18.08 -10.23 15.51
C PHE F 342 -19.47 -10.71 15.92
N ARG F 343 -20.47 -10.42 15.09
CA ARG F 343 -21.82 -10.87 15.38
C ARG F 343 -21.97 -12.34 14.99
N GLU F 344 -21.07 -12.81 14.13
CA GLU F 344 -21.02 -14.23 13.79
C GLU F 344 -20.36 -15.02 14.90
N SER F 345 -19.41 -14.39 15.58
CA SER F 345 -18.66 -15.02 16.66
C SER F 345 -19.55 -15.36 17.84
N HIS F 346 -20.44 -14.42 18.18
CA HIS F 346 -21.40 -14.63 19.25
C HIS F 346 -22.60 -15.45 18.76
N PRO F 347 -23.31 -16.09 19.68
CA PRO F 347 -24.60 -16.72 19.34
C PRO F 347 -25.55 -15.74 18.67
N HIS F 348 -26.13 -16.15 17.54
CA HIS F 348 -26.97 -15.25 16.75
C HIS F 348 -28.18 -16.00 16.20
N ASP F 349 -29.22 -15.24 15.86
CA ASP F 349 -30.44 -15.77 15.24
C ASP F 349 -31.10 -16.84 16.11
N ILE F 350 -30.98 -16.70 17.42
CA ILE F 350 -31.57 -17.66 18.35
C ILE F 350 -31.90 -17.02 19.69
N ASN F 351 -33.09 -17.35 20.22
CA ASN F 351 -33.47 -16.90 21.55
C ASN F 351 -32.91 -17.84 22.62
N ILE F 352 -31.84 -17.41 23.27
CA ILE F 352 -31.19 -18.21 24.30
C ILE F 352 -32.05 -18.31 25.55
N THR F 353 -32.64 -19.49 25.76
CA THR F 353 -33.53 -19.71 26.90
C THR F 353 -32.78 -20.06 28.17
N LYS F 354 -31.88 -21.03 28.08
CA LYS F 354 -31.02 -21.38 29.21
C LYS F 354 -29.91 -20.35 29.33
N GLU F 355 -29.02 -20.53 30.31
CA GLU F 355 -27.88 -19.63 30.44
C GLU F 355 -26.60 -20.42 30.70
N ALA F 356 -25.64 -20.27 29.80
CA ALA F 356 -24.36 -20.95 29.92
C ALA F 356 -23.61 -20.46 31.15
N PRO F 357 -22.90 -21.39 31.83
CA PRO F 357 -22.06 -21.03 32.98
C PRO F 357 -20.94 -20.09 32.60
N ASN F 358 -20.63 -20.00 31.30
CA ASN F 358 -19.58 -19.11 30.81
C ASN F 358 -20.01 -18.28 29.62
N TYR F 359 -21.29 -17.88 29.60
CA TYR F 359 -21.78 -16.95 28.58
C TYR F 359 -23.13 -16.33 28.94
N SER F 360 -23.22 -15.01 28.79
CA SER F 360 -24.45 -14.27 29.01
C SER F 360 -24.36 -12.87 28.44
N ALA G 5 -12.66 -17.21 -8.12
CA ALA G 5 -13.33 -16.54 -7.03
C ALA G 5 -12.35 -15.67 -6.25
N ARG G 6 -12.53 -14.35 -6.31
CA ARG G 6 -11.55 -13.39 -5.81
C ARG G 6 -12.21 -12.12 -5.26
N ILE G 7 -11.73 -11.63 -4.13
CA ILE G 7 -12.26 -10.38 -3.61
C ILE G 7 -11.64 -9.18 -4.30
N LEU G 8 -12.44 -8.52 -5.12
CA LEU G 8 -11.98 -7.38 -5.90
C LEU G 8 -11.57 -6.18 -5.05
N LYS G 9 -12.52 -5.63 -4.30
CA LYS G 9 -12.27 -4.41 -3.54
C LYS G 9 -13.32 -4.12 -2.49
N THR G 10 -13.34 -2.87 -2.04
CA THR G 10 -14.38 -2.41 -1.12
C THR G 10 -15.34 -1.47 -1.83
N ALA G 11 -16.62 -1.76 -1.75
CA ALA G 11 -17.63 -0.92 -2.38
C ALA G 11 -18.37 -0.11 -1.32
N TYR G 12 -18.75 1.11 -1.70
CA TYR G 12 -19.37 2.03 -0.76
C TYR G 12 -20.78 2.41 -1.19
N THR G 13 -21.59 2.79 -0.21
CA THR G 13 -22.91 3.35 -0.48
C THR G 13 -22.88 4.83 -0.10
N PHE G 14 -24.00 5.52 -0.27
CA PHE G 14 -24.05 6.95 -0.05
C PHE G 14 -23.79 7.33 1.41
N ASP G 15 -24.11 6.43 2.32
CA ASP G 15 -23.91 6.69 3.75
C ASP G 15 -22.46 6.50 4.17
N ASP G 16 -21.67 5.90 3.29
CA ASP G 16 -20.25 5.68 3.56
C ASP G 16 -19.44 6.95 3.34
N VAL G 17 -20.03 7.90 2.64
CA VAL G 17 -19.26 8.97 2.01
C VAL G 17 -19.81 10.37 2.27
N LEU G 18 -18.93 11.36 2.16
CA LEU G 18 -19.32 12.77 2.26
C LEU G 18 -18.64 13.59 1.17
N LEU G 19 -19.28 14.68 0.76
CA LEU G 19 -18.73 15.57 -0.26
C LEU G 19 -17.93 16.71 0.36
N VAL G 20 -16.75 16.95 -0.19
CA VAL G 20 -15.85 17.99 0.30
C VAL G 20 -16.22 19.35 -0.27
N PRO G 21 -16.42 20.36 0.60
CA PRO G 21 -16.83 21.71 0.21
C PRO G 21 -15.78 22.45 -0.63
N ASN G 22 -16.12 22.79 -1.86
CA ASN G 22 -15.24 23.56 -2.72
C ASN G 22 -15.38 25.06 -2.48
N LYS G 23 -14.52 25.85 -3.11
CA LYS G 23 -14.69 27.29 -3.15
C LYS G 23 -15.95 27.59 -3.94
N SER G 24 -16.72 28.57 -3.50
CA SER G 24 -18.00 28.86 -4.15
C SER G 24 -18.22 30.34 -4.43
N GLU G 25 -18.73 30.62 -5.62
CA GLU G 25 -19.10 31.98 -6.01
C GLU G 25 -20.59 32.02 -6.35
N VAL G 26 -21.27 30.90 -6.09
CA VAL G 26 -22.67 30.77 -6.44
C VAL G 26 -23.54 30.51 -5.20
N LEU G 27 -24.78 30.99 -5.25
CA LEU G 27 -25.74 30.77 -4.17
C LEU G 27 -26.67 29.63 -4.54
N PRO G 28 -27.29 28.98 -3.55
CA PRO G 28 -28.17 27.82 -3.80
C PRO G 28 -29.27 28.06 -4.84
N ASN G 29 -29.81 29.27 -4.89
CA ASN G 29 -30.89 29.56 -5.83
C ASN G 29 -30.41 30.06 -7.18
N GLU G 30 -29.10 30.16 -7.36
CA GLU G 30 -28.54 30.58 -8.64
C GLU G 30 -28.10 29.37 -9.49
N VAL G 31 -28.27 28.17 -8.94
CA VAL G 31 -27.82 26.96 -9.63
C VAL G 31 -28.89 26.45 -10.59
N SER G 32 -28.48 25.59 -11.52
CA SER G 32 -29.39 25.00 -12.49
C SER G 32 -29.41 23.48 -12.37
N LEU G 33 -30.54 22.88 -12.64
CA LEU G 33 -30.71 21.44 -12.46
C LEU G 33 -31.06 20.72 -13.76
N LYS G 34 -30.94 21.44 -14.88
CA LYS G 34 -31.17 20.85 -16.19
C LYS G 34 -30.23 19.70 -16.47
N THR G 35 -30.78 18.53 -16.79
CA THR G 35 -29.96 17.37 -17.13
C THR G 35 -30.35 16.81 -18.49
N GLN G 36 -29.43 16.04 -19.07
CA GLN G 36 -29.69 15.37 -20.34
C GLN G 36 -29.97 13.89 -20.08
N LEU G 37 -31.26 13.57 -19.95
CA LEU G 37 -31.69 12.20 -19.68
C LEU G 37 -31.22 11.27 -20.79
N THR G 38 -31.51 11.66 -22.03
CA THR G 38 -30.84 11.12 -23.20
C THR G 38 -30.44 12.31 -24.06
N LYS G 39 -29.76 12.04 -25.18
CA LYS G 39 -29.36 13.11 -26.08
C LYS G 39 -30.55 13.91 -26.58
N LYS G 40 -31.71 13.25 -26.67
CA LYS G 40 -32.93 13.89 -27.15
C LYS G 40 -33.76 14.49 -26.02
N ILE G 41 -33.75 13.82 -24.87
CA ILE G 41 -34.64 14.21 -23.77
C ILE G 41 -33.92 14.95 -22.64
N GLN G 42 -34.42 16.13 -22.29
CA GLN G 42 -33.88 16.92 -21.19
C GLN G 42 -34.92 17.10 -20.09
N LEU G 43 -34.47 16.98 -18.84
CA LEU G 43 -35.33 17.20 -17.68
C LEU G 43 -34.95 18.50 -16.98
N ASN G 44 -35.94 19.24 -16.51
CA ASN G 44 -35.68 20.46 -15.74
C ASN G 44 -35.05 20.15 -14.39
N ILE G 45 -35.47 19.05 -13.78
CA ILE G 45 -34.85 18.56 -12.55
C ILE G 45 -34.43 17.10 -12.72
N PRO G 46 -33.29 16.72 -12.15
CA PRO G 46 -32.75 15.36 -12.31
C PRO G 46 -33.44 14.32 -11.44
N LEU G 47 -34.76 14.28 -11.48
CA LEU G 47 -35.55 13.36 -10.65
C LEU G 47 -36.44 12.47 -11.51
N MET G 48 -36.62 11.23 -11.08
CA MET G 48 -37.49 10.29 -11.79
C MET G 48 -38.40 9.53 -10.81
N SER G 49 -39.55 9.12 -11.31
CA SER G 49 -40.47 8.31 -10.51
C SER G 49 -40.37 6.85 -10.89
N ALA G 50 -40.04 6.00 -9.92
CA ALA G 50 -39.80 4.58 -10.14
C ALA G 50 -41.02 3.88 -10.72
N SER G 51 -40.79 3.02 -11.71
CA SER G 51 -41.88 2.29 -12.36
C SER G 51 -42.37 1.14 -11.48
N MET G 52 -43.12 1.49 -10.44
CA MET G 52 -43.73 0.50 -9.56
C MET G 52 -45.22 0.80 -9.44
N ASP G 53 -46.03 -0.23 -9.17
CA ASP G 53 -47.49 -0.06 -9.18
C ASP G 53 -48.00 0.74 -7.98
N THR G 54 -47.10 0.98 -7.02
CA THR G 54 -47.44 1.76 -5.84
C THR G 54 -46.79 3.15 -5.87
N VAL G 55 -46.18 3.49 -7.00
CA VAL G 55 -45.48 4.76 -7.13
C VAL G 55 -45.97 5.60 -8.30
N THR G 56 -45.92 5.02 -9.50
CA THR G 56 -46.12 5.82 -10.71
C THR G 56 -47.27 5.36 -11.60
N GLU G 57 -48.29 6.20 -11.71
CA GLU G 57 -49.32 6.06 -12.73
C GLU G 57 -49.49 7.41 -13.41
N SER G 58 -50.62 7.63 -14.07
CA SER G 58 -50.87 8.89 -14.77
C SER G 58 -50.78 10.08 -13.82
N LYS G 59 -51.49 10.02 -12.71
CA LYS G 59 -51.52 11.11 -11.74
C LYS G 59 -50.12 11.48 -11.25
N MET G 60 -49.30 10.46 -11.04
CA MET G 60 -47.92 10.67 -10.60
C MET G 60 -47.05 11.17 -11.74
N ALA G 61 -47.21 10.57 -12.92
CA ALA G 61 -46.47 10.97 -14.11
C ALA G 61 -46.75 12.43 -14.49
N ILE G 62 -48.00 12.85 -14.30
CA ILE G 62 -48.37 14.24 -14.51
C ILE G 62 -47.62 15.14 -13.53
N ALA G 63 -47.71 14.79 -12.25
CA ALA G 63 -47.14 15.59 -11.18
C ALA G 63 -45.61 15.70 -11.30
N MET G 64 -44.97 14.59 -11.66
CA MET G 64 -43.52 14.57 -11.87
C MET G 64 -43.13 15.47 -13.04
N ALA G 65 -43.88 15.37 -14.13
CA ALA G 65 -43.59 16.16 -15.33
C ALA G 65 -43.79 17.65 -15.08
N ARG G 66 -44.85 17.99 -14.37
CA ARG G 66 -45.17 19.39 -14.09
C ARG G 66 -44.17 20.03 -13.14
N GLU G 67 -43.73 19.28 -12.13
CA GLU G 67 -42.82 19.81 -11.13
C GLU G 67 -41.38 19.86 -11.66
N GLY G 68 -41.17 19.31 -12.85
CA GLY G 68 -39.88 19.44 -13.52
C GLY G 68 -39.32 18.18 -14.14
N GLY G 69 -39.51 17.05 -13.47
CA GLY G 69 -38.89 15.80 -13.89
C GLY G 69 -39.73 14.93 -14.82
N ILE G 70 -39.74 13.63 -14.55
CA ILE G 70 -40.46 12.68 -15.38
C ILE G 70 -41.02 11.53 -14.54
N GLY G 71 -42.00 10.82 -15.09
CA GLY G 71 -42.56 9.65 -14.43
C GLY G 71 -42.60 8.46 -15.37
N ILE G 72 -42.34 7.27 -14.85
CA ILE G 72 -42.36 6.06 -15.67
C ILE G 72 -43.54 5.17 -15.29
N ILE G 73 -44.55 5.13 -16.16
CA ILE G 73 -45.72 4.28 -15.94
C ILE G 73 -45.32 2.81 -15.84
N HIS G 74 -45.77 2.13 -14.78
CA HIS G 74 -45.37 0.75 -14.54
C HIS G 74 -46.06 -0.21 -15.51
N LYS G 75 -45.44 -1.35 -15.73
CA LYS G 75 -45.90 -2.32 -16.71
C LYS G 75 -46.81 -3.39 -16.12
N ASN G 76 -47.19 -3.23 -14.86
CA ASN G 76 -48.01 -4.23 -14.18
C ASN G 76 -49.51 -4.03 -14.47
N MET G 77 -49.79 -3.54 -15.67
CA MET G 77 -51.15 -3.42 -16.16
C MET G 77 -51.21 -3.97 -17.58
N THR G 78 -52.40 -4.10 -18.15
CA THR G 78 -52.52 -4.62 -19.50
C THR G 78 -51.94 -3.64 -20.52
N ILE G 79 -51.59 -4.16 -21.69
CA ILE G 79 -51.08 -3.34 -22.78
C ILE G 79 -52.04 -2.20 -23.11
N GLU G 80 -53.31 -2.55 -23.17
CA GLU G 80 -54.38 -1.58 -23.39
C GLU G 80 -54.42 -0.51 -22.31
N ASP G 81 -54.26 -0.93 -21.05
CA ASP G 81 -54.29 0.00 -19.93
C ASP G 81 -53.10 0.96 -19.95
N GLN G 82 -51.92 0.46 -20.30
CA GLN G 82 -50.71 1.26 -20.28
C GLN G 82 -50.73 2.36 -21.34
N ALA G 83 -51.17 2.02 -22.55
CA ALA G 83 -51.28 2.99 -23.62
C ALA G 83 -52.26 4.09 -23.24
N ARG G 84 -53.36 3.69 -22.61
CA ARG G 84 -54.36 4.63 -22.11
C ARG G 84 -53.77 5.51 -21.01
N GLU G 85 -53.01 4.88 -20.12
CA GLU G 85 -52.37 5.59 -19.01
C GLU G 85 -51.37 6.62 -19.51
N VAL G 86 -50.61 6.25 -20.54
CA VAL G 86 -49.63 7.15 -21.13
C VAL G 86 -50.29 8.28 -21.89
N ASP G 87 -51.23 7.92 -22.76
CA ASP G 87 -51.93 8.89 -23.61
C ASP G 87 -52.58 9.99 -22.77
N ARG G 88 -52.98 9.64 -21.54
CA ARG G 88 -53.53 10.61 -20.60
C ARG G 88 -52.49 11.66 -20.23
N VAL G 89 -51.25 11.22 -20.08
CA VAL G 89 -50.18 12.11 -19.64
C VAL G 89 -49.77 13.08 -20.76
N LYS G 90 -49.86 12.62 -22.00
CA LYS G 90 -49.46 13.43 -23.15
C LYS G 90 -50.48 14.51 -23.49
N ARG G 91 -51.76 14.15 -23.45
CA ARG G 91 -52.84 15.09 -23.78
C ARG G 91 -52.96 16.20 -22.73
N SER G 92 -52.29 16.00 -21.60
CA SER G 92 -52.37 16.93 -20.48
C SER G 92 -51.47 18.15 -20.64
N GLY G 93 -50.98 18.38 -21.85
CA GLY G 93 -50.20 19.57 -22.14
C GLY G 93 -48.79 19.30 -22.64
N GLY G 94 -48.66 18.35 -23.57
CA GLY G 94 -47.37 18.02 -24.15
C GLY G 94 -46.35 17.60 -23.11
N LEU G 95 -46.83 16.99 -22.02
CA LEU G 95 -45.97 16.62 -20.91
C LEU G 95 -45.08 15.43 -21.24
N LEU G 96 -43.97 15.32 -20.52
CA LEU G 96 -43.05 14.20 -20.69
C LEU G 96 -43.61 12.97 -20.00
N CYS G 97 -43.40 11.81 -20.61
CA CYS G 97 -43.90 10.56 -20.03
C CYS G 97 -43.02 9.37 -20.42
N GLY G 98 -42.80 8.47 -19.46
CA GLY G 98 -42.06 7.26 -19.72
C GLY G 98 -42.94 6.04 -19.50
N ALA G 99 -42.63 4.96 -20.21
CA ALA G 99 -43.41 3.74 -20.11
C ALA G 99 -42.52 2.52 -19.89
N SER G 100 -42.71 1.85 -18.76
CA SER G 100 -41.91 0.68 -18.44
C SER G 100 -42.29 -0.53 -19.29
N ILE G 101 -41.27 -1.22 -19.80
CA ILE G 101 -41.48 -2.42 -20.59
C ILE G 101 -40.65 -3.57 -20.02
N GLY G 102 -41.23 -4.76 -19.97
CA GLY G 102 -40.51 -5.93 -19.53
C GLY G 102 -40.18 -6.85 -20.69
N VAL G 103 -39.00 -7.46 -20.65
CA VAL G 103 -38.61 -8.41 -21.69
C VAL G 103 -39.46 -9.66 -21.58
N THR G 104 -40.61 -9.65 -22.25
CA THR G 104 -41.57 -10.74 -22.12
C THR G 104 -42.01 -11.30 -23.47
N ASN G 105 -43.07 -12.10 -23.44
CA ASN G 105 -43.59 -12.75 -24.64
C ASN G 105 -44.10 -11.73 -25.66
N ASP G 106 -44.88 -10.77 -25.19
CA ASP G 106 -45.50 -9.78 -26.07
C ASP G 106 -44.84 -8.42 -25.93
N MET G 107 -43.51 -8.40 -25.84
CA MET G 107 -42.76 -7.17 -25.61
C MET G 107 -43.04 -6.12 -26.67
N MET G 108 -42.89 -6.49 -27.93
CA MET G 108 -43.09 -5.56 -29.04
C MET G 108 -44.51 -5.01 -29.11
N GLU G 109 -45.49 -5.88 -28.97
CA GLU G 109 -46.89 -5.50 -29.08
C GLU G 109 -47.30 -4.51 -27.99
N ARG G 110 -46.52 -4.47 -26.91
CA ARG G 110 -46.73 -3.48 -25.86
C ARG G 110 -46.05 -2.17 -26.22
N VAL G 111 -44.91 -2.27 -26.90
CA VAL G 111 -44.11 -1.10 -27.26
C VAL G 111 -44.82 -0.18 -28.25
N ASP G 112 -45.30 -0.74 -29.36
CA ASP G 112 -45.95 0.08 -30.39
C ASP G 112 -47.24 0.73 -29.88
N ALA G 113 -48.02 -0.01 -29.11
CA ALA G 113 -49.23 0.52 -28.50
C ALA G 113 -48.88 1.70 -27.60
N VAL G 114 -47.73 1.58 -26.95
CA VAL G 114 -47.20 2.63 -26.11
C VAL G 114 -46.53 3.69 -26.99
N VAL G 115 -45.97 3.27 -28.11
CA VAL G 115 -45.34 4.19 -29.06
C VAL G 115 -46.38 5.08 -29.74
N LYS G 116 -47.53 4.50 -30.11
CA LYS G 116 -48.61 5.25 -30.72
C LYS G 116 -49.15 6.33 -29.78
N ALA G 117 -49.04 6.07 -28.48
CA ALA G 117 -49.44 7.05 -27.46
C ALA G 117 -48.40 8.16 -27.33
N LYS G 118 -47.41 8.13 -28.23
CA LYS G 118 -46.36 9.15 -28.31
C LYS G 118 -45.53 9.20 -27.02
N VAL G 119 -45.08 8.03 -26.57
CA VAL G 119 -44.16 7.92 -25.45
C VAL G 119 -42.81 8.54 -25.79
N ASP G 120 -42.25 9.32 -24.87
CA ASP G 120 -40.96 9.95 -25.09
C ASP G 120 -39.80 8.97 -24.87
N VAL G 121 -39.95 8.07 -23.90
CA VAL G 121 -38.87 7.14 -23.59
C VAL G 121 -39.34 5.76 -23.11
N ILE G 122 -38.78 4.72 -23.72
CA ILE G 122 -38.99 3.34 -23.29
C ILE G 122 -37.95 2.94 -22.24
N VAL G 123 -38.39 2.27 -21.19
CA VAL G 123 -37.44 1.70 -20.23
C VAL G 123 -37.66 0.20 -20.13
N LEU G 124 -36.57 -0.54 -20.09
CA LEU G 124 -36.63 -1.99 -19.95
C LEU G 124 -36.36 -2.40 -18.52
N ASP G 125 -37.42 -2.75 -17.80
CA ASP G 125 -37.33 -2.97 -16.37
C ASP G 125 -37.16 -4.43 -16.03
N THR G 126 -35.91 -4.84 -15.84
CA THR G 126 -35.65 -6.21 -15.43
C THR G 126 -34.66 -6.26 -14.28
N ALA G 127 -34.59 -7.42 -13.66
CA ALA G 127 -33.75 -7.58 -12.49
C ALA G 127 -32.30 -7.67 -12.90
N HIS G 128 -32.06 -8.31 -14.04
CA HIS G 128 -30.72 -8.46 -14.56
C HIS G 128 -30.59 -7.87 -15.94
N GLY G 129 -30.12 -6.63 -16.00
CA GLY G 129 -29.94 -5.93 -17.26
C GLY G 129 -28.86 -6.53 -18.14
N HIS G 130 -27.77 -6.97 -17.52
CA HIS G 130 -26.66 -7.58 -18.26
C HIS G 130 -26.97 -9.03 -18.59
N SER G 131 -28.05 -9.25 -19.33
CA SER G 131 -28.46 -10.59 -19.72
C SER G 131 -28.81 -10.67 -21.21
N LYS G 132 -28.96 -11.88 -21.73
CA LYS G 132 -29.18 -12.08 -23.16
C LYS G 132 -30.53 -11.52 -23.61
N GLY G 133 -31.51 -11.55 -22.72
CA GLY G 133 -32.85 -11.06 -23.05
C GLY G 133 -32.90 -9.57 -23.30
N VAL G 134 -32.23 -8.80 -22.46
CA VAL G 134 -32.23 -7.34 -22.57
C VAL G 134 -31.48 -6.87 -23.82
N ILE G 135 -30.29 -7.41 -24.03
CA ILE G 135 -29.46 -7.05 -25.17
C ILE G 135 -30.21 -7.27 -26.48
N GLU G 136 -30.78 -8.47 -26.64
CA GLU G 136 -31.53 -8.80 -27.83
C GLU G 136 -32.87 -8.06 -27.87
N GLY G 137 -33.39 -7.74 -26.70
CA GLY G 137 -34.65 -7.00 -26.59
C GLY G 137 -34.49 -5.56 -27.03
N VAL G 138 -33.36 -4.95 -26.66
CA VAL G 138 -33.08 -3.57 -27.02
C VAL G 138 -32.85 -3.43 -28.53
N LYS G 139 -32.11 -4.37 -29.10
CA LYS G 139 -31.81 -4.36 -30.52
C LYS G 139 -33.07 -4.40 -31.38
N ARG G 140 -33.97 -5.32 -31.06
CA ARG G 140 -35.21 -5.50 -31.81
C ARG G 140 -36.10 -4.26 -31.72
N ILE G 141 -36.09 -3.61 -30.57
CA ILE G 141 -36.80 -2.35 -30.40
C ILE G 141 -36.16 -1.27 -31.26
N LYS G 142 -34.83 -1.33 -31.36
CA LYS G 142 -34.08 -0.35 -32.15
C LYS G 142 -34.16 -0.61 -33.66
N ALA G 143 -34.33 -1.88 -34.02
CA ALA G 143 -34.43 -2.25 -35.44
C ALA G 143 -35.77 -1.80 -36.03
N LYS G 144 -36.76 -1.65 -35.17
CA LYS G 144 -38.10 -1.28 -35.61
C LYS G 144 -38.37 0.21 -35.34
N TYR G 145 -37.80 0.72 -34.26
CA TYR G 145 -37.97 2.12 -33.89
C TYR G 145 -36.62 2.80 -33.67
N PRO G 146 -36.01 3.30 -34.75
CA PRO G 146 -34.68 3.92 -34.74
C PRO G 146 -34.56 5.12 -33.79
N GLU G 147 -35.57 5.98 -33.78
CA GLU G 147 -35.50 7.22 -33.01
C GLU G 147 -36.29 7.14 -31.71
N LEU G 148 -36.53 5.93 -31.24
CA LEU G 148 -37.22 5.72 -29.97
C LEU G 148 -36.20 5.68 -28.83
N GLN G 149 -36.45 6.48 -27.80
CA GLN G 149 -35.53 6.57 -26.67
C GLN G 149 -35.68 5.41 -25.71
N VAL G 150 -34.62 4.61 -25.57
CA VAL G 150 -34.66 3.43 -24.73
C VAL G 150 -33.75 3.57 -23.50
N ILE G 151 -34.27 3.21 -22.33
CA ILE G 151 -33.47 3.10 -21.12
C ILE G 151 -33.38 1.63 -20.72
N ALA G 152 -32.16 1.13 -20.53
CA ALA G 152 -31.99 -0.28 -20.25
C ALA G 152 -31.43 -0.51 -18.85
N GLY G 153 -32.09 -1.40 -18.11
CA GLY G 153 -31.70 -1.70 -16.74
C GLY G 153 -32.10 -3.12 -16.39
N ASN G 154 -31.63 -3.61 -15.24
CA ASN G 154 -30.80 -2.84 -14.32
C ASN G 154 -29.41 -3.45 -14.24
N ILE G 155 -28.39 -2.61 -14.12
CA ILE G 155 -27.02 -3.10 -14.08
C ILE G 155 -26.28 -2.53 -12.88
N ALA G 156 -25.06 -3.01 -12.66
CA ALA G 156 -24.22 -2.47 -11.60
C ALA G 156 -22.75 -2.47 -12.00
N THR G 157 -22.46 -2.95 -13.20
CA THR G 157 -21.08 -3.08 -13.67
C THR G 157 -20.84 -2.31 -14.97
N PRO G 158 -19.62 -1.78 -15.13
CA PRO G 158 -19.23 -1.07 -16.35
C PRO G 158 -19.28 -1.95 -17.58
N GLU G 159 -19.01 -3.24 -17.44
CA GLU G 159 -19.03 -4.16 -18.58
C GLU G 159 -20.43 -4.24 -19.18
N ALA G 160 -21.44 -3.99 -18.33
CA ALA G 160 -22.82 -4.00 -18.76
C ALA G 160 -23.14 -2.75 -19.58
N VAL G 161 -22.61 -1.62 -19.14
CA VAL G 161 -22.83 -0.34 -19.82
C VAL G 161 -22.31 -0.39 -21.25
N ARG G 162 -21.16 -1.04 -21.45
CA ARG G 162 -20.59 -1.18 -22.79
C ARG G 162 -21.46 -2.05 -23.69
N ASP G 163 -21.81 -3.23 -23.21
CA ASP G 163 -22.62 -4.16 -23.99
C ASP G 163 -24.02 -3.62 -24.27
N LEU G 164 -24.58 -2.91 -23.30
CA LEU G 164 -25.92 -2.36 -23.45
C LEU G 164 -25.93 -1.17 -24.38
N ALA G 165 -24.88 -0.34 -24.33
CA ALA G 165 -24.76 0.79 -25.23
C ALA G 165 -24.45 0.33 -26.64
N GLU G 166 -23.92 -0.90 -26.74
CA GLU G 166 -23.67 -1.53 -28.03
C GLU G 166 -24.98 -1.97 -28.66
N ALA G 167 -25.98 -2.23 -27.80
CA ALA G 167 -27.28 -2.71 -28.26
C ALA G 167 -28.14 -1.57 -28.78
N GLY G 168 -27.79 -0.34 -28.46
CA GLY G 168 -28.52 0.82 -28.92
C GLY G 168 -29.17 1.60 -27.79
N ALA G 169 -28.91 1.19 -26.56
CA ALA G 169 -29.46 1.85 -25.39
C ALA G 169 -28.98 3.30 -25.30
N ASP G 170 -29.93 4.22 -25.15
CA ASP G 170 -29.62 5.64 -25.06
C ASP G 170 -29.32 6.04 -23.62
N CYS G 171 -29.64 5.14 -22.69
CA CYS G 171 -29.42 5.38 -21.28
C CYS G 171 -29.45 4.06 -20.50
N VAL G 172 -28.82 4.04 -19.33
CA VAL G 172 -28.77 2.83 -18.53
C VAL G 172 -29.11 3.11 -17.06
N LYS G 173 -30.08 2.36 -16.54
CA LYS G 173 -30.45 2.45 -15.14
C LYS G 173 -29.56 1.56 -14.29
N VAL G 174 -28.99 2.14 -13.24
CA VAL G 174 -27.99 1.45 -12.43
C VAL G 174 -28.47 1.13 -11.02
N GLY G 175 -28.36 -0.12 -10.63
CA GLY G 175 -28.66 -0.51 -9.26
C GLY G 175 -29.15 -1.92 -9.09
N ILE G 176 -28.34 -2.73 -8.42
CA ILE G 176 -28.73 -4.08 -8.06
C ILE G 176 -28.71 -4.24 -6.55
N GLY G 177 -29.90 -4.26 -5.96
CA GLY G 177 -30.03 -4.39 -4.52
C GLY G 177 -30.02 -3.18 -3.60
N PRO G 178 -30.17 -1.94 -4.14
CA PRO G 178 -30.17 -0.88 -3.13
C PRO G 178 -31.58 -0.48 -2.69
N GLY G 179 -32.59 -0.91 -3.43
CA GLY G 179 -33.98 -0.56 -3.15
C GLY G 179 -34.38 -0.80 -1.71
N SER G 180 -35.16 0.13 -1.16
CA SER G 180 -35.58 0.05 0.24
C SER G 180 -36.43 -1.19 0.50
N ILE G 181 -37.08 -1.69 -0.54
CA ILE G 181 -37.91 -2.88 -0.43
C ILE G 181 -37.26 -4.09 -1.11
N CYS G 182 -35.94 -4.06 -1.22
CA CYS G 182 -35.21 -5.09 -1.96
C CYS G 182 -34.55 -6.13 -1.06
N THR G 183 -34.68 -7.40 -1.42
CA THR G 183 -34.07 -8.49 -0.68
C THR G 183 -33.09 -9.31 -1.54
N THR G 184 -32.90 -8.85 -2.78
CA THR G 184 -32.05 -9.55 -3.74
C THR G 184 -30.67 -9.91 -3.18
N ARG G 185 -30.02 -8.95 -2.52
CA ARG G 185 -28.71 -9.20 -1.91
C ARG G 185 -28.79 -10.22 -0.78
N ILE G 186 -29.96 -10.33 -0.16
CA ILE G 186 -30.14 -11.22 0.97
C ILE G 186 -30.50 -12.63 0.52
N VAL G 187 -31.25 -12.72 -0.57
CA VAL G 187 -31.72 -14.02 -1.06
C VAL G 187 -30.85 -14.59 -2.18
N ALA G 188 -30.02 -13.74 -2.79
CA ALA G 188 -29.20 -14.18 -3.92
C ALA G 188 -27.74 -13.82 -3.74
N GLY G 189 -27.45 -13.01 -2.72
CA GLY G 189 -26.08 -12.61 -2.42
C GLY G 189 -25.40 -11.92 -3.59
N VAL G 190 -26.15 -11.05 -4.25
CA VAL G 190 -25.68 -10.42 -5.49
C VAL G 190 -26.00 -8.94 -5.54
N GLY G 191 -25.03 -8.13 -5.96
CA GLY G 191 -25.24 -6.71 -6.13
C GLY G 191 -24.05 -5.88 -5.68
N VAL G 192 -23.98 -4.66 -6.18
CA VAL G 192 -22.92 -3.73 -5.78
C VAL G 192 -23.53 -2.53 -5.07
N PRO G 193 -22.98 -2.18 -3.89
CA PRO G 193 -23.34 -0.96 -3.16
C PRO G 193 -23.41 0.24 -4.10
N GLN G 194 -24.52 0.97 -4.03
CA GLN G 194 -24.94 1.88 -5.11
C GLN G 194 -23.94 2.97 -5.48
N LEU G 195 -23.29 3.58 -4.50
CA LEU G 195 -22.39 4.69 -4.78
C LEU G 195 -21.21 4.26 -5.66
N THR G 196 -20.57 3.17 -5.28
CA THR G 196 -19.47 2.61 -6.06
C THR G 196 -19.97 2.15 -7.43
N ALA G 197 -21.15 1.56 -7.44
CA ALA G 197 -21.77 1.08 -8.67
C ALA G 197 -22.05 2.23 -9.63
N VAL G 198 -22.72 3.27 -9.14
CA VAL G 198 -23.05 4.44 -9.95
C VAL G 198 -21.80 5.12 -10.48
N MET G 199 -20.77 5.19 -9.64
CA MET G 199 -19.53 5.86 -9.99
C MET G 199 -18.79 5.17 -11.14
N ASP G 200 -18.59 3.86 -10.99
CA ASP G 200 -17.87 3.08 -12.00
C ASP G 200 -18.65 2.98 -13.30
N CYS G 201 -19.98 3.01 -13.21
CA CYS G 201 -20.82 2.92 -14.39
C CYS G 201 -20.92 4.26 -15.12
N ALA G 202 -20.90 5.35 -14.35
CA ALA G 202 -20.96 6.68 -14.94
C ALA G 202 -19.70 6.95 -15.76
N GLU G 203 -18.55 6.56 -15.21
CA GLU G 203 -17.27 6.79 -15.88
C GLU G 203 -17.23 6.12 -17.25
N GLU G 204 -17.61 4.84 -17.30
CA GLU G 204 -17.66 4.11 -18.55
C GLU G 204 -18.77 4.66 -19.45
N GLY G 205 -19.85 5.12 -18.82
CA GLY G 205 -20.95 5.71 -19.56
C GLY G 205 -20.57 7.03 -20.20
N LYS G 206 -19.72 7.79 -19.52
CA LYS G 206 -19.31 9.11 -20.02
C LYS G 206 -18.25 8.99 -21.12
N LYS G 207 -17.53 7.87 -21.15
CA LYS G 207 -16.51 7.66 -22.16
C LYS G 207 -17.12 7.07 -23.43
N LEU G 208 -18.41 6.72 -23.34
CA LEU G 208 -19.15 6.21 -24.49
C LEU G 208 -20.21 7.21 -24.94
N GLY G 209 -20.37 8.28 -24.18
CA GLY G 209 -21.34 9.30 -24.49
C GLY G 209 -22.76 8.88 -24.17
N ILE G 210 -22.92 8.09 -23.12
CA ILE G 210 -24.23 7.59 -22.71
C ILE G 210 -24.46 7.81 -21.21
N PRO G 211 -25.57 8.49 -20.87
CA PRO G 211 -25.94 8.83 -19.49
C PRO G 211 -26.38 7.62 -18.65
N VAL G 212 -26.24 7.74 -17.34
CA VAL G 212 -26.63 6.67 -16.42
C VAL G 212 -27.61 7.19 -15.36
N ILE G 213 -28.36 6.27 -14.76
CA ILE G 213 -29.37 6.62 -13.77
C ILE G 213 -29.17 5.89 -12.46
N ALA G 214 -29.24 6.62 -11.36
CA ALA G 214 -29.14 6.03 -10.03
C ALA G 214 -30.52 5.60 -9.55
N ASP G 215 -30.68 4.29 -9.39
CA ASP G 215 -31.99 3.73 -9.08
C ASP G 215 -32.00 3.00 -7.74
N GLY G 216 -32.74 3.54 -6.79
CA GLY G 216 -32.94 2.90 -5.50
C GLY G 216 -31.83 3.21 -4.50
N GLY G 217 -32.18 3.13 -3.22
CA GLY G 217 -31.23 3.30 -2.16
C GLY G 217 -31.13 4.71 -1.61
N LEU G 218 -31.88 5.62 -2.20
CA LEU G 218 -31.83 7.02 -1.81
C LEU G 218 -32.94 7.36 -0.82
N LYS G 219 -32.55 7.83 0.37
CA LYS G 219 -33.54 8.21 1.37
C LYS G 219 -33.43 9.69 1.75
N TYR G 220 -32.47 10.38 1.16
CA TYR G 220 -32.23 11.78 1.50
C TYR G 220 -31.97 12.63 0.28
N SER G 221 -32.16 13.94 0.43
CA SER G 221 -31.83 14.88 -0.62
C SER G 221 -30.32 14.95 -0.80
N GLY G 222 -29.59 14.70 0.28
CA GLY G 222 -28.14 14.68 0.24
C GLY G 222 -27.62 13.48 -0.52
N ASP G 223 -28.39 12.39 -0.48
CA ASP G 223 -28.04 11.19 -1.21
C ASP G 223 -28.10 11.45 -2.71
N ILE G 224 -29.02 12.31 -3.12
CA ILE G 224 -29.16 12.66 -4.53
C ILE G 224 -27.96 13.44 -5.02
N VAL G 225 -27.45 14.32 -4.16
CA VAL G 225 -26.28 15.12 -4.48
C VAL G 225 -25.06 14.25 -4.72
N LYS G 226 -24.92 13.21 -3.90
CA LYS G 226 -23.81 12.28 -4.03
C LYS G 226 -23.89 11.48 -5.32
N ALA G 227 -25.11 11.09 -5.68
CA ALA G 227 -25.32 10.35 -6.92
C ALA G 227 -25.02 11.22 -8.13
N LEU G 228 -25.50 12.47 -8.10
CA LEU G 228 -25.26 13.42 -9.18
C LEU G 228 -23.77 13.74 -9.30
N ALA G 229 -23.11 13.91 -8.16
CA ALA G 229 -21.69 14.21 -8.12
C ALA G 229 -20.87 13.05 -8.65
N ALA G 230 -21.45 11.84 -8.59
CA ALA G 230 -20.77 10.64 -9.06
C ALA G 230 -21.06 10.36 -10.53
N GLY G 231 -21.54 11.36 -11.25
CA GLY G 231 -21.71 11.27 -12.69
C GLY G 231 -23.06 10.80 -13.19
N ALA G 232 -24.01 10.62 -12.27
CA ALA G 232 -25.36 10.21 -12.66
C ALA G 232 -26.17 11.41 -13.12
N CYS G 233 -26.86 11.26 -14.24
CA CYS G 233 -27.69 12.35 -14.76
C CYS G 233 -29.02 12.43 -14.02
N ALA G 234 -29.62 11.28 -13.77
CA ALA G 234 -30.92 11.24 -13.11
C ALA G 234 -30.92 10.32 -11.90
N ALA G 235 -31.68 10.70 -10.89
CA ALA G 235 -31.90 9.86 -9.72
C ALA G 235 -33.35 9.37 -9.72
N MET G 236 -33.53 8.05 -9.67
CA MET G 236 -34.87 7.48 -9.64
C MET G 236 -35.21 6.96 -8.25
N MET G 237 -36.30 7.48 -7.69
CA MET G 237 -36.70 7.13 -6.34
C MET G 237 -38.12 6.58 -6.29
N GLY G 238 -38.29 5.49 -5.57
CA GLY G 238 -39.61 4.91 -5.37
C GLY G 238 -40.15 5.20 -3.99
N SER G 239 -39.34 4.93 -2.98
CA SER G 239 -39.77 5.05 -1.59
C SER G 239 -40.15 6.47 -1.21
N ILE G 240 -39.46 7.44 -1.81
CA ILE G 240 -39.69 8.84 -1.50
C ILE G 240 -41.07 9.32 -1.98
N PHE G 241 -41.47 8.89 -3.16
CA PHE G 241 -42.72 9.34 -3.74
C PHE G 241 -43.89 8.43 -3.40
N ALA G 242 -43.58 7.29 -2.80
CA ALA G 242 -44.57 6.25 -2.55
C ALA G 242 -45.59 6.63 -1.49
N GLY G 243 -45.30 7.67 -0.72
CA GLY G 243 -46.18 8.08 0.37
C GLY G 243 -46.93 9.35 0.06
N CYS G 244 -46.97 9.70 -1.22
CA CYS G 244 -47.57 10.95 -1.65
C CYS G 244 -48.99 10.78 -2.17
N GLU G 245 -49.75 11.87 -2.16
CA GLU G 245 -51.13 11.87 -2.63
C GLU G 245 -51.24 11.43 -4.08
N GLU G 246 -50.34 11.91 -4.92
CA GLU G 246 -50.37 11.60 -6.35
C GLU G 246 -50.02 10.15 -6.64
N ALA G 247 -49.45 9.46 -5.65
CA ALA G 247 -49.08 8.06 -5.81
C ALA G 247 -50.29 7.14 -5.64
N PRO G 248 -50.36 6.08 -6.46
CA PRO G 248 -51.44 5.10 -6.43
C PRO G 248 -51.58 4.42 -5.06
N GLY G 249 -52.82 4.22 -4.63
CA GLY G 249 -53.08 3.56 -3.36
C GLY G 249 -53.90 4.42 -2.42
N ALA G 250 -54.94 3.84 -1.84
CA ALA G 250 -55.77 4.55 -0.87
C ALA G 250 -55.04 4.68 0.45
N ILE G 251 -55.11 5.86 1.06
CA ILE G 251 -54.47 6.12 2.34
C ILE G 251 -55.10 5.28 3.44
N GLU G 252 -54.29 4.44 4.07
CA GLU G 252 -54.77 3.65 5.22
C GLU G 252 -54.45 4.38 6.52
N ILE G 253 -55.41 4.39 7.45
CA ILE G 253 -55.17 5.00 8.74
C ILE G 253 -55.03 3.93 9.80
N TYR G 254 -53.86 3.89 10.42
CA TYR G 254 -53.54 2.87 11.41
C TYR G 254 -52.93 3.50 12.65
N GLN G 255 -53.62 3.34 13.78
CA GLN G 255 -53.18 3.88 15.06
C GLN G 255 -52.91 5.37 14.99
N GLY G 256 -53.90 6.09 14.48
CA GLY G 256 -53.83 7.54 14.41
C GLY G 256 -53.16 8.09 13.17
N ARG G 257 -51.92 7.68 12.94
CA ARG G 257 -51.17 8.16 11.77
C ARG G 257 -51.65 7.48 10.49
N SER G 258 -51.52 8.18 9.37
CA SER G 258 -51.96 7.67 8.08
C SER G 258 -50.79 7.12 7.27
N TYR G 259 -50.97 5.92 6.73
CA TYR G 259 -49.91 5.24 5.97
C TYR G 259 -50.34 4.91 4.54
N LYS G 260 -49.34 4.69 3.68
CA LYS G 260 -49.59 4.19 2.33
C LYS G 260 -48.81 2.92 2.08
N VAL G 261 -49.38 2.02 1.27
CA VAL G 261 -48.75 0.75 0.98
C VAL G 261 -47.64 0.89 -0.06
N TYR G 262 -46.47 0.32 0.26
CA TYR G 262 -45.33 0.31 -0.65
C TYR G 262 -44.71 -1.08 -0.68
N ARG G 263 -44.48 -1.60 -1.88
CA ARG G 263 -44.02 -2.97 -2.05
C ARG G 263 -43.14 -3.11 -3.30
N GLY G 264 -42.26 -4.09 -3.28
CA GLY G 264 -41.41 -4.36 -4.44
C GLY G 264 -42.17 -5.07 -5.55
N MET G 265 -41.78 -4.81 -6.79
CA MET G 265 -42.41 -5.43 -7.95
C MET G 265 -42.15 -6.93 -8.01
N GLY G 266 -41.08 -7.37 -7.35
CA GLY G 266 -40.74 -8.78 -7.32
C GLY G 266 -41.20 -9.42 -6.03
N SER G 267 -41.85 -8.64 -5.17
CA SER G 267 -42.42 -9.19 -3.94
C SER G 267 -43.59 -10.11 -4.26
N LEU G 268 -44.02 -10.87 -3.25
CA LEU G 268 -45.05 -11.87 -3.42
C LEU G 268 -46.37 -11.29 -3.96
N GLY G 269 -46.80 -10.17 -3.36
CA GLY G 269 -48.07 -9.57 -3.70
C GLY G 269 -48.12 -8.88 -5.04
N ALA G 270 -47.01 -8.29 -5.47
CA ALA G 270 -46.97 -7.52 -6.71
C ALA G 270 -47.06 -8.43 -7.93
N MET G 271 -46.61 -9.67 -7.79
CA MET G 271 -46.63 -10.62 -8.88
C MET G 271 -47.91 -11.48 -8.83
N ALA G 272 -49.02 -10.85 -8.49
CA ALA G 272 -50.32 -11.51 -8.46
C ALA G 272 -51.22 -10.96 -9.56
N LYS G 286 -41.37 -20.93 -11.29
CA LYS G 286 -41.79 -19.77 -10.52
C LYS G 286 -40.67 -19.24 -9.64
N PHE G 287 -40.21 -18.03 -9.93
CA PHE G 287 -39.12 -17.41 -9.18
C PHE G 287 -39.58 -16.89 -7.81
N VAL G 288 -38.79 -17.23 -6.79
CA VAL G 288 -39.02 -16.74 -5.43
C VAL G 288 -38.93 -15.22 -5.35
N PRO G 289 -39.71 -14.61 -4.45
CA PRO G 289 -39.71 -13.16 -4.28
C PRO G 289 -38.32 -12.60 -3.96
N GLU G 290 -38.07 -11.39 -4.46
CA GLU G 290 -36.85 -10.64 -4.18
C GLU G 290 -37.18 -9.25 -3.66
N GLY G 291 -38.38 -9.10 -3.12
CA GLY G 291 -38.81 -7.84 -2.54
C GLY G 291 -39.79 -8.09 -1.40
N VAL G 292 -40.07 -7.05 -0.62
CA VAL G 292 -41.03 -7.18 0.48
C VAL G 292 -42.22 -6.25 0.29
N GLU G 293 -43.26 -6.46 1.09
CA GLU G 293 -44.42 -5.57 1.10
C GLU G 293 -44.54 -4.89 2.45
N GLY G 294 -45.01 -3.64 2.45
CA GLY G 294 -45.17 -2.90 3.69
C GLY G 294 -45.84 -1.56 3.50
N ARG G 295 -45.72 -0.70 4.51
CA ARG G 295 -46.35 0.61 4.48
C ARG G 295 -45.39 1.72 4.91
N ILE G 296 -45.50 2.87 4.25
CA ILE G 296 -44.76 4.06 4.67
C ILE G 296 -45.73 5.19 4.96
N ALA G 297 -45.30 6.15 5.78
CA ALA G 297 -46.16 7.24 6.22
C ALA G 297 -46.63 8.12 5.06
N TYR G 298 -47.85 8.63 5.18
CA TYR G 298 -48.40 9.56 4.21
C TYR G 298 -47.61 10.86 4.23
N LYS G 299 -47.21 11.34 3.06
CA LYS G 299 -46.35 12.53 2.95
C LYS G 299 -47.10 13.78 2.50
N GLY G 300 -48.31 13.60 1.99
CA GLY G 300 -49.05 14.71 1.41
C GLY G 300 -48.81 14.79 -0.09
N HIS G 301 -49.09 15.93 -0.68
CA HIS G 301 -48.93 16.09 -2.12
C HIS G 301 -47.46 16.12 -2.53
N LEU G 302 -47.18 15.69 -3.76
CA LEU G 302 -45.82 15.52 -4.26
C LEU G 302 -44.98 16.79 -4.24
N ALA G 303 -45.56 17.88 -4.76
CA ALA G 303 -44.84 19.13 -4.98
C ALA G 303 -44.16 19.65 -3.71
N ASP G 304 -44.69 19.28 -2.55
CA ASP G 304 -44.09 19.65 -1.28
C ASP G 304 -42.85 18.79 -0.98
N THR G 305 -42.89 17.54 -1.42
CA THR G 305 -41.77 16.63 -1.21
C THR G 305 -40.64 16.95 -2.20
N ILE G 306 -41.00 17.38 -3.40
CA ILE G 306 -40.02 17.75 -4.40
C ILE G 306 -39.31 19.03 -3.97
N TYR G 307 -40.09 19.97 -3.43
CA TYR G 307 -39.55 21.25 -2.98
C TYR G 307 -38.40 21.07 -1.99
N GLN G 308 -38.54 20.10 -1.11
CA GLN G 308 -37.48 19.80 -0.14
C GLN G 308 -36.27 19.17 -0.82
N LEU G 309 -36.54 18.31 -1.79
CA LEU G 309 -35.47 17.66 -2.55
C LEU G 309 -34.70 18.69 -3.37
N ILE G 310 -35.42 19.51 -4.12
CA ILE G 310 -34.81 20.53 -4.96
C ILE G 310 -33.95 21.48 -4.13
N GLY G 311 -34.52 22.00 -3.05
CA GLY G 311 -33.81 22.91 -2.17
C GLY G 311 -32.59 22.30 -1.52
N GLY G 312 -32.67 20.99 -1.25
CA GLY G 312 -31.55 20.27 -0.66
C GLY G 312 -30.43 20.05 -1.66
N ILE G 313 -30.81 19.71 -2.89
CA ILE G 313 -29.85 19.56 -3.97
C ILE G 313 -29.17 20.87 -4.29
N LYS G 314 -29.96 21.94 -4.35
CA LYS G 314 -29.44 23.27 -4.66
C LYS G 314 -28.48 23.79 -3.60
N SER G 315 -28.70 23.36 -2.36
CA SER G 315 -27.80 23.72 -1.27
C SER G 315 -26.45 23.03 -1.42
N GLY G 316 -26.49 21.73 -1.73
CA GLY G 316 -25.28 20.95 -1.92
C GLY G 316 -24.40 21.49 -3.04
N MET G 317 -25.02 21.79 -4.17
CA MET G 317 -24.31 22.36 -5.31
C MET G 317 -23.75 23.74 -4.97
N GLY G 318 -24.42 24.44 -4.05
CA GLY G 318 -23.93 25.71 -3.57
C GLY G 318 -22.68 25.53 -2.73
N TYR G 319 -22.64 24.42 -1.98
CA TYR G 319 -21.48 24.09 -1.16
C TYR G 319 -20.27 23.73 -2.01
N LEU G 320 -20.51 23.08 -3.15
CA LEU G 320 -19.43 22.65 -4.02
C LEU G 320 -19.19 23.62 -5.18
N GLY G 321 -19.78 24.82 -5.08
CA GLY G 321 -19.58 25.86 -6.07
C GLY G 321 -19.95 25.45 -7.48
N ALA G 322 -21.10 24.81 -7.62
CA ALA G 322 -21.53 24.30 -8.92
C ALA G 322 -22.78 25.02 -9.42
N PRO G 323 -22.62 25.81 -10.50
CA PRO G 323 -23.75 26.49 -11.14
C PRO G 323 -24.58 25.55 -12.00
N THR G 324 -23.95 24.47 -12.46
CA THR G 324 -24.65 23.44 -13.23
C THR G 324 -24.32 22.06 -12.69
N LEU G 325 -25.00 21.04 -13.19
CA LEU G 325 -24.76 19.67 -12.74
C LEU G 325 -23.47 19.11 -13.33
N GLU G 326 -23.12 19.54 -14.53
CA GLU G 326 -21.91 19.08 -15.19
C GLU G 326 -20.68 19.59 -14.45
N ASN G 327 -20.81 20.74 -13.81
CA ASN G 327 -19.72 21.32 -13.04
C ASN G 327 -19.50 20.59 -11.73
N LEU G 328 -20.58 20.04 -11.18
CA LEU G 328 -20.51 19.28 -9.93
C LEU G 328 -19.66 18.03 -10.10
N TYR G 329 -19.93 17.27 -11.16
CA TYR G 329 -19.23 16.02 -11.44
C TYR G 329 -17.72 16.21 -11.62
N GLU G 330 -17.34 17.35 -12.20
CA GLU G 330 -15.94 17.60 -12.51
C GLU G 330 -15.16 18.16 -11.32
N ASN G 331 -15.89 18.64 -10.31
CA ASN G 331 -15.26 19.20 -9.13
C ASN G 331 -15.61 18.43 -7.87
N ALA G 332 -16.30 17.31 -8.04
CA ALA G 332 -16.74 16.49 -6.91
C ALA G 332 -15.58 15.77 -6.24
N ASN G 333 -15.46 15.96 -4.92
CA ASN G 333 -14.46 15.24 -4.15
C ASN G 333 -15.11 14.51 -2.98
N PHE G 334 -14.94 13.19 -2.95
CA PHE G 334 -15.52 12.37 -1.90
C PHE G 334 -14.50 12.00 -0.83
N VAL G 335 -14.99 11.85 0.40
CA VAL G 335 -14.17 11.34 1.48
C VAL G 335 -14.98 10.27 2.23
N VAL G 336 -14.28 9.25 2.72
CA VAL G 336 -14.96 8.15 3.40
C VAL G 336 -15.03 8.38 4.90
N GLN G 337 -16.23 8.23 5.46
CA GLN G 337 -16.41 8.33 6.90
C GLN G 337 -16.66 6.96 7.51
N THR G 338 -16.16 6.76 8.71
CA THR G 338 -16.41 5.51 9.41
C THR G 338 -17.81 5.55 10.02
N SER G 339 -18.20 4.46 10.68
CA SER G 339 -19.50 4.39 11.32
C SER G 339 -19.62 5.42 12.45
N ALA G 340 -18.47 5.82 12.98
CA ALA G 340 -18.44 6.84 14.03
C ALA G 340 -18.75 8.22 13.46
N GLY G 341 -18.22 8.50 12.27
CA GLY G 341 -18.49 9.75 11.59
C GLY G 341 -19.93 9.85 11.16
N PHE G 342 -20.56 8.69 10.94
CA PHE G 342 -21.97 8.61 10.57
C PHE G 342 -22.84 9.12 11.71
N ARG G 343 -22.51 8.72 12.93
CA ARG G 343 -23.27 9.14 14.12
C ARG G 343 -23.20 10.64 14.31
N GLU G 344 -22.13 11.25 13.84
CA GLU G 344 -21.95 12.69 13.94
C GLU G 344 -22.67 13.43 12.83
N SER G 345 -22.73 12.81 11.65
CA SER G 345 -23.38 13.39 10.48
C SER G 345 -24.86 13.64 10.73
N HIS G 346 -25.52 12.67 11.36
CA HIS G 346 -26.90 12.84 11.80
C HIS G 346 -26.92 13.68 13.08
N PRO G 347 -28.09 14.29 13.38
CA PRO G 347 -28.24 14.92 14.69
C PRO G 347 -28.06 13.88 15.80
N HIS G 348 -27.40 14.27 16.89
CA HIS G 348 -27.10 13.34 17.97
C HIS G 348 -27.16 14.03 19.32
N ASP G 349 -27.36 13.22 20.37
CA ASP G 349 -27.42 13.70 21.75
C ASP G 349 -28.48 14.79 21.94
N ILE G 350 -29.58 14.68 21.20
CA ILE G 350 -30.67 15.63 21.33
C ILE G 350 -32.03 14.94 21.26
N ASN G 351 -32.99 15.44 22.04
CA ASN G 351 -34.36 14.97 21.98
C ASN G 351 -35.20 15.91 21.12
N ILE G 352 -35.39 15.52 19.86
CA ILE G 352 -36.10 16.36 18.90
C ILE G 352 -37.59 16.50 19.23
N THR G 353 -38.08 17.73 19.21
CA THR G 353 -39.46 18.02 19.57
C THR G 353 -40.31 18.39 18.36
N LYS G 354 -39.73 19.15 17.44
CA LYS G 354 -40.48 19.65 16.29
C LYS G 354 -40.05 18.98 14.99
N GLU G 355 -41.03 18.52 14.23
CA GLU G 355 -40.77 17.81 12.98
C GLU G 355 -40.12 18.68 11.91
N ALA G 356 -38.99 18.23 11.40
CA ALA G 356 -38.33 18.88 10.29
C ALA G 356 -38.91 18.37 8.96
N PRO G 357 -39.01 19.24 7.95
CA PRO G 357 -39.62 18.88 6.68
C PRO G 357 -38.73 18.00 5.81
N ASN G 358 -37.42 18.15 5.96
CA ASN G 358 -36.48 17.40 5.13
C ASN G 358 -35.69 16.35 5.91
N TYR G 359 -36.00 16.20 7.19
CA TYR G 359 -35.33 15.20 8.02
C TYR G 359 -36.29 14.46 8.95
N SER G 360 -36.24 13.13 8.91
CA SER G 360 -37.03 12.29 9.80
C SER G 360 -36.18 11.17 10.37
N VAL G 361 -36.47 10.78 11.61
CA VAL G 361 -35.75 9.71 12.28
C VAL G 361 -36.09 8.34 11.69
N ALA H 5 3.08 -13.93 18.32
CA ALA H 5 1.90 -13.07 18.18
C ALA H 5 2.00 -12.25 16.90
N ARG H 6 1.28 -12.67 15.87
CA ARG H 6 1.36 -12.00 14.59
C ARG H 6 -0.02 -11.77 14.00
N ILE H 7 -0.22 -10.58 13.44
CA ILE H 7 -1.44 -10.28 12.72
C ILE H 7 -1.31 -10.78 11.30
N LEU H 8 -2.17 -11.71 10.92
CA LEU H 8 -2.17 -12.23 9.56
C LEU H 8 -2.83 -11.26 8.60
N LYS H 9 -4.11 -10.96 8.83
CA LYS H 9 -4.86 -10.04 7.98
C LYS H 9 -6.31 -9.89 8.44
N THR H 10 -7.12 -9.26 7.59
CA THR H 10 -8.55 -9.18 7.86
C THR H 10 -9.29 -10.35 7.19
N ALA H 11 -10.14 -11.00 7.95
CA ALA H 11 -10.93 -12.13 7.46
C ALA H 11 -12.39 -11.73 7.37
N TYR H 12 -13.12 -12.32 6.43
CA TYR H 12 -14.48 -11.88 6.17
C TYR H 12 -15.52 -12.97 6.35
N THR H 13 -16.72 -12.54 6.74
CA THR H 13 -17.89 -13.40 6.79
C THR H 13 -18.71 -13.12 5.53
N PHE H 14 -19.79 -13.88 5.32
CA PHE H 14 -20.66 -13.67 4.16
C PHE H 14 -21.32 -12.29 4.18
N ASP H 15 -21.52 -11.73 5.37
CA ASP H 15 -22.17 -10.43 5.51
C ASP H 15 -21.25 -9.31 5.05
N ASP H 16 -19.95 -9.53 5.08
CA ASP H 16 -18.98 -8.53 4.62
C ASP H 16 -18.99 -8.41 3.11
N VAL H 17 -19.59 -9.38 2.43
CA VAL H 17 -19.32 -9.58 1.02
C VAL H 17 -20.57 -9.68 0.13
N LEU H 18 -20.41 -9.28 -1.13
CA LEU H 18 -21.44 -9.43 -2.15
C LEU H 18 -20.83 -9.92 -3.45
N LEU H 19 -21.66 -10.51 -4.31
CA LEU H 19 -21.20 -11.00 -5.60
C LEU H 19 -21.53 -10.04 -6.74
N VAL H 20 -20.57 -9.84 -7.63
CA VAL H 20 -20.77 -8.95 -8.78
C VAL H 20 -21.42 -9.70 -9.94
N PRO H 21 -22.53 -9.16 -10.45
CA PRO H 21 -23.25 -9.75 -11.59
C PRO H 21 -22.40 -9.80 -12.86
N ASN H 22 -22.59 -10.85 -13.65
CA ASN H 22 -21.88 -11.00 -14.92
C ASN H 22 -22.87 -11.04 -16.08
N LYS H 23 -22.36 -10.98 -17.31
CA LYS H 23 -23.21 -11.15 -18.48
C LYS H 23 -23.75 -12.57 -18.49
N SER H 24 -25.07 -12.72 -18.51
CA SER H 24 -25.70 -14.02 -18.33
C SER H 24 -26.56 -14.43 -19.51
N GLU H 25 -26.36 -15.66 -19.97
CA GLU H 25 -27.17 -16.23 -21.05
C GLU H 25 -28.19 -17.22 -20.51
N VAL H 26 -28.18 -17.42 -19.19
CA VAL H 26 -29.02 -18.45 -18.57
C VAL H 26 -29.97 -17.87 -17.52
N LEU H 27 -31.19 -18.38 -17.51
CA LEU H 27 -32.20 -18.02 -16.51
C LEU H 27 -32.14 -19.00 -15.34
N PRO H 28 -32.46 -18.52 -14.12
CA PRO H 28 -32.43 -19.29 -12.88
C PRO H 28 -33.02 -20.71 -12.99
N ASN H 29 -34.10 -20.86 -13.75
CA ASN H 29 -34.75 -22.16 -13.88
C ASN H 29 -33.94 -23.15 -14.71
N GLU H 30 -33.01 -22.64 -15.51
CA GLU H 30 -32.26 -23.46 -16.45
C GLU H 30 -30.90 -23.92 -15.90
N VAL H 31 -30.63 -23.60 -14.64
CA VAL H 31 -29.36 -23.96 -14.04
C VAL H 31 -29.41 -25.34 -13.38
N SER H 32 -28.26 -25.84 -12.97
CA SER H 32 -28.16 -27.14 -12.29
C SER H 32 -27.46 -26.99 -10.95
N LEU H 33 -27.92 -27.72 -9.94
CA LEU H 33 -27.36 -27.61 -8.61
C LEU H 33 -26.65 -28.89 -8.17
N LYS H 34 -26.44 -29.80 -9.11
CA LYS H 34 -25.75 -31.05 -8.81
C LYS H 34 -24.32 -30.80 -8.38
N THR H 35 -23.83 -31.60 -7.44
CA THR H 35 -22.47 -31.44 -6.94
C THR H 35 -21.87 -32.79 -6.57
N GLN H 36 -20.55 -32.79 -6.38
CA GLN H 36 -19.87 -33.97 -5.87
C GLN H 36 -19.46 -33.72 -4.42
N LEU H 37 -20.21 -34.29 -3.49
CA LEU H 37 -19.85 -34.24 -2.07
C LEU H 37 -18.48 -34.90 -1.93
N THR H 38 -18.37 -36.07 -2.55
CA THR H 38 -17.08 -36.74 -2.71
C THR H 38 -16.96 -37.19 -4.16
N LYS H 39 -15.86 -37.86 -4.50
CA LYS H 39 -15.65 -38.36 -5.84
C LYS H 39 -16.65 -39.47 -6.16
N LYS H 40 -17.18 -40.09 -5.10
CA LYS H 40 -18.09 -41.22 -5.23
C LYS H 40 -19.56 -40.80 -5.06
N ILE H 41 -19.78 -39.74 -4.29
CA ILE H 41 -21.14 -39.32 -3.94
C ILE H 41 -21.56 -38.02 -4.61
N GLN H 42 -22.66 -38.08 -5.36
CA GLN H 42 -23.21 -36.89 -6.01
C GLN H 42 -24.56 -36.49 -5.42
N LEU H 43 -24.65 -35.25 -4.93
CA LEU H 43 -25.91 -34.71 -4.44
C LEU H 43 -26.65 -33.98 -5.55
N ASN H 44 -27.99 -34.04 -5.50
CA ASN H 44 -28.80 -33.32 -6.47
C ASN H 44 -28.87 -31.83 -6.13
N ILE H 45 -28.83 -31.54 -4.83
CA ILE H 45 -28.69 -30.15 -4.36
C ILE H 45 -27.60 -30.10 -3.29
N PRO H 46 -26.85 -28.99 -3.24
CA PRO H 46 -25.70 -28.89 -2.35
C PRO H 46 -26.05 -28.54 -0.90
N LEU H 47 -26.99 -29.27 -0.30
CA LEU H 47 -27.43 -28.96 1.05
C LEU H 47 -27.23 -30.15 1.99
N MET H 48 -26.70 -29.86 3.19
CA MET H 48 -26.50 -30.89 4.20
C MET H 48 -27.08 -30.48 5.54
N SER H 49 -27.80 -31.40 6.19
CA SER H 49 -28.31 -31.14 7.52
C SER H 49 -27.23 -31.39 8.58
N ALA H 50 -27.17 -30.51 9.56
CA ALA H 50 -26.16 -30.61 10.62
C ALA H 50 -26.36 -31.86 11.47
N SER H 51 -25.27 -32.48 11.88
CA SER H 51 -25.36 -33.68 12.72
C SER H 51 -25.60 -33.30 14.17
N MET H 52 -26.74 -32.67 14.43
CA MET H 52 -27.08 -32.23 15.78
C MET H 52 -28.34 -32.94 16.28
N ASP H 53 -28.41 -33.13 17.59
CA ASP H 53 -29.52 -33.87 18.20
C ASP H 53 -30.82 -33.08 18.20
N THR H 54 -30.76 -31.85 17.70
CA THR H 54 -31.94 -31.00 17.62
C THR H 54 -32.29 -30.67 16.17
N VAL H 55 -31.61 -31.32 15.24
CA VAL H 55 -31.83 -31.08 13.81
C VAL H 55 -32.05 -32.36 13.02
N THR H 56 -31.16 -33.33 13.19
CA THR H 56 -31.20 -34.50 12.32
C THR H 56 -31.15 -35.83 13.06
N GLU H 57 -32.30 -36.50 13.10
CA GLU H 57 -32.38 -37.92 13.38
C GLU H 57 -32.78 -38.57 12.07
N SER H 58 -33.40 -39.76 12.11
CA SER H 58 -33.71 -40.47 10.87
C SER H 58 -34.77 -39.77 10.02
N LYS H 59 -35.78 -39.17 10.67
CA LYS H 59 -36.90 -38.56 9.95
C LYS H 59 -36.44 -37.43 9.04
N MET H 60 -35.73 -36.46 9.61
CA MET H 60 -35.16 -35.34 8.86
C MET H 60 -34.22 -35.83 7.77
N ALA H 61 -33.44 -36.86 8.08
CA ALA H 61 -32.46 -37.41 7.14
C ALA H 61 -33.12 -37.93 5.87
N ILE H 62 -34.33 -38.47 6.03
CA ILE H 62 -35.10 -38.98 4.90
C ILE H 62 -35.58 -37.84 4.01
N ALA H 63 -36.11 -36.80 4.62
CA ALA H 63 -36.63 -35.65 3.89
C ALA H 63 -35.55 -34.97 3.06
N MET H 64 -34.37 -34.83 3.63
CA MET H 64 -33.24 -34.21 2.94
C MET H 64 -32.88 -34.93 1.66
N ALA H 65 -32.76 -36.25 1.76
CA ALA H 65 -32.41 -37.07 0.60
C ALA H 65 -33.54 -37.07 -0.42
N ARG H 66 -34.78 -37.06 0.07
CA ARG H 66 -35.95 -37.01 -0.81
C ARG H 66 -36.11 -35.62 -1.42
N GLU H 67 -35.34 -34.66 -0.91
CA GLU H 67 -35.39 -33.30 -1.42
C GLU H 67 -34.18 -33.00 -2.30
N GLY H 68 -33.22 -33.91 -2.31
CA GLY H 68 -32.07 -33.79 -3.18
C GLY H 68 -30.74 -33.68 -2.44
N GLY H 69 -30.82 -33.48 -1.12
CA GLY H 69 -29.62 -33.30 -0.32
C GLY H 69 -29.21 -34.56 0.43
N ILE H 70 -28.59 -34.36 1.59
CA ILE H 70 -28.13 -35.48 2.42
C ILE H 70 -28.22 -35.09 3.89
N GLY H 71 -28.50 -36.07 4.75
CA GLY H 71 -28.61 -35.83 6.17
C GLY H 71 -27.55 -36.59 6.95
N ILE H 72 -27.12 -36.01 8.07
CA ILE H 72 -26.12 -36.65 8.91
C ILE H 72 -26.68 -36.92 10.31
N ILE H 73 -26.90 -38.20 10.61
CA ILE H 73 -27.43 -38.60 11.91
C ILE H 73 -26.39 -38.39 13.01
N HIS H 74 -26.80 -37.71 14.08
CA HIS H 74 -25.90 -37.38 15.17
C HIS H 74 -25.44 -38.61 15.95
N LYS H 75 -24.48 -38.40 16.83
CA LYS H 75 -23.86 -39.49 17.59
C LYS H 75 -24.20 -39.39 19.07
N ASN H 76 -25.07 -38.46 19.42
CA ASN H 76 -25.46 -38.26 20.82
C ASN H 76 -26.50 -39.29 21.25
N MET H 77 -26.55 -40.40 20.52
CA MET H 77 -27.33 -41.57 20.89
C MET H 77 -26.38 -42.75 21.03
N THR H 78 -26.89 -43.89 21.45
CA THR H 78 -26.05 -45.07 21.56
C THR H 78 -25.73 -45.63 20.17
N ILE H 79 -24.78 -46.57 20.12
CA ILE H 79 -24.30 -47.10 18.85
C ILE H 79 -25.39 -47.81 18.05
N GLU H 80 -26.07 -48.75 18.68
CA GLU H 80 -27.07 -49.57 17.99
C GLU H 80 -28.36 -48.81 17.70
N ASP H 81 -28.45 -47.58 18.20
CA ASP H 81 -29.56 -46.70 17.84
C ASP H 81 -29.21 -45.96 16.56
N GLN H 82 -27.95 -45.55 16.44
CA GLN H 82 -27.50 -44.83 15.25
C GLN H 82 -27.52 -45.76 14.05
N ALA H 83 -27.11 -47.00 14.26
CA ALA H 83 -27.18 -48.02 13.20
C ALA H 83 -28.63 -48.30 12.85
N ARG H 84 -29.53 -48.03 13.80
CA ARG H 84 -30.96 -48.22 13.59
C ARG H 84 -31.55 -47.05 12.80
N GLU H 85 -31.15 -45.83 13.16
CA GLU H 85 -31.61 -44.64 12.47
C GLU H 85 -31.14 -44.64 11.02
N VAL H 86 -29.87 -44.99 10.82
CA VAL H 86 -29.30 -45.09 9.47
C VAL H 86 -30.08 -46.10 8.64
N ASP H 87 -30.45 -47.22 9.25
CA ASP H 87 -31.24 -48.24 8.57
C ASP H 87 -32.63 -47.71 8.21
N ARG H 88 -33.25 -46.97 9.12
CA ARG H 88 -34.54 -46.35 8.88
C ARG H 88 -34.50 -45.49 7.63
N VAL H 89 -33.35 -44.89 7.38
CA VAL H 89 -33.15 -44.06 6.19
C VAL H 89 -32.87 -44.93 4.97
N LYS H 90 -32.04 -45.96 5.14
CA LYS H 90 -31.59 -46.78 4.02
C LYS H 90 -32.66 -47.73 3.50
N ARG H 91 -33.79 -47.80 4.20
CA ARG H 91 -34.90 -48.62 3.70
C ARG H 91 -36.18 -47.79 3.62
N SER H 92 -36.01 -46.49 3.41
CA SER H 92 -37.12 -45.59 3.11
C SER H 92 -37.09 -45.23 1.64
N GLY H 93 -36.52 -46.12 0.83
CA GLY H 93 -36.40 -45.91 -0.60
C GLY H 93 -34.98 -46.12 -1.10
N GLY H 94 -34.07 -46.38 -0.17
CA GLY H 94 -32.66 -46.55 -0.51
C GLY H 94 -31.97 -45.20 -0.65
N LEU H 95 -32.36 -44.26 0.21
CA LEU H 95 -31.86 -42.89 0.16
C LEU H 95 -30.41 -42.77 0.63
N LEU H 96 -29.82 -41.60 0.38
CA LEU H 96 -28.49 -41.29 0.86
C LEU H 96 -28.51 -41.02 2.36
N CYS H 97 -27.53 -41.54 3.08
CA CYS H 97 -27.47 -41.37 4.52
C CYS H 97 -26.05 -41.12 5.00
N GLY H 98 -25.92 -40.35 6.08
CA GLY H 98 -24.63 -40.04 6.67
C GLY H 98 -24.65 -40.21 8.17
N ALA H 99 -23.56 -40.77 8.71
CA ALA H 99 -23.46 -41.01 10.14
C ALA H 99 -22.29 -40.22 10.74
N SER H 100 -22.54 -39.58 11.88
CA SER H 100 -21.50 -38.81 12.54
C SER H 100 -20.73 -39.69 13.53
N ILE H 101 -19.41 -39.69 13.41
CA ILE H 101 -18.56 -40.49 14.29
C ILE H 101 -17.68 -39.60 15.15
N GLY H 102 -17.53 -39.95 16.42
CA GLY H 102 -16.67 -39.23 17.33
C GLY H 102 -15.31 -39.87 17.48
N VAL H 103 -14.34 -39.09 17.92
CA VAL H 103 -12.99 -39.60 18.18
C VAL H 103 -12.95 -40.23 19.57
N THR H 104 -13.73 -41.29 19.73
CA THR H 104 -13.87 -41.95 21.02
C THR H 104 -13.13 -43.29 21.07
N ASN H 105 -13.14 -43.92 22.24
CA ASN H 105 -12.47 -45.20 22.44
C ASN H 105 -13.18 -46.34 21.71
N ASP H 106 -14.47 -46.17 21.46
CA ASP H 106 -15.25 -47.18 20.76
C ASP H 106 -15.59 -46.71 19.35
N MET H 107 -14.74 -45.83 18.81
CA MET H 107 -14.94 -45.25 17.49
C MET H 107 -15.08 -46.32 16.41
N MET H 108 -14.19 -47.31 16.44
CA MET H 108 -14.19 -48.38 15.45
C MET H 108 -15.43 -49.25 15.54
N GLU H 109 -15.97 -49.40 16.75
CA GLU H 109 -17.20 -50.17 16.93
C GLU H 109 -18.38 -49.49 16.24
N ARG H 110 -18.50 -48.18 16.44
CA ARG H 110 -19.61 -47.42 15.88
C ARG H 110 -19.54 -47.34 14.35
N VAL H 111 -18.34 -47.13 13.82
CA VAL H 111 -18.13 -47.10 12.39
C VAL H 111 -18.54 -48.43 11.77
N ASP H 112 -18.17 -49.53 12.43
CA ASP H 112 -18.56 -50.87 12.01
C ASP H 112 -20.08 -51.01 11.93
N ALA H 113 -20.76 -50.43 12.91
CA ALA H 113 -22.22 -50.56 13.02
C ALA H 113 -22.94 -49.86 11.87
N VAL H 114 -22.55 -48.63 11.57
CA VAL H 114 -23.21 -47.87 10.52
C VAL H 114 -22.79 -48.34 9.13
N VAL H 115 -21.64 -49.00 9.05
CA VAL H 115 -21.19 -49.59 7.79
C VAL H 115 -22.05 -50.82 7.48
N LYS H 116 -22.38 -51.57 8.53
CA LYS H 116 -23.26 -52.73 8.38
C LYS H 116 -24.67 -52.26 8.05
N ALA H 117 -25.00 -51.04 8.48
CA ALA H 117 -26.30 -50.45 8.17
C ALA H 117 -26.27 -49.79 6.80
N LYS H 118 -25.17 -50.00 6.09
CA LYS H 118 -24.98 -49.52 4.72
C LYS H 118 -25.10 -48.00 4.61
N VAL H 119 -24.44 -47.29 5.50
CA VAL H 119 -24.35 -45.84 5.40
C VAL H 119 -23.46 -45.50 4.21
N ASP H 120 -23.62 -44.30 3.65
CA ASP H 120 -22.93 -43.91 2.43
C ASP H 120 -21.70 -43.05 2.72
N VAL H 121 -21.78 -42.25 3.77
CA VAL H 121 -20.65 -41.44 4.19
C VAL H 121 -20.66 -41.28 5.71
N ILE H 122 -19.48 -41.26 6.30
CA ILE H 122 -19.37 -40.97 7.73
C ILE H 122 -18.60 -39.67 7.86
N VAL H 123 -19.04 -38.82 8.79
CA VAL H 123 -18.31 -37.60 9.04
C VAL H 123 -17.61 -37.73 10.38
N LEU H 124 -16.32 -37.43 10.39
CA LEU H 124 -15.52 -37.47 11.60
C LEU H 124 -15.43 -36.06 12.16
N ASP H 125 -16.53 -35.58 12.74
CA ASP H 125 -16.57 -34.21 13.24
C ASP H 125 -16.15 -34.11 14.70
N THR H 126 -15.30 -33.13 14.97
CA THR H 126 -14.89 -32.80 16.32
C THR H 126 -14.72 -31.29 16.42
N ALA H 127 -14.48 -30.79 17.62
CA ALA H 127 -14.26 -29.36 17.81
C ALA H 127 -13.03 -28.89 17.04
N HIS H 128 -12.01 -29.75 17.01
CA HIS H 128 -10.75 -29.43 16.33
C HIS H 128 -10.35 -30.56 15.37
N GLY H 129 -10.58 -30.34 14.09
CA GLY H 129 -10.30 -31.35 13.09
C GLY H 129 -8.82 -31.50 12.76
N HIS H 130 -8.05 -30.46 13.05
CA HIS H 130 -6.62 -30.48 12.77
C HIS H 130 -5.84 -30.96 13.99
N SER H 131 -6.16 -32.16 14.45
CA SER H 131 -5.50 -32.73 15.62
C SER H 131 -5.07 -34.17 15.39
N LYS H 132 -4.19 -34.66 16.26
CA LYS H 132 -3.64 -36.01 16.13
C LYS H 132 -4.73 -37.09 16.20
N GLY H 133 -5.79 -36.81 16.95
CA GLY H 133 -6.88 -37.75 17.11
C GLY H 133 -7.66 -37.98 15.83
N VAL H 134 -7.80 -36.94 15.03
CA VAL H 134 -8.56 -37.01 13.79
C VAL H 134 -7.75 -37.62 12.66
N ILE H 135 -6.51 -37.15 12.53
CA ILE H 135 -5.62 -37.63 11.46
C ILE H 135 -5.39 -39.13 11.57
N GLU H 136 -5.13 -39.60 12.79
CA GLU H 136 -4.99 -41.03 13.03
C GLU H 136 -6.34 -41.72 12.95
N GLY H 137 -7.39 -41.00 13.34
CA GLY H 137 -8.75 -41.53 13.29
C GLY H 137 -9.19 -41.80 11.87
N VAL H 138 -8.76 -40.95 10.95
CA VAL H 138 -9.08 -41.12 9.54
C VAL H 138 -8.30 -42.29 8.94
N LYS H 139 -7.01 -42.36 9.26
CA LYS H 139 -6.14 -43.39 8.70
C LYS H 139 -6.52 -44.78 9.17
N ARG H 140 -7.08 -44.89 10.37
CA ARG H 140 -7.51 -46.19 10.89
C ARG H 140 -8.76 -46.69 10.18
N ILE H 141 -9.69 -45.77 9.92
CA ILE H 141 -10.96 -46.10 9.29
C ILE H 141 -10.79 -46.54 7.85
N LYS H 142 -9.96 -45.81 7.10
CA LYS H 142 -9.71 -46.13 5.69
C LYS H 142 -8.75 -47.31 5.55
N ALA H 143 -8.22 -47.78 6.68
CA ALA H 143 -7.37 -48.97 6.69
C ALA H 143 -8.21 -50.23 6.73
N LYS H 144 -9.37 -50.13 7.38
CA LYS H 144 -10.29 -51.25 7.47
C LYS H 144 -11.37 -51.15 6.40
N TYR H 145 -11.71 -49.92 6.05
CA TYR H 145 -12.73 -49.66 5.03
C TYR H 145 -12.22 -48.70 3.96
N PRO H 146 -11.47 -49.23 2.98
CA PRO H 146 -10.90 -48.41 1.90
C PRO H 146 -11.95 -47.75 1.00
N GLU H 147 -13.16 -48.28 0.99
CA GLU H 147 -14.21 -47.76 0.10
C GLU H 147 -15.17 -46.82 0.82
N LEU H 148 -15.02 -46.72 2.13
CA LEU H 148 -15.89 -45.89 2.95
C LEU H 148 -15.59 -44.41 2.73
N GLN H 149 -16.59 -43.65 2.28
CA GLN H 149 -16.43 -42.22 2.11
C GLN H 149 -16.34 -41.53 3.47
N VAL H 150 -15.25 -40.80 3.69
CA VAL H 150 -15.01 -40.21 5.01
C VAL H 150 -14.85 -38.70 4.94
N ILE H 151 -15.76 -37.99 5.63
CA ILE H 151 -15.65 -36.54 5.78
C ILE H 151 -15.03 -36.25 7.15
N ALA H 152 -14.19 -35.24 7.22
CA ALA H 152 -13.54 -34.88 8.47
C ALA H 152 -13.67 -33.39 8.76
N GLY H 153 -13.81 -33.06 10.04
CA GLY H 153 -13.99 -31.69 10.47
C GLY H 153 -13.84 -31.55 11.98
N ASN H 154 -13.78 -30.31 12.46
CA ASN H 154 -13.85 -29.13 11.60
C ASN H 154 -12.50 -28.46 11.46
N ILE H 155 -12.23 -27.91 10.28
CA ILE H 155 -10.98 -27.23 10.04
C ILE H 155 -11.24 -25.79 9.61
N ALA H 156 -10.18 -25.00 9.54
CA ALA H 156 -10.32 -23.61 9.16
C ALA H 156 -9.11 -23.11 8.37
N THR H 157 -8.14 -23.99 8.15
CA THR H 157 -6.90 -23.60 7.48
C THR H 157 -6.57 -24.51 6.32
N PRO H 158 -5.85 -23.98 5.32
CA PRO H 158 -5.37 -24.78 4.19
C PRO H 158 -4.40 -25.87 4.66
N GLU H 159 -3.62 -25.57 5.70
CA GLU H 159 -2.66 -26.54 6.22
C GLU H 159 -3.39 -27.76 6.75
N ALA H 160 -4.59 -27.53 7.29
CA ALA H 160 -5.44 -28.61 7.77
C ALA H 160 -6.03 -29.42 6.62
N VAL H 161 -6.40 -28.71 5.55
CA VAL H 161 -6.90 -29.38 4.34
C VAL H 161 -5.84 -30.33 3.81
N ARG H 162 -4.61 -29.85 3.80
CA ARG H 162 -3.46 -30.61 3.31
C ARG H 162 -3.23 -31.88 4.11
N ASP H 163 -3.44 -31.79 5.43
CA ASP H 163 -3.15 -32.90 6.33
C ASP H 163 -4.24 -33.97 6.33
N LEU H 164 -5.50 -33.54 6.37
CA LEU H 164 -6.61 -34.48 6.39
C LEU H 164 -6.74 -35.23 5.07
N ALA H 165 -6.53 -34.51 3.97
CA ALA H 165 -6.58 -35.12 2.65
C ALA H 165 -5.50 -36.17 2.48
N GLU H 166 -4.31 -35.88 3.00
CA GLU H 166 -3.19 -36.81 2.92
C GLU H 166 -3.39 -37.98 3.87
N ALA H 167 -4.25 -37.79 4.86
CA ALA H 167 -4.57 -38.85 5.80
C ALA H 167 -5.52 -39.87 5.18
N GLY H 168 -6.34 -39.40 4.23
CA GLY H 168 -7.26 -40.27 3.53
C GLY H 168 -8.67 -39.74 3.48
N ALA H 169 -8.88 -38.54 3.98
CA ALA H 169 -10.20 -37.91 3.97
C ALA H 169 -10.65 -37.63 2.55
N ASP H 170 -11.87 -38.05 2.22
CA ASP H 170 -12.42 -37.85 0.88
C ASP H 170 -13.09 -36.49 0.78
N CYS H 171 -13.29 -35.85 1.93
CA CYS H 171 -13.91 -34.53 2.00
C CYS H 171 -13.62 -33.90 3.35
N VAL H 172 -13.61 -32.57 3.40
CA VAL H 172 -13.31 -31.85 4.65
C VAL H 172 -14.38 -30.81 4.98
N LYS H 173 -14.73 -30.73 6.26
CA LYS H 173 -15.76 -29.81 6.72
C LYS H 173 -15.09 -28.59 7.34
N VAL H 174 -15.41 -27.41 6.82
CA VAL H 174 -14.76 -26.18 7.24
C VAL H 174 -15.67 -25.34 8.10
N GLY H 175 -15.17 -24.93 9.25
CA GLY H 175 -15.91 -24.01 10.09
C GLY H 175 -15.64 -24.19 11.56
N ILE H 176 -14.88 -23.26 12.11
CA ILE H 176 -14.62 -23.25 13.54
C ILE H 176 -15.13 -21.96 14.16
N GLY H 177 -16.25 -22.06 14.85
CA GLY H 177 -16.89 -20.90 15.45
C GLY H 177 -17.97 -20.11 14.71
N PRO H 178 -18.42 -20.55 13.52
CA PRO H 178 -19.42 -19.73 12.81
C PRO H 178 -20.85 -19.98 13.26
N GLY H 179 -21.10 -21.15 13.87
CA GLY H 179 -22.45 -21.60 14.17
C GLY H 179 -23.26 -20.65 15.02
N SER H 180 -24.58 -20.72 14.86
CA SER H 180 -25.48 -19.80 15.56
C SER H 180 -25.55 -20.12 17.05
N ILE H 181 -25.39 -21.40 17.38
CA ILE H 181 -25.41 -21.86 18.75
C ILE H 181 -24.00 -21.95 19.32
N CYS H 182 -23.02 -21.61 18.49
CA CYS H 182 -21.62 -21.74 18.88
C CYS H 182 -21.15 -20.60 19.79
N THR H 183 -20.32 -20.95 20.76
CA THR H 183 -19.68 -19.95 21.63
C THR H 183 -18.18 -20.22 21.75
N THR H 184 -17.64 -21.01 20.82
CA THR H 184 -16.23 -21.39 20.85
C THR H 184 -15.31 -20.18 20.76
N ARG H 185 -15.61 -19.27 19.84
CA ARG H 185 -14.80 -18.07 19.66
C ARG H 185 -14.82 -17.18 20.90
N ILE H 186 -15.89 -17.30 21.67
CA ILE H 186 -16.09 -16.44 22.82
C ILE H 186 -15.36 -16.97 24.05
N VAL H 187 -15.31 -18.29 24.18
CA VAL H 187 -14.74 -18.92 25.37
C VAL H 187 -13.34 -19.49 25.16
N ALA H 188 -12.95 -19.68 23.90
CA ALA H 188 -11.61 -20.17 23.58
C ALA H 188 -10.79 -19.11 22.87
N GLY H 189 -11.46 -18.17 22.22
CA GLY H 189 -10.81 -17.10 21.49
C GLY H 189 -10.29 -17.56 20.14
N VAL H 190 -10.69 -18.76 19.75
CA VAL H 190 -10.19 -19.37 18.52
C VAL H 190 -11.28 -19.44 17.46
N GLY H 191 -10.89 -19.27 16.20
CA GLY H 191 -11.82 -19.34 15.10
C GLY H 191 -11.47 -18.42 13.95
N VAL H 192 -12.04 -18.70 12.77
CA VAL H 192 -11.83 -17.88 11.59
C VAL H 192 -13.16 -17.58 10.93
N PRO H 193 -13.42 -16.29 10.61
CA PRO H 193 -14.62 -15.87 9.87
C PRO H 193 -14.87 -16.76 8.64
N GLN H 194 -16.10 -17.22 8.49
CA GLN H 194 -16.40 -18.36 7.64
C GLN H 194 -16.07 -18.20 6.15
N LEU H 195 -16.37 -17.04 5.58
CA LEU H 195 -16.12 -16.85 4.15
C LEU H 195 -14.63 -16.95 3.83
N THR H 196 -13.80 -16.40 4.70
CA THR H 196 -12.35 -16.50 4.55
C THR H 196 -11.89 -17.95 4.69
N ALA H 197 -12.42 -18.62 5.72
CA ALA H 197 -12.08 -20.01 5.97
C ALA H 197 -12.45 -20.90 4.79
N VAL H 198 -13.69 -20.80 4.34
CA VAL H 198 -14.18 -21.59 3.21
C VAL H 198 -13.41 -21.30 1.94
N MET H 199 -13.14 -20.01 1.68
CA MET H 199 -12.48 -19.60 0.44
C MET H 199 -11.04 -20.10 0.36
N ASP H 200 -10.29 -19.96 1.44
CA ASP H 200 -8.90 -20.43 1.48
C ASP H 200 -8.83 -21.95 1.37
N CYS H 201 -9.66 -22.63 2.15
CA CYS H 201 -9.67 -24.09 2.17
C CYS H 201 -10.15 -24.69 0.85
N ALA H 202 -11.04 -23.97 0.17
CA ALA H 202 -11.55 -24.43 -1.11
C ALA H 202 -10.46 -24.39 -2.18
N GLU H 203 -9.68 -23.32 -2.18
N GLU H 203 -9.69 -23.32 -2.17
CA GLU H 203 -8.58 -23.19 -3.14
CA GLU H 203 -8.57 -23.17 -3.11
C GLU H 203 -7.53 -24.29 -2.90
C GLU H 203 -7.54 -24.27 -2.90
N GLU H 204 -7.17 -24.49 -1.64
CA GLU H 204 -6.22 -25.54 -1.28
C GLU H 204 -6.82 -26.91 -1.57
N GLY H 205 -8.14 -27.01 -1.43
CA GLY H 205 -8.84 -28.26 -1.69
C GLY H 205 -8.86 -28.62 -3.15
N LYS H 206 -9.08 -27.63 -4.02
CA LYS H 206 -9.13 -27.87 -5.45
C LYS H 206 -7.74 -28.13 -6.03
N LYS H 207 -6.72 -27.77 -5.26
CA LYS H 207 -5.34 -28.09 -5.62
C LYS H 207 -5.09 -29.58 -5.42
N LEU H 208 -5.76 -30.16 -4.45
CA LEU H 208 -5.57 -31.55 -4.08
C LEU H 208 -6.69 -32.43 -4.64
N GLY H 209 -7.69 -31.80 -5.24
CA GLY H 209 -8.82 -32.50 -5.80
C GLY H 209 -9.77 -33.04 -4.75
N ILE H 210 -9.83 -32.35 -3.61
CA ILE H 210 -10.71 -32.75 -2.51
C ILE H 210 -11.71 -31.65 -2.17
N PRO H 211 -13.01 -32.01 -2.15
CA PRO H 211 -14.11 -31.07 -1.87
C PRO H 211 -14.11 -30.54 -0.44
N VAL H 212 -14.69 -29.36 -0.24
CA VAL H 212 -14.82 -28.78 1.10
C VAL H 212 -16.27 -28.41 1.37
N ILE H 213 -16.68 -28.48 2.62
CA ILE H 213 -18.06 -28.18 3.01
C ILE H 213 -18.14 -26.94 3.90
N ALA H 214 -19.01 -26.01 3.55
CA ALA H 214 -19.26 -24.84 4.38
C ALA H 214 -20.25 -25.19 5.48
N ASP H 215 -19.80 -25.13 6.73
CA ASP H 215 -20.60 -25.58 7.86
C ASP H 215 -20.82 -24.47 8.88
N GLY H 216 -22.06 -24.01 8.99
CA GLY H 216 -22.44 -23.03 9.99
C GLY H 216 -22.45 -21.59 9.51
N GLY H 217 -23.21 -20.76 10.20
CA GLY H 217 -23.22 -19.32 9.95
C GLY H 217 -24.18 -18.84 8.88
N LEU H 218 -24.76 -19.78 8.15
CA LEU H 218 -25.69 -19.44 7.07
C LEU H 218 -27.08 -19.12 7.61
N LYS H 219 -27.64 -18.00 7.18
CA LYS H 219 -28.94 -17.53 7.67
C LYS H 219 -29.95 -17.44 6.53
N TYR H 220 -29.48 -16.99 5.37
CA TYR H 220 -30.35 -16.81 4.21
C TYR H 220 -29.82 -17.61 3.03
N SER H 221 -30.53 -17.55 1.91
CA SER H 221 -30.14 -18.30 0.71
C SER H 221 -28.98 -17.62 -0.01
N GLY H 222 -28.83 -16.31 0.23
CA GLY H 222 -27.74 -15.56 -0.37
C GLY H 222 -26.40 -15.97 0.18
N ASP H 223 -26.40 -16.49 1.41
CA ASP H 223 -25.18 -16.93 2.07
C ASP H 223 -24.63 -18.18 1.42
N ILE H 224 -25.53 -19.06 1.01
CA ILE H 224 -25.15 -20.29 0.33
C ILE H 224 -24.49 -19.98 -1.00
N VAL H 225 -25.07 -19.02 -1.73
CA VAL H 225 -24.52 -18.58 -3.02
C VAL H 225 -23.08 -18.09 -2.87
N LYS H 226 -22.82 -17.34 -1.81
CA LYS H 226 -21.48 -16.85 -1.53
C LYS H 226 -20.53 -17.99 -1.19
N ALA H 227 -21.02 -18.91 -0.35
CA ALA H 227 -20.24 -20.07 0.05
C ALA H 227 -19.92 -20.95 -1.15
N LEU H 228 -20.93 -21.17 -2.00
CA LEU H 228 -20.74 -21.95 -3.21
C LEU H 228 -19.78 -21.27 -4.17
N ALA H 229 -19.93 -19.95 -4.31
CA ALA H 229 -19.07 -19.17 -5.19
C ALA H 229 -17.63 -19.18 -4.70
N ALA H 230 -17.46 -19.29 -3.39
CA ALA H 230 -16.13 -19.30 -2.77
C ALA H 230 -15.44 -20.65 -2.97
N GLY H 231 -16.17 -21.63 -3.46
CA GLY H 231 -15.57 -22.92 -3.78
C GLY H 231 -16.13 -24.11 -3.01
N ALA H 232 -17.02 -23.84 -2.06
CA ALA H 232 -17.63 -24.92 -1.29
C ALA H 232 -18.55 -25.76 -2.18
N CYS H 233 -18.51 -27.07 -2.00
CA CYS H 233 -19.33 -27.97 -2.80
C CYS H 233 -20.73 -28.12 -2.18
N ALA H 234 -20.80 -28.03 -0.87
CA ALA H 234 -22.09 -28.16 -0.18
C ALA H 234 -22.13 -27.31 1.08
N ALA H 235 -23.34 -27.03 1.55
CA ALA H 235 -23.52 -26.18 2.71
C ALA H 235 -24.25 -26.93 3.80
N MET H 236 -23.68 -26.92 5.00
CA MET H 236 -24.29 -27.61 6.12
C MET H 236 -24.89 -26.59 7.08
N MET H 237 -26.11 -26.87 7.51
CA MET H 237 -26.85 -25.94 8.35
C MET H 237 -27.68 -26.65 9.42
N GLY H 238 -27.93 -25.95 10.52
CA GLY H 238 -28.71 -26.51 11.60
C GLY H 238 -29.92 -25.64 11.89
N SER H 239 -29.66 -24.36 12.13
CA SER H 239 -30.68 -23.41 12.54
C SER H 239 -31.80 -23.28 11.50
N ILE H 240 -31.42 -23.33 10.24
CA ILE H 240 -32.39 -23.21 9.17
C ILE H 240 -33.36 -24.39 9.17
N PHE H 241 -32.83 -25.58 9.43
CA PHE H 241 -33.63 -26.80 9.43
C PHE H 241 -34.19 -27.13 10.80
N ALA H 242 -33.73 -26.41 11.81
CA ALA H 242 -34.02 -26.75 13.19
C ALA H 242 -35.49 -26.62 13.53
N GLY H 243 -36.14 -25.59 13.01
CA GLY H 243 -37.52 -25.29 13.34
C GLY H 243 -38.51 -26.05 12.50
N CYS H 244 -38.02 -26.85 11.56
CA CYS H 244 -38.88 -27.61 10.67
C CYS H 244 -39.63 -28.72 11.39
N GLU H 245 -40.69 -29.22 10.76
CA GLU H 245 -41.51 -30.28 11.33
C GLU H 245 -40.73 -31.56 11.58
N GLU H 246 -39.76 -31.85 10.72
CA GLU H 246 -39.10 -33.15 10.72
C GLU H 246 -37.91 -33.22 11.68
N ALA H 247 -37.49 -32.07 12.20
CA ALA H 247 -36.40 -32.04 13.17
C ALA H 247 -36.87 -32.58 14.52
N PRO H 248 -35.99 -33.29 15.25
CA PRO H 248 -36.34 -33.84 16.55
C PRO H 248 -36.70 -32.74 17.56
N GLY H 249 -37.42 -33.11 18.61
CA GLY H 249 -37.87 -32.16 19.60
C GLY H 249 -39.34 -31.83 19.43
N ALA H 250 -40.03 -31.60 20.54
CA ALA H 250 -41.45 -31.27 20.51
C ALA H 250 -41.67 -29.79 20.27
N ILE H 251 -42.89 -29.42 19.89
CA ILE H 251 -43.20 -28.04 19.54
C ILE H 251 -43.63 -27.22 20.75
N GLU H 252 -42.71 -26.43 21.29
CA GLU H 252 -43.02 -25.52 22.38
C GLU H 252 -43.91 -24.38 21.90
N ILE H 253 -44.81 -23.93 22.76
CA ILE H 253 -45.66 -22.77 22.45
C ILE H 253 -45.48 -21.68 23.50
N TYR H 254 -44.97 -20.53 23.06
CA TYR H 254 -44.75 -19.40 23.96
C TYR H 254 -45.35 -18.11 23.40
N GLN H 255 -46.12 -17.42 24.24
CA GLN H 255 -46.81 -16.18 23.87
C GLN H 255 -47.64 -16.32 22.60
N GLY H 256 -48.26 -17.48 22.42
CA GLY H 256 -49.10 -17.72 21.26
C GLY H 256 -48.30 -17.88 19.97
N ARG H 257 -47.09 -18.40 20.10
CA ARG H 257 -46.26 -18.70 18.94
C ARG H 257 -45.67 -20.11 19.03
N SER H 258 -45.35 -20.68 17.87
CA SER H 258 -44.80 -22.03 17.82
C SER H 258 -43.27 -22.00 17.86
N TYR H 259 -42.68 -22.95 18.57
CA TYR H 259 -41.22 -22.98 18.73
C TYR H 259 -40.67 -24.40 18.74
N LYS H 260 -39.39 -24.52 18.38
CA LYS H 260 -38.66 -25.77 18.51
C LYS H 260 -37.35 -25.54 19.27
N VAL H 261 -36.94 -26.52 20.06
CA VAL H 261 -35.74 -26.39 20.87
C VAL H 261 -34.47 -26.60 20.03
N TYR H 262 -33.56 -25.64 20.09
CA TYR H 262 -32.30 -25.73 19.38
C TYR H 262 -31.13 -25.48 20.33
N ARG H 263 -30.14 -26.37 20.29
CA ARG H 263 -29.02 -26.30 21.21
C ARG H 263 -27.73 -26.82 20.58
N GLY H 264 -26.60 -26.24 20.98
CA GLY H 264 -25.31 -26.69 20.50
C GLY H 264 -24.98 -28.08 21.01
N MET H 265 -24.22 -28.83 20.21
CA MET H 265 -23.83 -30.19 20.56
C MET H 265 -22.76 -30.20 21.65
N GLY H 266 -22.25 -29.02 21.98
CA GLY H 266 -21.29 -28.88 23.06
C GLY H 266 -21.86 -27.97 24.13
N SER H 267 -23.18 -27.92 24.22
CA SER H 267 -23.86 -27.12 25.23
C SER H 267 -23.96 -27.88 26.54
N LEU H 268 -24.31 -27.18 27.61
CA LEU H 268 -24.37 -27.76 28.94
C LEU H 268 -25.39 -28.90 29.01
N GLY H 269 -26.50 -28.75 28.30
CA GLY H 269 -27.56 -29.73 28.33
C GLY H 269 -27.35 -30.91 27.41
N ALA H 270 -26.70 -30.68 26.28
CA ALA H 270 -26.52 -31.72 25.27
C ALA H 270 -25.47 -32.76 25.67
N MET H 271 -24.50 -32.34 26.46
CA MET H 271 -23.37 -33.20 26.80
C MET H 271 -23.65 -34.14 27.97
N ALA H 272 -24.79 -33.92 28.63
CA ALA H 272 -25.17 -34.74 29.78
C ALA H 272 -25.54 -36.16 29.35
N LYS H 286 -16.66 -31.55 35.96
CA LYS H 286 -17.83 -30.80 35.49
C LYS H 286 -17.75 -30.49 34.00
N PHE H 287 -18.36 -29.38 33.61
CA PHE H 287 -18.46 -29.03 32.20
C PHE H 287 -18.17 -27.58 31.89
N VAL H 288 -17.35 -27.36 30.86
CA VAL H 288 -17.15 -26.03 30.29
C VAL H 288 -17.57 -26.03 28.82
N PRO H 289 -18.84 -25.68 28.57
CA PRO H 289 -19.43 -25.81 27.24
C PRO H 289 -18.88 -24.82 26.24
N GLU H 290 -19.13 -25.10 24.97
CA GLU H 290 -18.77 -24.22 23.87
C GLU H 290 -19.98 -23.97 22.97
N GLY H 291 -21.17 -24.12 23.55
CA GLY H 291 -22.42 -23.90 22.84
C GLY H 291 -23.54 -23.48 23.77
N VAL H 292 -24.63 -22.97 23.20
CA VAL H 292 -25.77 -22.54 24.00
C VAL H 292 -27.03 -23.37 23.74
N GLU H 293 -28.09 -23.04 24.48
CA GLU H 293 -29.33 -23.79 24.44
C GLU H 293 -30.52 -22.83 24.30
N GLY H 294 -31.27 -22.95 23.22
CA GLY H 294 -32.35 -22.02 22.94
C GLY H 294 -33.53 -22.54 22.15
N ARG H 295 -34.31 -21.61 21.62
CA ARG H 295 -35.52 -21.95 20.87
C ARG H 295 -35.55 -21.25 19.52
N ILE H 296 -36.00 -21.97 18.49
CA ILE H 296 -36.15 -21.41 17.15
C ILE H 296 -37.62 -21.48 16.74
N ALA H 297 -38.08 -20.45 16.04
CA ALA H 297 -39.47 -20.40 15.57
C ALA H 297 -39.77 -21.57 14.64
N TYR H 298 -40.89 -22.23 14.89
CA TYR H 298 -41.34 -23.36 14.07
C TYR H 298 -41.56 -22.89 12.63
N LYS H 299 -40.94 -23.60 11.69
CA LYS H 299 -40.92 -23.15 10.29
C LYS H 299 -41.75 -24.01 9.36
N GLY H 300 -42.55 -24.92 9.93
CA GLY H 300 -43.39 -25.79 9.12
C GLY H 300 -42.62 -26.94 8.51
N HIS H 301 -42.83 -27.17 7.22
CA HIS H 301 -42.21 -28.30 6.53
C HIS H 301 -40.88 -27.93 5.88
N LEU H 302 -40.00 -28.93 5.79
CA LEU H 302 -38.69 -28.75 5.18
C LEU H 302 -38.79 -28.50 3.69
N ALA H 303 -39.75 -29.17 3.05
CA ALA H 303 -39.95 -29.06 1.61
C ALA H 303 -40.23 -27.62 1.20
N ASP H 304 -40.95 -26.89 2.05
CA ASP H 304 -41.23 -25.48 1.79
C ASP H 304 -40.02 -24.61 2.11
N THR H 305 -39.21 -25.05 3.08
CA THR H 305 -38.00 -24.34 3.46
C THR H 305 -36.92 -24.48 2.38
N ILE H 306 -36.64 -25.71 1.98
CA ILE H 306 -35.62 -25.97 0.98
C ILE H 306 -36.02 -25.38 -0.38
N TYR H 307 -37.31 -25.44 -0.71
CA TYR H 307 -37.84 -24.82 -1.91
C TYR H 307 -37.41 -23.36 -2.03
N GLN H 308 -37.44 -22.65 -0.91
CA GLN H 308 -37.04 -21.24 -0.89
C GLN H 308 -35.53 -21.08 -1.08
N LEU H 309 -34.76 -21.87 -0.36
CA LEU H 309 -33.31 -21.88 -0.47
C LEU H 309 -32.87 -22.18 -1.91
N ILE H 310 -33.38 -23.27 -2.47
CA ILE H 310 -33.06 -23.68 -3.83
C ILE H 310 -33.40 -22.60 -4.86
N GLY H 311 -34.56 -21.98 -4.69
CA GLY H 311 -34.98 -20.89 -5.57
C GLY H 311 -34.06 -19.69 -5.49
N GLY H 312 -33.62 -19.36 -4.28
CA GLY H 312 -32.70 -18.25 -4.07
C GLY H 312 -31.32 -18.53 -4.63
N ILE H 313 -30.87 -19.77 -4.49
CA ILE H 313 -29.59 -20.19 -5.03
C ILE H 313 -29.60 -20.13 -6.55
N LYS H 314 -30.67 -20.65 -7.15
CA LYS H 314 -30.85 -20.61 -8.60
C LYS H 314 -30.92 -19.17 -9.12
N SER H 315 -31.50 -18.28 -8.32
CA SER H 315 -31.64 -16.88 -8.71
C SER H 315 -30.28 -16.19 -8.73
N GLY H 316 -29.44 -16.51 -7.76
CA GLY H 316 -28.12 -15.92 -7.67
C GLY H 316 -27.19 -16.38 -8.78
N MET H 317 -27.31 -17.65 -9.16
CA MET H 317 -26.51 -18.21 -10.25
C MET H 317 -26.92 -17.59 -11.58
N GLY H 318 -28.16 -17.13 -11.67
CA GLY H 318 -28.65 -16.46 -12.85
C GLY H 318 -27.95 -15.13 -13.04
N TYR H 319 -27.83 -14.37 -11.94
CA TYR H 319 -27.16 -13.07 -11.97
C TYR H 319 -25.70 -13.20 -12.39
N LEU H 320 -25.06 -14.30 -12.00
CA LEU H 320 -23.65 -14.50 -12.25
C LEU H 320 -23.40 -15.32 -13.52
N GLY H 321 -24.47 -15.66 -14.21
CA GLY H 321 -24.38 -16.37 -15.48
C GLY H 321 -23.77 -17.75 -15.36
N ALA H 322 -24.17 -18.49 -14.33
CA ALA H 322 -23.62 -19.82 -14.08
C ALA H 322 -24.64 -20.91 -14.41
N PRO H 323 -24.38 -21.66 -15.50
CA PRO H 323 -25.22 -22.81 -15.82
C PRO H 323 -25.10 -23.92 -14.78
N THR H 324 -23.88 -24.14 -14.30
CA THR H 324 -23.63 -25.14 -13.26
C THR H 324 -22.84 -24.54 -12.11
N LEU H 325 -22.52 -25.37 -11.12
CA LEU H 325 -21.85 -24.91 -9.91
C LEU H 325 -20.36 -24.65 -10.12
N GLU H 326 -19.69 -25.51 -10.88
CA GLU H 326 -18.26 -25.37 -11.11
C GLU H 326 -17.97 -24.13 -11.95
N ASN H 327 -18.92 -23.75 -12.79
CA ASN H 327 -18.82 -22.54 -13.58
C ASN H 327 -19.03 -21.31 -12.72
N LEU H 328 -19.83 -21.47 -11.67
CA LEU H 328 -20.10 -20.37 -10.74
C LEU H 328 -18.82 -19.94 -10.06
N TYR H 329 -18.07 -20.92 -9.57
CA TYR H 329 -16.81 -20.69 -8.87
C TYR H 329 -15.73 -20.09 -9.77
N GLU H 330 -15.68 -20.56 -11.01
CA GLU H 330 -14.64 -20.14 -11.94
C GLU H 330 -14.68 -18.65 -12.23
N ASN H 331 -15.88 -18.09 -12.39
CA ASN H 331 -16.01 -16.67 -12.65
C ASN H 331 -16.92 -15.95 -11.65
N ALA H 332 -16.49 -15.96 -10.39
CA ALA H 332 -17.19 -15.25 -9.32
C ALA H 332 -16.33 -14.13 -8.77
N ASN H 333 -16.91 -12.95 -8.60
CA ASN H 333 -16.18 -11.80 -8.05
C ASN H 333 -16.85 -11.25 -6.79
N PHE H 334 -16.09 -11.21 -5.71
CA PHE H 334 -16.59 -10.69 -4.44
C PHE H 334 -16.18 -9.24 -4.26
N VAL H 335 -17.04 -8.47 -3.62
CA VAL H 335 -16.67 -7.11 -3.24
C VAL H 335 -17.08 -6.87 -1.79
N VAL H 336 -16.20 -6.23 -1.03
CA VAL H 336 -16.46 -6.01 0.38
C VAL H 336 -17.41 -4.83 0.60
N GLN H 337 -18.55 -5.12 1.21
CA GLN H 337 -19.48 -4.07 1.60
C GLN H 337 -19.18 -3.63 3.03
N THR H 338 -19.62 -2.42 3.37
CA THR H 338 -19.37 -1.87 4.70
C THR H 338 -20.56 -2.05 5.63
N SER H 339 -20.43 -1.50 6.84
CA SER H 339 -21.51 -1.53 7.82
C SER H 339 -22.72 -0.79 7.26
N ALA H 340 -22.45 0.27 6.51
CA ALA H 340 -23.49 1.05 5.86
C ALA H 340 -24.13 0.26 4.73
N GLY H 341 -23.32 -0.49 3.99
CA GLY H 341 -23.80 -1.30 2.89
C GLY H 341 -24.68 -2.44 3.37
N PHE H 342 -24.48 -2.84 4.62
CA PHE H 342 -25.28 -3.90 5.22
C PHE H 342 -26.70 -3.39 5.50
N ARG H 343 -26.79 -2.15 5.96
CA ARG H 343 -28.08 -1.51 6.20
C ARG H 343 -28.84 -1.30 4.89
N GLU H 344 -28.09 -1.11 3.80
CA GLU H 344 -28.67 -0.93 2.48
C GLU H 344 -29.11 -2.25 1.87
N SER H 345 -28.33 -3.30 2.13
CA SER H 345 -28.61 -4.62 1.57
C SER H 345 -29.95 -5.17 2.06
N HIS H 346 -30.24 -4.98 3.34
CA HIS H 346 -31.51 -5.38 3.92
C HIS H 346 -32.61 -4.38 3.57
N PRO H 347 -33.88 -4.83 3.58
CA PRO H 347 -34.99 -3.89 3.48
C PRO H 347 -34.91 -2.84 4.58
N HIS H 348 -35.12 -1.57 4.22
CA HIS H 348 -34.97 -0.49 5.18
C HIS H 348 -36.00 0.61 4.98
N ASP H 349 -36.34 1.30 6.06
CA ASP H 349 -37.29 2.40 6.05
C ASP H 349 -38.65 1.99 5.50
N ILE H 350 -39.10 0.80 5.87
CA ILE H 350 -40.43 0.33 5.49
C ILE H 350 -41.00 -0.61 6.55
N ASN H 351 -42.18 -0.26 7.05
CA ASN H 351 -42.89 -1.12 7.99
C ASN H 351 -43.47 -2.33 7.26
N ILE H 352 -42.70 -3.41 7.21
CA ILE H 352 -43.12 -4.63 6.52
C ILE H 352 -44.41 -5.18 7.14
N THR H 353 -45.45 -5.29 6.31
CA THR H 353 -46.78 -5.67 6.80
C THR H 353 -47.15 -7.10 6.44
N LYS H 354 -46.43 -7.70 5.49
CA LYS H 354 -46.71 -9.06 5.09
C LYS H 354 -45.44 -9.91 5.08
N GLU H 355 -45.57 -11.15 5.55
CA GLU H 355 -44.43 -12.04 5.71
C GLU H 355 -43.88 -12.55 4.38
N ALA H 356 -42.58 -12.38 4.17
CA ALA H 356 -41.92 -12.95 3.01
C ALA H 356 -41.45 -14.36 3.33
N PRO H 357 -41.68 -15.31 2.41
CA PRO H 357 -41.37 -16.73 2.66
C PRO H 357 -39.87 -16.99 2.80
N ASN H 358 -39.04 -16.05 2.35
CA ASN H 358 -37.59 -16.24 2.41
C ASN H 358 -36.87 -15.08 3.10
N TYR H 359 -37.61 -14.24 3.81
CA TYR H 359 -37.01 -13.17 4.59
C TYR H 359 -37.83 -12.80 5.82
N SER H 360 -37.19 -12.84 6.98
CA SER H 360 -37.84 -12.51 8.25
C SER H 360 -36.88 -11.74 9.17
N VAL H 361 -37.46 -10.94 10.06
CA VAL H 361 -36.68 -10.21 11.07
C VAL H 361 -37.41 -10.17 12.40
#